data_2J5G
#
_entry.id   2J5G
#
_cell.length_a   117.999
_cell.length_b   83.188
_cell.length_c   154.010
_cell.angle_alpha   90.00
_cell.angle_beta   90.08
_cell.angle_gamma   90.00
#
_symmetry.space_group_name_H-M   'P 1 21 1'
#
loop_
_entity.id
_entity.type
_entity.pdbx_description
1 polymer 'ALR4455 PROTEIN'
2 polymer 'ALR4455 PROTEIN'
3 non-polymer 'SULFATE ION'
4 water water
#
loop_
_entity_poly.entity_id
_entity_poly.type
_entity_poly.pdbx_seq_one_letter_code
_entity_poly.pdbx_strand_id
1 'polypeptide(L)'
;MGSSHHHHHHMTLNQPEYFTKYENLHFHRDENGILEVRMHTNGSSLVFTGKTHREFPDAFYDISRDRDNRVVILTGSGDA
WMAEIDFPSLGDVTNPREWDKTYWEGKKVLQNLLDIEVPVISAVNGAALLHSEYILTTDIILASENTVFQDMPHLNAGIV
PGDGVHILWPLALGLYRGRYFLFTQEKLTAQQAYELNVVHEVLPQSKLMERAWEIARTLAKQPTLNLRYTRVALTQRLKR
LVNEGIGYGLALEGITATDLRNT
;
A,B,C,E,F,G,H,I,J,K,L
2 'polypeptide(L)'
;MGSSHHHHHHMTLNQPEYFTKYENLHFHRDENGILEVRMHTNGSSLVFTGKTHREFPDAFYDISRDRDNRVVILTGSGDA
WMAEIDFPSLGDVTNPREWDKTYWEGKKVLQNLLDIEVPVISAVNGAALLHSEYILTTDIILASENTVFQDMPHLNAGIV
PGDGVHILWPLALGLYRGRYFLFTQEKLTAQQAYELNVVHEVLPQSKLMERAWEIARTLAKQPTLNLRYTRVALTQRLKR
LVNEGIGYGLALEGITATDLRNN
;
D
#
loop_
_chem_comp.id
_chem_comp.type
_chem_comp.name
_chem_comp.formula
SO4 non-polymer 'SULFATE ION' 'O4 S -2'
#
# COMPACT_ATOMS: atom_id res chain seq x y z
N GLN A 15 49.84 12.75 -1.67
CA GLN A 15 48.65 12.17 -0.92
C GLN A 15 49.03 11.56 0.43
N PRO A 16 48.13 11.68 1.41
CA PRO A 16 48.41 11.18 2.74
C PRO A 16 48.61 9.67 2.74
N GLU A 17 49.43 9.20 3.68
CA GLU A 17 49.70 7.77 3.78
C GLU A 17 48.43 6.97 3.99
N TYR A 18 47.50 7.51 4.78
CA TYR A 18 46.31 6.72 5.12
C TYR A 18 45.43 6.40 3.89
N PHE A 19 45.62 7.12 2.77
CA PHE A 19 44.88 6.82 1.54
C PHE A 19 45.15 5.40 1.02
N THR A 20 46.29 4.82 1.40
CA THR A 20 46.68 3.48 0.91
C THR A 20 46.85 2.50 2.08
N LYS A 21 46.21 2.78 3.20
CA LYS A 21 46.39 2.02 4.44
C LYS A 21 45.29 0.97 4.61
N TYR A 22 44.18 1.13 3.89
CA TYR A 22 42.98 0.33 4.16
C TYR A 22 42.60 -0.49 2.94
N GLU A 23 42.79 -1.80 3.04
CA GLU A 23 42.53 -2.60 1.84
C GLU A 23 41.08 -2.62 1.38
N ASN A 24 40.15 -2.21 2.24
CA ASN A 24 38.75 -2.15 1.84
C ASN A 24 38.19 -0.74 1.60
N LEU A 25 39.09 0.24 1.50
CA LEU A 25 38.67 1.62 1.20
C LEU A 25 39.57 2.25 0.14
N HIS A 26 38.91 2.74 -0.90
CA HIS A 26 39.61 3.52 -1.90
C HIS A 26 39.36 5.00 -1.63
N PHE A 27 40.41 5.82 -1.72
CA PHE A 27 40.34 7.26 -1.42
C PHE A 27 40.74 8.06 -2.67
N HIS A 28 39.95 9.09 -3.00
CA HIS A 28 40.31 10.03 -4.07
C HIS A 28 39.89 11.41 -3.64
N ARG A 29 40.79 12.37 -3.73
CA ARG A 29 40.47 13.71 -3.28
C ARG A 29 40.84 14.73 -4.38
N ASP A 30 39.95 15.68 -4.65
CA ASP A 30 40.22 16.72 -5.66
C ASP A 30 40.89 17.95 -5.04
N GLU A 31 41.12 18.97 -5.89
CA GLU A 31 41.85 20.15 -5.44
C GLU A 31 41.01 21.04 -4.52
N ASN A 32 39.71 20.76 -4.44
CA ASN A 32 38.79 21.50 -3.59
C ASN A 32 38.66 20.83 -2.20
N GLY A 33 39.38 19.74 -1.97
CA GLY A 33 39.29 19.00 -0.68
C GLY A 33 38.08 18.09 -0.61
N ILE A 34 37.45 17.79 -1.74
CA ILE A 34 36.34 16.81 -1.77
C ILE A 34 36.96 15.42 -1.81
N LEU A 35 36.70 14.64 -0.77
CA LEU A 35 37.26 13.30 -0.62
C LEU A 35 36.17 12.25 -0.86
N GLU A 36 36.31 11.40 -1.88
CA GLU A 36 35.43 10.23 -2.05
C GLU A 36 36.08 9.02 -1.40
N VAL A 37 35.38 8.40 -0.45
CA VAL A 37 35.80 7.19 0.23
C VAL A 37 34.85 6.10 -0.24
N ARG A 38 35.41 5.12 -0.95
CA ARG A 38 34.62 4.05 -1.50
C ARG A 38 34.97 2.69 -0.90
N MET A 39 34.00 2.05 -0.27
CA MET A 39 34.19 0.74 0.32
C MET A 39 34.16 -0.34 -0.76
N HIS A 40 35.07 -1.30 -0.64
CA HIS A 40 35.17 -2.36 -1.67
C HIS A 40 35.85 -3.58 -1.09
N THR A 41 35.61 -4.72 -1.73
CA THR A 41 36.37 -5.93 -1.49
C THR A 41 36.96 -6.29 -2.85
N ASN A 42 38.28 -6.08 -2.98
CA ASN A 42 39.01 -6.27 -4.26
C ASN A 42 38.20 -5.72 -5.43
N GLY A 43 37.74 -4.48 -5.30
CA GLY A 43 37.07 -3.77 -6.36
C GLY A 43 35.59 -4.07 -6.50
N SER A 44 35.11 -5.08 -5.78
CA SER A 44 33.69 -5.43 -5.81
C SER A 44 32.95 -4.81 -4.64
N SER A 45 31.63 -4.94 -4.66
CA SER A 45 30.82 -4.54 -3.49
C SER A 45 31.41 -5.13 -2.21
N LEU A 46 31.37 -4.36 -1.13
CA LEU A 46 32.01 -4.79 0.11
C LEU A 46 31.37 -6.04 0.71
N VAL A 47 32.26 -6.94 1.12
CA VAL A 47 31.89 -8.04 2.01
C VAL A 47 32.42 -7.60 3.38
N PHE A 48 31.48 -7.35 4.31
CA PHE A 48 31.87 -6.89 5.63
C PHE A 48 32.57 -7.97 6.42
N THR A 49 33.62 -7.62 7.15
CA THR A 49 34.44 -8.63 7.82
C THR A 49 34.86 -8.18 9.22
N GLY A 50 35.41 -9.09 10.01
CA GLY A 50 36.05 -8.69 11.25
C GLY A 50 37.13 -7.64 11.01
N LYS A 51 37.82 -7.74 9.88
CA LYS A 51 38.85 -6.79 9.52
C LYS A 51 38.26 -5.38 9.30
N THR A 52 37.18 -5.28 8.53
CA THR A 52 36.59 -3.95 8.33
C THR A 52 36.02 -3.43 9.67
N HIS A 53 35.46 -4.31 10.47
CA HIS A 53 34.89 -3.86 11.75
C HIS A 53 35.98 -3.22 12.61
N ARG A 54 37.20 -3.76 12.51
CA ARG A 54 38.33 -3.28 13.28
C ARG A 54 38.99 -2.06 12.66
N GLU A 55 39.11 -2.04 11.33
CA GLU A 55 39.86 -0.99 10.65
C GLU A 55 39.03 0.26 10.34
N PHE A 56 37.75 0.09 10.01
CA PHE A 56 36.93 1.25 9.68
C PHE A 56 36.94 2.37 10.77
N PRO A 57 36.85 2.01 12.07
CA PRO A 57 36.97 3.12 13.02
C PRO A 57 38.25 3.91 12.89
N ASP A 58 39.35 3.24 12.53
CA ASP A 58 40.61 3.96 12.37
C ASP A 58 40.58 4.80 11.10
N ALA A 59 39.96 4.27 10.03
CA ALA A 59 39.91 5.03 8.80
C ALA A 59 39.08 6.29 8.99
N PHE A 60 37.95 6.14 9.70
CA PHE A 60 37.13 7.33 9.91
C PHE A 60 37.84 8.36 10.82
N TYR A 61 38.59 7.88 11.80
CA TYR A 61 39.42 8.79 12.60
C TYR A 61 40.42 9.51 11.70
N ASP A 62 41.09 8.75 10.82
CA ASP A 62 42.10 9.36 9.97
C ASP A 62 41.52 10.43 9.06
N ILE A 63 40.37 10.13 8.48
CA ILE A 63 39.64 11.10 7.64
C ILE A 63 39.35 12.35 8.48
N SER A 64 38.90 12.16 9.72
CA SER A 64 38.49 13.28 10.56
C SER A 64 39.67 14.15 10.99
N ARG A 65 40.87 13.58 11.11
CA ARG A 65 42.04 14.33 11.56
C ARG A 65 42.58 15.26 10.49
N ASP A 66 42.36 14.88 9.23
CA ASP A 66 43.03 15.52 8.11
C ASP A 66 42.23 16.73 7.68
N ARG A 67 42.77 17.91 7.97
CA ARG A 67 42.06 19.16 7.69
C ARG A 67 41.92 19.47 6.21
N ASP A 68 42.66 18.75 5.37
CA ASP A 68 42.55 18.97 3.94
C ASP A 68 41.27 18.35 3.36
N ASN A 69 40.62 17.48 4.14
CA ASN A 69 39.29 17.01 3.77
C ASN A 69 38.23 18.09 4.05
N ARG A 70 37.58 18.58 3.01
CA ARG A 70 36.64 19.70 3.19
C ARG A 70 35.18 19.29 2.99
N VAL A 71 34.97 18.24 2.19
CA VAL A 71 33.67 17.59 2.04
C VAL A 71 33.95 16.11 1.85
N VAL A 72 33.17 15.19 2.43
CA VAL A 72 33.42 13.77 2.25
C VAL A 72 32.23 13.12 1.59
N ILE A 73 32.50 12.29 0.58
CA ILE A 73 31.48 11.44 -0.05
C ILE A 73 31.79 10.00 0.35
N LEU A 74 30.85 9.31 0.99
CA LEU A 74 31.02 7.92 1.39
C LEU A 74 30.12 7.04 0.53
N THR A 75 30.72 6.05 -0.13
CA THR A 75 29.96 5.22 -1.05
C THR A 75 30.47 3.80 -1.03
N GLY A 76 29.74 2.90 -1.70
CA GLY A 76 30.25 1.54 -1.93
C GLY A 76 30.62 1.32 -3.40
N SER A 77 30.79 0.05 -3.77
CA SER A 77 31.25 -0.31 -5.12
C SER A 77 30.24 -1.24 -5.74
N GLY A 78 30.27 -1.32 -7.07
CA GLY A 78 29.32 -2.20 -7.77
C GLY A 78 27.88 -1.81 -7.55
N ASP A 79 27.01 -2.80 -7.45
CA ASP A 79 25.57 -2.48 -7.42
C ASP A 79 24.93 -2.65 -6.04
N ALA A 80 25.77 -2.85 -5.02
CA ALA A 80 25.30 -2.83 -3.62
C ALA A 80 26.22 -1.96 -2.78
N TRP A 81 25.62 -1.30 -1.78
CA TRP A 81 26.36 -0.49 -0.83
C TRP A 81 26.98 -1.38 0.21
N MET A 82 26.15 -2.20 0.85
CA MET A 82 26.68 -3.28 1.70
C MET A 82 25.59 -4.33 1.84
N ALA A 83 25.80 -5.50 1.25
CA ALA A 83 24.74 -6.53 1.25
C ALA A 83 25.31 -7.88 1.63
N GLU A 84 26.60 -7.93 1.93
CA GLU A 84 27.25 -9.20 2.22
C GLU A 84 28.11 -9.10 3.48
N ILE A 85 28.19 -10.21 4.21
CA ILE A 85 29.01 -10.31 5.42
C ILE A 85 29.70 -11.67 5.50
N ASP A 86 30.95 -11.67 5.94
CA ASP A 86 31.66 -12.88 6.26
C ASP A 86 31.50 -13.11 7.77
N PHE A 87 30.46 -13.86 8.16
CA PHE A 87 30.12 -13.94 9.60
C PHE A 87 31.22 -14.60 10.47
N PRO A 88 31.82 -15.71 10.02
CA PRO A 88 32.95 -16.29 10.79
C PRO A 88 34.11 -15.32 11.04
N SER A 89 34.37 -14.44 10.07
CA SER A 89 35.49 -13.50 10.20
C SER A 89 35.29 -12.47 11.33
N LEU A 90 34.07 -12.36 11.85
CA LEU A 90 33.80 -11.43 12.97
C LEU A 90 34.42 -11.93 14.26
N GLY A 91 34.82 -13.20 14.29
CA GLY A 91 35.32 -13.83 15.51
C GLY A 91 34.19 -14.55 16.23
N ASP A 92 34.54 -15.27 17.30
CA ASP A 92 33.53 -15.98 18.07
C ASP A 92 32.70 -15.02 18.93
N VAL A 93 31.62 -14.52 18.35
CA VAL A 93 30.80 -13.51 19.01
C VAL A 93 30.12 -14.05 20.25
N THR A 94 30.06 -15.38 20.39
CA THR A 94 29.41 -15.99 21.54
C THR A 94 30.32 -16.04 22.78
N ASN A 95 31.58 -15.64 22.63
CA ASN A 95 32.52 -15.59 23.74
C ASN A 95 32.65 -14.11 24.14
N PRO A 96 32.28 -13.74 25.37
CA PRO A 96 32.28 -12.30 25.70
C PRO A 96 33.65 -11.66 25.57
N ARG A 97 34.74 -12.44 25.69
CA ARG A 97 36.09 -11.87 25.52
C ARG A 97 36.37 -11.51 24.07
N GLU A 98 35.71 -12.17 23.14
CA GLU A 98 35.81 -11.82 21.74
C GLU A 98 34.80 -10.75 21.37
N TRP A 99 33.57 -10.89 21.87
CA TRP A 99 32.55 -9.84 21.65
C TRP A 99 33.05 -8.50 22.15
N ASP A 100 33.87 -8.47 23.20
CA ASP A 100 34.29 -7.19 23.74
C ASP A 100 35.07 -6.41 22.69
N LYS A 101 35.79 -7.08 21.78
CA LYS A 101 36.46 -6.38 20.67
C LYS A 101 35.41 -5.71 19.77
N THR A 102 34.38 -6.45 19.43
CA THR A 102 33.30 -5.95 18.60
C THR A 102 32.56 -4.78 19.28
N TYR A 103 32.32 -4.92 20.58
CA TYR A 103 31.72 -3.87 21.40
C TYR A 103 32.56 -2.58 21.38
N TRP A 104 33.85 -2.70 21.69
CA TRP A 104 34.70 -1.50 21.70
C TRP A 104 34.78 -0.83 20.33
N GLU A 105 34.94 -1.63 19.29
CA GLU A 105 35.00 -1.15 17.93
C GLU A 105 33.67 -0.57 17.46
N GLY A 106 32.55 -1.11 17.96
CA GLY A 106 31.19 -0.66 17.56
C GLY A 106 30.93 0.70 18.16
N LYS A 107 31.44 0.95 19.37
CA LYS A 107 31.36 2.30 19.96
C LYS A 107 32.24 3.25 19.17
N LYS A 108 33.50 2.87 18.91
CA LYS A 108 34.38 3.79 18.22
C LYS A 108 33.97 4.11 16.78
N VAL A 109 33.43 3.16 16.02
CA VAL A 109 33.14 3.43 14.62
C VAL A 109 32.15 4.60 14.49
N LEU A 110 31.11 4.61 15.31
CA LEU A 110 30.11 5.69 15.18
C LEU A 110 30.64 6.97 15.80
N GLN A 111 31.38 6.88 16.92
CA GLN A 111 31.98 8.11 17.47
C GLN A 111 32.88 8.77 16.42
N ASN A 112 33.68 7.95 15.77
CA ASN A 112 34.70 8.49 14.86
C ASN A 112 34.08 8.99 13.55
N LEU A 113 33.06 8.28 13.06
CA LEU A 113 32.34 8.65 11.86
C LEU A 113 31.60 10.00 12.10
N LEU A 114 30.93 10.14 13.25
CA LEU A 114 30.26 11.39 13.57
C LEU A 114 31.24 12.55 13.75
N ASP A 115 32.44 12.24 14.26
CA ASP A 115 33.45 13.22 14.49
C ASP A 115 34.22 13.68 13.23
N ILE A 116 33.89 13.11 12.05
CA ILE A 116 34.27 13.79 10.79
C ILE A 116 33.66 15.20 10.85
N GLU A 117 34.49 16.22 10.66
CA GLU A 117 34.13 17.61 10.98
C GLU A 117 33.90 18.42 9.73
N VAL A 118 33.35 17.75 8.69
CA VAL A 118 32.91 18.43 7.47
C VAL A 118 31.66 17.71 7.00
N PRO A 119 30.90 18.35 6.11
CA PRO A 119 29.68 17.67 5.61
C PRO A 119 30.04 16.33 4.96
N VAL A 120 29.20 15.34 5.23
CA VAL A 120 29.35 14.01 4.66
C VAL A 120 28.12 13.68 3.80
N ILE A 121 28.37 13.35 2.54
CA ILE A 121 27.33 12.97 1.60
C ILE A 121 27.39 11.45 1.45
N SER A 122 26.28 10.75 1.68
CA SER A 122 26.19 9.32 1.32
C SER A 122 25.72 9.22 -0.13
N ALA A 123 26.49 8.44 -0.91
CA ALA A 123 25.99 8.02 -2.23
C ALA A 123 25.73 6.52 -2.13
N VAL A 124 24.46 6.18 -1.89
CA VAL A 124 24.10 4.79 -1.64
C VAL A 124 23.85 4.16 -2.99
N ASN A 125 24.74 3.23 -3.35
CA ASN A 125 24.77 2.72 -4.75
C ASN A 125 24.05 1.39 -4.93
N GLY A 126 23.20 1.03 -3.98
CA GLY A 126 22.43 -0.21 -4.06
C GLY A 126 22.08 -0.71 -2.68
N ALA A 127 21.78 -2.00 -2.56
CA ALA A 127 21.30 -2.55 -1.29
C ALA A 127 22.22 -2.16 -0.15
N ALA A 128 21.56 -1.73 0.94
CA ALA A 128 22.22 -1.45 2.22
C ALA A 128 21.43 -2.27 3.25
N LEU A 129 21.89 -3.50 3.44
CA LEU A 129 21.19 -4.52 4.23
C LEU A 129 21.89 -4.77 5.55
N LEU A 130 23.08 -4.18 5.72
CA LEU A 130 23.75 -4.19 7.03
C LEU A 130 24.55 -2.92 7.15
N HIS A 131 24.79 -2.52 8.41
CA HIS A 131 25.56 -1.32 8.72
C HIS A 131 25.03 -0.03 8.10
N SER A 132 23.72 0.00 7.84
CA SER A 132 23.10 1.22 7.32
C SER A 132 23.17 2.37 8.34
N GLU A 133 23.48 2.07 9.61
CA GLU A 133 23.67 3.15 10.59
C GLU A 133 24.80 4.10 10.16
N TYR A 134 25.77 3.62 9.38
CA TYR A 134 26.80 4.55 8.89
C TYR A 134 26.15 5.68 8.06
N ILE A 135 25.23 5.29 7.19
CA ILE A 135 24.51 6.23 6.33
C ILE A 135 23.77 7.27 7.19
N LEU A 136 23.23 6.79 8.32
CA LEU A 136 22.40 7.63 9.19
C LEU A 136 23.24 8.53 10.10
N THR A 137 24.55 8.60 9.89
CA THR A 137 25.37 9.66 10.46
C THR A 137 25.59 10.83 9.48
N THR A 138 25.22 10.66 8.21
CA THR A 138 25.65 11.60 7.17
C THR A 138 24.60 12.66 6.90
N ASP A 139 25.02 13.73 6.23
CA ASP A 139 24.21 14.96 6.16
C ASP A 139 23.27 15.02 4.97
N ILE A 140 23.72 14.42 3.87
CA ILE A 140 22.96 14.42 2.62
C ILE A 140 22.98 12.99 2.10
N ILE A 141 21.81 12.44 1.84
CA ILE A 141 21.71 11.05 1.45
C ILE A 141 21.12 10.92 0.05
N LEU A 142 21.95 10.40 -0.86
CA LEU A 142 21.54 10.20 -2.26
C LEU A 142 21.51 8.69 -2.48
N ALA A 143 20.52 8.19 -3.22
CA ALA A 143 20.46 6.75 -3.46
C ALA A 143 20.18 6.46 -4.91
N SER A 144 20.80 5.40 -5.42
CA SER A 144 20.49 4.91 -6.76
C SER A 144 19.10 4.26 -6.72
N GLU A 145 18.44 4.17 -7.87
CA GLU A 145 17.06 3.69 -7.90
C GLU A 145 16.90 2.23 -7.47
N ASN A 146 17.97 1.46 -7.56
CA ASN A 146 17.99 0.05 -7.15
C ASN A 146 18.25 -0.17 -5.65
N THR A 147 18.48 0.92 -4.93
CA THR A 147 18.77 0.79 -3.49
C THR A 147 17.57 0.25 -2.70
N VAL A 148 17.90 -0.60 -1.73
CA VAL A 148 16.94 -1.09 -0.74
C VAL A 148 17.64 -0.97 0.63
N PHE A 149 16.88 -0.58 1.65
CA PHE A 149 17.39 -0.54 3.03
C PHE A 149 16.70 -1.60 3.87
N GLN A 150 17.49 -2.28 4.68
CA GLN A 150 16.95 -3.27 5.61
C GLN A 150 17.96 -3.50 6.72
N ASP A 151 17.50 -3.84 7.93
CA ASP A 151 18.36 -4.39 8.94
C ASP A 151 18.25 -5.90 8.83
N MET A 152 19.07 -6.48 7.95
CA MET A 152 18.98 -7.91 7.69
C MET A 152 19.56 -8.84 8.78
N PRO A 153 20.80 -8.60 9.24
CA PRO A 153 21.51 -9.70 9.92
C PRO A 153 21.12 -9.98 11.36
N HIS A 154 20.60 -8.99 12.08
CA HIS A 154 20.43 -9.20 13.51
C HIS A 154 19.37 -10.21 13.88
N LEU A 155 18.15 -10.03 13.39
CA LEU A 155 17.12 -11.01 13.69
C LEU A 155 17.29 -12.29 12.87
N ASN A 156 18.12 -12.26 11.81
CA ASN A 156 18.49 -13.53 11.13
C ASN A 156 19.37 -14.37 12.05
N ALA A 157 20.23 -13.71 12.82
CA ALA A 157 21.15 -14.39 13.73
C ALA A 157 20.54 -14.67 15.11
N GLY A 158 19.49 -13.93 15.44
CA GLY A 158 18.93 -14.03 16.78
C GLY A 158 19.59 -13.13 17.83
N ILE A 159 20.19 -12.01 17.40
CA ILE A 159 20.88 -11.10 18.33
C ILE A 159 20.33 -9.67 18.19
N VAL A 160 20.61 -8.86 19.20
CA VAL A 160 19.96 -7.54 19.27
C VAL A 160 20.46 -6.65 18.15
N PRO A 161 19.52 -5.92 17.49
CA PRO A 161 19.97 -4.87 16.57
C PRO A 161 20.48 -3.66 17.39
N GLY A 162 21.66 -3.82 18.01
CA GLY A 162 22.09 -2.87 19.05
C GLY A 162 23.38 -2.12 18.72
N ASP A 163 23.71 -2.07 17.44
CA ASP A 163 24.95 -1.46 16.99
C ASP A 163 24.75 -0.02 16.50
N GLY A 164 23.62 0.62 16.88
CA GLY A 164 23.32 1.98 16.43
C GLY A 164 22.06 2.00 15.60
N VAL A 165 21.72 0.90 14.92
CA VAL A 165 20.45 0.91 14.19
C VAL A 165 19.26 1.14 15.14
N HIS A 166 19.38 0.72 16.39
CA HIS A 166 18.31 0.88 17.37
C HIS A 166 18.02 2.32 17.74
N ILE A 167 19.02 3.17 17.51
CA ILE A 167 18.93 4.61 17.79
C ILE A 167 18.55 5.37 16.51
N LEU A 168 19.30 5.10 15.44
CA LEU A 168 19.23 5.90 14.23
C LEU A 168 18.04 5.58 13.34
N TRP A 169 17.65 4.32 13.23
CA TRP A 169 16.43 4.08 12.44
C TRP A 169 15.16 4.67 13.06
N PRO A 170 14.97 4.55 14.39
CA PRO A 170 13.85 5.29 14.99
C PRO A 170 14.00 6.82 14.94
N LEU A 171 15.23 7.33 14.87
N LEU A 171 15.23 7.34 14.84
CA LEU A 171 15.38 8.76 14.60
CA LEU A 171 15.40 8.77 14.57
C LEU A 171 14.87 9.05 13.18
C LEU A 171 15.00 9.14 13.16
N ALA A 172 15.36 8.31 12.19
CA ALA A 172 15.04 8.55 10.79
C ALA A 172 13.57 8.38 10.50
N LEU A 173 12.96 7.32 11.03
CA LEU A 173 11.56 6.97 10.68
C LEU A 173 10.57 7.31 11.75
N GLY A 174 11.09 7.88 12.84
CA GLY A 174 10.26 8.08 14.04
C GLY A 174 10.22 6.82 14.91
N LEU A 175 9.77 7.02 16.14
CA LEU A 175 9.86 5.95 17.12
C LEU A 175 8.71 4.95 17.00
N TYR A 176 7.91 5.04 15.94
CA TYR A 176 6.83 4.08 15.68
C TYR A 176 7.23 3.24 14.45
N ARG A 177 7.26 3.88 13.29
CA ARG A 177 7.72 3.15 12.09
C ARG A 177 9.13 2.62 12.26
N GLY A 178 9.98 3.29 13.03
CA GLY A 178 11.34 2.79 13.18
C GLY A 178 11.41 1.47 13.95
N ARG A 179 10.55 1.33 14.97
CA ARG A 179 10.52 0.06 15.67
C ARG A 179 9.87 -1.03 14.82
N TYR A 180 8.83 -0.68 14.06
CA TYR A 180 8.23 -1.66 13.15
C TYR A 180 9.28 -2.14 12.13
N PHE A 181 10.04 -1.21 11.60
CA PHE A 181 11.04 -1.51 10.57
C PHE A 181 12.07 -2.51 11.12
N LEU A 182 12.54 -2.29 12.35
CA LEU A 182 13.55 -3.16 12.94
C LEU A 182 12.94 -4.48 13.34
N PHE A 183 11.79 -4.46 14.01
CA PHE A 183 11.24 -5.74 14.53
C PHE A 183 10.77 -6.70 13.45
N THR A 184 10.31 -6.14 12.32
CA THR A 184 9.83 -6.99 11.21
C THR A 184 10.84 -7.11 10.07
N GLN A 185 12.04 -6.54 10.21
CA GLN A 185 13.05 -6.59 9.14
C GLN A 185 12.46 -6.10 7.83
N GLU A 186 11.72 -4.99 7.92
CA GLU A 186 11.14 -4.37 6.76
C GLU A 186 12.23 -3.95 5.77
N LYS A 187 11.92 -4.10 4.48
CA LYS A 187 12.73 -3.61 3.39
C LYS A 187 12.09 -2.33 2.82
N LEU A 188 12.90 -1.28 2.66
CA LEU A 188 12.45 -0.03 2.02
C LEU A 188 13.16 0.17 0.69
N THR A 189 12.37 0.45 -0.35
CA THR A 189 12.97 0.83 -1.62
C THR A 189 13.51 2.24 -1.54
N ALA A 190 14.31 2.64 -2.53
CA ALA A 190 14.81 4.00 -2.59
C ALA A 190 13.65 4.99 -2.60
N GLN A 191 12.61 4.71 -3.38
CA GLN A 191 11.45 5.61 -3.43
C GLN A 191 10.71 5.68 -2.08
N GLN A 192 10.56 4.54 -1.41
CA GLN A 192 9.95 4.57 -0.08
C GLN A 192 10.80 5.41 0.88
N ALA A 193 12.11 5.19 0.85
CA ALA A 193 13.02 5.95 1.71
C ALA A 193 13.01 7.45 1.40
N TYR A 194 12.83 7.81 0.13
CA TYR A 194 12.71 9.20 -0.26
C TYR A 194 11.41 9.80 0.32
N GLU A 195 10.30 9.07 0.22
CA GLU A 195 9.06 9.60 0.76
C GLU A 195 9.12 9.69 2.29
N LEU A 196 9.96 8.87 2.92
CA LEU A 196 10.17 8.90 4.38
C LEU A 196 11.25 9.90 4.81
N ASN A 197 11.77 10.67 3.84
CA ASN A 197 12.75 11.75 4.13
C ASN A 197 14.14 11.32 4.56
N VAL A 198 14.38 10.02 4.43
CA VAL A 198 15.72 9.46 4.70
C VAL A 198 16.62 9.68 3.49
N VAL A 199 16.12 9.32 2.31
CA VAL A 199 16.80 9.62 1.07
C VAL A 199 16.30 10.96 0.52
N HIS A 200 17.24 11.79 0.05
CA HIS A 200 16.94 13.17 -0.36
C HIS A 200 16.81 13.32 -1.86
N GLU A 201 17.50 12.45 -2.60
CA GLU A 201 17.38 12.43 -4.06
C GLU A 201 17.60 10.99 -4.49
N VAL A 202 16.76 10.55 -5.43
CA VAL A 202 16.89 9.26 -6.07
C VAL A 202 17.43 9.45 -7.50
N LEU A 203 18.51 8.74 -7.82
CA LEU A 203 19.20 8.93 -9.11
C LEU A 203 19.31 7.60 -9.82
N PRO A 204 19.31 7.65 -11.16
CA PRO A 204 19.76 6.45 -11.85
C PRO A 204 21.19 6.02 -11.42
N GLN A 205 21.43 4.72 -11.45
CA GLN A 205 22.73 4.23 -11.03
C GLN A 205 23.87 4.97 -11.73
N SER A 206 23.70 5.24 -13.03
CA SER A 206 24.79 5.85 -13.81
C SER A 206 25.04 7.31 -13.50
N LYS A 207 24.11 7.93 -12.76
CA LYS A 207 24.15 9.37 -12.51
C LYS A 207 24.43 9.73 -11.05
N LEU A 208 24.44 8.72 -10.19
CA LEU A 208 24.53 8.94 -8.74
C LEU A 208 25.82 9.64 -8.35
N MET A 209 26.97 9.16 -8.81
CA MET A 209 28.23 9.72 -8.34
C MET A 209 28.46 11.11 -8.89
N GLU A 210 28.05 11.32 -10.13
CA GLU A 210 28.11 12.67 -10.70
C GLU A 210 27.32 13.66 -9.84
N ARG A 211 26.13 13.23 -9.38
CA ARG A 211 25.29 14.15 -8.59
C ARG A 211 25.93 14.40 -7.21
N ALA A 212 26.47 13.33 -6.61
CA ALA A 212 27.19 13.50 -5.35
C ALA A 212 28.31 14.53 -5.48
N TRP A 213 29.11 14.43 -6.55
CA TRP A 213 30.18 15.39 -6.78
C TRP A 213 29.69 16.79 -7.09
N GLU A 214 28.58 16.89 -7.79
CA GLU A 214 27.97 18.20 -8.05
C GLU A 214 27.60 18.95 -6.73
N ILE A 215 26.90 18.23 -5.86
CA ILE A 215 26.54 18.80 -4.57
C ILE A 215 27.80 19.15 -3.78
N ALA A 216 28.78 18.24 -3.80
CA ALA A 216 30.04 18.47 -3.07
C ALA A 216 30.75 19.72 -3.58
N ARG A 217 30.78 19.93 -4.90
CA ARG A 217 31.49 21.11 -5.43
C ARG A 217 30.80 22.40 -5.03
N THR A 218 29.46 22.38 -4.94
CA THR A 218 28.74 23.56 -4.45
C THR A 218 29.09 23.83 -2.99
N LEU A 219 29.08 22.76 -2.20
CA LEU A 219 29.44 22.92 -0.78
C LEU A 219 30.86 23.45 -0.62
N ALA A 220 31.76 22.93 -1.46
CA ALA A 220 33.17 23.25 -1.31
C ALA A 220 33.47 24.72 -1.58
N LYS A 221 32.51 25.46 -2.15
CA LYS A 221 32.74 26.89 -2.35
C LYS A 221 32.57 27.69 -1.04
N GLN A 222 31.98 27.07 -0.02
CA GLN A 222 31.90 27.69 1.29
C GLN A 222 33.26 27.87 1.92
N PRO A 223 33.43 28.86 2.81
CA PRO A 223 34.66 28.88 3.59
C PRO A 223 34.83 27.59 4.42
N THR A 224 36.07 27.17 4.60
CA THR A 224 36.35 25.94 5.32
C THR A 224 35.77 25.92 6.73
N LEU A 225 35.96 27.00 7.49
CA LEU A 225 35.44 26.94 8.87
C LEU A 225 33.92 26.87 8.88
N ASN A 226 33.27 27.42 7.86
CA ASN A 226 31.80 27.32 7.82
C ASN A 226 31.37 25.87 7.55
N LEU A 227 32.06 25.20 6.62
CA LEU A 227 31.75 23.77 6.40
C LEU A 227 31.91 22.99 7.70
N ARG A 228 33.01 23.24 8.41
CA ARG A 228 33.32 22.48 9.64
C ARG A 228 32.29 22.79 10.75
N TYR A 229 32.01 24.07 10.97
CA TYR A 229 31.19 24.42 12.11
C TYR A 229 29.69 24.22 11.82
N THR A 230 29.29 24.25 10.56
CA THR A 230 27.91 23.87 10.25
C THR A 230 27.71 22.34 10.50
N ARG A 231 28.69 21.51 10.09
CA ARG A 231 28.69 20.10 10.51
C ARG A 231 28.64 19.93 12.04
N VAL A 232 29.44 20.70 12.77
CA VAL A 232 29.39 20.63 14.24
C VAL A 232 28.00 20.94 14.75
N ALA A 233 27.44 22.08 14.31
CA ALA A 233 26.16 22.52 14.85
C ALA A 233 25.06 21.51 14.56
N LEU A 234 25.12 20.90 13.39
CA LEU A 234 24.09 19.98 12.92
C LEU A 234 24.25 18.55 13.40
N THR A 235 25.33 18.26 14.12
CA THR A 235 25.52 16.92 14.68
C THR A 235 25.56 16.84 16.20
N GLN A 236 25.41 17.97 16.92
CA GLN A 236 25.43 17.98 18.37
C GLN A 236 24.36 17.00 18.94
N ARG A 237 23.11 17.18 18.55
CA ARG A 237 22.03 16.35 19.09
C ARG A 237 22.20 14.90 18.67
N LEU A 238 22.57 14.69 17.41
CA LEU A 238 22.80 13.35 16.88
C LEU A 238 23.89 12.62 17.69
N LYS A 239 25.01 13.29 18.00
CA LYS A 239 26.07 12.70 18.79
C LYS A 239 25.57 12.33 20.20
N ARG A 240 24.84 13.23 20.83
CA ARG A 240 24.28 12.94 22.15
C ARG A 240 23.40 11.69 22.08
N LEU A 241 22.53 11.61 21.07
CA LEU A 241 21.60 10.47 21.01
C LEU A 241 22.34 9.16 20.77
N VAL A 242 23.36 9.16 19.92
CA VAL A 242 24.17 7.94 19.72
C VAL A 242 24.90 7.58 21.01
N ASN A 243 25.52 8.54 21.67
CA ASN A 243 26.23 8.29 22.95
CA ASN A 243 26.25 8.25 22.88
C ASN A 243 25.32 7.66 23.99
N GLU A 244 24.07 8.13 24.03
CA GLU A 244 23.13 7.65 25.04
C GLU A 244 22.97 6.13 24.97
N GLY A 245 22.87 5.60 23.75
CA GLY A 245 22.41 4.23 23.56
C GLY A 245 23.40 3.23 22.99
N ILE A 246 24.53 3.68 22.48
CA ILE A 246 25.37 2.75 21.67
C ILE A 246 26.01 1.66 22.52
N GLY A 247 26.57 2.01 23.66
CA GLY A 247 27.24 0.98 24.48
C GLY A 247 26.21 0.03 25.04
N TYR A 248 25.08 0.52 25.55
CA TYR A 248 24.06 -0.37 26.08
C TYR A 248 23.58 -1.32 25.02
N GLY A 249 23.25 -0.82 23.84
CA GLY A 249 22.83 -1.69 22.74
C GLY A 249 23.84 -2.77 22.43
N LEU A 250 25.13 -2.41 22.40
CA LEU A 250 26.15 -3.40 22.03
C LEU A 250 26.36 -4.41 23.15
N ALA A 251 26.19 -4.00 24.40
CA ALA A 251 26.34 -4.92 25.53
C ALA A 251 25.17 -5.91 25.53
N LEU A 252 23.94 -5.43 25.35
CA LEU A 252 22.77 -6.34 25.23
C LEU A 252 22.96 -7.28 24.05
N GLU A 253 23.46 -6.77 22.92
CA GLU A 253 23.68 -7.60 21.74
C GLU A 253 24.67 -8.73 22.09
N GLY A 254 25.72 -8.36 22.83
CA GLY A 254 26.72 -9.36 23.25
C GLY A 254 26.11 -10.47 24.09
N ILE A 255 25.24 -10.11 25.04
CA ILE A 255 24.58 -11.13 25.86
C ILE A 255 23.78 -12.05 24.96
N THR A 256 23.02 -11.53 24.00
CA THR A 256 22.23 -12.41 23.11
C THR A 256 23.17 -13.27 22.23
N ALA A 257 24.37 -12.77 21.91
CA ALA A 257 25.35 -13.60 21.16
C ALA A 257 25.82 -14.75 22.04
N THR A 258 26.19 -14.47 23.29
CA THR A 258 26.52 -15.55 24.24
C THR A 258 25.41 -16.56 24.32
N ASP A 259 24.15 -16.09 24.30
CA ASP A 259 23.02 -16.98 24.53
C ASP A 259 22.83 -17.97 23.38
N LEU A 260 23.46 -17.71 22.22
CA LEU A 260 23.39 -18.63 21.07
C LEU A 260 23.94 -20.01 21.42
N ARG A 261 24.76 -20.09 22.47
CA ARG A 261 25.28 -21.37 22.98
C ARG A 261 24.24 -22.20 23.71
N ASN A 262 23.15 -21.55 24.15
CA ASN A 262 22.07 -22.17 24.92
C ASN A 262 20.92 -22.67 24.04
N THR A 263 20.91 -22.54 22.80
N ASN B 14 -2.80 -23.86 35.26
CA ASN B 14 -2.08 -23.79 33.96
C ASN B 14 -2.06 -22.37 33.38
N GLN B 15 -2.63 -21.42 34.12
CA GLN B 15 -2.55 -20.01 33.77
C GLN B 15 -2.35 -19.20 35.04
N PRO B 16 -1.66 -18.06 34.94
CA PRO B 16 -1.42 -17.22 36.12
C PRO B 16 -2.70 -16.69 36.74
N GLU B 17 -2.68 -16.49 38.06
CA GLU B 17 -3.80 -15.91 38.74
C GLU B 17 -4.17 -14.55 38.15
N TYR B 18 -3.16 -13.76 37.72
CA TYR B 18 -3.49 -12.40 37.25
C TYR B 18 -4.34 -12.41 35.97
N PHE B 19 -4.40 -13.54 35.25
CA PHE B 19 -5.23 -13.64 34.04
C PHE B 19 -6.72 -13.42 34.37
N THR B 20 -7.11 -13.68 35.61
CA THR B 20 -8.52 -13.53 36.01
C THR B 20 -8.70 -12.52 37.15
N LYS B 21 -7.75 -11.62 37.31
CA LYS B 21 -7.75 -10.62 38.38
C LYS B 21 -8.43 -9.29 37.95
N TYR B 22 -8.57 -9.08 36.64
CA TYR B 22 -8.96 -7.76 36.14
C TYR B 22 -10.27 -7.81 35.36
N GLU B 23 -11.32 -7.21 35.90
CA GLU B 23 -12.64 -7.39 35.29
C GLU B 23 -12.74 -6.76 33.90
N ASN B 24 -11.80 -5.86 33.58
CA ASN B 24 -11.80 -5.19 32.26
C ASN B 24 -10.69 -5.63 31.32
N LEU B 25 -10.01 -6.74 31.62
CA LEU B 25 -8.97 -7.27 30.73
C LEU B 25 -9.14 -8.78 30.59
N HIS B 26 -9.27 -9.22 29.36
CA HIS B 26 -9.28 -10.66 29.07
C HIS B 26 -7.88 -11.05 28.62
N PHE B 27 -7.40 -12.19 29.09
CA PHE B 27 -6.05 -12.67 28.77
C PHE B 27 -6.10 -14.01 28.05
N HIS B 28 -5.31 -14.15 26.99
CA HIS B 28 -5.20 -15.44 26.30
C HIS B 28 -3.77 -15.65 25.87
N ARG B 29 -3.13 -16.75 26.25
CA ARG B 29 -1.74 -16.97 25.84
C ARG B 29 -1.53 -18.31 25.16
N ASP B 30 -0.79 -18.34 24.05
CA ASP B 30 -0.51 -19.60 23.36
C ASP B 30 0.76 -20.28 23.86
N GLU B 31 1.08 -21.43 23.26
CA GLU B 31 2.23 -22.24 23.69
C GLU B 31 3.58 -21.56 23.40
N ASN B 32 3.56 -20.51 22.56
CA ASN B 32 4.76 -19.76 22.16
C ASN B 32 4.97 -18.55 23.06
N GLY B 33 4.10 -18.38 24.06
CA GLY B 33 4.26 -17.23 24.95
C GLY B 33 3.65 -15.96 24.42
N ILE B 34 2.81 -16.04 23.38
CA ILE B 34 2.17 -14.85 22.81
C ILE B 34 0.91 -14.60 23.61
N LEU B 35 0.86 -13.46 24.31
CA LEU B 35 -0.23 -13.09 25.18
C LEU B 35 -1.06 -12.00 24.53
N GLU B 36 -2.34 -12.26 24.32
CA GLU B 36 -3.29 -11.27 23.90
C GLU B 36 -4.04 -10.72 25.09
N VAL B 37 -3.98 -9.41 25.27
CA VAL B 37 -4.64 -8.74 26.37
C VAL B 37 -5.69 -7.85 25.71
N ARG B 38 -6.96 -8.11 26.04
CA ARG B 38 -8.08 -7.41 25.39
C ARG B 38 -8.89 -6.62 26.41
N MET B 39 -8.99 -5.31 26.20
CA MET B 39 -9.75 -4.44 27.10
C MET B 39 -11.22 -4.60 26.78
N HIS B 40 -12.05 -4.67 27.82
CA HIS B 40 -13.50 -4.78 27.58
C HIS B 40 -14.28 -4.33 28.82
N THR B 41 -15.56 -4.02 28.60
CA THR B 41 -16.53 -3.81 29.65
C THR B 41 -17.67 -4.79 29.39
N ASN B 42 -17.71 -5.86 30.20
CA ASN B 42 -18.73 -6.90 30.08
C ASN B 42 -18.77 -7.47 28.68
N GLY B 43 -17.58 -7.64 28.09
CA GLY B 43 -17.45 -8.18 26.75
C GLY B 43 -17.61 -7.18 25.60
N SER B 44 -18.06 -5.96 25.91
CA SER B 44 -18.22 -4.89 24.92
C SER B 44 -16.98 -4.00 24.91
N SER B 45 -16.96 -3.03 23.98
CA SER B 45 -15.85 -2.08 23.93
C SER B 45 -15.71 -1.42 25.31
N LEU B 46 -14.47 -1.15 25.69
CA LEU B 46 -14.17 -0.59 27.02
C LEU B 46 -14.83 0.75 27.30
N VAL B 47 -15.42 0.85 28.50
CA VAL B 47 -15.79 2.12 29.08
C VAL B 47 -14.72 2.38 30.13
N PHE B 48 -13.92 3.42 29.90
CA PHE B 48 -12.79 3.67 30.82
C PHE B 48 -13.36 4.23 32.13
N THR B 49 -12.82 3.78 33.26
CA THR B 49 -13.35 4.18 34.57
C THR B 49 -12.24 4.51 35.56
N GLY B 50 -12.60 5.07 36.70
CA GLY B 50 -11.63 5.15 37.82
C GLY B 50 -11.00 3.80 38.19
N LYS B 51 -11.80 2.75 38.10
CA LYS B 51 -11.35 1.40 38.33
C LYS B 51 -10.25 0.99 37.35
N THR B 52 -10.48 1.22 36.05
CA THR B 52 -9.44 0.85 35.08
C THR B 52 -8.21 1.77 35.26
N HIS B 53 -8.44 3.02 35.64
CA HIS B 53 -7.31 3.92 35.88
C HIS B 53 -6.41 3.40 37.01
N ARG B 54 -7.03 2.80 38.04
CA ARG B 54 -6.29 2.28 39.17
C ARG B 54 -5.71 0.90 38.91
N GLU B 55 -6.46 0.07 38.19
CA GLU B 55 -6.09 -1.33 38.02
C GLU B 55 -5.13 -1.58 36.85
N PHE B 56 -5.26 -0.81 35.76
CA PHE B 56 -4.43 -1.05 34.59
C PHE B 56 -2.93 -0.96 34.90
N PRO B 57 -2.50 -0.01 35.76
CA PRO B 57 -1.05 -0.04 36.08
C PRO B 57 -0.59 -1.36 36.72
N ASP B 58 -1.44 -1.94 37.58
CA ASP B 58 -1.11 -3.22 38.18
C ASP B 58 -1.11 -4.33 37.14
N ALA B 59 -2.08 -4.30 36.22
CA ALA B 59 -2.12 -5.33 35.17
C ALA B 59 -0.85 -5.32 34.31
N PHE B 60 -0.48 -4.10 33.90
CA PHE B 60 0.73 -3.97 33.08
C PHE B 60 1.98 -4.41 33.83
N TYR B 61 2.05 -4.10 35.14
CA TYR B 61 3.16 -4.61 35.95
C TYR B 61 3.15 -6.15 35.96
N ASP B 62 1.96 -6.71 36.23
CA ASP B 62 1.83 -8.17 36.28
C ASP B 62 2.27 -8.83 34.96
N ILE B 63 1.86 -8.24 33.84
CA ILE B 63 2.29 -8.72 32.53
C ILE B 63 3.82 -8.66 32.43
N SER B 64 4.38 -7.52 32.88
CA SER B 64 5.85 -7.35 32.72
C SER B 64 6.66 -8.31 33.60
N ARG B 65 6.09 -8.74 34.73
CA ARG B 65 6.83 -9.59 35.67
C ARG B 65 6.92 -11.03 35.16
N ASP B 66 5.92 -11.43 34.39
CA ASP B 66 5.75 -12.82 34.02
C ASP B 66 6.63 -13.15 32.82
N ARG B 67 7.70 -13.89 33.05
CA ARG B 67 8.65 -14.20 31.99
C ARG B 67 8.14 -15.17 30.91
N ASP B 68 7.00 -15.79 31.18
CA ASP B 68 6.33 -16.63 30.16
C ASP B 68 5.65 -15.85 29.05
N ASN B 69 5.51 -14.52 29.25
CA ASN B 69 5.05 -13.65 28.16
C ASN B 69 6.26 -13.33 27.28
N ARG B 70 6.16 -13.76 26.03
CA ARG B 70 7.24 -13.60 25.10
C ARG B 70 6.97 -12.54 23.99
N VAL B 71 5.69 -12.34 23.65
CA VAL B 71 5.23 -11.22 22.80
C VAL B 71 3.85 -10.87 23.34
N VAL B 72 3.51 -9.59 23.39
CA VAL B 72 2.22 -9.12 23.86
C VAL B 72 1.46 -8.45 22.75
N ILE B 73 0.17 -8.77 22.63
CA ILE B 73 -0.76 -8.07 21.76
C ILE B 73 -1.78 -7.36 22.65
N LEU B 74 -1.86 -6.05 22.53
CA LEU B 74 -2.82 -5.24 23.30
C LEU B 74 -3.91 -4.77 22.34
N THR B 75 -5.17 -5.00 22.70
CA THR B 75 -6.28 -4.66 21.83
C THR B 75 -7.55 -4.31 22.63
N GLY B 76 -8.57 -3.79 21.96
CA GLY B 76 -9.88 -3.57 22.59
C GLY B 76 -10.89 -4.61 22.10
N SER B 77 -12.15 -4.33 22.40
CA SER B 77 -13.27 -5.22 22.05
C SER B 77 -14.26 -4.49 21.16
N GLY B 78 -15.00 -5.29 20.38
CA GLY B 78 -16.03 -4.70 19.52
C GLY B 78 -15.41 -3.76 18.50
N ASP B 79 -16.14 -2.70 18.19
CA ASP B 79 -15.73 -1.85 17.08
C ASP B 79 -15.01 -0.56 17.46
N ALA B 80 -14.61 -0.45 18.75
CA ALA B 80 -13.83 0.69 19.22
C ALA B 80 -12.72 0.18 20.13
N TRP B 81 -11.57 0.84 20.05
CA TRP B 81 -10.46 0.49 20.93
C TRP B 81 -10.70 1.13 22.30
N MET B 82 -10.93 2.44 22.32
CA MET B 82 -11.41 3.11 23.53
C MET B 82 -12.06 4.41 23.15
N ALA B 83 -13.38 4.45 23.30
CA ALA B 83 -14.13 5.63 22.86
C ALA B 83 -15.14 6.14 23.88
N GLU B 84 -15.17 5.50 25.05
CA GLU B 84 -16.15 5.82 26.10
C GLU B 84 -15.44 5.97 27.45
N ILE B 85 -15.96 6.85 28.29
CA ILE B 85 -15.44 7.04 29.65
C ILE B 85 -16.64 7.28 30.60
N ASP B 86 -16.51 6.77 31.82
CA ASP B 86 -17.43 7.11 32.90
C ASP B 86 -16.73 8.17 33.75
N PHE B 87 -17.01 9.43 33.45
N PHE B 87 -16.96 9.46 33.47
CA PHE B 87 -16.36 10.57 34.12
CA PHE B 87 -16.20 10.52 34.17
C PHE B 87 -16.49 10.58 35.64
C PHE B 87 -16.47 10.65 35.69
N PRO B 88 -17.74 10.47 36.15
CA PRO B 88 -17.92 10.52 37.62
C PRO B 88 -17.02 9.50 38.31
N SER B 89 -16.89 8.32 37.70
CA SER B 89 -16.11 7.24 38.28
C SER B 89 -14.60 7.55 38.46
N LEU B 90 -14.10 8.60 37.81
CA LEU B 90 -12.69 9.00 38.04
C LEU B 90 -12.45 9.60 39.42
N GLY B 91 -13.54 9.99 40.08
CA GLY B 91 -13.43 10.61 41.39
C GLY B 91 -13.55 12.12 41.22
N ASP B 92 -13.52 12.83 42.34
CA ASP B 92 -13.61 14.28 42.28
C ASP B 92 -12.27 14.89 41.89
N VAL B 93 -12.08 15.04 40.59
CA VAL B 93 -10.77 15.47 40.06
C VAL B 93 -10.46 16.92 40.50
N THR B 94 -11.47 17.69 40.91
CA THR B 94 -11.25 19.07 41.31
C THR B 94 -10.69 19.21 42.72
N ASN B 95 -10.65 18.11 43.46
CA ASN B 95 -10.01 18.08 44.78
C ASN B 95 -8.60 17.53 44.60
N PRO B 96 -7.56 18.34 44.93
CA PRO B 96 -6.20 17.81 44.70
C PRO B 96 -5.89 16.53 45.44
N ARG B 97 -6.58 16.26 46.55
CA ARG B 97 -6.35 15.06 47.30
C ARG B 97 -6.86 13.80 46.56
N GLU B 98 -7.85 13.99 45.68
CA GLU B 98 -8.36 12.90 44.83
C GLU B 98 -7.58 12.87 43.50
N TRP B 99 -7.29 14.04 42.95
CA TRP B 99 -6.49 14.08 41.72
C TRP B 99 -5.14 13.39 42.01
N ASP B 100 -4.61 13.49 43.23
CA ASP B 100 -3.29 12.92 43.45
C ASP B 100 -3.29 11.39 43.19
N LYS B 101 -4.45 10.73 43.41
CA LYS B 101 -4.56 9.30 43.03
C LYS B 101 -4.38 9.11 41.52
N THR B 102 -5.05 9.96 40.76
CA THR B 102 -5.03 9.92 39.30
C THR B 102 -3.60 10.24 38.81
N TYR B 103 -2.99 11.22 39.43
CA TYR B 103 -1.59 11.60 39.17
C TYR B 103 -0.64 10.41 39.37
N TRP B 104 -0.70 9.78 40.55
CA TRP B 104 0.23 8.70 40.86
C TRP B 104 0.00 7.54 39.88
N GLU B 105 -1.28 7.20 39.66
CA GLU B 105 -1.64 6.13 38.74
C GLU B 105 -1.30 6.44 37.29
N GLY B 106 -1.30 7.73 36.91
CA GLY B 106 -0.96 8.15 35.56
C GLY B 106 0.52 8.02 35.31
N LYS B 107 1.33 8.30 36.32
CA LYS B 107 2.77 8.05 36.19
C LYS B 107 3.01 6.53 36.08
N LYS B 108 2.38 5.76 36.97
CA LYS B 108 2.67 4.31 37.01
C LYS B 108 2.19 3.61 35.77
N VAL B 109 1.05 4.02 35.19
CA VAL B 109 0.51 3.21 34.09
C VAL B 109 1.51 3.25 32.92
N LEU B 110 2.10 4.41 32.62
CA LEU B 110 3.03 4.46 31.47
C LEU B 110 4.35 3.83 31.82
N GLN B 111 4.84 4.04 33.05
CA GLN B 111 6.10 3.42 33.44
C GLN B 111 5.97 1.89 33.35
N ASN B 112 4.84 1.36 33.82
CA ASN B 112 4.67 -0.08 33.89
C ASN B 112 4.45 -0.71 32.51
N LEU B 113 3.69 0.02 31.68
CA LEU B 113 3.43 -0.41 30.31
C LEU B 113 4.75 -0.39 29.48
N LEU B 114 5.53 0.69 29.62
CA LEU B 114 6.82 0.72 28.93
C LEU B 114 7.76 -0.37 29.40
N ASP B 115 7.66 -0.73 30.70
CA ASP B 115 8.54 -1.77 31.26
C ASP B 115 8.11 -3.20 30.95
N ILE B 116 7.06 -3.39 30.16
CA ILE B 116 6.86 -4.70 29.57
C ILE B 116 8.13 -4.98 28.74
N GLU B 117 8.75 -6.14 28.94
CA GLU B 117 10.11 -6.38 28.48
C GLU B 117 10.14 -7.34 27.30
N VAL B 118 9.10 -7.28 26.48
CA VAL B 118 9.03 -8.04 25.21
C VAL B 118 8.32 -7.13 24.21
N PRO B 119 8.41 -7.45 22.92
CA PRO B 119 7.73 -6.60 21.91
C PRO B 119 6.23 -6.57 22.18
N VAL B 120 5.63 -5.39 21.99
CA VAL B 120 4.23 -5.22 22.17
C VAL B 120 3.61 -4.75 20.84
N ILE B 121 2.62 -5.46 20.35
CA ILE B 121 1.86 -5.13 19.17
C ILE B 121 0.52 -4.54 19.59
N SER B 122 0.19 -3.34 19.09
CA SER B 122 -1.19 -2.81 19.25
C SER B 122 -2.01 -3.30 18.08
N ALA B 123 -3.15 -3.92 18.38
CA ALA B 123 -4.15 -4.15 17.33
C ALA B 123 -5.29 -3.17 17.63
N VAL B 124 -5.28 -2.04 16.94
CA VAL B 124 -6.25 -1.01 17.19
C VAL B 124 -7.52 -1.31 16.40
N ASN B 125 -8.57 -1.68 17.12
CA ASN B 125 -9.75 -2.28 16.47
C ASN B 125 -10.88 -1.30 16.23
N GLY B 126 -10.57 0.00 16.27
CA GLY B 126 -11.58 1.04 16.02
C GLY B 126 -11.18 2.33 16.72
N ALA B 127 -12.15 3.20 16.99
CA ALA B 127 -11.85 4.53 17.50
C ALA B 127 -10.99 4.47 18.76
N ALA B 128 -9.95 5.31 18.78
CA ALA B 128 -9.09 5.51 19.94
C ALA B 128 -9.17 7.00 20.24
N LEU B 129 -10.15 7.36 21.08
CA LEU B 129 -10.49 8.77 21.37
C LEU B 129 -9.97 9.26 22.72
N LEU B 130 -9.48 8.32 23.53
CA LEU B 130 -8.83 8.63 24.80
C LEU B 130 -7.82 7.56 25.08
N HIS B 131 -6.80 7.93 25.86
CA HIS B 131 -5.75 6.99 26.27
C HIS B 131 -4.97 6.36 25.13
N SER B 132 -4.97 7.06 23.99
CA SER B 132 -4.13 6.62 22.88
C SER B 132 -2.64 6.59 23.21
N GLU B 133 -2.22 7.30 24.25
CA GLU B 133 -0.82 7.20 24.69
C GLU B 133 -0.41 5.76 24.99
N TYR B 134 -1.35 4.90 25.41
CA TYR B 134 -0.97 3.48 25.56
C TYR B 134 -0.44 2.91 24.25
N ILE B 135 -1.13 3.19 23.16
CA ILE B 135 -0.71 2.68 21.86
C ILE B 135 0.69 3.18 21.53
N LEU B 136 0.94 4.43 21.92
CA LEU B 136 2.19 5.07 21.57
C LEU B 136 3.37 4.61 22.46
N THR B 137 3.15 3.58 23.28
CA THR B 137 4.28 2.90 23.92
C THR B 137 4.68 1.63 23.17
N THR B 138 3.87 1.20 22.21
CA THR B 138 4.02 -0.15 21.62
C THR B 138 4.86 -0.11 20.35
N ASP B 139 5.36 -1.28 19.96
CA ASP B 139 6.40 -1.38 18.93
C ASP B 139 5.90 -1.50 17.50
N ILE B 140 4.74 -2.12 17.35
CA ILE B 140 4.13 -2.41 16.04
C ILE B 140 2.69 -2.02 16.17
N ILE B 141 2.20 -1.14 15.29
CA ILE B 141 0.83 -0.63 15.42
C ILE B 141 0.02 -1.02 14.17
N LEU B 142 -0.98 -1.86 14.39
CA LEU B 142 -1.87 -2.29 13.32
C LEU B 142 -3.21 -1.69 13.58
N ALA B 143 -3.94 -1.25 12.55
CA ALA B 143 -5.25 -0.68 12.77
C ALA B 143 -6.28 -1.19 11.80
N SER B 144 -7.49 -1.43 12.30
CA SER B 144 -8.59 -1.71 11.37
C SER B 144 -8.96 -0.46 10.64
N GLU B 145 -9.54 -0.62 9.46
CA GLU B 145 -9.77 0.54 8.57
C GLU B 145 -10.78 1.58 9.13
N ASN B 146 -11.59 1.18 10.12
CA ASN B 146 -12.53 2.06 10.83
C ASN B 146 -11.89 2.88 11.95
N THR B 147 -10.61 2.63 12.21
CA THR B 147 -9.94 3.32 13.32
C THR B 147 -9.79 4.82 13.07
N VAL B 148 -10.04 5.59 14.12
CA VAL B 148 -9.74 7.02 14.15
C VAL B 148 -8.99 7.32 15.46
N PHE B 149 -8.05 8.27 15.40
CA PHE B 149 -7.32 8.69 16.60
C PHE B 149 -7.67 10.13 16.89
N GLN B 150 -7.90 10.43 18.18
CA GLN B 150 -8.15 11.79 18.62
C GLN B 150 -7.81 11.88 20.09
N ASP B 151 -7.41 13.07 20.53
CA ASP B 151 -7.41 13.34 21.99
C ASP B 151 -8.72 14.09 22.28
N MET B 152 -9.77 13.31 22.50
CA MET B 152 -11.07 13.90 22.69
C MET B 152 -11.30 14.64 24.03
N PRO B 153 -10.98 14.00 25.18
CA PRO B 153 -11.63 14.46 26.42
C PRO B 153 -11.03 15.72 27.06
N HIS B 154 -9.74 15.98 26.86
CA HIS B 154 -9.09 17.02 27.66
C HIS B 154 -9.61 18.40 27.35
N LEU B 155 -9.59 18.78 26.07
CA LEU B 155 -10.08 20.11 25.73
C LEU B 155 -11.63 20.19 25.72
N ASN B 156 -12.29 19.04 25.78
CA ASN B 156 -13.75 19.07 26.01
C ASN B 156 -14.06 19.44 27.45
N ALA B 157 -13.22 18.95 28.37
CA ALA B 157 -13.39 19.20 29.81
C ALA B 157 -12.73 20.50 30.25
N GLY B 158 -11.75 20.98 29.48
CA GLY B 158 -11.02 22.19 29.85
C GLY B 158 -9.80 21.92 30.74
N ILE B 159 -9.21 20.73 30.63
CA ILE B 159 -8.02 20.37 31.42
C ILE B 159 -6.85 20.00 30.50
N VAL B 160 -5.64 20.03 31.04
CA VAL B 160 -4.46 19.85 30.19
C VAL B 160 -4.39 18.44 29.64
N PRO B 161 -4.03 18.27 28.34
CA PRO B 161 -3.72 16.93 27.80
C PRO B 161 -2.33 16.52 28.30
N GLY B 162 -2.26 16.20 29.60
CA GLY B 162 -0.96 16.04 30.26
C GLY B 162 -0.65 14.65 30.75
N ASP B 163 -1.41 13.66 30.26
CA ASP B 163 -1.25 12.29 30.74
C ASP B 163 -0.28 11.45 29.89
N GLY B 164 0.52 12.15 29.08
CA GLY B 164 1.45 11.43 28.19
C GLY B 164 1.17 11.75 26.73
N VAL B 165 -0.08 12.08 26.40
CA VAL B 165 -0.34 12.50 25.02
C VAL B 165 0.49 13.71 24.61
N HIS B 166 0.79 14.58 25.59
CA HIS B 166 1.59 15.79 25.33
C HIS B 166 3.04 15.48 24.91
N ILE B 167 3.51 14.28 25.27
CA ILE B 167 4.87 13.88 24.91
C ILE B 167 4.80 13.01 23.66
N LEU B 168 3.90 12.03 23.68
CA LEU B 168 3.95 10.96 22.67
C LEU B 168 3.34 11.37 21.34
N TRP B 169 2.29 12.21 21.33
CA TRP B 169 1.76 12.63 20.04
C TRP B 169 2.73 13.55 19.28
N PRO B 170 3.38 14.50 19.96
CA PRO B 170 4.45 15.25 19.27
C PRO B 170 5.68 14.40 18.92
N LEU B 171 5.96 13.33 19.68
CA LEU B 171 7.00 12.40 19.26
C LEU B 171 6.57 11.71 17.96
N ALA B 172 5.30 11.25 17.89
CA ALA B 172 4.83 10.50 16.71
C ALA B 172 4.66 11.40 15.48
N LEU B 173 4.10 12.59 15.67
CA LEU B 173 3.76 13.48 14.53
C LEU B 173 4.77 14.59 14.31
N GLY B 174 5.79 14.63 15.15
CA GLY B 174 6.69 15.76 15.23
C GLY B 174 6.08 16.90 16.06
N LEU B 175 6.97 17.80 16.46
CA LEU B 175 6.62 18.85 17.40
C LEU B 175 5.83 19.99 16.78
N TYR B 176 5.42 19.85 15.53
CA TYR B 176 4.62 20.87 14.85
C TYR B 176 3.22 20.31 14.66
N ARG B 177 3.08 19.29 13.82
CA ARG B 177 1.78 18.66 13.65
C ARG B 177 1.28 18.07 14.98
N GLY B 178 2.18 17.59 15.86
CA GLY B 178 1.71 17.05 17.15
C GLY B 178 1.02 18.09 18.00
N ARG B 179 1.56 19.32 18.02
CA ARG B 179 0.90 20.38 18.76
C ARG B 179 -0.41 20.84 18.12
N TYR B 180 -0.46 20.90 16.79
CA TYR B 180 -1.71 21.24 16.10
C TYR B 180 -2.77 20.19 16.44
N PHE B 181 -2.35 18.92 16.39
CA PHE B 181 -3.28 17.79 16.62
C PHE B 181 -3.91 17.91 18.01
N LEU B 182 -3.08 18.20 19.02
CA LEU B 182 -3.61 18.31 20.38
C LEU B 182 -4.43 19.59 20.58
N PHE B 183 -3.94 20.75 20.13
CA PHE B 183 -4.63 22.01 20.43
C PHE B 183 -5.94 22.15 19.68
N THR B 184 -6.05 21.51 18.51
CA THR B 184 -7.31 21.60 17.72
C THR B 184 -8.16 20.32 17.83
N GLN B 185 -7.76 19.36 18.70
CA GLN B 185 -8.48 18.10 18.82
C GLN B 185 -8.73 17.46 17.46
N GLU B 186 -7.70 17.46 16.63
CA GLU B 186 -7.78 16.85 15.32
C GLU B 186 -8.12 15.34 15.41
N LYS B 187 -8.92 14.88 14.44
CA LYS B 187 -9.16 13.46 14.26
C LYS B 187 -8.34 12.94 13.10
N LEU B 188 -7.62 11.84 13.30
CA LEU B 188 -6.85 11.21 12.22
C LEU B 188 -7.50 9.89 11.86
N THR B 189 -7.73 9.67 10.57
CA THR B 189 -8.19 8.37 10.12
C THR B 189 -7.04 7.36 10.10
N ALA B 190 -7.37 6.10 9.87
CA ALA B 190 -6.36 5.05 9.82
C ALA B 190 -5.38 5.33 8.68
N GLN B 191 -5.88 5.76 7.49
CA GLN B 191 -4.97 6.07 6.39
C GLN B 191 -4.12 7.29 6.71
N GLN B 192 -4.73 8.30 7.34
CA GLN B 192 -3.92 9.45 7.72
C GLN B 192 -2.79 9.01 8.66
N ALA B 193 -3.16 8.23 9.68
CA ALA B 193 -2.15 7.77 10.66
C ALA B 193 -1.08 6.87 10.02
N TYR B 194 -1.49 6.07 9.03
CA TYR B 194 -0.55 5.24 8.28
C TYR B 194 0.45 6.12 7.51
N GLU B 195 -0.05 7.14 6.81
CA GLU B 195 0.86 8.06 6.11
C GLU B 195 1.77 8.85 7.05
N LEU B 196 1.31 9.07 8.30
CA LEU B 196 2.07 9.72 9.34
C LEU B 196 2.99 8.75 10.13
N ASN B 197 3.04 7.47 9.72
CA ASN B 197 3.99 6.49 10.27
C ASN B 197 3.67 6.03 11.69
N VAL B 198 2.46 6.38 12.14
CA VAL B 198 1.94 5.90 13.44
C VAL B 198 1.35 4.49 13.29
N VAL B 199 0.44 4.35 12.32
CA VAL B 199 -0.07 3.04 11.98
C VAL B 199 0.83 2.42 10.92
N HIS B 200 1.13 1.12 11.07
CA HIS B 200 2.10 0.47 10.17
C HIS B 200 1.43 -0.42 9.15
N GLU B 201 0.25 -0.94 9.48
CA GLU B 201 -0.58 -1.66 8.52
C GLU B 201 -2.03 -1.35 8.79
N VAL B 202 -2.80 -1.19 7.72
CA VAL B 202 -4.23 -1.00 7.79
C VAL B 202 -4.93 -2.25 7.27
N LEU B 203 -5.83 -2.78 8.07
CA LEU B 203 -6.46 -4.07 7.79
C LEU B 203 -7.97 -3.96 7.83
N PRO B 204 -8.69 -4.80 7.07
CA PRO B 204 -10.13 -4.89 7.35
C PRO B 204 -10.35 -5.41 8.78
N GLN B 205 -11.47 -5.00 9.37
CA GLN B 205 -11.77 -5.39 10.75
C GLN B 205 -11.65 -6.90 10.96
N SER B 206 -12.12 -7.68 9.99
CA SER B 206 -12.15 -9.13 10.19
C SER B 206 -10.78 -9.81 10.10
N LYS B 207 -9.77 -9.06 9.68
CA LYS B 207 -8.42 -9.60 9.44
C LYS B 207 -7.38 -9.08 10.42
N LEU B 208 -7.80 -8.09 11.20
CA LEU B 208 -6.87 -7.40 12.12
C LEU B 208 -6.18 -8.37 13.10
N MET B 209 -6.98 -9.14 13.85
CA MET B 209 -6.41 -9.98 14.86
C MET B 209 -5.57 -11.11 14.28
N GLU B 210 -5.98 -11.69 13.16
CA GLU B 210 -5.15 -12.73 12.56
C GLU B 210 -3.79 -12.17 12.14
N ARG B 211 -3.75 -10.94 11.62
CA ARG B 211 -2.45 -10.35 11.24
C ARG B 211 -1.57 -10.08 12.47
N ALA B 212 -2.19 -9.59 13.55
CA ALA B 212 -1.43 -9.39 14.79
C ALA B 212 -0.78 -10.68 15.24
N TRP B 213 -1.57 -11.75 15.20
CA TRP B 213 -1.09 -13.07 15.61
C TRP B 213 -0.04 -13.61 14.66
N GLU B 214 -0.17 -13.33 13.35
CA GLU B 214 0.84 -13.74 12.39
C GLU B 214 2.18 -13.07 12.67
N ILE B 215 2.14 -11.75 12.87
CA ILE B 215 3.38 -11.02 13.18
C ILE B 215 4.00 -11.55 14.49
N ALA B 216 3.15 -11.77 15.51
CA ALA B 216 3.60 -12.28 16.78
C ALA B 216 4.25 -13.66 16.67
N ARG B 217 3.66 -14.53 15.85
CA ARG B 217 4.27 -15.86 15.68
C ARG B 217 5.64 -15.79 15.03
N THR B 218 5.81 -14.90 14.05
CA THR B 218 7.13 -14.69 13.46
C THR B 218 8.12 -14.19 14.53
N LEU B 219 7.72 -13.19 15.30
CA LEU B 219 8.59 -12.75 16.41
C LEU B 219 8.93 -13.86 17.39
N ALA B 220 7.92 -14.67 17.73
CA ALA B 220 8.12 -15.65 18.80
C ALA B 220 9.14 -16.74 18.44
N LYS B 221 9.50 -16.84 17.16
CA LYS B 221 10.58 -17.73 16.74
C LYS B 221 11.96 -17.26 17.17
N GLN B 222 12.09 -15.99 17.54
CA GLN B 222 13.36 -15.50 18.08
C GLN B 222 13.69 -16.13 19.43
N PRO B 223 14.98 -16.16 19.80
CA PRO B 223 15.31 -16.54 21.16
C PRO B 223 14.69 -15.52 22.17
N THR B 224 14.33 -16.00 23.34
CA THR B 224 13.68 -15.19 24.35
C THR B 224 14.51 -13.97 24.75
N LEU B 225 15.79 -14.14 25.06
CA LEU B 225 16.59 -12.95 25.47
C LEU B 225 16.65 -11.93 24.33
N ASN B 226 16.64 -12.37 23.06
CA ASN B 226 16.67 -11.41 21.99
C ASN B 226 15.37 -10.61 21.94
N LEU B 227 14.24 -11.26 22.14
CA LEU B 227 12.97 -10.52 22.19
C LEU B 227 13.04 -9.48 23.30
N ARG B 228 13.53 -9.88 24.47
CA ARG B 228 13.53 -8.99 25.64
C ARG B 228 14.49 -7.82 25.43
N TYR B 229 15.71 -8.12 24.99
CA TYR B 229 16.75 -7.09 24.89
C TYR B 229 16.58 -6.21 23.67
N THR B 230 15.91 -6.69 22.62
CA THR B 230 15.56 -5.80 21.52
C THR B 230 14.50 -4.81 21.99
N ARG B 231 13.50 -5.26 22.74
CA ARG B 231 12.56 -4.33 23.35
C ARG B 231 13.25 -3.30 24.25
N VAL B 232 14.17 -3.77 25.10
CA VAL B 232 14.93 -2.83 25.95
C VAL B 232 15.67 -1.79 25.10
N ALA B 233 16.42 -2.22 24.08
CA ALA B 233 17.25 -1.29 23.29
C ALA B 233 16.37 -0.30 22.58
N LEU B 234 15.23 -0.74 22.09
CA LEU B 234 14.34 0.11 21.31
C LEU B 234 13.45 1.03 22.14
N THR B 235 13.44 0.88 23.48
CA THR B 235 12.60 1.71 24.32
C THR B 235 13.40 2.64 25.25
N GLN B 236 14.74 2.61 25.22
CA GLN B 236 15.50 3.46 26.14
C GLN B 236 15.17 4.94 25.99
N ARG B 237 15.25 5.42 24.76
CA ARG B 237 15.04 6.86 24.50
C ARG B 237 13.57 7.20 24.78
N LEU B 238 12.65 6.33 24.37
CA LEU B 238 11.24 6.52 24.62
C LEU B 238 10.96 6.65 26.11
N LYS B 239 11.53 5.77 26.94
CA LYS B 239 11.33 5.83 28.40
C LYS B 239 11.87 7.14 28.97
N ARG B 240 13.05 7.58 28.51
CA ARG B 240 13.59 8.85 28.99
C ARG B 240 12.64 10.01 28.67
N LEU B 241 12.13 10.01 27.45
CA LEU B 241 11.22 11.10 27.05
C LEU B 241 9.92 11.12 27.83
N VAL B 242 9.37 9.95 28.08
CA VAL B 242 8.17 9.90 28.91
C VAL B 242 8.48 10.34 30.37
N ASN B 243 9.56 9.82 30.96
N ASN B 243 9.56 9.81 30.96
CA ASN B 243 9.90 10.21 32.31
CA ASN B 243 9.98 10.21 32.29
C ASN B 243 10.17 11.72 32.45
C ASN B 243 10.07 11.73 32.42
N GLU B 244 10.59 12.37 31.38
CA GLU B 244 10.91 13.79 31.44
C GLU B 244 9.66 14.61 31.71
N GLY B 245 8.56 14.26 31.05
CA GLY B 245 7.37 15.11 31.03
C GLY B 245 6.11 14.60 31.73
N ILE B 246 6.09 13.34 32.14
CA ILE B 246 4.80 12.75 32.57
C ILE B 246 4.30 13.36 33.87
N GLY B 247 5.18 13.46 34.88
CA GLY B 247 4.74 14.00 36.17
C GLY B 247 4.35 15.45 36.04
N TYR B 248 5.14 16.23 35.31
CA TYR B 248 4.84 17.65 35.12
C TYR B 248 3.50 17.82 34.40
N GLY B 249 3.27 17.03 33.35
CA GLY B 249 1.98 17.15 32.66
C GLY B 249 0.79 16.85 33.55
N LEU B 250 0.93 15.79 34.35
CA LEU B 250 -0.19 15.40 35.21
C LEU B 250 -0.39 16.35 36.36
N ALA B 251 0.68 17.01 36.84
CA ALA B 251 0.52 18.04 37.88
C ALA B 251 -0.22 19.27 37.29
N LEU B 252 0.23 19.73 36.11
CA LEU B 252 -0.45 20.85 35.44
C LEU B 252 -1.91 20.51 35.18
N GLU B 253 -2.17 19.29 34.70
CA GLU B 253 -3.53 18.81 34.48
C GLU B 253 -4.35 18.91 35.77
N GLY B 254 -3.75 18.49 36.87
CA GLY B 254 -4.42 18.56 38.17
C GLY B 254 -4.80 19.98 38.53
N ILE B 255 -3.90 20.92 38.30
CA ILE B 255 -4.23 22.32 38.61
C ILE B 255 -5.42 22.79 37.75
N THR B 256 -5.45 22.43 36.47
CA THR B 256 -6.59 22.84 35.63
C THR B 256 -7.86 22.13 36.10
N ALA B 257 -7.73 20.91 36.63
CA ALA B 257 -8.91 20.22 37.19
C ALA B 257 -9.43 20.97 38.42
N THR B 258 -8.53 21.37 39.31
CA THR B 258 -8.94 22.21 40.46
C THR B 258 -9.64 23.46 39.97
N ASP B 259 -9.11 24.06 38.91
CA ASP B 259 -9.63 25.35 38.43
C ASP B 259 -11.06 25.26 37.90
N LEU B 260 -11.54 24.05 37.60
CA LEU B 260 -12.91 23.84 37.10
C LEU B 260 -13.90 24.32 38.11
N ARG B 261 -13.51 24.36 39.38
CA ARG B 261 -14.40 24.90 40.42
C ARG B 261 -14.62 26.40 40.29
N ASN B 262 -13.77 27.09 39.54
CA ASN B 262 -13.84 28.54 39.32
C ASN B 262 -14.46 28.93 37.98
N THR B 263 -14.88 28.08 37.15
N GLN C 15 -5.24 50.35 25.98
CA GLN C 15 -4.28 49.25 25.64
C GLN C 15 -2.93 49.47 26.34
N PRO C 16 -2.17 48.38 26.56
CA PRO C 16 -0.90 48.46 27.29
C PRO C 16 0.13 49.32 26.57
N GLU C 17 1.03 49.93 27.33
CA GLU C 17 2.05 50.80 26.77
C GLU C 17 2.86 50.05 25.75
N TYR C 18 3.12 48.75 25.98
CA TYR C 18 4.01 48.10 25.02
C TYR C 18 3.43 47.94 23.62
N PHE C 19 2.10 48.10 23.48
CA PHE C 19 1.48 48.00 22.16
C PHE C 19 2.01 49.07 21.21
N THR C 20 2.58 50.16 21.73
CA THR C 20 3.10 51.23 20.85
C THR C 20 4.60 51.48 21.08
N LYS C 21 5.27 50.47 21.63
CA LYS C 21 6.67 50.58 21.98
C LYS C 21 7.60 50.15 20.85
N TYR C 22 7.05 49.52 19.81
CA TYR C 22 7.88 48.89 18.78
C TYR C 22 7.50 49.34 17.39
N GLU C 23 8.44 50.07 16.76
CA GLU C 23 8.13 50.62 15.43
C GLU C 23 7.92 49.59 14.35
N ASN C 24 8.33 48.35 14.61
CA ASN C 24 8.18 47.26 13.66
C ASN C 24 7.17 46.20 14.05
N LEU C 25 6.34 46.50 15.05
CA LEU C 25 5.29 45.55 15.43
C LEU C 25 3.98 46.30 15.68
N HIS C 26 2.94 45.87 14.99
CA HIS C 26 1.59 46.35 15.28
C HIS C 26 0.84 45.35 16.17
N PHE C 27 0.14 45.86 17.18
CA PHE C 27 -0.60 45.02 18.14
C PHE C 27 -2.09 45.32 18.08
N HIS C 28 -2.90 44.27 18.05
CA HIS C 28 -4.36 44.40 18.13
C HIS C 28 -4.91 43.24 18.94
N ARG C 29 -5.70 43.52 19.97
CA ARG C 29 -6.21 42.46 20.83
C ARG C 29 -7.71 42.62 21.01
N ASP C 30 -8.43 41.51 20.95
CA ASP C 30 -9.89 41.54 21.11
C ASP C 30 -10.30 41.31 22.56
N GLU C 31 -11.62 41.31 22.77
CA GLU C 31 -12.17 41.16 24.10
C GLU C 31 -11.97 39.78 24.71
N ASN C 32 -11.58 38.82 23.86
CA ASN C 32 -11.30 37.43 24.28
C ASN C 32 -9.83 37.23 24.64
N GLY C 33 -9.04 38.29 24.49
CA GLY C 33 -7.62 38.23 24.79
C GLY C 33 -6.81 37.65 23.64
N ILE C 34 -7.35 37.63 22.43
CA ILE C 34 -6.63 37.17 21.25
C ILE C 34 -5.81 38.33 20.73
N LEU C 35 -4.49 38.19 20.73
CA LEU C 35 -3.59 39.27 20.35
C LEU C 35 -2.96 38.94 19.02
N GLU C 36 -3.13 39.81 18.02
CA GLU C 36 -2.43 39.70 16.75
C GLU C 36 -1.22 40.63 16.78
N VAL C 37 -0.03 40.04 16.61
CA VAL C 37 1.21 40.78 16.54
C VAL C 37 1.70 40.71 15.08
N ARG C 38 1.73 41.86 14.41
CA ARG C 38 2.09 41.91 13.00
C ARG C 38 3.40 42.66 12.76
N MET C 39 4.38 41.99 12.18
CA MET C 39 5.70 42.60 11.90
C MET C 39 5.56 43.44 10.65
N HIS C 40 6.17 44.63 10.64
CA HIS C 40 6.09 45.49 9.45
C HIS C 40 7.24 46.48 9.47
N THR C 41 7.50 47.04 8.27
CA THR C 41 8.42 48.18 8.12
C THR C 41 7.58 49.24 7.41
N ASN C 42 7.19 50.26 8.19
CA ASN C 42 6.35 51.38 7.69
C ASN C 42 5.09 50.85 7.01
N GLY C 43 4.51 49.82 7.61
CA GLY C 43 3.29 49.20 7.11
C GLY C 43 3.48 48.19 5.98
N SER C 44 4.70 48.08 5.45
CA SER C 44 5.03 47.09 4.44
C SER C 44 5.65 45.84 5.08
N SER C 45 5.93 44.85 4.24
CA SER C 45 6.62 43.62 4.69
C SER C 45 7.89 44.00 5.45
N LEU C 46 8.14 43.25 6.52
CA LEU C 46 9.29 43.54 7.37
C LEU C 46 10.65 43.46 6.63
N VAL C 47 11.44 44.52 6.82
CA VAL C 47 12.86 44.48 6.53
C VAL C 47 13.56 44.26 7.86
N PHE C 48 14.21 43.10 7.99
CA PHE C 48 14.84 42.78 9.29
C PHE C 48 16.10 43.62 9.48
N THR C 49 16.31 44.14 10.69
CA THR C 49 17.40 45.06 10.94
C THR C 49 18.10 44.76 12.24
N GLY C 50 19.20 45.46 12.51
CA GLY C 50 19.81 45.37 13.83
C GLY C 50 18.81 45.79 14.91
N LYS C 51 17.97 46.78 14.58
CA LYS C 51 16.96 47.28 15.50
C LYS C 51 15.92 46.20 15.88
N THR C 52 15.41 45.48 14.88
CA THR C 52 14.48 44.37 15.20
C THR C 52 15.22 43.25 15.95
N HIS C 53 16.48 43.02 15.62
CA HIS C 53 17.22 41.93 16.31
C HIS C 53 17.33 42.26 17.79
N ARG C 54 17.50 43.54 18.12
CA ARG C 54 17.61 44.00 19.50
C ARG C 54 16.25 44.12 20.19
N GLU C 55 15.25 44.59 19.46
CA GLU C 55 13.96 44.92 20.09
C GLU C 55 12.98 43.75 20.18
N PHE C 56 13.02 42.86 19.19
CA PHE C 56 12.08 41.72 19.19
C PHE C 56 12.16 40.86 20.47
N PRO C 57 13.38 40.59 21.00
CA PRO C 57 13.38 39.90 22.30
C PRO C 57 12.61 40.58 23.39
N ASP C 58 12.65 41.92 23.42
CA ASP C 58 11.91 42.67 24.46
C ASP C 58 10.42 42.61 24.18
N ALA C 59 10.06 42.67 22.90
CA ALA C 59 8.64 42.59 22.52
C ALA C 59 8.03 41.24 22.94
N PHE C 60 8.77 40.16 22.64
CA PHE C 60 8.23 38.84 22.98
C PHE C 60 8.17 38.66 24.50
N TYR C 61 9.15 39.24 25.22
CA TYR C 61 9.09 39.24 26.69
C TYR C 61 7.82 39.99 27.17
N ASP C 62 7.60 41.17 26.59
CA ASP C 62 6.44 41.98 27.00
C ASP C 62 5.14 41.24 26.73
N ILE C 63 5.05 40.60 25.58
CA ILE C 63 3.87 39.80 25.28
C ILE C 63 3.67 38.70 26.34
N SER C 64 4.79 38.05 26.70
CA SER C 64 4.71 36.91 27.62
C SER C 64 4.34 37.29 29.05
N ARG C 65 4.68 38.52 29.44
CA ARG C 65 4.40 39.02 30.80
C ARG C 65 2.94 39.36 31.00
N ASP C 66 2.27 39.76 29.92
CA ASP C 66 0.92 40.29 29.99
C ASP C 66 -0.12 39.16 30.01
N ARG C 67 -0.69 38.90 31.18
CA ARG C 67 -1.65 37.81 31.37
C ARG C 67 -2.98 38.01 30.59
N ASP C 68 -3.22 39.23 30.10
CA ASP C 68 -4.42 39.47 29.31
C ASP C 68 -4.30 38.88 27.90
N ASN C 69 -3.09 38.49 27.48
CA ASN C 69 -2.93 37.76 26.24
C ASN C 69 -3.27 36.29 26.46
N ARG C 70 -4.31 35.82 25.77
CA ARG C 70 -4.82 34.48 25.98
C ARG C 70 -4.55 33.58 24.81
N VAL C 71 -4.43 34.17 23.62
CA VAL C 71 -3.95 33.45 22.43
C VAL C 71 -3.17 34.45 21.63
N VAL C 72 -2.05 34.06 21.03
CA VAL C 72 -1.26 34.99 20.18
C VAL C 72 -1.22 34.53 18.75
N ILE C 73 -1.48 35.47 17.81
CA ILE C 73 -1.22 35.23 16.41
C ILE C 73 -0.04 36.07 15.96
N LEU C 74 0.99 35.42 15.43
CA LEU C 74 2.17 36.15 14.96
C LEU C 74 2.15 36.09 13.43
N THR C 75 2.27 37.27 12.80
CA THR C 75 2.21 37.33 11.33
C THR C 75 3.10 38.47 10.80
N GLY C 76 3.23 38.52 9.47
CA GLY C 76 3.92 39.63 8.83
C GLY C 76 2.91 40.49 8.07
N SER C 77 3.46 41.37 7.22
CA SER C 77 2.63 42.32 6.45
C SER C 77 2.87 42.11 4.97
N GLY C 78 1.89 42.49 4.15
CA GLY C 78 2.12 42.46 2.71
C GLY C 78 2.20 41.03 2.22
N ASP C 79 3.02 40.79 1.21
CA ASP C 79 3.04 39.45 0.59
C ASP C 79 4.24 38.58 0.97
N ALA C 80 5.01 39.03 1.97
CA ALA C 80 6.13 38.25 2.53
C ALA C 80 6.06 38.29 4.04
N TRP C 81 6.39 37.15 4.68
CA TRP C 81 6.46 37.08 6.14
C TRP C 81 7.78 37.73 6.59
N MET C 82 8.89 37.26 6.02
CA MET C 82 10.18 37.95 6.17
C MET C 82 11.06 37.52 5.04
N ALA C 83 11.37 38.46 4.14
CA ALA C 83 12.14 38.10 2.98
C ALA C 83 13.28 39.10 2.72
N GLU C 84 13.34 40.15 3.52
CA GLU C 84 14.33 41.23 3.33
C GLU C 84 15.12 41.46 4.60
N ILE C 85 16.38 41.86 4.43
CA ILE C 85 17.23 42.19 5.56
C ILE C 85 18.08 43.39 5.20
N ASP C 86 18.31 44.28 6.15
CA ASP C 86 19.27 45.37 6.01
C ASP C 86 20.56 44.85 6.68
N PHE C 87 21.38 44.10 5.95
CA PHE C 87 22.60 43.45 6.50
C PHE C 87 23.55 44.38 7.28
N PRO C 88 23.91 45.54 6.71
CA PRO C 88 24.83 46.41 7.44
C PRO C 88 24.25 46.89 8.75
N SER C 89 22.91 46.99 8.83
CA SER C 89 22.28 47.48 10.05
C SER C 89 22.48 46.51 11.22
N LEU C 90 22.91 45.28 10.93
CA LEU C 90 23.16 44.28 11.98
C LEU C 90 24.43 44.56 12.78
N GLY C 91 25.27 45.44 12.23
CA GLY C 91 26.54 45.80 12.86
C GLY C 91 27.64 45.01 12.20
N ASP C 92 28.88 45.25 12.59
CA ASP C 92 29.97 44.49 11.98
C ASP C 92 30.08 43.13 12.61
N VAL C 93 29.43 42.17 11.96
CA VAL C 93 29.35 40.81 12.50
C VAL C 93 30.73 40.15 12.58
N THR C 94 31.72 40.67 11.83
CA THR C 94 33.04 40.05 11.79
C THR C 94 33.88 40.46 13.00
N ASN C 95 33.36 41.38 13.81
CA ASN C 95 34.06 41.83 15.03
C ASN C 95 33.43 41.12 16.21
N PRO C 96 34.21 40.29 16.92
CA PRO C 96 33.56 39.50 18.01
C PRO C 96 32.91 40.35 19.09
N ARG C 97 33.39 41.58 19.30
CA ARG C 97 32.80 42.43 20.33
C ARG C 97 31.44 42.95 19.89
N GLU C 98 31.22 43.03 18.58
CA GLU C 98 29.91 43.37 18.06
C GLU C 98 29.02 42.14 17.94
N TRP C 99 29.61 41.05 17.46
CA TRP C 99 28.85 39.81 17.35
C TRP C 99 28.26 39.42 18.69
N ASP C 100 28.96 39.70 19.77
CA ASP C 100 28.44 39.30 21.08
C ASP C 100 27.05 39.85 21.33
N LYS C 101 26.76 41.06 20.84
CA LYS C 101 25.41 41.61 21.00
C LYS C 101 24.39 40.72 20.27
N THR C 102 24.73 40.35 19.03
CA THR C 102 23.89 39.46 18.24
C THR C 102 23.69 38.12 18.95
N TYR C 103 24.78 37.57 19.47
CA TYR C 103 24.76 36.32 20.22
C TYR C 103 23.79 36.42 21.41
N TRP C 104 23.96 37.45 22.24
CA TRP C 104 23.15 37.56 23.43
C TRP C 104 21.65 37.71 23.05
N GLU C 105 21.38 38.58 22.05
CA GLU C 105 20.02 38.83 21.58
C GLU C 105 19.44 37.58 20.91
N GLY C 106 20.30 36.78 20.25
CA GLY C 106 19.84 35.57 19.57
C GLY C 106 19.42 34.48 20.57
N LYS C 107 20.11 34.42 21.69
CA LYS C 107 19.68 33.51 22.75
C LYS C 107 18.37 34.02 23.34
N LYS C 108 18.31 35.33 23.61
CA LYS C 108 17.10 35.83 24.28
C LYS C 108 15.88 35.76 23.41
N VAL C 109 15.99 36.00 22.11
CA VAL C 109 14.77 36.04 21.29
C VAL C 109 14.03 34.70 21.33
N LEU C 110 14.76 33.57 21.24
CA LEU C 110 14.09 32.29 21.25
C LEU C 110 13.61 31.92 22.65
N GLN C 111 14.40 32.24 23.65
CA GLN C 111 13.98 31.98 25.01
C GLN C 111 12.67 32.73 25.29
N ASN C 112 12.62 33.99 24.89
CA ASN C 112 11.47 34.83 25.25
C ASN C 112 10.25 34.47 24.43
N LEU C 113 10.44 34.08 23.16
N LEU C 113 10.49 34.09 23.17
CA LEU C 113 9.33 33.57 22.32
CA LEU C 113 9.42 33.65 22.28
C LEU C 113 8.74 32.31 22.91
C LEU C 113 8.79 32.31 22.76
N LEU C 114 9.62 31.37 23.22
CA LEU C 114 9.13 30.09 23.73
C LEU C 114 8.40 30.28 25.07
N ASP C 115 8.81 31.32 25.82
CA ASP C 115 8.20 31.58 27.14
C ASP C 115 6.90 32.39 27.06
N ILE C 116 6.46 32.71 25.84
CA ILE C 116 5.04 33.11 25.70
C ILE C 116 4.21 31.91 26.22
N GLU C 117 3.33 32.17 27.17
CA GLU C 117 2.70 31.10 27.97
C GLU C 117 1.25 30.85 27.58
N VAL C 118 0.97 31.06 26.29
CA VAL C 118 -0.35 30.71 25.73
C VAL C 118 -0.10 30.15 24.32
N PRO C 119 -1.09 29.49 23.71
CA PRO C 119 -0.87 29.02 22.35
C PRO C 119 -0.54 30.18 21.40
N VAL C 120 0.37 29.88 20.49
CA VAL C 120 0.79 30.83 19.47
C VAL C 120 0.54 30.22 18.10
N ILE C 121 -0.22 30.96 17.30
CA ILE C 121 -0.55 30.64 15.93
C ILE C 121 0.32 31.46 15.01
N SER C 122 1.07 30.79 14.12
CA SER C 122 1.74 31.54 13.02
C SER C 122 0.80 31.65 11.85
N ALA C 123 0.67 32.88 11.35
CA ALA C 123 0.00 33.08 10.06
C ALA C 123 1.09 33.56 9.10
N VAL C 124 1.61 32.63 8.32
CA VAL C 124 2.75 32.90 7.46
C VAL C 124 2.18 33.43 6.14
N ASN C 125 2.35 34.74 5.94
CA ASN C 125 1.67 35.44 4.83
C ASN C 125 2.48 35.54 3.53
N GLY C 126 3.50 34.70 3.37
CA GLY C 126 4.31 34.68 2.14
C GLY C 126 5.72 34.28 2.52
N ALA C 127 6.68 34.61 1.68
CA ALA C 127 8.01 34.06 1.82
C ALA C 127 8.56 34.26 3.23
N ALA C 128 9.18 33.18 3.74
CA ALA C 128 9.89 33.18 5.02
C ALA C 128 11.28 32.64 4.73
N LEU C 129 12.16 33.57 4.33
CA LEU C 129 13.51 33.24 3.87
C LEU C 129 14.59 33.50 4.92
N LEU C 130 14.21 34.16 6.01
CA LEU C 130 15.10 34.29 7.17
C LEU C 130 14.23 34.29 8.42
N HIS C 131 14.88 33.93 9.52
CA HIS C 131 14.27 33.91 10.84
C HIS C 131 13.04 33.02 10.96
N SER C 132 12.94 32.01 10.09
CA SER C 132 11.87 31.04 10.17
C SER C 132 11.86 30.25 11.49
N GLU C 133 12.99 30.27 12.21
CA GLU C 133 13.02 29.67 13.56
C GLU C 133 11.92 30.27 14.46
N TYR C 134 11.55 31.55 14.24
CA TYR C 134 10.44 32.09 15.05
C TYR C 134 9.17 31.26 14.86
N ILE C 135 8.89 30.94 13.58
CA ILE C 135 7.69 30.14 13.25
C ILE C 135 7.75 28.78 13.95
N LEU C 136 8.94 28.23 14.00
CA LEU C 136 9.11 26.88 14.57
C LEU C 136 9.14 26.86 16.10
N THR C 137 8.79 27.98 16.73
CA THR C 137 8.46 27.96 18.17
C THR C 137 6.95 27.87 18.42
N THR C 138 6.17 28.14 17.36
CA THR C 138 4.71 28.28 17.49
C THR C 138 3.97 26.95 17.38
N ASP C 139 2.73 26.93 17.87
CA ASP C 139 1.96 25.70 18.05
C ASP C 139 1.10 25.25 16.88
N ILE C 140 0.61 26.23 16.11
CA ILE C 140 -0.26 25.99 14.95
C ILE C 140 0.28 26.84 13.83
N ILE C 141 0.59 26.22 12.69
CA ILE C 141 1.24 26.96 11.62
C ILE C 141 0.34 26.95 10.37
N LEU C 142 -0.10 28.16 9.99
CA LEU C 142 -0.96 28.36 8.83
C LEU C 142 -0.13 29.10 7.81
N ALA C 143 -0.24 28.75 6.52
CA ALA C 143 0.51 29.49 5.49
C ALA C 143 -0.37 29.82 4.31
N SER C 144 -0.16 31.01 3.75
CA SER C 144 -0.83 31.36 2.50
C SER C 144 -0.21 30.53 1.36
N GLU C 145 -0.97 30.34 0.28
CA GLU C 145 -0.51 29.48 -0.86
C GLU C 145 0.81 29.91 -1.52
N ASN C 146 1.11 31.21 -1.44
CA ASN C 146 2.35 31.79 -2.01
C ASN C 146 3.61 31.63 -1.15
N THR C 147 3.44 31.09 0.05
CA THR C 147 4.55 30.98 0.98
C THR C 147 5.63 30.02 0.49
N VAL C 148 6.88 30.43 0.71
CA VAL C 148 8.05 29.56 0.48
C VAL C 148 8.90 29.69 1.76
N PHE C 149 9.47 28.58 2.20
CA PHE C 149 10.40 28.56 3.36
C PHE C 149 11.79 28.26 2.88
N GLN C 150 12.76 28.99 3.42
CA GLN C 150 14.17 28.73 3.12
C GLN C 150 15.03 29.28 4.22
N ASP C 151 16.19 28.65 4.47
CA ASP C 151 17.25 29.35 5.20
C ASP C 151 18.16 30.04 4.19
N MET C 152 17.79 31.24 3.81
CA MET C 152 18.59 31.93 2.79
C MET C 152 19.96 32.51 3.24
N PRO C 153 19.99 33.27 4.35
CA PRO C 153 21.15 34.16 4.59
C PRO C 153 22.46 33.52 5.01
N HIS C 154 22.40 32.37 5.69
CA HIS C 154 23.60 31.89 6.35
C HIS C 154 24.66 31.42 5.37
N LEU C 155 24.29 30.47 4.51
CA LEU C 155 25.23 29.95 3.53
C LEU C 155 25.46 30.93 2.38
N ASN C 156 24.61 31.96 2.26
CA ASN C 156 24.94 33.09 1.39
C ASN C 156 26.11 33.91 1.94
N ALA C 157 26.08 34.20 3.24
CA ALA C 157 27.15 34.97 3.86
C ALA C 157 28.38 34.13 4.12
N GLY C 158 28.24 32.81 4.16
CA GLY C 158 29.33 31.94 4.54
C GLY C 158 29.49 31.76 6.07
N ILE C 159 28.38 31.84 6.82
CA ILE C 159 28.43 31.68 8.28
C ILE C 159 27.43 30.61 8.72
N VAL C 160 27.64 30.12 9.94
CA VAL C 160 26.87 28.96 10.40
C VAL C 160 25.40 29.29 10.52
N PRO C 161 24.52 28.40 10.06
CA PRO C 161 23.10 28.52 10.35
C PRO C 161 22.85 28.18 11.81
N GLY C 162 23.31 29.05 12.70
CA GLY C 162 23.46 28.68 14.12
C GLY C 162 22.53 29.41 15.05
N ASP C 163 21.49 30.04 14.51
CA ASP C 163 20.62 30.91 15.29
C ASP C 163 19.33 30.24 15.74
N GLY C 164 19.34 28.89 15.64
CA GLY C 164 18.17 28.09 16.03
C GLY C 164 17.62 27.29 14.85
N VAL C 165 17.88 27.75 13.63
CA VAL C 165 17.47 26.93 12.48
C VAL C 165 18.13 25.55 12.51
N HIS C 166 19.35 25.49 13.09
CA HIS C 166 20.08 24.21 13.18
C HIS C 166 19.46 23.18 14.14
N ILE C 167 18.58 23.65 15.02
CA ILE C 167 17.90 22.78 15.96
C ILE C 167 16.50 22.51 15.44
N LEU C 168 15.82 23.58 15.04
CA LEU C 168 14.37 23.51 14.78
C LEU C 168 14.02 22.94 13.41
N TRP C 169 14.84 23.23 12.38
CA TRP C 169 14.55 22.62 11.08
C TRP C 169 14.78 21.10 11.09
N PRO C 170 15.87 20.60 11.71
CA PRO C 170 15.96 19.13 11.85
C PRO C 170 14.91 18.52 12.80
N LEU C 171 14.37 19.28 13.75
N LEU C 171 14.39 19.32 13.73
CA LEU C 171 13.20 18.72 14.45
CA LEU C 171 13.27 18.84 14.52
C LEU C 171 12.03 18.61 13.51
C LEU C 171 11.97 18.75 13.68
N ALA C 172 11.80 19.70 12.76
CA ALA C 172 10.61 19.76 11.90
C ALA C 172 10.65 18.71 10.80
N LEU C 173 11.83 18.56 10.17
CA LEU C 173 11.97 17.67 8.99
C LEU C 173 12.67 16.36 9.29
N GLY C 174 13.05 16.15 10.55
CA GLY C 174 13.91 15.06 10.90
C GLY C 174 15.37 15.39 10.65
N LEU C 175 16.25 14.62 11.30
CA LEU C 175 17.67 14.88 11.24
C LEU C 175 18.31 14.47 9.95
N TYR C 176 17.53 14.07 8.94
CA TYR C 176 18.08 13.70 7.60
C TYR C 176 17.67 14.79 6.60
N ARG C 177 16.39 14.86 6.30
CA ARG C 177 15.92 15.96 5.45
C ARG C 177 16.26 17.33 6.03
N GLY C 178 16.26 17.50 7.36
CA GLY C 178 16.60 18.78 7.95
C GLY C 178 18.00 19.23 7.62
N ARG C 179 18.95 18.29 7.70
CA ARG C 179 20.35 18.64 7.35
C ARG C 179 20.48 18.89 5.85
N TYR C 180 19.78 18.11 5.03
CA TYR C 180 19.78 18.39 3.58
C TYR C 180 19.23 19.79 3.28
N PHE C 181 18.12 20.10 3.91
CA PHE C 181 17.44 21.40 3.74
C PHE C 181 18.39 22.54 4.07
N LEU C 182 19.15 22.41 5.15
CA LEU C 182 20.01 23.53 5.56
C LEU C 182 21.28 23.57 4.70
N PHE C 183 21.92 22.41 4.48
CA PHE C 183 23.19 22.40 3.72
C PHE C 183 23.02 22.82 2.27
N THR C 184 21.85 22.55 1.70
CA THR C 184 21.62 22.90 0.28
C THR C 184 20.75 24.13 0.12
N GLN C 185 20.36 24.80 1.21
CA GLN C 185 19.50 25.99 1.11
C GLN C 185 18.26 25.68 0.30
N GLU C 186 17.68 24.51 0.58
CA GLU C 186 16.47 24.09 -0.09
C GLU C 186 15.33 25.07 0.17
N LYS C 187 14.50 25.27 -0.86
CA LYS C 187 13.27 26.05 -0.73
C LYS C 187 12.10 25.10 -0.71
N LEU C 188 11.18 25.31 0.24
CA LEU C 188 9.95 24.52 0.36
C LEU C 188 8.75 25.40 0.07
N THR C 189 7.88 24.93 -0.82
CA THR C 189 6.62 25.62 -1.04
C THR C 189 5.68 25.38 0.13
N ALA C 190 4.60 26.16 0.23
CA ALA C 190 3.61 25.92 1.27
C ALA C 190 3.08 24.46 1.21
N GLN C 191 2.79 23.96 -0.01
CA GLN C 191 2.31 22.59 -0.18
C GLN C 191 3.34 21.56 0.28
N GLN C 192 4.62 21.78 -0.06
CA GLN C 192 5.64 20.85 0.39
C GLN C 192 5.72 20.84 1.92
N ALA C 193 5.68 22.04 2.52
CA ALA C 193 5.79 22.16 3.99
C ALA C 193 4.59 21.55 4.68
N TYR C 194 3.42 21.63 4.04
CA TYR C 194 2.21 20.94 4.52
C TYR C 194 2.38 19.42 4.50
N GLU C 195 2.87 18.89 3.39
CA GLU C 195 3.13 17.45 3.31
C GLU C 195 4.15 17.01 4.35
N LEU C 196 5.07 17.90 4.70
CA LEU C 196 6.13 17.60 5.68
C LEU C 196 5.68 17.89 7.13
N ASN C 197 4.40 18.25 7.30
CA ASN C 197 3.80 18.42 8.63
C ASN C 197 4.25 19.68 9.40
N VAL C 198 4.98 20.57 8.73
CA VAL C 198 5.41 21.84 9.29
C VAL C 198 4.28 22.86 9.23
N VAL C 199 3.70 22.99 8.03
CA VAL C 199 2.47 23.77 7.84
C VAL C 199 1.27 22.85 8.05
N HIS C 200 0.27 23.36 8.78
CA HIS C 200 -0.90 22.54 9.14
C HIS C 200 -2.13 22.82 8.31
N GLU C 201 -2.21 24.03 7.74
CA GLU C 201 -3.28 24.37 6.79
C GLU C 201 -2.68 25.35 5.81
N VAL C 202 -3.01 25.13 4.52
CA VAL C 202 -2.66 26.08 3.45
C VAL C 202 -3.91 26.83 3.01
N LEU C 203 -3.82 28.16 3.00
CA LEU C 203 -5.01 29.02 2.76
C LEU C 203 -4.72 29.98 1.63
N PRO C 204 -5.75 30.35 0.85
CA PRO C 204 -5.54 31.51 -0.02
C PRO C 204 -5.08 32.72 0.77
N GLN C 205 -4.26 33.57 0.17
CA GLN C 205 -3.85 34.83 0.83
C GLN C 205 -4.99 35.57 1.53
N SER C 206 -6.14 35.69 0.84
CA SER C 206 -7.26 36.52 1.32
C SER C 206 -8.00 35.90 2.48
N LYS C 207 -7.71 34.63 2.76
CA LYS C 207 -8.42 33.90 3.80
C LYS C 207 -7.57 33.51 5.00
N LEU C 208 -6.27 33.76 4.90
CA LEU C 208 -5.33 33.31 5.94
C LEU C 208 -5.66 33.92 7.30
N MET C 209 -5.79 35.23 7.38
CA MET C 209 -5.99 35.87 8.67
C MET C 209 -7.33 35.50 9.31
N GLU C 210 -8.40 35.41 8.51
CA GLU C 210 -9.70 35.02 9.05
C GLU C 210 -9.61 33.61 9.65
N ARG C 211 -8.90 32.71 8.98
CA ARG C 211 -8.75 31.34 9.53
C ARG C 211 -7.94 31.35 10.84
N ALA C 212 -6.87 32.14 10.88
CA ALA C 212 -6.10 32.30 12.13
C ALA C 212 -6.99 32.74 13.29
N TRP C 213 -7.82 33.75 13.03
CA TRP C 213 -8.71 34.27 14.05
C TRP C 213 -9.79 33.28 14.43
N GLU C 214 -10.28 32.51 13.44
CA GLU C 214 -11.27 31.47 13.73
C GLU C 214 -10.72 30.41 14.70
N ILE C 215 -9.51 29.95 14.42
CA ILE C 215 -8.87 28.96 15.28
C ILE C 215 -8.62 29.57 16.68
N ALA C 216 -8.17 30.83 16.71
CA ALA C 216 -7.96 31.52 17.96
C ALA C 216 -9.24 31.67 18.78
N ARG C 217 -10.37 31.99 18.14
CA ARG C 217 -11.62 32.15 18.89
C ARG C 217 -12.07 30.84 19.49
N THR C 218 -11.86 29.73 18.77
CA THR C 218 -12.15 28.41 19.32
C THR C 218 -11.28 28.08 20.55
N LEU C 219 -9.97 28.36 20.41
CA LEU C 219 -9.09 28.16 21.57
C LEU C 219 -9.47 29.06 22.74
N ALA C 220 -9.86 30.31 22.45
CA ALA C 220 -10.11 31.28 23.51
C ALA C 220 -11.31 30.93 24.39
N LYS C 221 -12.13 29.99 23.93
CA LYS C 221 -13.24 29.46 24.76
C LYS C 221 -12.73 28.57 25.89
N GLN C 222 -11.49 28.12 25.81
CA GLN C 222 -10.91 27.33 26.92
C GLN C 222 -10.72 28.19 28.18
N PRO C 223 -10.72 27.57 29.38
CA PRO C 223 -10.30 28.31 30.57
C PRO C 223 -8.86 28.81 30.38
N THR C 224 -8.56 29.98 30.92
CA THR C 224 -7.22 30.57 30.80
C THR C 224 -6.08 29.66 31.29
N LEU C 225 -6.21 29.04 32.46
CA LEU C 225 -5.10 28.18 32.96
C LEU C 225 -4.91 27.01 32.04
N ASN C 226 -5.97 26.50 31.43
CA ASN C 226 -5.80 25.42 30.49
C ASN C 226 -5.02 25.85 29.26
N LEU C 227 -5.33 27.02 28.73
CA LEU C 227 -4.53 27.50 27.61
C LEU C 227 -3.05 27.61 27.99
N ARG C 228 -2.80 28.20 29.16
CA ARG C 228 -1.42 28.45 29.59
C ARG C 228 -0.68 27.15 29.84
N TYR C 229 -1.30 26.21 30.58
CA TYR C 229 -0.60 25.00 30.97
C TYR C 229 -0.54 23.98 29.85
N THR C 230 -1.44 24.06 28.88
CA THR C 230 -1.27 23.19 27.71
C THR C 230 -0.06 23.67 26.90
N ARG C 231 0.10 25.00 26.73
CA ARG C 231 1.29 25.54 26.10
C ARG C 231 2.55 25.11 26.86
N VAL C 232 2.54 25.20 28.18
CA VAL C 232 3.69 24.78 28.97
C VAL C 232 4.02 23.29 28.73
N ALA C 233 3.02 22.42 28.82
CA ALA C 233 3.22 20.97 28.68
C ALA C 233 3.77 20.64 27.31
N LEU C 234 3.28 21.36 26.32
CA LEU C 234 3.64 21.05 24.92
C LEU C 234 4.97 21.71 24.51
N THR C 235 5.59 22.54 25.36
CA THR C 235 6.82 23.19 24.98
C THR C 235 8.01 22.79 25.85
N GLN C 236 7.82 21.91 26.84
CA GLN C 236 8.95 21.52 27.67
C GLN C 236 10.13 20.92 26.89
N ARG C 237 9.82 19.92 26.08
CA ARG C 237 10.88 19.23 25.32
C ARG C 237 11.51 20.22 24.32
N LEU C 238 10.64 20.98 23.64
CA LEU C 238 11.13 21.98 22.70
C LEU C 238 12.11 22.97 23.35
N LYS C 239 11.76 23.48 24.55
CA LYS C 239 12.62 24.44 25.22
C LYS C 239 13.96 23.78 25.56
N ARG C 240 13.90 22.53 26.03
CA ARG C 240 15.16 21.84 26.37
C ARG C 240 16.06 21.73 25.12
N LEU C 241 15.46 21.35 24.00
CA LEU C 241 16.27 21.17 22.76
C LEU C 241 16.83 22.49 22.27
N VAL C 242 16.06 23.56 22.40
CA VAL C 242 16.62 24.85 21.98
C VAL C 242 17.78 25.27 22.91
N ASN C 243 17.56 25.12 24.21
N ASN C 243 17.58 25.17 24.23
CA ASN C 243 18.55 25.47 25.17
CA ASN C 243 18.64 25.49 25.20
C ASN C 243 19.86 24.67 25.01
C ASN C 243 19.91 24.71 24.90
N GLU C 244 19.76 23.43 24.53
CA GLU C 244 20.94 22.60 24.32
C GLU C 244 21.89 23.20 23.28
N GLY C 245 21.32 23.73 22.21
CA GLY C 245 22.10 24.09 21.02
C GLY C 245 22.22 25.56 20.66
N ILE C 246 21.41 26.42 21.27
CA ILE C 246 21.34 27.78 20.75
C ILE C 246 22.63 28.58 20.99
N GLY C 247 23.18 28.54 22.21
CA GLY C 247 24.40 29.30 22.46
C GLY C 247 25.55 28.80 21.63
N TYR C 248 25.74 27.47 21.60
CA TYR C 248 26.82 26.89 20.82
C TYR C 248 26.69 27.28 19.36
N GLY C 249 25.49 27.15 18.79
CA GLY C 249 25.31 27.53 17.36
C GLY C 249 25.70 28.98 17.11
N LEU C 250 25.26 29.87 18.00
CA LEU C 250 25.52 31.31 17.79
C LEU C 250 27.02 31.63 18.00
N ALA C 251 27.69 30.93 18.90
CA ALA C 251 29.13 31.09 19.07
C ALA C 251 29.91 30.64 17.85
N LEU C 252 29.59 29.44 17.35
CA LEU C 252 30.19 28.94 16.13
C LEU C 252 29.95 29.92 14.98
N GLU C 253 28.72 30.39 14.87
CA GLU C 253 28.37 31.36 13.81
C GLU C 253 29.26 32.58 13.94
N GLY C 254 29.47 33.09 15.16
CA GLY C 254 30.33 34.23 15.37
C GLY C 254 31.75 33.99 14.87
N ILE C 255 32.30 32.81 15.16
CA ILE C 255 33.65 32.52 14.69
C ILE C 255 33.69 32.56 13.16
N THR C 256 32.67 31.99 12.51
CA THR C 256 32.69 32.01 11.04
C THR C 256 32.53 33.44 10.53
N ALA C 257 31.81 34.30 11.26
CA ALA C 257 31.69 35.70 10.84
C ALA C 257 33.05 36.38 10.99
N THR C 258 33.77 36.12 12.09
CA THR C 258 35.12 36.66 12.25
C THR C 258 36.01 36.24 11.09
N ASP C 259 35.88 34.98 10.69
CA ASP C 259 36.76 34.43 9.66
C ASP C 259 36.61 35.11 8.29
N LEU C 260 35.49 35.79 8.08
CA LEU C 260 35.26 36.49 6.81
C LEU C 260 36.32 37.56 6.57
N ARG C 261 36.98 38.03 7.63
CA ARG C 261 38.13 38.96 7.52
C ARG C 261 39.43 38.31 7.09
N ASN C 262 39.54 36.99 7.23
CA ASN C 262 40.76 36.28 6.82
C ASN C 262 40.90 36.16 5.31
N THR C 263 40.00 36.49 4.54
N GLN D 15 57.35 -4.97 22.58
CA GLN D 15 56.74 -3.63 22.91
C GLN D 15 55.93 -3.12 21.73
N PRO D 16 54.71 -2.63 21.98
CA PRO D 16 54.02 -2.06 20.84
C PRO D 16 54.76 -0.84 20.27
N GLU D 17 54.59 -0.59 18.97
CA GLU D 17 55.29 0.52 18.31
C GLU D 17 54.90 1.86 18.95
N TYR D 18 53.63 2.01 19.33
CA TYR D 18 53.23 3.29 19.90
C TYR D 18 53.97 3.67 21.20
N PHE D 19 54.56 2.69 21.90
CA PHE D 19 55.30 3.00 23.14
C PHE D 19 56.44 3.97 22.88
N THR D 20 56.95 4.01 21.65
CA THR D 20 58.08 4.90 21.30
C THR D 20 57.77 5.93 20.21
N LYS D 21 56.48 6.26 20.07
CA LYS D 21 55.99 7.16 19.04
C LYS D 21 55.94 8.61 19.54
N TYR D 22 55.96 8.80 20.87
CA TYR D 22 55.66 10.13 21.45
C TYR D 22 56.83 10.64 22.26
N GLU D 23 57.49 11.70 21.78
CA GLU D 23 58.72 12.14 22.44
C GLU D 23 58.49 12.69 23.84
N ASN D 24 57.24 13.05 24.13
CA ASN D 24 56.90 13.58 25.44
C ASN D 24 56.17 12.60 26.39
N LEU D 25 56.10 11.32 26.00
CA LEU D 25 55.50 10.29 26.85
C LEU D 25 56.36 9.03 26.90
N HIS D 26 56.80 8.69 28.09
CA HIS D 26 57.48 7.42 28.29
C HIS D 26 56.47 6.37 28.71
N PHE D 27 56.59 5.18 28.13
CA PHE D 27 55.70 4.04 28.40
C PHE D 27 56.47 2.90 29.02
N HIS D 28 55.90 2.33 30.06
CA HIS D 28 56.47 1.14 30.69
C HIS D 28 55.32 0.25 31.14
N ARG D 29 55.32 -1.01 30.67
CA ARG D 29 54.22 -1.93 31.03
C ARG D 29 54.74 -3.23 31.63
N ASP D 30 54.16 -3.69 32.73
CA ASP D 30 54.59 -4.96 33.35
C ASP D 30 53.82 -6.15 32.79
N GLU D 31 54.13 -7.34 33.31
CA GLU D 31 53.53 -8.57 32.80
C GLU D 31 52.06 -8.71 33.18
N ASN D 32 51.60 -7.84 34.09
CA ASN D 32 50.16 -7.84 34.50
C ASN D 32 49.33 -6.87 33.65
N GLY D 33 49.98 -6.24 32.68
CA GLY D 33 49.34 -5.25 31.83
C GLY D 33 49.17 -3.89 32.50
N ILE D 34 49.91 -3.61 33.56
CA ILE D 34 49.91 -2.29 34.20
C ILE D 34 50.83 -1.40 33.41
N LEU D 35 50.29 -0.35 32.81
CA LEU D 35 51.05 0.58 31.97
C LEU D 35 51.22 1.90 32.69
N GLU D 36 52.47 2.33 32.92
CA GLU D 36 52.75 3.66 33.41
C GLU D 36 53.14 4.54 32.23
N VAL D 37 52.44 5.68 32.12
CA VAL D 37 52.69 6.67 31.08
C VAL D 37 53.16 7.94 31.80
N ARG D 38 54.39 8.33 31.49
CA ARG D 38 55.00 9.47 32.16
C ARG D 38 55.26 10.60 31.17
N MET D 39 54.69 11.76 31.46
CA MET D 39 54.89 12.95 30.63
C MET D 39 56.23 13.59 30.97
N HIS D 40 56.97 13.98 29.93
CA HIS D 40 58.26 14.66 30.15
C HIS D 40 58.64 15.48 28.93
N THR D 41 59.54 16.45 29.17
CA THR D 41 60.18 17.19 28.10
C THR D 41 61.67 16.91 28.20
N ASN D 42 62.15 16.06 27.30
CA ASN D 42 63.56 15.65 27.28
C ASN D 42 64.08 15.28 28.65
N GLY D 43 63.30 14.52 29.41
CA GLY D 43 63.75 14.04 30.69
C GLY D 43 63.44 14.92 31.87
N SER D 44 62.87 16.11 31.62
CA SER D 44 62.49 17.06 32.67
C SER D 44 60.96 17.09 32.79
N SER D 45 60.47 17.80 33.80
CA SER D 45 59.01 18.04 33.89
C SER D 45 58.47 18.59 32.56
N LEU D 46 57.23 18.21 32.23
CA LEU D 46 56.68 18.57 30.92
C LEU D 46 56.50 20.08 30.75
N VAL D 47 56.95 20.54 29.59
CA VAL D 47 56.60 21.86 29.08
C VAL D 47 55.53 21.59 28.01
N PHE D 48 54.30 22.06 28.27
CA PHE D 48 53.23 21.76 27.33
C PHE D 48 53.43 22.58 26.05
N THR D 49 53.16 21.96 24.91
CA THR D 49 53.41 22.62 23.64
C THR D 49 52.27 22.39 22.66
N GLY D 50 52.32 23.08 21.52
CA GLY D 50 51.41 22.76 20.41
C GLY D 50 51.55 21.29 20.00
N LYS D 51 52.79 20.78 20.04
CA LYS D 51 53.04 19.40 19.70
C LYS D 51 52.34 18.44 20.67
N THR D 52 52.47 18.66 21.99
CA THR D 52 51.77 17.76 22.92
C THR D 52 50.24 17.93 22.76
N HIS D 53 49.81 19.15 22.49
CA HIS D 53 48.37 19.34 22.27
C HIS D 53 47.84 18.50 21.10
N ARG D 54 48.65 18.35 20.06
CA ARG D 54 48.26 17.60 18.88
C ARG D 54 48.47 16.09 19.06
N GLU D 55 49.58 15.73 19.71
CA GLU D 55 49.94 14.32 19.83
C GLU D 55 49.24 13.55 20.97
N PHE D 56 49.04 14.21 22.11
CA PHE D 56 48.43 13.51 23.23
C PHE D 56 47.08 12.85 22.90
N PRO D 57 46.19 13.52 22.13
CA PRO D 57 44.96 12.77 21.78
C PRO D 57 45.23 11.46 21.05
N ASP D 58 46.24 11.43 20.18
CA ASP D 58 46.58 10.16 19.48
C ASP D 58 47.19 9.15 20.48
N ALA D 59 48.01 9.62 21.43
CA ALA D 59 48.61 8.71 22.41
C ALA D 59 47.51 8.07 23.25
N PHE D 60 46.55 8.88 23.71
CA PHE D 60 45.47 8.33 24.52
C PHE D 60 44.58 7.36 23.74
N TYR D 61 44.36 7.66 22.44
CA TYR D 61 43.65 6.72 21.59
C TYR D 61 44.42 5.38 21.51
N ASP D 62 45.74 5.49 21.33
CA ASP D 62 46.55 4.27 21.12
C ASP D 62 46.51 3.42 22.36
N ILE D 63 46.59 4.06 23.51
CA ILE D 63 46.49 3.38 24.81
C ILE D 63 45.14 2.64 24.87
N SER D 64 44.08 3.36 24.49
CA SER D 64 42.73 2.82 24.65
C SER D 64 42.48 1.62 23.70
N ARG D 65 43.16 1.59 22.55
CA ARG D 65 42.97 0.53 21.56
C ARG D 65 43.57 -0.79 21.98
N ASP D 66 44.67 -0.70 22.72
CA ASP D 66 45.51 -1.86 23.00
C ASP D 66 44.96 -2.61 24.20
N ARG D 67 44.38 -3.79 23.94
CA ARG D 67 43.75 -4.57 24.99
C ARG D 67 44.70 -5.18 26.02
N ASP D 68 46.01 -5.08 25.75
CA ASP D 68 47.00 -5.55 26.74
C ASP D 68 47.19 -4.57 27.89
N ASN D 69 46.66 -3.37 27.73
CA ASN D 69 46.66 -2.42 28.84
C ASN D 69 45.51 -2.77 29.78
N ARG D 70 45.83 -3.14 31.01
CA ARG D 70 44.81 -3.61 31.96
C ARG D 70 44.57 -2.64 33.11
N VAL D 71 45.58 -1.85 33.45
CA VAL D 71 45.45 -0.69 34.34
C VAL D 71 46.39 0.35 33.81
N VAL D 72 46.01 1.62 33.89
CA VAL D 72 46.94 2.68 33.46
C VAL D 72 47.27 3.61 34.61
N ILE D 73 48.55 3.97 34.72
CA ILE D 73 49.02 5.01 35.65
C ILE D 73 49.52 6.18 34.83
N LEU D 74 48.94 7.36 35.02
CA LEU D 74 49.36 8.56 34.28
C LEU D 74 50.08 9.48 35.27
N THR D 75 51.31 9.91 34.90
CA THR D 75 52.08 10.74 35.82
C THR D 75 52.97 11.71 35.03
N GLY D 76 53.63 12.60 35.77
CA GLY D 76 54.61 13.50 35.17
C GLY D 76 56.02 13.13 35.66
N SER D 77 56.96 14.03 35.39
CA SER D 77 58.38 13.81 35.65
C SER D 77 58.91 14.88 36.56
N GLY D 78 59.92 14.54 37.36
CA GLY D 78 60.55 15.58 38.19
C GLY D 78 59.63 16.08 39.28
N ASP D 79 59.74 17.36 39.56
CA ASP D 79 59.05 17.96 40.70
C ASP D 79 57.70 18.60 40.39
N ALA D 80 57.27 18.51 39.14
CA ALA D 80 55.98 19.08 38.73
C ALA D 80 55.27 18.09 37.80
N TRP D 81 53.94 18.03 37.92
CA TRP D 81 53.11 17.24 37.01
C TRP D 81 52.99 17.97 35.66
N MET D 82 52.53 19.23 35.70
CA MET D 82 52.56 20.09 34.52
C MET D 82 52.48 21.52 35.02
N ALA D 83 53.57 22.25 34.89
CA ALA D 83 53.61 23.61 35.44
C ALA D 83 54.17 24.65 34.46
N GLU D 84 54.51 24.20 33.25
CA GLU D 84 55.12 25.04 32.23
C GLU D 84 54.42 24.86 30.89
N ILE D 85 54.38 25.95 30.13
CA ILE D 85 53.77 25.92 28.81
C ILE D 85 54.64 26.77 27.89
N ASP D 86 54.81 26.32 26.66
CA ASP D 86 55.43 27.13 25.61
C ASP D 86 54.28 27.77 24.81
N PHE D 87 53.81 28.94 25.25
CA PHE D 87 52.57 29.50 24.67
C PHE D 87 52.70 29.77 23.14
N PRO D 88 53.82 30.36 22.69
CA PRO D 88 53.99 30.55 21.24
C PRO D 88 53.86 29.25 20.42
N SER D 89 54.30 28.13 20.97
CA SER D 89 54.26 26.86 20.23
C SER D 89 52.84 26.38 20.00
N LEU D 90 51.86 26.98 20.69
CA LEU D 90 50.45 26.65 20.47
C LEU D 90 49.90 27.08 19.11
N GLY D 91 50.65 27.94 18.42
CA GLY D 91 50.18 28.49 17.16
C GLY D 91 49.56 29.86 17.39
N ASP D 92 49.19 30.52 16.31
CA ASP D 92 48.55 31.84 16.46
C ASP D 92 47.09 31.67 16.85
N VAL D 93 46.86 31.63 18.16
CA VAL D 93 45.56 31.36 18.72
C VAL D 93 44.54 32.42 18.35
N THR D 94 45.02 33.61 17.95
CA THR D 94 44.16 34.73 17.61
C THR D 94 43.55 34.59 16.23
N ASN D 95 44.03 33.62 15.44
CA ASN D 95 43.48 33.36 14.12
C ASN D 95 42.53 32.17 14.25
N PRO D 96 41.21 32.35 13.95
CA PRO D 96 40.30 31.19 14.14
C PRO D 96 40.66 29.95 13.32
N ARG D 97 41.39 30.12 12.20
CA ARG D 97 41.86 28.97 11.42
C ARG D 97 42.93 28.14 12.12
N GLU D 98 43.71 28.78 12.98
CA GLU D 98 44.66 28.10 13.83
C GLU D 98 44.02 27.62 15.11
N TRP D 99 43.20 28.46 15.73
CA TRP D 99 42.49 27.98 16.94
C TRP D 99 41.66 26.74 16.62
N ASP D 100 41.15 26.61 15.39
CA ASP D 100 40.32 25.44 15.10
C ASP D 100 41.10 24.12 15.30
N LYS D 101 42.42 24.14 15.09
CA LYS D 101 43.19 22.92 15.36
C LYS D 101 43.16 22.63 16.86
N THR D 102 43.34 23.67 17.66
CA THR D 102 43.31 23.54 19.12
C THR D 102 41.92 23.05 19.61
N TYR D 103 40.86 23.62 19.04
CA TYR D 103 39.48 23.22 19.32
C TYR D 103 39.25 21.72 19.00
N TRP D 104 39.60 21.30 17.77
CA TRP D 104 39.38 19.91 17.40
C TRP D 104 40.18 18.98 18.32
N GLU D 105 41.45 19.33 18.56
CA GLU D 105 42.32 18.52 19.42
C GLU D 105 41.87 18.53 20.88
N GLY D 106 41.26 19.65 21.30
CA GLY D 106 40.80 19.80 22.68
C GLY D 106 39.57 18.94 22.94
N LYS D 107 38.70 18.79 21.93
CA LYS D 107 37.59 17.82 22.04
C LYS D 107 38.12 16.39 22.03
N LYS D 108 39.00 16.09 21.08
CA LYS D 108 39.53 14.71 20.97
C LYS D 108 40.32 14.29 22.20
N VAL D 109 41.11 15.17 22.80
CA VAL D 109 41.97 14.68 23.90
C VAL D 109 41.13 14.15 25.06
N LEU D 110 40.06 14.85 25.45
CA LEU D 110 39.26 14.36 26.57
C LEU D 110 38.40 13.16 26.16
N GLN D 111 37.85 13.18 24.95
CA GLN D 111 37.10 12.01 24.49
C GLN D 111 37.98 10.75 24.50
N ASN D 112 39.19 10.91 23.99
CA ASN D 112 40.07 9.74 23.89
C ASN D 112 40.61 9.28 25.23
N LEU D 113 40.90 10.23 26.11
CA LEU D 113 41.36 9.91 27.46
C LEU D 113 40.26 9.20 28.25
N LEU D 114 39.03 9.71 28.16
CA LEU D 114 37.91 9.07 28.88
C LEU D 114 37.63 7.67 28.33
N ASP D 115 37.88 7.49 27.02
CA ASP D 115 37.65 6.20 26.37
C ASP D 115 38.75 5.15 26.61
N ILE D 116 39.79 5.48 27.40
CA ILE D 116 40.65 4.40 27.94
C ILE D 116 39.68 3.52 28.74
N GLU D 117 39.69 2.22 28.42
CA GLU D 117 38.64 1.30 28.89
C GLU D 117 39.13 0.40 30.01
N VAL D 118 40.04 0.92 30.83
CA VAL D 118 40.46 0.27 32.07
C VAL D 118 40.65 1.34 33.14
N PRO D 119 40.73 0.95 34.42
CA PRO D 119 40.94 1.98 35.46
C PRO D 119 42.20 2.75 35.23
N VAL D 120 42.10 4.06 35.48
CA VAL D 120 43.25 4.96 35.34
C VAL D 120 43.55 5.60 36.70
N ILE D 121 44.82 5.46 37.11
CA ILE D 121 45.32 6.05 38.34
C ILE D 121 46.16 7.28 37.96
N SER D 122 45.85 8.43 38.57
CA SER D 122 46.75 9.58 38.47
C SER D 122 47.75 9.55 39.61
N ALA D 123 49.03 9.71 39.26
CA ALA D 123 50.07 9.91 40.27
C ALA D 123 50.58 11.32 40.05
N VAL D 124 50.05 12.26 40.83
CA VAL D 124 50.32 13.66 40.60
C VAL D 124 51.59 13.97 41.39
N ASN D 125 52.69 14.22 40.65
CA ASN D 125 54.03 14.28 41.25
C ASN D 125 54.49 15.68 41.59
N GLY D 126 53.57 16.62 41.69
CA GLY D 126 53.92 17.99 42.02
C GLY D 126 52.93 18.92 41.36
N ALA D 127 53.32 20.17 41.18
CA ALA D 127 52.39 21.19 40.66
C ALA D 127 51.65 20.80 39.40
N ALA D 128 50.33 21.01 39.43
CA ALA D 128 49.46 20.79 38.28
C ALA D 128 48.73 22.13 38.05
N LEU D 129 49.38 22.99 37.27
CA LEU D 129 48.93 24.38 37.11
C LEU D 129 48.25 24.58 35.77
N LEU D 130 48.29 23.58 34.89
CA LEU D 130 47.54 23.64 33.62
C LEU D 130 47.19 22.21 33.27
N HIS D 131 46.16 22.07 32.44
CA HIS D 131 45.68 20.76 32.00
C HIS D 131 45.33 19.74 33.07
N SER D 132 44.99 20.26 34.24
CA SER D 132 44.55 19.39 35.32
C SER D 132 43.24 18.65 35.00
N GLU D 133 42.49 19.11 33.99
CA GLU D 133 41.35 18.31 33.55
C GLU D 133 41.73 16.88 33.18
N TYR D 134 42.98 16.63 32.74
CA TYR D 134 43.34 15.24 32.47
C TYR D 134 43.17 14.39 33.74
N ILE D 135 43.64 14.95 34.87
CA ILE D 135 43.59 14.22 36.14
C ILE D 135 42.14 13.92 36.50
N LEU D 136 41.25 14.86 36.17
CA LEU D 136 39.84 14.74 36.54
C LEU D 136 39.03 13.84 35.60
N THR D 137 39.72 13.09 34.73
CA THR D 137 39.10 11.97 34.01
C THR D 137 39.42 10.65 34.70
N THR D 138 40.36 10.66 35.65
CA THR D 138 40.89 9.39 36.17
C THR D 138 40.15 8.93 37.42
N ASP D 139 40.33 7.64 37.73
CA ASP D 139 39.52 6.96 38.74
C ASP D 139 40.02 7.05 40.18
N ILE D 140 41.36 7.10 40.32
CA ILE D 140 42.04 7.11 41.61
C ILE D 140 43.13 8.15 41.51
N ILE D 141 43.08 9.12 42.41
CA ILE D 141 43.99 10.27 42.32
C ILE D 141 44.89 10.28 43.57
N LEU D 142 46.19 10.07 43.32
CA LEU D 142 47.21 10.10 44.37
C LEU D 142 48.07 11.32 44.15
N ALA D 143 48.48 12.01 45.21
CA ALA D 143 49.32 13.21 45.02
C ALA D 143 50.48 13.22 46.00
N SER D 144 51.62 13.70 45.50
CA SER D 144 52.76 13.92 46.40
C SER D 144 52.48 15.14 47.29
N GLU D 145 53.14 15.19 48.45
CA GLU D 145 52.89 16.25 49.44
C GLU D 145 53.10 17.67 48.89
N ASN D 146 54.00 17.79 47.91
CA ASN D 146 54.34 19.07 47.29
C ASN D 146 53.35 19.54 46.24
N THR D 147 52.36 18.72 45.95
CA THR D 147 51.45 19.02 44.84
C THR D 147 50.59 20.24 45.15
N VAL D 148 50.40 21.09 44.13
CA VAL D 148 49.42 22.18 44.17
C VAL D 148 48.59 22.09 42.89
N PHE D 149 47.29 22.39 42.98
CA PHE D 149 46.40 22.46 41.81
C PHE D 149 46.00 23.90 41.58
N GLN D 150 45.95 24.28 40.31
CA GLN D 150 45.50 25.63 39.94
C GLN D 150 45.14 25.62 38.46
N ASP D 151 44.15 26.43 38.09
CA ASP D 151 44.00 26.78 36.70
C ASP D 151 44.74 28.11 36.42
N MET D 152 46.03 27.99 36.16
CA MET D 152 46.88 29.18 35.98
C MET D 152 46.69 29.98 34.65
N PRO D 153 46.73 29.31 33.49
CA PRO D 153 47.01 30.07 32.26
C PRO D 153 45.85 30.88 31.71
N HIS D 154 44.62 30.46 31.97
CA HIS D 154 43.50 31.05 31.24
C HIS D 154 43.27 32.50 31.61
N LEU D 155 43.11 32.79 32.90
CA LEU D 155 42.91 34.17 33.32
C LEU D 155 44.21 34.97 33.32
N ASN D 156 45.36 34.30 33.26
CA ASN D 156 46.60 35.03 33.01
C ASN D 156 46.66 35.56 31.59
N ALA D 157 46.15 34.79 30.65
CA ALA D 157 46.10 35.21 29.25
C ALA D 157 44.91 36.09 28.90
N GLY D 158 43.80 35.90 29.61
CA GLY D 158 42.56 36.59 29.31
C GLY D 158 41.64 35.81 28.37
N ILE D 159 41.68 34.47 28.45
CA ILE D 159 40.83 33.62 27.62
C ILE D 159 40.02 32.65 28.49
N VAL D 160 38.96 32.09 27.92
CA VAL D 160 38.03 31.31 28.74
C VAL D 160 38.72 30.03 29.22
N PRO D 161 38.50 29.64 30.50
CA PRO D 161 38.92 28.30 30.96
C PRO D 161 37.92 27.27 30.43
N GLY D 162 37.98 27.03 29.11
CA GLY D 162 36.90 26.34 28.38
C GLY D 162 37.30 24.98 27.84
N ASP D 163 38.43 24.45 28.32
CA ASP D 163 39.02 23.24 27.77
C ASP D 163 38.65 21.99 28.55
N GLY D 164 37.65 22.11 29.42
CA GLY D 164 37.18 20.97 30.21
C GLY D 164 37.30 21.30 31.69
N VAL D 165 38.20 22.24 32.05
CA VAL D 165 38.24 22.65 33.47
C VAL D 165 36.91 23.24 33.94
N HIS D 166 36.17 23.87 33.01
CA HIS D 166 34.89 24.53 33.32
C HIS D 166 33.82 23.52 33.71
N ILE D 167 34.01 22.26 33.29
CA ILE D 167 33.06 21.17 33.61
C ILE D 167 33.56 20.36 34.79
N LEU D 168 34.85 19.99 34.73
CA LEU D 168 35.37 19.01 35.68
C LEU D 168 35.74 19.61 37.05
N TRP D 169 36.22 20.86 37.09
CA TRP D 169 36.47 21.45 38.42
C TRP D 169 35.19 21.66 39.21
N PRO D 170 34.13 22.21 38.57
CA PRO D 170 32.85 22.27 39.30
C PRO D 170 32.22 20.90 39.59
N LEU D 171 32.58 19.87 38.84
N LEU D 171 32.56 19.87 38.83
CA LEU D 171 32.14 18.53 39.20
CA LEU D 171 32.17 18.52 39.25
C LEU D 171 32.95 18.00 40.41
C LEU D 171 32.92 18.16 40.53
N ALA D 172 34.23 18.35 40.50
CA ALA D 172 35.08 17.91 41.62
C ALA D 172 34.77 18.67 42.91
N LEU D 173 34.62 19.98 42.79
CA LEU D 173 34.48 20.87 43.95
C LEU D 173 33.05 21.30 44.18
N GLY D 174 32.16 20.88 43.30
CA GLY D 174 30.80 21.35 43.32
C GLY D 174 30.69 22.69 42.57
N LEU D 175 29.47 23.03 42.23
CA LEU D 175 29.21 24.19 41.36
C LEU D 175 29.32 25.53 42.05
N TYR D 176 29.77 25.56 43.29
CA TYR D 176 29.99 26.82 44.03
C TYR D 176 31.50 27.00 44.20
N ARG D 177 32.14 26.15 45.01
CA ARG D 177 33.60 26.22 45.12
C ARG D 177 34.31 26.05 43.79
N GLY D 178 33.74 25.28 42.88
CA GLY D 178 34.37 25.08 41.57
C GLY D 178 34.44 26.35 40.75
N ARG D 179 33.36 27.15 40.81
CA ARG D 179 33.40 28.45 40.13
C ARG D 179 34.31 29.48 40.83
N TYR D 180 34.30 29.49 42.16
CA TYR D 180 35.24 30.33 42.91
C TYR D 180 36.69 29.99 42.56
N PHE D 181 36.99 28.70 42.52
CA PHE D 181 38.34 28.22 42.23
C PHE D 181 38.78 28.71 40.85
N LEU D 182 37.91 28.59 39.84
CA LEU D 182 38.29 29.03 38.50
C LEU D 182 38.36 30.56 38.36
N PHE D 183 37.34 31.27 38.83
CA PHE D 183 37.29 32.70 38.68
C PHE D 183 38.37 33.44 39.42
N THR D 184 38.80 32.92 40.57
CA THR D 184 39.88 33.57 41.35
C THR D 184 41.24 32.91 41.17
N GLN D 185 41.34 31.90 40.29
CA GLN D 185 42.64 31.21 40.08
C GLN D 185 43.18 30.71 41.44
N GLU D 186 42.29 30.19 42.26
CA GLU D 186 42.66 29.59 43.54
C GLU D 186 43.70 28.50 43.40
N LYS D 187 44.63 28.44 44.36
CA LYS D 187 45.59 27.34 44.44
C LYS D 187 45.20 26.43 45.59
N LEU D 188 45.19 25.12 45.34
CA LEU D 188 44.89 24.12 46.35
C LEU D 188 46.14 23.29 46.62
N THR D 189 46.50 23.13 47.89
CA THR D 189 47.59 22.22 48.22
C THR D 189 47.08 20.78 48.12
N ALA D 190 48.01 19.82 48.17
CA ALA D 190 47.60 18.42 48.18
C ALA D 190 46.66 18.12 49.36
N GLN D 191 46.94 18.69 50.53
CA GLN D 191 46.11 18.44 51.68
C GLN D 191 44.71 19.05 51.50
N GLN D 192 44.63 20.27 50.95
CA GLN D 192 43.32 20.85 50.70
C GLN D 192 42.54 19.98 49.72
N ALA D 193 43.20 19.53 48.66
CA ALA D 193 42.52 18.71 47.65
C ALA D 193 42.06 17.37 48.18
N TYR D 194 42.83 16.86 49.14
CA TYR D 194 42.43 15.64 49.84
C TYR D 194 41.16 15.84 50.68
N GLU D 195 41.12 16.96 51.42
CA GLU D 195 39.92 17.26 52.20
C GLU D 195 38.71 17.51 51.31
N LEU D 196 38.98 17.95 50.07
CA LEU D 196 37.94 18.25 49.07
C LEU D 196 37.56 17.00 48.25
N ASN D 197 38.15 15.84 48.59
CA ASN D 197 37.82 14.56 47.95
C ASN D 197 38.30 14.35 46.52
N VAL D 198 39.15 15.29 46.07
CA VAL D 198 39.73 15.20 44.74
C VAL D 198 40.97 14.29 44.77
N VAL D 199 41.86 14.53 45.74
CA VAL D 199 42.99 13.64 46.00
C VAL D 199 42.54 12.62 47.04
N HIS D 200 42.87 11.36 46.77
CA HIS D 200 42.45 10.26 47.63
C HIS D 200 43.50 9.79 48.61
N GLU D 201 44.76 9.99 48.25
CA GLU D 201 45.86 9.70 49.19
C GLU D 201 46.95 10.70 48.91
N VAL D 202 47.55 11.22 50.00
CA VAL D 202 48.68 12.12 49.91
C VAL D 202 49.92 11.36 50.36
N LEU D 203 50.96 11.37 49.52
CA LEU D 203 52.13 10.57 49.80
C LEU D 203 53.40 11.42 49.77
N PRO D 204 54.44 11.01 50.51
CA PRO D 204 55.73 11.65 50.27
C PRO D 204 56.16 11.46 48.83
N GLN D 205 56.89 12.43 48.29
CA GLN D 205 57.35 12.32 46.91
C GLN D 205 58.00 10.98 46.61
N SER D 206 58.83 10.50 47.54
CA SER D 206 59.59 9.27 47.28
C SER D 206 58.76 8.00 47.34
N LYS D 207 57.51 8.12 47.79
CA LYS D 207 56.64 6.94 47.99
C LYS D 207 55.47 6.90 47.01
N LEU D 208 55.31 7.97 46.24
CA LEU D 208 54.13 8.13 45.38
C LEU D 208 54.00 7.01 44.36
N MET D 209 55.06 6.79 43.57
CA MET D 209 54.97 5.82 42.50
C MET D 209 54.82 4.38 42.99
N GLU D 210 55.51 4.06 44.08
CA GLU D 210 55.37 2.73 44.66
C GLU D 210 53.91 2.48 45.03
N ARG D 211 53.25 3.50 45.57
CA ARG D 211 51.86 3.34 46.00
C ARG D 211 50.91 3.20 44.81
N ALA D 212 51.16 3.98 43.75
CA ALA D 212 50.35 3.82 42.52
C ALA D 212 50.46 2.41 41.98
N TRP D 213 51.69 1.87 41.95
CA TRP D 213 51.89 0.51 41.49
C TRP D 213 51.27 -0.54 42.42
N GLU D 214 51.30 -0.31 43.73
CA GLU D 214 50.64 -1.20 44.69
C GLU D 214 49.13 -1.30 44.43
N ILE D 215 48.49 -0.12 44.29
CA ILE D 215 47.05 -0.10 43.99
C ILE D 215 46.78 -0.77 42.63
N ALA D 216 47.62 -0.50 41.64
CA ALA D 216 47.46 -1.13 40.33
C ALA D 216 47.61 -2.65 40.35
N ARG D 217 48.57 -3.16 41.13
CA ARG D 217 48.73 -4.63 41.20
C ARG D 217 47.52 -5.29 41.84
N THR D 218 46.92 -4.63 42.83
CA THR D 218 45.72 -5.16 43.43
C THR D 218 44.58 -5.19 42.41
N LEU D 219 44.44 -4.08 41.69
CA LEU D 219 43.42 -4.04 40.62
C LEU D 219 43.65 -5.09 39.55
N ALA D 220 44.92 -5.31 39.19
CA ALA D 220 45.23 -6.21 38.07
C ALA D 220 44.90 -7.68 38.34
N LYS D 221 44.63 -7.99 39.61
CA LYS D 221 44.17 -9.34 39.97
C LYS D 221 42.74 -9.61 39.52
N GLN D 222 42.00 -8.55 39.22
CA GLN D 222 40.62 -8.72 38.74
C GLN D 222 40.64 -9.35 37.36
N PRO D 223 39.54 -10.06 36.98
CA PRO D 223 39.40 -10.46 35.58
C PRO D 223 39.43 -9.24 34.63
N THR D 224 39.97 -9.42 33.45
CA THR D 224 40.09 -8.32 32.49
C THR D 224 38.75 -7.67 32.17
N LEU D 225 37.71 -8.44 31.85
CA LEU D 225 36.44 -7.79 31.48
C LEU D 225 35.87 -7.03 32.66
N ASN D 226 36.13 -7.46 33.89
CA ASN D 226 35.61 -6.70 35.02
C ASN D 226 36.32 -5.34 35.12
N LEU D 227 37.63 -5.30 34.88
CA LEU D 227 38.35 -4.05 34.93
C LEU D 227 37.77 -3.12 33.88
N ARG D 228 37.54 -3.64 32.69
CA ARG D 228 37.04 -2.83 31.54
C ARG D 228 35.64 -2.34 31.81
N TYR D 229 34.74 -3.23 32.24
CA TYR D 229 33.33 -2.85 32.33
C TYR D 229 33.06 -2.06 33.60
N THR D 230 33.91 -2.18 34.62
CA THR D 230 33.76 -1.30 35.79
C THR D 230 34.17 0.14 35.41
N ARG D 231 35.26 0.28 34.66
CA ARG D 231 35.60 1.60 34.09
C ARG D 231 34.44 2.14 33.24
N VAL D 232 33.86 1.33 32.38
CA VAL D 232 32.72 1.80 31.55
C VAL D 232 31.57 2.28 32.42
N ALA D 233 31.15 1.45 33.39
CA ALA D 233 30.00 1.79 34.25
C ALA D 233 30.26 3.09 35.00
N LEU D 234 31.50 3.28 35.43
CA LEU D 234 31.85 4.41 36.30
C LEU D 234 32.18 5.68 35.57
N THR D 235 32.23 5.62 34.24
CA THR D 235 32.50 6.80 33.41
C THR D 235 31.31 7.26 32.54
N GLN D 236 30.17 6.58 32.58
CA GLN D 236 29.08 6.92 31.67
C GLN D 236 28.62 8.36 31.92
N ARG D 237 28.35 8.68 33.17
CA ARG D 237 27.83 10.01 33.49
C ARG D 237 28.92 11.05 33.21
N LEU D 238 30.14 10.76 33.65
CA LEU D 238 31.27 11.63 33.40
C LEU D 238 31.42 11.99 31.91
N LYS D 239 31.35 10.99 31.03
CA LYS D 239 31.47 11.22 29.59
C LYS D 239 30.34 12.12 29.06
N ARG D 240 29.11 11.87 29.55
CA ARG D 240 27.98 12.70 29.09
C ARG D 240 28.25 14.16 29.49
N LEU D 241 28.70 14.38 30.72
CA LEU D 241 28.93 15.74 31.20
C LEU D 241 30.02 16.44 30.42
N VAL D 242 31.08 15.72 30.08
CA VAL D 242 32.15 16.37 29.30
C VAL D 242 31.65 16.66 27.88
N ASN D 243 30.95 15.71 27.26
CA ASN D 243 30.36 15.90 25.93
CA ASN D 243 30.44 15.93 25.94
C ASN D 243 29.48 17.14 25.86
N GLU D 244 28.72 17.36 26.94
CA GLU D 244 27.76 18.46 26.98
C GLU D 244 28.45 19.78 26.76
N GLY D 245 29.61 19.98 27.38
CA GLY D 245 30.18 21.33 27.48
C GLY D 245 31.49 21.55 26.78
N ILE D 246 32.15 20.50 26.32
CA ILE D 246 33.53 20.70 25.88
C ILE D 246 33.64 21.52 24.59
N GLY D 247 32.84 21.18 23.58
CA GLY D 247 32.90 21.97 22.33
C GLY D 247 32.54 23.44 22.57
N TYR D 248 31.47 23.68 23.33
CA TYR D 248 31.02 25.06 23.56
C TYR D 248 32.08 25.82 24.32
N GLY D 249 32.69 25.20 25.34
CA GLY D 249 33.76 25.87 26.07
C GLY D 249 34.93 26.26 25.18
N LEU D 250 35.35 25.34 24.31
CA LEU D 250 36.48 25.58 23.45
C LEU D 250 36.17 26.62 22.36
N ALA D 251 34.91 26.65 21.89
CA ALA D 251 34.50 27.69 20.90
C ALA D 251 34.51 29.09 21.57
N LEU D 252 33.95 29.18 22.77
CA LEU D 252 33.97 30.43 23.51
C LEU D 252 35.42 30.86 23.75
N GLU D 253 36.26 29.91 24.17
CA GLU D 253 37.68 30.20 24.38
C GLU D 253 38.33 30.75 23.12
N GLY D 254 38.02 30.15 21.98
CA GLY D 254 38.51 30.62 20.68
C GLY D 254 38.11 32.05 20.42
N ILE D 255 36.85 32.43 20.69
CA ILE D 255 36.46 33.83 20.46
C ILE D 255 37.28 34.76 21.35
N THR D 256 37.52 34.38 22.59
CA THR D 256 38.34 35.25 23.46
C THR D 256 39.80 35.25 22.99
N ALA D 257 40.27 34.15 22.37
CA ALA D 257 41.63 34.15 21.81
C ALA D 257 41.70 35.15 20.63
N THR D 258 40.71 35.15 19.76
CA THR D 258 40.65 36.19 18.70
C THR D 258 40.67 37.58 19.33
N ASP D 259 39.92 37.75 20.41
CA ASP D 259 39.80 39.04 21.03
C ASP D 259 41.10 39.54 21.69
N LEU D 260 42.08 38.66 21.83
CA LEU D 260 43.40 39.09 22.36
C LEU D 260 43.99 40.16 21.48
N ARG D 261 43.57 40.23 20.21
CA ARG D 261 44.07 41.31 19.32
C ARG D 261 43.59 42.69 19.75
N ASN D 262 42.61 42.74 20.63
CA ASN D 262 41.92 44.01 20.99
C ASN D 262 42.11 44.38 22.44
N ASN D 263 42.96 43.62 23.16
CA ASN D 263 43.18 43.80 24.60
C ASN D 263 43.95 45.09 24.92
N GLN E 15 -5.06 -3.95 59.13
CA GLN E 15 -3.70 -3.69 58.54
C GLN E 15 -3.65 -4.29 57.14
N PRO E 16 -2.91 -3.64 56.22
CA PRO E 16 -2.92 -4.16 54.85
C PRO E 16 -2.37 -5.56 54.75
N GLU E 17 -2.87 -6.35 53.80
CA GLU E 17 -2.35 -7.69 53.64
C GLU E 17 -0.85 -7.72 53.38
N TYR E 18 -0.33 -6.71 52.68
CA TYR E 18 1.08 -6.81 52.34
C TYR E 18 2.01 -6.72 53.57
N PHE E 19 1.50 -6.23 54.70
CA PHE E 19 2.30 -6.22 55.94
C PHE E 19 2.77 -7.63 56.32
N THR E 20 2.05 -8.65 55.90
CA THR E 20 2.41 -10.04 56.28
C THR E 20 2.77 -10.92 55.07
N LYS E 21 3.14 -10.27 53.96
CA LYS E 21 3.40 -10.96 52.70
C LYS E 21 4.88 -11.32 52.51
N TYR E 22 5.75 -10.65 53.28
CA TYR E 22 7.19 -10.73 53.04
C TYR E 22 7.92 -11.34 54.22
N GLU E 23 8.45 -12.54 54.05
CA GLU E 23 9.04 -13.23 55.20
C GLU E 23 10.29 -12.53 55.72
N ASN E 24 10.89 -11.66 54.89
CA ASN E 24 12.06 -10.89 55.30
C ASN E 24 11.81 -9.42 55.62
N LEU E 25 10.56 -9.01 55.76
CA LEU E 25 10.26 -7.62 56.11
C LEU E 25 9.17 -7.57 57.16
N HIS E 26 9.46 -6.87 58.26
CA HIS E 26 8.48 -6.62 59.28
C HIS E 26 7.97 -5.18 59.10
N PHE E 27 6.66 -5.00 59.21
CA PHE E 27 6.03 -3.71 59.01
C PHE E 27 5.29 -3.29 60.27
N HIS E 28 5.40 -2.04 60.67
CA HIS E 28 4.36 -1.46 61.54
C HIS E 28 4.23 -0.01 61.31
N ARG E 29 3.03 0.46 61.51
CA ARG E 29 2.66 1.81 61.18
C ARG E 29 1.88 2.43 62.34
N ASP E 30 2.19 3.69 62.62
CA ASP E 30 1.44 4.40 63.66
C ASP E 30 0.25 5.19 63.11
N GLU E 31 -0.45 5.89 64.00
CA GLU E 31 -1.67 6.61 63.64
C GLU E 31 -1.39 7.83 62.76
N ASN E 32 -0.11 8.21 62.71
CA ASN E 32 0.36 9.35 61.91
C ASN E 32 0.75 8.90 60.50
N GLY E 33 0.62 7.61 60.23
CA GLY E 33 1.02 7.06 58.94
C GLY E 33 2.52 6.86 58.78
N ILE E 34 3.24 6.84 59.89
CA ILE E 34 4.67 6.55 59.86
C ILE E 34 4.86 5.05 59.83
N LEU E 35 5.44 4.54 58.76
CA LEU E 35 5.64 3.12 58.56
C LEU E 35 7.09 2.77 58.75
N GLU E 36 7.40 1.86 59.67
CA GLU E 36 8.74 1.30 59.74
C GLU E 36 8.78 -0.04 59.04
N VAL E 37 9.70 -0.19 58.11
CA VAL E 37 9.95 -1.42 57.37
C VAL E 37 11.32 -1.93 57.80
N ARG E 38 11.32 -3.08 58.47
CA ARG E 38 12.53 -3.65 59.02
C ARG E 38 12.92 -4.97 58.34
N MET E 39 14.08 -5.00 57.73
CA MET E 39 14.59 -6.20 57.07
C MET E 39 15.13 -7.18 58.11
N HIS E 40 14.78 -8.45 57.93
CA HIS E 40 15.24 -9.46 58.89
C HIS E 40 15.26 -10.84 58.26
N THR E 41 16.05 -11.71 58.89
CA THR E 41 15.99 -13.15 58.61
C THR E 41 15.71 -13.86 59.94
N ASN E 42 14.50 -14.39 60.06
CA ASN E 42 14.03 -15.03 61.31
C ASN E 42 14.26 -14.15 62.53
N GLY E 43 14.06 -12.85 62.38
CA GLY E 43 14.17 -11.88 63.46
C GLY E 43 15.57 -11.39 63.73
N SER E 44 16.54 -11.95 63.01
CA SER E 44 17.94 -11.58 63.06
C SER E 44 18.31 -10.66 61.89
N SER E 45 19.55 -10.17 61.89
CA SER E 45 20.04 -9.36 60.75
C SER E 45 19.80 -10.08 59.43
N LEU E 46 19.53 -9.30 58.37
CA LEU E 46 19.17 -9.90 57.09
C LEU E 46 20.32 -10.67 56.47
N VAL E 47 19.99 -11.86 55.96
CA VAL E 47 20.83 -12.57 55.04
C VAL E 47 20.18 -12.36 53.66
N PHE E 48 20.86 -11.64 52.76
CA PHE E 48 20.29 -11.36 51.44
C PHE E 48 20.23 -12.65 50.62
N THR E 49 19.13 -12.85 49.89
CA THR E 49 18.93 -14.08 49.12
C THR E 49 18.36 -13.80 47.73
N GLY E 50 18.30 -14.82 46.88
CA GLY E 50 17.54 -14.71 45.61
C GLY E 50 16.09 -14.35 45.87
N LYS E 51 15.51 -14.88 46.95
CA LYS E 51 14.15 -14.55 47.35
C LYS E 51 13.99 -13.06 47.66
N THR E 52 14.89 -12.48 48.47
CA THR E 52 14.76 -11.05 48.76
C THR E 52 15.00 -10.22 47.48
N HIS E 53 15.90 -10.69 46.61
CA HIS E 53 16.15 -9.94 45.38
C HIS E 53 14.88 -9.91 44.51
N ARG E 54 14.09 -10.97 44.52
CA ARG E 54 12.85 -11.07 43.77
C ARG E 54 11.69 -10.35 44.46
N GLU E 55 11.61 -10.49 45.78
CA GLU E 55 10.45 -9.97 46.52
C GLU E 55 10.53 -8.51 46.92
N PHE E 56 11.74 -8.04 47.24
CA PHE E 56 11.86 -6.63 47.68
C PHE E 56 11.31 -5.61 46.64
N PRO E 57 11.56 -5.82 45.33
CA PRO E 57 10.86 -4.89 44.42
C PRO E 57 9.34 -4.83 44.56
N ASP E 58 8.70 -5.97 44.83
CA ASP E 58 7.25 -5.98 45.02
C ASP E 58 6.87 -5.31 46.33
N ALA E 59 7.68 -5.52 47.37
CA ALA E 59 7.39 -4.88 48.65
C ALA E 59 7.46 -3.36 48.55
N PHE E 60 8.50 -2.87 47.88
CA PHE E 60 8.66 -1.42 47.73
C PHE E 60 7.51 -0.85 46.86
N TYR E 61 7.12 -1.60 45.82
CA TYR E 61 5.91 -1.19 45.10
C TYR E 61 4.68 -1.11 46.00
N ASP E 62 4.46 -2.18 46.79
CA ASP E 62 3.31 -2.20 47.72
C ASP E 62 3.31 -1.01 48.70
N ILE E 63 4.47 -0.71 49.25
CA ILE E 63 4.61 0.44 50.12
C ILE E 63 4.21 1.71 49.36
N SER E 64 4.73 1.83 48.13
CA SER E 64 4.47 3.05 47.35
C SER E 64 3.01 3.27 46.94
N ARG E 65 2.27 2.15 46.76
CA ARG E 65 0.85 2.23 46.35
C ARG E 65 -0.08 2.68 47.49
N ASP E 66 0.35 2.41 48.72
CA ASP E 66 -0.54 2.58 49.87
C ASP E 66 -0.46 4.02 50.39
N ARG E 67 -1.51 4.79 50.13
CA ARG E 67 -1.55 6.21 50.48
C ARG E 67 -1.60 6.47 52.00
N ASP E 68 -1.81 5.41 52.77
CA ASP E 68 -1.80 5.55 54.23
C ASP E 68 -0.39 5.67 54.80
N ASN E 69 0.61 5.32 53.98
CA ASN E 69 2.01 5.55 54.37
C ASN E 69 2.33 7.01 54.11
N ARG E 70 2.64 7.75 55.18
CA ARG E 70 2.94 9.16 55.09
C ARG E 70 4.40 9.51 55.28
N VAL E 71 5.15 8.69 56.03
CA VAL E 71 6.61 8.76 56.16
C VAL E 71 7.06 7.32 56.28
N VAL E 72 8.18 6.97 55.66
CA VAL E 72 8.70 5.61 55.76
C VAL E 72 10.06 5.63 56.43
N ILE E 73 10.27 4.66 57.35
CA ILE E 73 11.60 4.42 57.89
C ILE E 73 12.06 3.04 57.44
N LEU E 74 13.20 2.95 56.77
CA LEU E 74 13.74 1.69 56.35
C LEU E 74 14.93 1.35 57.20
N THR E 75 14.93 0.13 57.76
CA THR E 75 15.99 -0.27 58.67
C THR E 75 16.25 -1.78 58.59
N GLY E 76 17.31 -2.22 59.26
CA GLY E 76 17.61 -3.66 59.37
C GLY E 76 17.38 -4.12 60.81
N SER E 77 17.86 -5.32 61.11
CA SER E 77 17.68 -5.90 62.47
C SER E 77 19.01 -6.25 63.05
N GLY E 78 19.04 -6.33 64.39
CA GLY E 78 20.26 -6.69 65.08
C GLY E 78 21.35 -5.68 64.85
N ASP E 79 22.58 -6.16 64.71
CA ASP E 79 23.73 -5.27 64.72
C ASP E 79 24.30 -4.92 63.35
N ALA E 80 23.64 -5.40 62.28
CA ALA E 80 24.08 -5.09 60.91
C ALA E 80 22.86 -4.73 60.10
N TRP E 81 23.03 -3.75 59.19
CA TRP E 81 21.96 -3.37 58.26
C TRP E 81 21.85 -4.45 57.17
N MET E 82 22.97 -4.75 56.52
CA MET E 82 23.06 -5.87 55.60
C MET E 82 24.52 -6.23 55.43
N ALA E 83 24.89 -7.39 55.97
CA ALA E 83 26.29 -7.80 55.89
C ALA E 83 26.48 -9.25 55.49
N GLU E 84 25.37 -9.93 55.19
CA GLU E 84 25.41 -11.34 54.83
C GLU E 84 24.61 -11.60 53.57
N ILE E 85 25.07 -12.57 52.81
CA ILE E 85 24.40 -12.98 51.59
C ILE E 85 24.47 -14.52 51.48
N ASP E 86 23.44 -15.10 50.89
CA ASP E 86 23.43 -16.53 50.53
C ASP E 86 23.66 -16.55 49.01
N PHE E 87 24.93 -16.66 48.62
CA PHE E 87 25.31 -16.57 47.22
C PHE E 87 24.63 -17.59 46.29
N PRO E 88 24.65 -18.88 46.66
CA PRO E 88 23.93 -19.90 45.88
C PRO E 88 22.46 -19.57 45.65
N SER E 89 21.80 -18.98 46.64
CA SER E 89 20.38 -18.70 46.50
C SER E 89 20.11 -17.66 45.39
N LEU E 90 21.14 -16.96 44.93
CA LEU E 90 20.95 -15.96 43.86
C LEU E 90 20.72 -16.60 42.49
N GLY E 91 20.97 -17.90 42.40
CA GLY E 91 20.85 -18.58 41.13
C GLY E 91 22.16 -18.57 40.36
N ASP E 92 22.20 -19.27 39.22
CA ASP E 92 23.42 -19.38 38.43
C ASP E 92 23.63 -18.07 37.65
N VAL E 93 24.23 -17.09 38.31
CA VAL E 93 24.49 -15.77 37.69
C VAL E 93 25.29 -15.83 36.39
N THR E 94 26.04 -16.93 36.20
CA THR E 94 26.88 -17.09 35.02
C THR E 94 26.10 -17.50 33.78
N ASN E 95 24.83 -17.83 33.96
CA ASN E 95 23.95 -18.19 32.87
C ASN E 95 23.09 -16.95 32.49
N PRO E 96 23.25 -16.44 31.26
CA PRO E 96 22.53 -15.19 30.97
C PRO E 96 21.03 -15.33 31.12
N ARG E 97 20.47 -16.54 30.99
CA ARG E 97 19.02 -16.70 31.13
C ARG E 97 18.58 -16.60 32.57
N GLU E 98 19.50 -16.91 33.49
CA GLU E 98 19.22 -16.72 34.92
C GLU E 98 19.57 -15.30 35.34
N TRP E 99 20.71 -14.80 34.84
CA TRP E 99 21.06 -13.42 35.15
C TRP E 99 19.94 -12.45 34.76
N ASP E 100 19.25 -12.77 33.67
CA ASP E 100 18.21 -11.85 33.21
C ASP E 100 17.17 -11.59 34.30
N LYS E 101 16.89 -12.56 35.17
CA LYS E 101 15.97 -12.35 36.28
C LYS E 101 16.56 -11.31 37.25
N THR E 102 17.84 -11.47 37.57
CA THR E 102 18.52 -10.54 38.46
C THR E 102 18.52 -9.12 37.84
N TYR E 103 18.84 -9.06 36.55
CA TYR E 103 18.82 -7.79 35.80
C TYR E 103 17.42 -7.11 35.88
N TRP E 104 16.36 -7.84 35.57
CA TRP E 104 15.03 -7.24 35.59
C TRP E 104 14.65 -6.77 37.00
N GLU E 105 14.95 -7.62 37.99
CA GLU E 105 14.65 -7.31 39.40
C GLU E 105 15.54 -6.16 39.91
N GLY E 106 16.75 -6.05 39.38
CA GLY E 106 17.69 -5.00 39.79
C GLY E 106 17.25 -3.63 39.28
N LYS E 107 16.64 -3.63 38.08
CA LYS E 107 16.06 -2.37 37.57
C LYS E 107 14.82 -2.03 38.38
N LYS E 108 13.95 -3.03 38.61
CA LYS E 108 12.71 -2.73 39.33
C LYS E 108 12.91 -2.29 40.77
N VAL E 109 13.91 -2.86 41.44
CA VAL E 109 13.99 -2.56 42.87
C VAL E 109 14.30 -1.10 43.11
N LEU E 110 15.18 -0.52 42.31
CA LEU E 110 15.50 0.92 42.49
C LEU E 110 14.39 1.81 41.97
N GLN E 111 13.79 1.43 40.84
CA GLN E 111 12.63 2.20 40.35
C GLN E 111 11.52 2.27 41.39
N ASN E 112 11.22 1.12 41.99
CA ASN E 112 10.08 1.05 42.91
C ASN E 112 10.40 1.73 44.25
N LEU E 113 11.63 1.56 44.73
CA LEU E 113 12.10 2.22 45.94
C LEU E 113 12.05 3.74 45.77
N LEU E 114 12.58 4.25 44.65
CA LEU E 114 12.51 5.68 44.38
C LEU E 114 11.08 6.22 44.25
N ASP E 115 10.19 5.38 43.73
CA ASP E 115 8.79 5.78 43.54
C ASP E 115 7.93 5.68 44.80
N ILE E 116 8.51 5.28 45.94
CA ILE E 116 7.85 5.61 47.22
C ILE E 116 7.69 7.12 47.24
N GLU E 117 6.45 7.56 47.45
CA GLU E 117 6.09 8.96 47.24
C GLU E 117 5.87 9.73 48.54
N VAL E 118 6.68 9.40 49.54
CA VAL E 118 6.72 10.16 50.79
C VAL E 118 8.20 10.15 51.23
N PRO E 119 8.57 11.04 52.17
CA PRO E 119 9.98 11.00 52.63
C PRO E 119 10.34 9.64 53.22
N VAL E 120 11.56 9.20 52.92
CA VAL E 120 12.10 7.93 53.43
C VAL E 120 13.34 8.21 54.27
N ILE E 121 13.29 7.75 55.53
CA ILE E 121 14.40 7.83 56.46
C ILE E 121 15.11 6.50 56.52
N SER E 122 16.42 6.48 56.28
CA SER E 122 17.19 5.29 56.59
C SER E 122 17.69 5.32 58.02
N ALA E 123 17.42 4.24 58.75
CA ALA E 123 18.05 4.04 60.06
C ALA E 123 19.05 2.88 59.90
N VAL E 124 20.30 3.25 59.66
CA VAL E 124 21.31 2.28 59.32
C VAL E 124 21.87 1.75 60.66
N ASN E 125 21.48 0.52 60.99
CA ASN E 125 21.69 -0.04 62.35
C ASN E 125 22.98 -0.83 62.49
N GLY E 126 23.92 -0.68 61.56
CA GLY E 126 25.19 -1.38 61.61
C GLY E 126 25.72 -1.57 60.21
N ALA E 127 26.62 -2.51 60.03
CA ALA E 127 27.37 -2.67 58.76
C ALA E 127 26.41 -2.76 57.57
N ALA E 128 26.75 -2.00 56.53
CA ALA E 128 26.04 -2.00 55.23
C ALA E 128 27.09 -2.30 54.18
N LEU E 129 27.31 -3.60 53.94
CA LEU E 129 28.39 -4.09 53.08
C LEU E 129 27.93 -4.56 51.72
N LEU E 130 26.61 -4.65 51.54
CA LEU E 130 26.02 -4.94 50.24
C LEU E 130 24.68 -4.21 50.20
N HIS E 131 24.26 -3.90 48.98
CA HIS E 131 22.99 -3.22 48.70
C HIS E 131 22.80 -1.88 49.35
N SER E 132 23.93 -1.20 49.61
CA SER E 132 23.88 0.14 50.22
C SER E 132 23.22 1.15 49.26
N GLU E 133 23.13 0.80 47.98
CA GLU E 133 22.35 1.64 47.05
C GLU E 133 20.91 1.88 47.53
N TYR E 134 20.34 0.95 48.30
CA TYR E 134 18.98 1.23 48.82
C TYR E 134 18.98 2.48 49.68
N ILE E 135 19.99 2.57 50.55
CA ILE E 135 20.12 3.72 51.45
C ILE E 135 20.25 5.02 50.67
N LEU E 136 20.95 4.93 49.54
CA LEU E 136 21.23 6.13 48.73
C LEU E 136 20.03 6.52 47.85
N THR E 137 18.87 5.90 48.05
CA THR E 137 17.62 6.45 47.48
C THR E 137 16.85 7.29 48.50
N THR E 138 17.26 7.22 49.77
CA THR E 138 16.44 7.79 50.84
C THR E 138 16.83 9.24 51.18
N ASP E 139 15.93 9.95 51.87
CA ASP E 139 16.05 11.39 52.05
C ASP E 139 16.84 11.86 53.27
N ILE E 140 16.80 11.04 54.33
CA ILE E 140 17.43 11.38 55.59
C ILE E 140 18.15 10.13 56.02
N ILE E 141 19.45 10.20 56.27
CA ILE E 141 20.23 9.03 56.58
C ILE E 141 20.80 9.14 57.99
N LEU E 142 20.34 8.25 58.87
CA LEU E 142 20.84 8.18 60.25
C LEU E 142 21.60 6.88 60.39
N ALA E 143 22.71 6.91 61.12
CA ALA E 143 23.52 5.69 61.28
C ALA E 143 23.94 5.52 62.73
N SER E 144 23.98 4.26 63.17
CA SER E 144 24.48 3.99 64.52
C SER E 144 25.99 4.09 64.47
N GLU E 145 26.61 4.33 65.64
CA GLU E 145 28.08 4.52 65.72
C GLU E 145 28.90 3.36 65.15
N ASN E 146 28.34 2.15 65.24
CA ASN E 146 28.98 0.91 64.77
C ASN E 146 28.95 0.70 63.26
N THR E 147 28.19 1.55 62.56
CA THR E 147 27.96 1.35 61.12
C THR E 147 29.23 1.56 60.30
N VAL E 148 29.39 0.72 59.29
CA VAL E 148 30.47 0.84 58.30
C VAL E 148 29.80 0.68 56.93
N PHE E 149 30.25 1.45 55.95
CA PHE E 149 29.74 1.29 54.59
C PHE E 149 30.84 0.73 53.69
N GLN E 150 30.46 -0.21 52.82
CA GLN E 150 31.42 -0.74 51.85
C GLN E 150 30.64 -1.37 50.70
N ASP E 151 31.24 -1.32 49.51
CA ASP E 151 30.78 -2.19 48.44
C ASP E 151 31.63 -3.46 48.46
N MET E 152 31.21 -4.41 49.29
CA MET E 152 32.03 -5.61 49.47
C MET E 152 31.99 -6.63 48.31
N PRO E 153 30.80 -7.01 47.83
CA PRO E 153 30.75 -8.27 47.09
C PRO E 153 31.22 -8.26 45.65
N HIS E 154 31.14 -7.11 44.98
CA HIS E 154 31.36 -7.15 43.54
C HIS E 154 32.79 -7.47 43.13
N LEU E 155 33.74 -6.71 43.68
CA LEU E 155 35.13 -6.98 43.35
C LEU E 155 35.63 -8.25 44.07
N ASN E 156 34.98 -8.71 45.12
CA ASN E 156 35.32 -10.05 45.67
C ASN E 156 34.94 -11.15 44.70
N ALA E 157 33.84 -10.96 43.95
CA ALA E 157 33.37 -11.97 42.99
C ALA E 157 33.99 -11.77 41.61
N GLY E 158 34.56 -10.59 41.35
CA GLY E 158 35.10 -10.30 40.04
C GLY E 158 34.07 -9.84 39.02
N ILE E 159 32.99 -9.22 39.50
CA ILE E 159 31.91 -8.75 38.60
C ILE E 159 31.65 -7.25 38.83
N VAL E 160 31.00 -6.64 37.85
CA VAL E 160 30.87 -5.17 37.87
C VAL E 160 30.01 -4.71 39.02
N PRO E 161 30.45 -3.65 39.73
CA PRO E 161 29.55 -3.02 40.71
C PRO E 161 28.49 -2.20 39.96
N GLY E 162 27.56 -2.91 39.34
CA GLY E 162 26.67 -2.28 38.32
C GLY E 162 25.19 -2.24 38.69
N ASP E 163 24.88 -2.45 39.95
CA ASP E 163 23.52 -2.57 40.42
C ASP E 163 22.98 -1.27 40.99
N GLY E 164 23.66 -0.17 40.67
CA GLY E 164 23.26 1.12 41.19
C GLY E 164 24.31 1.78 42.02
N VAL E 165 25.17 0.97 42.65
CA VAL E 165 26.27 1.60 43.42
C VAL E 165 27.16 2.46 42.48
N HIS E 166 27.24 2.11 41.20
CA HIS E 166 28.10 2.82 40.26
C HIS E 166 27.59 4.23 39.97
N ILE E 167 26.30 4.44 40.21
CA ILE E 167 25.67 5.74 40.03
C ILE E 167 25.59 6.50 41.35
N LEU E 168 25.12 5.81 42.37
CA LEU E 168 24.80 6.49 43.61
C LEU E 168 25.99 6.78 44.54
N TRP E 169 26.98 5.88 44.58
CA TRP E 169 28.15 6.21 45.38
C TRP E 169 28.94 7.41 44.84
N PRO E 170 29.15 7.48 43.50
CA PRO E 170 29.74 8.72 42.93
C PRO E 170 28.85 9.96 43.06
N LEU E 171 27.54 9.77 43.14
N LEU E 171 27.52 9.78 43.12
CA LEU E 171 26.65 10.90 43.43
CA LEU E 171 26.68 10.92 43.46
C LEU E 171 26.81 11.37 44.90
C LEU E 171 26.98 11.38 44.89
N ALA E 172 26.98 10.43 45.82
CA ALA E 172 27.15 10.70 47.24
C ALA E 172 28.53 11.28 47.57
N LEU E 173 29.57 10.68 46.98
CA LEU E 173 30.96 11.06 47.34
C LEU E 173 31.63 11.95 46.29
N GLY E 174 30.87 12.27 45.22
CA GLY E 174 31.49 12.88 44.05
C GLY E 174 32.14 11.85 43.15
N LEU E 175 32.43 12.30 41.94
CA LEU E 175 32.89 11.40 40.89
C LEU E 175 34.38 11.12 41.00
N TYR E 176 35.01 11.58 42.08
CA TYR E 176 36.43 11.28 42.30
C TYR E 176 36.55 10.31 43.47
N ARG E 177 36.18 10.79 44.67
CA ARG E 177 36.16 9.86 45.83
C ARG E 177 35.22 8.68 45.60
N GLY E 178 34.12 8.89 44.88
CA GLY E 178 33.19 7.80 44.66
C GLY E 178 33.79 6.68 43.83
N ARG E 179 34.60 7.03 42.82
CA ARG E 179 35.26 5.99 42.04
C ARG E 179 36.38 5.30 42.84
N TYR E 180 37.10 6.09 43.64
CA TYR E 180 38.14 5.53 44.53
C TYR E 180 37.50 4.53 45.48
N PHE E 181 36.35 4.90 46.03
CA PHE E 181 35.66 4.06 47.02
C PHE E 181 35.26 2.72 46.41
N LEU E 182 34.72 2.75 45.20
CA LEU E 182 34.29 1.53 44.56
C LEU E 182 35.48 0.71 44.09
N PHE E 183 36.46 1.32 43.41
CA PHE E 183 37.55 0.53 42.85
C PHE E 183 38.44 -0.09 43.89
N THR E 184 38.56 0.53 45.06
CA THR E 184 39.45 0.02 46.11
C THR E 184 38.68 -0.67 47.24
N GLN E 185 37.36 -0.83 47.08
CA GLN E 185 36.51 -1.43 48.14
C GLN E 185 36.76 -0.78 49.48
N GLU E 186 36.85 0.53 49.48
CA GLU E 186 37.04 1.31 50.68
C GLU E 186 35.90 1.08 51.67
N LYS E 187 36.25 1.03 52.96
CA LYS E 187 35.28 1.02 54.05
C LYS E 187 35.20 2.39 54.70
N LEU E 188 33.98 2.89 54.90
CA LEU E 188 33.78 4.15 55.61
C LEU E 188 33.10 3.89 56.93
N THR E 189 33.66 4.42 58.02
CA THR E 189 32.94 4.38 59.29
C THR E 189 31.74 5.34 59.24
N ALA E 190 30.84 5.24 60.22
CA ALA E 190 29.75 6.19 60.36
C ALA E 190 30.23 7.63 60.42
N GLN E 191 31.27 7.86 61.19
CA GLN E 191 31.84 9.20 61.32
C GLN E 191 32.42 9.71 60.01
N GLN E 192 33.13 8.85 59.28
CA GLN E 192 33.66 9.28 57.97
C GLN E 192 32.49 9.63 57.03
N ALA E 193 31.48 8.78 57.02
CA ALA E 193 30.29 9.03 56.17
C ALA E 193 29.54 10.30 56.55
N TYR E 194 29.50 10.61 57.84
CA TYR E 194 28.93 11.88 58.30
C TYR E 194 29.72 13.08 57.78
N GLU E 195 31.05 13.01 57.89
CA GLU E 195 31.91 14.09 57.37
C GLU E 195 31.76 14.25 55.85
N LEU E 196 31.44 13.15 55.15
CA LEU E 196 31.23 13.13 53.68
C LEU E 196 29.80 13.45 53.30
N ASN E 197 28.98 13.78 54.31
CA ASN E 197 27.60 14.28 54.09
C ASN E 197 26.59 13.25 53.60
N VAL E 198 27.03 11.98 53.66
CA VAL E 198 26.16 10.84 53.36
C VAL E 198 25.26 10.48 54.54
N VAL E 199 25.89 10.37 55.72
CA VAL E 199 25.13 10.20 56.96
C VAL E 199 24.89 11.58 57.53
N HIS E 200 23.68 11.81 58.03
CA HIS E 200 23.30 13.12 58.54
C HIS E 200 23.33 13.27 60.05
N GLU E 201 23.17 12.16 60.74
CA GLU E 201 23.35 12.11 62.20
C GLU E 201 23.88 10.75 62.56
N VAL E 202 24.84 10.74 63.49
CA VAL E 202 25.39 9.49 64.04
C VAL E 202 24.85 9.35 65.47
N LEU E 203 24.23 8.20 65.74
CA LEU E 203 23.57 7.97 67.03
C LEU E 203 24.16 6.75 67.71
N PRO E 204 24.13 6.72 69.06
CA PRO E 204 24.36 5.42 69.72
C PRO E 204 23.35 4.38 69.24
N GLN E 205 23.77 3.13 69.15
CA GLN E 205 22.91 2.01 68.75
C GLN E 205 21.56 2.05 69.46
N SER E 206 21.61 2.25 70.78
CA SER E 206 20.36 2.19 71.57
C SER E 206 19.48 3.42 71.39
N LYS E 207 19.95 4.43 70.64
CA LYS E 207 19.18 5.66 70.43
C LYS E 207 18.75 5.91 68.97
N LEU E 208 19.25 5.07 68.07
CA LEU E 208 19.02 5.27 66.63
C LEU E 208 17.53 5.29 66.27
N MET E 209 16.82 4.24 66.66
CA MET E 209 15.42 4.12 66.24
C MET E 209 14.51 5.19 66.84
N GLU E 210 14.76 5.53 68.09
CA GLU E 210 14.02 6.62 68.71
C GLU E 210 14.20 7.94 67.92
N ARG E 211 15.42 8.20 67.50
CA ARG E 211 15.70 9.43 66.71
C ARG E 211 15.03 9.39 65.32
N ALA E 212 15.05 8.23 64.68
CA ALA E 212 14.33 8.08 63.40
C ALA E 212 12.84 8.43 63.56
N TRP E 213 12.22 7.89 64.63
CA TRP E 213 10.82 8.14 64.89
C TRP E 213 10.55 9.60 65.25
N GLU E 214 11.49 10.22 65.97
CA GLU E 214 11.36 11.63 66.31
C GLU E 214 11.31 12.53 65.07
N ILE E 215 12.23 12.27 64.16
CA ILE E 215 12.27 13.04 62.92
C ILE E 215 11.01 12.77 62.09
N ALA E 216 10.61 11.49 62.05
CA ALA E 216 9.38 11.11 61.34
C ALA E 216 8.14 11.80 61.89
N ARG E 217 8.06 11.91 63.23
CA ARG E 217 6.87 12.52 63.82
C ARG E 217 6.84 14.01 63.50
N THR E 218 7.99 14.65 63.47
CA THR E 218 8.03 16.06 63.06
C THR E 218 7.58 16.24 61.58
N LEU E 219 8.09 15.37 60.71
CA LEU E 219 7.65 15.37 59.31
C LEU E 219 6.17 15.12 59.17
N ALA E 220 5.63 14.16 59.95
CA ALA E 220 4.23 13.73 59.81
C ALA E 220 3.25 14.84 60.15
N LYS E 221 3.71 15.91 60.78
CA LYS E 221 2.83 17.05 61.05
C LYS E 221 2.53 17.89 59.80
N GLN E 222 3.32 17.67 58.75
CA GLN E 222 3.06 18.33 57.48
C GLN E 222 1.78 17.82 56.84
N PRO E 223 1.14 18.65 56.00
CA PRO E 223 0.05 18.11 55.18
C PRO E 223 0.53 16.95 54.31
N THR E 224 -0.36 15.99 54.07
CA THR E 224 0.00 14.82 53.27
C THR E 224 0.49 15.18 51.87
N LEU E 225 -0.23 16.01 51.12
CA LEU E 225 0.25 16.32 49.77
C LEU E 225 1.62 17.02 49.83
N ASN E 226 1.87 17.83 50.86
CA ASN E 226 3.21 18.41 50.94
C ASN E 226 4.32 17.37 51.14
N LEU E 227 4.06 16.36 51.99
CA LEU E 227 5.05 15.31 52.15
C LEU E 227 5.28 14.60 50.82
N ARG E 228 4.19 14.35 50.08
CA ARG E 228 4.32 13.54 48.85
C ARG E 228 5.04 14.38 47.77
N TYR E 229 4.65 15.63 47.62
CA TYR E 229 5.17 16.44 46.52
C TYR E 229 6.56 16.97 46.80
N THR E 230 6.93 17.11 48.08
CA THR E 230 8.31 17.43 48.40
C THR E 230 9.22 16.24 48.05
N ARG E 231 8.81 15.04 48.42
CA ARG E 231 9.51 13.85 47.95
C ARG E 231 9.65 13.83 46.41
N VAL E 232 8.57 14.10 45.68
CA VAL E 232 8.64 14.09 44.21
C VAL E 232 9.65 15.14 43.73
N ALA E 233 9.57 16.36 44.25
CA ALA E 233 10.43 17.45 43.75
C ALA E 233 11.90 17.12 44.02
N LEU E 234 12.16 16.47 45.15
CA LEU E 234 13.53 16.21 45.60
C LEU E 234 14.11 14.94 45.02
N THR E 235 13.32 14.17 44.25
CA THR E 235 13.82 12.94 43.64
C THR E 235 13.83 12.96 42.10
N GLN E 236 13.38 14.04 41.47
CA GLN E 236 13.31 14.06 40.01
C GLN E 236 14.71 13.82 39.39
N ARG E 237 15.69 14.60 39.83
CA ARG E 237 17.03 14.45 39.27
C ARG E 237 17.64 13.08 39.61
N LEU E 238 17.45 12.65 40.86
CA LEU E 238 17.95 11.36 41.28
C LEU E 238 17.40 10.21 40.41
N LYS E 239 16.10 10.24 40.15
CA LYS E 239 15.44 9.24 39.34
C LYS E 239 16.02 9.26 37.92
N ARG E 240 16.22 10.44 37.35
CA ARG E 240 16.78 10.51 36.00
C ARG E 240 18.20 9.86 36.00
N LEU E 241 19.02 10.20 37.00
CA LEU E 241 20.40 9.65 37.06
C LEU E 241 20.40 8.13 37.21
N VAL E 242 19.48 7.60 38.03
CA VAL E 242 19.41 6.14 38.19
C VAL E 242 18.97 5.53 36.85
N ASN E 243 17.95 6.12 36.24
N ASN E 243 17.91 6.08 36.22
CA ASN E 243 17.43 5.56 35.03
CA ASN E 243 17.43 5.55 34.93
C ASN E 243 18.47 5.56 33.88
C ASN E 243 18.56 5.49 33.90
N GLU E 244 19.38 6.52 33.91
CA GLU E 244 20.40 6.66 32.88
C GLU E 244 21.32 5.42 32.89
N GLY E 245 21.74 4.99 34.07
CA GLY E 245 22.80 3.98 34.17
C GLY E 245 22.43 2.61 34.74
N ILE E 246 21.21 2.39 35.22
CA ILE E 246 20.99 1.15 35.96
C ILE E 246 20.97 -0.08 35.04
N GLY E 247 20.26 -0.02 33.91
CA GLY E 247 20.21 -1.15 33.01
C GLY E 247 21.57 -1.46 32.45
N TYR E 248 22.29 -0.44 32.02
CA TYR E 248 23.59 -0.67 31.43
C TYR E 248 24.53 -1.30 32.45
N GLY E 249 24.55 -0.79 33.68
CA GLY E 249 25.38 -1.38 34.73
C GLY E 249 25.06 -2.85 34.95
N LEU E 250 23.78 -3.19 35.01
CA LEU E 250 23.38 -4.58 35.26
C LEU E 250 23.71 -5.49 34.07
N ALA E 251 23.63 -4.96 32.85
CA ALA E 251 23.97 -5.77 31.68
C ALA E 251 25.46 -6.05 31.65
N LEU E 252 26.27 -5.04 31.93
CA LEU E 252 27.73 -5.21 31.99
C LEU E 252 28.09 -6.19 33.10
N GLU E 253 27.41 -6.05 34.23
CA GLU E 253 27.65 -6.97 35.36
C GLU E 253 27.34 -8.40 34.91
N GLY E 254 26.23 -8.60 34.21
CA GLY E 254 25.87 -9.94 33.71
C GLY E 254 26.94 -10.50 32.81
N ILE E 255 27.54 -9.70 31.93
CA ILE E 255 28.57 -10.22 31.05
C ILE E 255 29.78 -10.65 31.88
N THR E 256 30.12 -9.89 32.93
CA THR E 256 31.26 -10.30 33.76
C THR E 256 30.92 -11.56 34.55
N ALA E 257 29.64 -11.78 34.91
CA ALA E 257 29.23 -13.03 35.60
C ALA E 257 29.36 -14.21 34.62
N THR E 258 28.92 -14.05 33.37
CA THR E 258 29.16 -15.08 32.36
C THR E 258 30.66 -15.41 32.20
N ASP E 259 31.50 -14.38 32.25
CA ASP E 259 32.91 -14.56 32.01
C ASP E 259 33.60 -15.41 33.08
N LEU E 260 32.92 -15.64 34.20
CA LEU E 260 33.49 -16.47 35.28
C LEU E 260 33.57 -17.91 34.82
N ARG E 261 32.89 -18.26 33.73
CA ARG E 261 33.04 -19.63 33.18
C ARG E 261 34.26 -19.76 32.28
N ASN E 262 34.96 -18.65 32.05
CA ASN E 262 36.15 -18.66 31.17
C ASN E 262 37.44 -18.78 31.97
N THR E 263 38.50 -19.20 31.26
CA THR E 263 39.94 -19.36 31.68
C THR E 263 40.42 -20.80 31.88
N GLN F 15 23.35 57.88 34.38
CA GLN F 15 23.16 56.46 34.76
C GLN F 15 21.88 55.90 34.12
N PRO F 16 21.81 54.57 33.91
CA PRO F 16 20.62 54.02 33.26
C PRO F 16 19.34 54.28 34.03
N GLU F 17 18.23 54.40 33.30
CA GLU F 17 16.95 54.61 33.94
C GLU F 17 16.61 53.51 34.93
N TYR F 18 16.99 52.27 34.62
CA TYR F 18 16.58 51.19 35.52
C TYR F 18 17.21 51.27 36.91
N PHE F 19 18.30 52.05 37.05
CA PHE F 19 18.93 52.21 38.36
C PHE F 19 17.99 52.79 39.41
N THR F 20 16.96 53.49 38.95
CA THR F 20 15.99 54.13 39.88
C THR F 20 14.55 53.67 39.66
N LYS F 21 14.39 52.48 39.08
CA LYS F 21 13.07 51.94 38.70
C LYS F 21 12.51 50.98 39.77
N TYR F 22 13.36 50.53 40.69
CA TYR F 22 12.98 49.49 41.65
C TYR F 22 13.07 49.97 43.08
N GLU F 23 11.92 50.10 43.73
CA GLU F 23 11.92 50.67 45.06
C GLU F 23 12.66 49.82 46.11
N ASN F 24 12.94 48.54 45.77
CA ASN F 24 13.63 47.65 46.69
C ASN F 24 15.06 47.29 46.26
N LEU F 25 15.59 48.03 45.29
CA LEU F 25 16.97 47.77 44.85
C LEU F 25 17.69 49.10 44.67
N HIS F 26 18.84 49.20 45.32
CA HIS F 26 19.77 50.29 45.11
C HIS F 26 20.89 49.82 44.15
N PHE F 27 21.24 50.65 43.18
CA PHE F 27 22.29 50.35 42.21
C PHE F 27 23.43 51.37 42.29
N HIS F 28 24.67 50.89 42.25
CA HIS F 28 25.82 51.77 42.14
C HIS F 28 26.84 51.10 41.23
N ARG F 29 27.36 51.82 40.24
CA ARG F 29 28.32 51.22 39.33
C ARG F 29 29.57 52.08 39.23
N ASP F 30 30.74 51.46 39.27
CA ASP F 30 31.98 52.21 39.17
C ASP F 30 32.45 52.31 37.72
N GLU F 31 33.61 52.95 37.52
CA GLU F 31 34.13 53.22 36.18
C GLU F 31 34.62 51.97 35.43
N ASN F 32 34.76 50.87 36.19
CA ASN F 32 35.22 49.57 35.67
C ASN F 32 34.01 48.68 35.32
N GLY F 33 32.80 49.22 35.48
CA GLY F 33 31.57 48.44 35.21
C GLY F 33 31.22 47.45 36.30
N ILE F 34 31.78 47.63 37.49
CA ILE F 34 31.37 46.85 38.68
C ILE F 34 30.09 47.42 39.23
N LEU F 35 29.02 46.64 39.19
CA LEU F 35 27.68 47.08 39.62
C LEU F 35 27.35 46.41 40.94
N GLU F 36 27.10 47.20 41.99
CA GLU F 36 26.59 46.67 43.24
C GLU F 36 25.08 46.87 43.27
N VAL F 37 24.34 45.76 43.45
CA VAL F 37 22.87 45.75 43.52
C VAL F 37 22.54 45.35 44.94
N ARG F 38 21.88 46.25 45.69
CA ARG F 38 21.61 46.06 47.10
C ARG F 38 20.11 46.03 47.36
N MET F 39 19.62 44.90 47.88
CA MET F 39 18.21 44.74 48.21
C MET F 39 17.91 45.48 49.51
N HIS F 40 16.80 46.21 49.53
CA HIS F 40 16.42 46.92 50.77
C HIS F 40 14.93 47.20 50.83
N THR F 41 14.44 47.45 52.04
CA THR F 41 13.10 47.97 52.27
C THR F 41 13.29 49.28 53.04
N ASN F 42 13.02 50.39 52.37
CA ASN F 42 13.21 51.72 52.97
C ASN F 42 14.59 51.87 53.61
N GLY F 43 15.62 51.29 52.99
CA GLY F 43 16.99 51.40 53.46
C GLY F 43 17.39 50.37 54.48
N SER F 44 16.41 49.60 54.96
CA SER F 44 16.61 48.54 55.92
C SER F 44 16.73 47.18 55.19
N SER F 45 16.97 46.13 55.96
CA SER F 45 17.00 44.76 55.41
C SER F 45 15.71 44.48 54.65
N LEU F 46 15.82 43.74 53.55
CA LEU F 46 14.67 43.48 52.70
C LEU F 46 13.56 42.68 53.41
N VAL F 47 12.32 43.15 53.31
CA VAL F 47 11.16 42.34 53.57
C VAL F 47 10.63 41.89 52.20
N PHE F 48 10.66 40.59 51.95
CA PHE F 48 10.25 40.10 50.63
C PHE F 48 8.74 40.22 50.49
N THR F 49 8.29 40.68 49.33
CA THR F 49 6.88 40.95 49.10
C THR F 49 6.40 40.36 47.78
N GLY F 50 5.09 40.39 47.54
CA GLY F 50 4.61 40.10 46.20
C GLY F 50 5.18 41.06 45.16
N LYS F 51 5.40 42.30 45.56
CA LYS F 51 5.98 43.29 44.69
C LYS F 51 7.42 42.90 44.26
N THR F 52 8.25 42.51 45.22
CA THR F 52 9.62 42.09 44.83
C THR F 52 9.55 40.80 44.00
N HIS F 53 8.61 39.90 44.34
CA HIS F 53 8.47 38.67 43.56
C HIS F 53 8.17 38.99 42.08
N ARG F 54 7.39 40.04 41.84
CA ARG F 54 7.03 40.46 40.50
C ARG F 54 8.13 41.27 39.82
N GLU F 55 8.79 42.16 40.58
CA GLU F 55 9.71 43.13 39.99
C GLU F 55 11.14 42.60 39.88
N PHE F 56 11.57 41.76 40.83
CA PHE F 56 12.96 41.25 40.73
C PHE F 56 13.29 40.57 39.39
N PRO F 57 12.39 39.72 38.83
CA PRO F 57 12.73 39.18 37.49
C PRO F 57 13.03 40.26 36.43
N ASP F 58 12.29 41.37 36.47
CA ASP F 58 12.53 42.45 35.51
C ASP F 58 13.85 43.14 35.82
N ALA F 59 14.16 43.28 37.11
CA ALA F 59 15.41 43.95 37.49
C ALA F 59 16.60 43.14 37.02
N PHE F 60 16.53 41.82 37.25
CA PHE F 60 17.66 40.96 36.84
C PHE F 60 17.75 40.91 35.30
N TYR F 61 16.60 40.93 34.59
CA TYR F 61 16.64 41.07 33.11
C TYR F 61 17.35 42.37 32.73
N ASP F 62 16.98 43.45 33.41
CA ASP F 62 17.56 44.78 33.06
C ASP F 62 19.08 44.79 33.28
N ILE F 63 19.52 44.20 34.38
CA ILE F 63 20.96 44.10 34.68
C ILE F 63 21.62 43.28 33.54
N SER F 64 20.98 42.16 33.14
CA SER F 64 21.57 41.27 32.14
C SER F 64 21.67 41.89 30.76
N ARG F 65 20.75 42.81 30.44
CA ARG F 65 20.73 43.46 29.10
C ARG F 65 21.82 44.51 28.95
N ASP F 66 22.20 45.13 30.06
CA ASP F 66 23.09 46.29 30.04
C ASP F 66 24.56 45.82 29.94
N ARG F 67 25.16 45.99 28.75
CA ARG F 67 26.55 45.54 28.54
C ARG F 67 27.60 46.33 29.31
N ASP F 68 27.21 47.45 29.91
CA ASP F 68 28.17 48.20 30.74
C ASP F 68 28.37 47.55 32.11
N ASN F 69 27.53 46.56 32.45
CA ASN F 69 27.76 45.79 33.66
C ASN F 69 28.81 44.74 33.34
N ARG F 70 29.94 44.82 34.02
CA ARG F 70 31.06 43.91 33.77
C ARG F 70 31.30 42.89 34.88
N VAL F 71 30.95 43.25 36.12
CA VAL F 71 30.93 42.33 37.26
C VAL F 71 29.73 42.77 38.09
N VAL F 72 28.96 41.85 38.68
CA VAL F 72 27.84 42.25 39.53
C VAL F 72 28.07 41.73 40.92
N ILE F 73 27.83 42.57 41.93
CA ILE F 73 27.78 42.15 43.33
C ILE F 73 26.34 42.28 43.77
N LEU F 74 25.76 41.18 44.24
CA LEU F 74 24.39 41.18 44.77
C LEU F 74 24.46 41.05 46.28
N THR F 75 23.76 41.95 46.99
CA THR F 75 23.83 41.98 48.45
C THR F 75 22.51 42.48 49.03
N GLY F 76 22.39 42.40 50.36
CA GLY F 76 21.24 42.94 51.10
C GLY F 76 21.71 44.13 51.93
N SER F 77 20.82 44.57 52.82
CA SER F 77 21.06 45.75 53.66
C SER F 77 20.97 45.39 55.13
N GLY F 78 21.60 46.21 55.97
CA GLY F 78 21.53 45.93 57.40
C GLY F 78 22.16 44.60 57.78
N ASP F 79 21.58 43.94 58.76
CA ASP F 79 22.19 42.76 59.38
C ASP F 79 21.66 41.44 58.84
N ALA F 80 20.76 41.50 57.85
CA ALA F 80 20.16 40.29 57.25
C ALA F 80 20.15 40.43 55.74
N TRP F 81 20.38 39.31 55.03
CA TRP F 81 20.34 39.29 53.59
C TRP F 81 18.84 39.24 53.18
N MET F 82 18.13 38.22 53.68
CA MET F 82 16.66 38.16 53.55
C MET F 82 16.16 37.28 54.68
N ALA F 83 15.53 37.90 55.67
CA ALA F 83 15.06 37.11 56.81
C ALA F 83 13.57 37.22 57.06
N GLU F 84 12.92 38.11 56.34
CA GLU F 84 11.49 38.39 56.52
C GLU F 84 10.72 38.37 55.23
N ILE F 85 9.50 37.84 55.32
CA ILE F 85 8.58 37.78 54.20
C ILE F 85 7.21 38.29 54.65
N ASP F 86 6.63 39.17 53.82
CA ASP F 86 5.25 39.59 53.95
C ASP F 86 4.44 38.55 53.17
N PHE F 87 4.10 37.46 53.87
CA PHE F 87 3.44 36.31 53.26
C PHE F 87 2.11 36.71 52.61
N PRO F 88 1.26 37.49 53.31
CA PRO F 88 -0.01 37.84 52.65
C PRO F 88 0.11 38.68 51.36
N SER F 89 1.19 39.47 51.25
CA SER F 89 1.41 40.33 50.08
C SER F 89 1.69 39.51 48.80
N LEU F 90 1.97 38.21 48.99
CA LEU F 90 2.13 37.28 47.86
C LEU F 90 0.82 37.02 47.11
N GLY F 91 -0.29 37.43 47.72
CA GLY F 91 -1.62 37.18 47.19
C GLY F 91 -2.22 35.88 47.71
N ASP F 92 -3.41 35.54 47.20
CA ASP F 92 -4.08 34.31 47.62
C ASP F 92 -3.46 33.09 46.92
N VAL F 93 -2.38 32.60 47.53
CA VAL F 93 -1.65 31.47 46.97
C VAL F 93 -2.52 30.22 46.81
N THR F 94 -3.65 30.14 47.55
CA THR F 94 -4.52 28.97 47.44
C THR F 94 -5.42 28.96 46.20
N ASN F 95 -5.46 30.06 45.47
CA ASN F 95 -6.27 30.19 44.27
C ASN F 95 -5.29 29.98 43.12
N PRO F 96 -5.48 28.92 42.32
CA PRO F 96 -4.50 28.66 41.24
C PRO F 96 -4.35 29.79 40.24
N ARG F 97 -5.38 30.63 40.08
CA ARG F 97 -5.32 31.74 39.16
C ARG F 97 -4.38 32.85 39.66
N GLU F 98 -4.20 32.92 40.99
CA GLU F 98 -3.27 33.87 41.60
C GLU F 98 -1.89 33.20 41.73
N TRP F 99 -1.88 31.91 42.12
CA TRP F 99 -0.60 31.21 42.16
C TRP F 99 0.10 31.22 40.79
N ASP F 100 -0.64 31.22 39.69
CA ASP F 100 -0.01 31.17 38.37
C ASP F 100 0.92 32.37 38.17
N LYS F 101 0.57 33.51 38.81
CA LYS F 101 1.44 34.69 38.73
C LYS F 101 2.79 34.37 39.42
N THR F 102 2.70 33.80 40.62
CA THR F 102 3.87 33.41 41.36
C THR F 102 4.69 32.35 40.59
N TYR F 103 4.00 31.38 40.00
CA TYR F 103 4.62 30.34 39.19
C TYR F 103 5.39 30.99 38.00
N TRP F 104 4.75 31.83 37.23
CA TRP F 104 5.39 32.42 36.06
C TRP F 104 6.61 33.25 36.48
N GLU F 105 6.43 34.05 37.54
CA GLU F 105 7.49 34.92 38.04
C GLU F 105 8.62 34.10 38.67
N GLY F 106 8.28 32.94 39.25
CA GLY F 106 9.27 32.06 39.87
C GLY F 106 10.17 31.39 38.84
N LYS F 107 9.58 31.08 37.69
CA LYS F 107 10.39 30.60 36.57
C LYS F 107 11.28 31.74 36.03
N LYS F 108 10.68 32.90 35.80
CA LYS F 108 11.46 33.98 35.21
C LYS F 108 12.60 34.47 36.10
N VAL F 109 12.41 34.51 37.41
CA VAL F 109 13.42 35.16 38.25
C VAL F 109 14.73 34.38 38.17
N LEU F 110 14.66 33.04 38.16
CA LEU F 110 15.89 32.23 38.06
C LEU F 110 16.48 32.24 36.67
N GLN F 111 15.62 32.18 35.66
CA GLN F 111 16.11 32.24 34.31
C GLN F 111 16.85 33.58 34.09
N ASN F 112 16.24 34.66 34.54
CA ASN F 112 16.82 35.97 34.30
C ASN F 112 18.07 36.24 35.12
N LEU F 113 18.10 35.74 36.35
CA LEU F 113 19.28 35.88 37.22
C LEU F 113 20.48 35.07 36.64
N LEU F 114 20.19 33.84 36.21
CA LEU F 114 21.21 33.03 35.58
C LEU F 114 21.72 33.64 34.29
N ASP F 115 20.83 34.33 33.56
CA ASP F 115 21.23 34.94 32.29
C ASP F 115 21.97 36.29 32.43
N ILE F 116 22.20 36.73 33.67
CA ILE F 116 23.26 37.75 33.85
C ILE F 116 24.55 37.15 33.27
N GLU F 117 25.19 37.86 32.33
CA GLU F 117 26.24 37.28 31.47
C GLU F 117 27.61 37.80 31.86
N VAL F 118 27.77 38.06 33.16
CA VAL F 118 29.06 38.42 33.73
C VAL F 118 29.16 37.74 35.10
N PRO F 119 30.36 37.64 35.68
CA PRO F 119 30.47 37.02 37.01
C PRO F 119 29.64 37.77 38.05
N VAL F 120 28.99 36.99 38.91
CA VAL F 120 28.15 37.53 39.96
C VAL F 120 28.71 37.08 41.31
N ILE F 121 29.03 38.07 42.13
CA ILE F 121 29.49 37.83 43.50
C ILE F 121 28.33 38.05 44.47
N SER F 122 28.02 37.06 45.30
CA SER F 122 27.10 37.26 46.43
C SER F 122 27.88 37.77 47.62
N ALA F 123 27.43 38.91 48.16
CA ALA F 123 27.93 39.35 49.48
C ALA F 123 26.78 39.16 50.47
N VAL F 124 26.81 38.02 51.16
CA VAL F 124 25.68 37.66 52.01
C VAL F 124 25.94 38.31 53.37
N ASN F 125 25.12 39.30 53.69
CA ASN F 125 25.36 40.21 54.84
C ASN F 125 24.64 39.80 56.11
N GLY F 126 24.14 38.56 56.17
CA GLY F 126 23.43 38.09 57.35
C GLY F 126 22.50 36.96 56.99
N ALA F 127 21.50 36.74 57.83
CA ALA F 127 20.57 35.63 57.66
C ALA F 127 19.97 35.61 56.25
N ALA F 128 19.97 34.43 55.65
CA ALA F 128 19.33 34.19 54.35
C ALA F 128 18.39 33.01 54.62
N LEU F 129 17.17 33.37 55.06
CA LEU F 129 16.19 32.36 55.50
C LEU F 129 15.11 32.08 54.47
N LEU F 130 15.11 32.84 53.39
CA LEU F 130 14.21 32.60 52.26
C LEU F 130 14.93 33.09 51.01
N HIS F 131 14.55 32.51 49.87
CA HIS F 131 15.11 32.89 48.56
C HIS F 131 16.62 32.80 48.43
N SER F 132 17.21 31.91 49.24
CA SER F 132 18.62 31.64 49.15
C SER F 132 18.99 31.02 47.81
N GLU F 133 18.03 30.47 47.07
CA GLU F 133 18.34 30.02 45.70
C GLU F 133 18.92 31.13 44.83
N TYR F 134 18.61 32.41 45.13
CA TYR F 134 19.27 33.49 44.34
C TYR F 134 20.80 33.39 44.49
N ILE F 135 21.24 33.18 45.74
CA ILE F 135 22.67 33.11 46.02
C ILE F 135 23.28 31.94 45.27
N LEU F 136 22.50 30.88 45.13
CA LEU F 136 23.02 29.63 44.54
C LEU F 136 23.01 29.70 43.01
N THR F 137 22.78 30.89 42.44
CA THR F 137 23.02 31.11 41.00
C THR F 137 24.38 31.78 40.80
N THR F 138 25.00 32.27 41.87
CA THR F 138 26.12 33.19 41.72
C THR F 138 27.44 32.45 41.82
N ASP F 139 28.49 33.13 41.35
CA ASP F 139 29.76 32.46 41.11
C ASP F 139 30.74 32.43 42.27
N ILE F 140 30.68 33.48 43.09
CA ILE F 140 31.60 33.68 44.23
C ILE F 140 30.71 34.07 45.38
N ILE F 141 30.79 33.33 46.48
CA ILE F 141 29.87 33.57 47.62
C ILE F 141 30.68 33.94 48.85
N LEU F 142 30.50 35.19 49.28
CA LEU F 142 31.17 35.70 50.49
C LEU F 142 30.08 35.92 51.52
N ALA F 143 30.38 35.62 52.79
CA ALA F 143 29.36 35.79 53.85
C ALA F 143 29.98 36.47 55.06
N SER F 144 29.21 37.39 55.64
CA SER F 144 29.58 37.93 56.95
C SER F 144 29.40 36.83 58.00
N GLU F 145 30.16 36.90 59.09
CA GLU F 145 30.19 35.83 60.10
C GLU F 145 28.86 35.55 60.82
N ASN F 146 27.96 36.54 60.78
CA ASN F 146 26.60 36.42 61.35
C ASN F 146 25.59 35.68 60.46
N THR F 147 26.02 35.36 59.24
CA THR F 147 25.11 34.75 58.25
C THR F 147 24.70 33.34 58.68
N VAL F 148 23.41 33.05 58.45
CA VAL F 148 22.86 31.70 58.59
C VAL F 148 22.00 31.46 57.35
N PHE F 149 22.04 30.23 56.85
CA PHE F 149 21.20 29.81 55.71
C PHE F 149 20.15 28.83 56.18
N GLN F 150 18.94 29.01 55.66
CA GLN F 150 17.87 28.03 55.98
C GLN F 150 16.78 28.18 54.94
N ASP F 151 16.07 27.08 54.66
CA ASP F 151 14.80 27.20 53.94
C ASP F 151 13.69 27.29 54.97
N MET F 152 13.42 28.50 55.41
CA MET F 152 12.43 28.66 56.48
C MET F 152 10.94 28.54 56.07
N PRO F 153 10.51 29.25 55.01
CA PRO F 153 9.06 29.43 54.84
C PRO F 153 8.24 28.26 54.34
N HIS F 154 8.85 27.36 53.56
CA HIS F 154 8.01 26.34 52.90
C HIS F 154 7.39 25.37 53.87
N LEU F 155 8.20 24.74 54.71
CA LEU F 155 7.66 23.77 55.63
C LEU F 155 6.96 24.45 56.82
N ASN F 156 7.17 25.75 57.00
CA ASN F 156 6.38 26.50 57.99
C ASN F 156 4.95 26.67 57.47
N ALA F 157 4.81 26.89 56.16
CA ALA F 157 3.51 27.09 55.54
C ALA F 157 2.84 25.76 55.15
N GLY F 158 3.61 24.69 55.03
CA GLY F 158 3.11 23.40 54.57
C GLY F 158 2.99 23.31 53.05
N ILE F 159 3.89 23.99 52.34
CA ILE F 159 3.92 23.91 50.87
C ILE F 159 5.30 23.48 50.37
N VAL F 160 5.37 23.05 49.11
CA VAL F 160 6.59 22.43 48.62
C VAL F 160 7.73 23.46 48.53
N PRO F 161 8.95 23.08 48.96
CA PRO F 161 10.14 23.92 48.67
C PRO F 161 10.52 23.76 47.20
N GLY F 162 9.67 24.32 46.33
CA GLY F 162 9.73 23.99 44.89
C GLY F 162 10.13 25.16 43.99
N ASP F 163 10.67 26.20 44.59
CA ASP F 163 11.04 27.44 43.87
C ASP F 163 12.49 27.50 43.40
N GLY F 164 13.15 26.34 43.40
CA GLY F 164 14.55 26.27 43.02
C GLY F 164 15.41 25.76 44.14
N VAL F 165 14.99 26.00 45.40
CA VAL F 165 15.77 25.41 46.47
C VAL F 165 15.88 23.88 46.34
N HIS F 166 14.87 23.23 45.74
CA HIS F 166 14.84 21.77 45.61
C HIS F 166 15.90 21.25 44.64
N ILE F 167 16.36 22.14 43.77
CA ILE F 167 17.39 21.78 42.81
C ILE F 167 18.75 22.23 43.33
N LEU F 168 18.81 23.50 43.78
CA LEU F 168 20.10 24.10 44.06
C LEU F 168 20.70 23.71 45.40
N TRP F 169 19.88 23.50 46.44
CA TRP F 169 20.47 23.07 47.70
C TRP F 169 21.04 21.65 47.60
N PRO F 170 20.33 20.70 46.95
CA PRO F 170 20.98 19.40 46.70
C PRO F 170 22.16 19.47 45.72
N LEU F 171 22.21 20.47 44.84
N LEU F 171 22.21 20.46 44.83
CA LEU F 171 23.38 20.64 44.01
CA LEU F 171 23.42 20.64 44.04
C LEU F 171 24.57 21.12 44.88
C LEU F 171 24.57 21.06 44.95
N ALA F 172 24.30 22.02 45.82
CA ALA F 172 25.34 22.58 46.68
C ALA F 172 25.83 21.59 47.72
N LEU F 173 24.90 20.88 48.36
CA LEU F 173 25.26 20.03 49.50
C LEU F 173 25.31 18.54 49.12
N GLY F 174 25.01 18.24 47.86
CA GLY F 174 24.85 16.86 47.43
C GLY F 174 23.42 16.41 47.68
N LEU F 175 23.07 15.32 47.00
CA LEU F 175 21.70 14.81 47.01
C LEU F 175 21.31 14.07 48.28
N TYR F 176 22.18 14.08 49.30
CA TYR F 176 21.92 13.43 50.61
C TYR F 176 21.74 14.53 51.63
N ARG F 177 22.82 15.24 51.96
CA ARG F 177 22.70 16.35 52.88
C ARG F 177 21.71 17.41 52.40
N GLY F 178 21.64 17.62 51.08
CA GLY F 178 20.69 18.57 50.55
C GLY F 178 19.22 18.26 50.85
N ARG F 179 18.86 16.99 50.75
CA ARG F 179 17.49 16.60 51.10
C ARG F 179 17.28 16.67 52.60
N TYR F 180 18.29 16.26 53.39
CA TYR F 180 18.20 16.42 54.85
C TYR F 180 17.95 17.88 55.24
N PHE F 181 18.75 18.76 54.65
CA PHE F 181 18.66 20.19 54.92
C PHE F 181 17.27 20.73 54.65
N LEU F 182 16.68 20.34 53.51
CA LEU F 182 15.38 20.85 53.16
C LEU F 182 14.27 20.22 54.02
N PHE F 183 14.30 18.89 54.16
CA PHE F 183 13.20 18.19 54.89
C PHE F 183 13.16 18.57 56.37
N THR F 184 14.31 18.92 56.94
CA THR F 184 14.35 19.19 58.40
C THR F 184 14.49 20.69 58.67
N GLN F 185 14.43 21.51 57.63
CA GLN F 185 14.61 22.95 57.80
C GLN F 185 15.88 23.27 58.60
N GLU F 186 16.95 22.57 58.25
CA GLU F 186 18.25 22.77 58.88
C GLU F 186 18.73 24.20 58.72
N LYS F 187 19.39 24.73 59.76
CA LYS F 187 20.08 26.01 59.67
C LYS F 187 21.58 25.74 59.59
N LEU F 188 22.23 26.41 58.66
CA LEU F 188 23.68 26.32 58.49
C LEU F 188 24.30 27.69 58.79
N THR F 189 25.29 27.71 59.67
CA THR F 189 26.02 28.93 59.95
C THR F 189 27.01 29.22 58.79
N ALA F 190 27.65 30.39 58.81
CA ALA F 190 28.64 30.73 57.82
C ALA F 190 29.81 29.75 57.82
N GLN F 191 30.31 29.38 58.99
CA GLN F 191 31.39 28.37 59.04
C GLN F 191 30.95 27.00 58.53
N GLN F 192 29.73 26.60 58.87
CA GLN F 192 29.25 25.32 58.34
C GLN F 192 29.17 25.38 56.80
N ALA F 193 28.63 26.49 56.28
CA ALA F 193 28.48 26.64 54.83
C ALA F 193 29.84 26.71 54.15
N TYR F 194 30.83 27.29 54.83
CA TYR F 194 32.18 27.38 54.31
C TYR F 194 32.79 25.99 54.18
N GLU F 195 32.66 25.18 55.24
CA GLU F 195 33.14 23.81 55.21
C GLU F 195 32.41 22.97 54.16
N LEU F 196 31.17 23.35 53.85
CA LEU F 196 30.38 22.66 52.84
C LEU F 196 30.59 23.19 51.42
N ASN F 197 31.51 24.16 51.29
CA ASN F 197 31.91 24.71 50.00
C ASN F 197 30.90 25.63 49.31
N VAL F 198 29.85 25.97 50.05
CA VAL F 198 28.85 26.93 49.57
C VAL F 198 29.36 28.37 49.75
N VAL F 199 29.85 28.67 50.96
CA VAL F 199 30.47 29.98 51.21
C VAL F 199 31.97 29.80 50.98
N HIS F 200 32.55 30.78 50.28
CA HIS F 200 33.99 30.71 49.94
C HIS F 200 34.92 31.50 50.81
N GLU F 201 34.40 32.56 51.43
CA GLU F 201 35.16 33.34 52.41
C GLU F 201 34.17 33.85 53.45
N VAL F 202 34.60 33.83 54.72
CA VAL F 202 33.80 34.32 55.81
C VAL F 202 34.53 35.56 56.35
N LEU F 203 33.80 36.66 56.46
CA LEU F 203 34.38 37.95 56.83
C LEU F 203 33.61 38.61 57.97
N PRO F 204 34.29 39.46 58.76
CA PRO F 204 33.52 40.30 59.65
C PRO F 204 32.55 41.19 58.85
N GLN F 205 31.42 41.54 59.45
CA GLN F 205 30.43 42.37 58.77
C GLN F 205 31.04 43.63 58.16
N SER F 206 31.96 44.28 58.88
CA SER F 206 32.51 45.55 58.42
C SER F 206 33.51 45.42 57.26
N LYS F 207 33.91 44.19 56.93
CA LYS F 207 34.90 43.94 55.87
C LYS F 207 34.30 43.26 54.64
N LEU F 208 33.04 42.84 54.75
CA LEU F 208 32.41 42.02 53.70
C LEU F 208 32.37 42.78 52.37
N MET F 209 31.88 44.02 52.36
CA MET F 209 31.70 44.73 51.09
C MET F 209 33.03 45.14 50.48
N GLU F 210 34.00 45.47 51.32
CA GLU F 210 35.30 45.86 50.81
C GLU F 210 35.93 44.66 50.07
N ARG F 211 35.71 43.47 50.62
CA ARG F 211 36.30 42.28 50.00
C ARG F 211 35.58 41.93 48.70
N ALA F 212 34.25 42.05 48.70
CA ALA F 212 33.51 41.88 47.44
C ALA F 212 34.04 42.79 46.32
N TRP F 213 34.25 44.06 46.64
CA TRP F 213 34.74 45.01 45.66
C TRP F 213 36.19 44.70 45.29
N GLU F 214 37.00 44.21 46.23
CA GLU F 214 38.38 43.81 45.90
C GLU F 214 38.44 42.67 44.88
N ILE F 215 37.62 41.64 45.11
CA ILE F 215 37.55 40.53 44.15
C ILE F 215 37.03 41.02 42.79
N ALA F 216 36.02 41.86 42.84
CA ALA F 216 35.43 42.46 41.65
C ALA F 216 36.45 43.27 40.85
N ARG F 217 37.27 44.06 41.54
CA ARG F 217 38.25 44.87 40.79
C ARG F 217 39.29 43.99 40.13
N THR F 218 39.69 42.92 40.80
CA THR F 218 40.60 41.96 40.16
C THR F 218 39.94 41.31 38.91
N LEU F 219 38.68 40.91 39.04
CA LEU F 219 37.97 40.38 37.87
C LEU F 219 37.88 41.38 36.75
N ALA F 220 37.58 42.63 37.11
CA ALA F 220 37.29 43.67 36.09
C ALA F 220 38.50 44.03 35.22
N LYS F 221 39.70 43.60 35.63
CA LYS F 221 40.86 43.79 34.77
C LYS F 221 40.87 42.84 33.59
N GLN F 222 40.09 41.76 33.63
CA GLN F 222 39.96 40.88 32.48
C GLN F 222 39.33 41.58 31.31
N PRO F 223 39.60 41.09 30.09
CA PRO F 223 38.81 41.63 28.97
C PRO F 223 37.32 41.27 29.15
N THR F 224 36.45 42.11 28.60
CA THR F 224 35.01 41.95 28.74
C THR F 224 34.48 40.64 28.20
N LEU F 225 34.88 40.27 26.98
CA LEU F 225 34.36 38.98 26.45
C LEU F 225 34.82 37.82 27.32
N ASN F 226 36.04 37.86 27.86
CA ASN F 226 36.46 36.76 28.72
C ASN F 226 35.57 36.68 29.97
N LEU F 227 35.20 37.83 30.55
CA LEU F 227 34.29 37.80 31.71
C LEU F 227 32.96 37.18 31.33
N ARG F 228 32.44 37.60 30.17
CA ARG F 228 31.10 37.16 29.74
C ARG F 228 31.11 35.67 29.43
N TYR F 229 32.09 35.23 28.65
CA TYR F 229 32.10 33.84 28.19
C TYR F 229 32.58 32.88 29.25
N THR F 230 33.35 33.36 30.22
CA THR F 230 33.65 32.48 31.37
C THR F 230 32.36 32.26 32.20
N ARG F 231 31.59 33.30 32.42
CA ARG F 231 30.28 33.13 33.05
C ARG F 231 29.39 32.17 32.26
N VAL F 232 29.35 32.32 30.94
CA VAL F 232 28.55 31.41 30.09
C VAL F 232 29.02 29.95 30.27
N ALA F 233 30.33 29.74 30.15
CA ALA F 233 30.85 28.36 30.19
C ALA F 233 30.57 27.71 31.56
N LEU F 234 30.65 28.50 32.64
CA LEU F 234 30.53 27.99 34.00
C LEU F 234 29.08 27.85 34.43
N THR F 235 28.11 28.33 33.63
CA THR F 235 26.70 28.25 34.00
C THR F 235 25.87 27.35 33.10
N GLN F 236 26.47 26.74 32.07
CA GLN F 236 25.69 25.90 31.17
C GLN F 236 24.98 24.75 31.89
N ARG F 237 25.73 23.97 32.68
CA ARG F 237 25.15 22.83 33.35
C ARG F 237 24.15 23.29 34.43
N LEU F 238 24.51 24.34 35.15
CA LEU F 238 23.66 24.89 36.17
C LEU F 238 22.31 25.30 35.57
N LYS F 239 22.29 26.00 34.44
CA LYS F 239 21.05 26.41 33.76
C LYS F 239 20.22 25.20 33.34
N ARG F 240 20.87 24.17 32.82
CA ARG F 240 20.13 22.96 32.41
C ARG F 240 19.45 22.34 33.64
N LEU F 241 20.17 22.29 34.77
CA LEU F 241 19.59 21.65 35.97
C LEU F 241 18.41 22.44 36.52
N VAL F 242 18.54 23.77 36.48
CA VAL F 242 17.42 24.62 36.94
C VAL F 242 16.22 24.43 36.02
N ASN F 243 16.43 24.51 34.69
N ASN F 243 16.46 24.49 34.71
CA ASN F 243 15.36 24.34 33.71
CA ASN F 243 15.39 24.38 33.78
C ASN F 243 14.64 23.02 33.93
C ASN F 243 14.67 23.02 33.88
N GLU F 244 15.41 21.98 34.27
CA GLU F 244 14.81 20.64 34.38
C GLU F 244 13.67 20.61 35.40
N GLY F 245 13.89 21.29 36.52
CA GLY F 245 12.98 21.11 37.67
C GLY F 245 12.22 22.33 38.15
N ILE F 246 12.46 23.52 37.60
CA ILE F 246 11.89 24.71 38.24
C ILE F 246 10.37 24.75 38.04
N GLY F 247 9.91 24.50 36.83
CA GLY F 247 8.48 24.59 36.60
C GLY F 247 7.72 23.51 37.36
N TYR F 248 8.25 22.29 37.36
CA TYR F 248 7.59 21.19 38.06
C TYR F 248 7.51 21.47 39.55
N GLY F 249 8.63 21.94 40.13
CA GLY F 249 8.57 22.31 41.55
C GLY F 249 7.54 23.38 41.87
N LEU F 250 7.43 24.42 41.04
CA LEU F 250 6.50 25.50 41.32
C LEU F 250 5.07 25.04 41.10
N ALA F 251 4.83 24.12 40.16
CA ALA F 251 3.46 23.61 39.94
C ALA F 251 3.07 22.73 41.15
N LEU F 252 3.97 21.84 41.58
CA LEU F 252 3.70 21.01 42.75
C LEU F 252 3.46 21.91 43.99
N GLU F 253 4.26 22.97 44.14
CA GLU F 253 4.09 23.90 45.25
C GLU F 253 2.69 24.52 45.16
N GLY F 254 2.27 24.91 43.97
CA GLY F 254 0.93 25.50 43.78
C GLY F 254 -0.16 24.58 44.25
N ILE F 255 -0.05 23.29 43.90
CA ILE F 255 -1.08 22.33 44.34
C ILE F 255 -1.10 22.26 45.86
N THR F 256 0.07 22.22 46.50
CA THR F 256 0.06 22.22 47.97
C THR F 256 -0.52 23.51 48.55
N ALA F 257 -0.33 24.64 47.88
CA ALA F 257 -0.93 25.90 48.35
C ALA F 257 -2.47 25.81 48.23
N THR F 258 -2.97 25.30 47.12
CA THR F 258 -4.43 25.06 46.99
C THR F 258 -4.92 24.19 48.11
N ASP F 259 -4.15 23.18 48.46
CA ASP F 259 -4.59 22.21 49.46
C ASP F 259 -4.73 22.83 50.87
N LEU F 260 -4.13 23.99 51.09
CA LEU F 260 -4.28 24.69 52.38
C LEU F 260 -5.74 25.06 52.66
N ARG F 261 -6.57 25.11 51.62
CA ARG F 261 -8.03 25.28 51.79
C ARG F 261 -8.75 24.04 52.36
N ASN F 262 -8.17 22.86 52.14
CA ASN F 262 -8.70 21.59 52.66
C ASN F 262 -8.33 21.35 54.13
N THR F 263 -7.66 22.17 54.78
N GLN G 15 11.97 -16.27 -58.76
CA GLN G 15 10.75 -16.87 -58.12
C GLN G 15 11.07 -17.45 -56.74
N PRO G 16 10.11 -17.37 -55.82
CA PRO G 16 10.31 -17.91 -54.49
C PRO G 16 10.54 -19.40 -54.54
N GLU G 17 11.30 -19.91 -53.55
CA GLU G 17 11.60 -21.33 -53.46
C GLU G 17 10.34 -22.15 -53.33
N TYR G 18 9.34 -21.62 -52.62
CA TYR G 18 8.16 -22.43 -52.40
C TYR G 18 7.36 -22.73 -53.68
N PHE G 19 7.59 -21.96 -54.75
CA PHE G 19 6.95 -22.26 -56.06
C PHE G 19 7.28 -23.66 -56.58
N THR G 20 8.39 -24.24 -56.14
CA THR G 20 8.79 -25.58 -56.62
C THR G 20 8.91 -26.59 -55.47
N LYS G 21 8.26 -26.31 -54.34
CA LYS G 21 8.35 -27.12 -53.14
C LYS G 21 7.23 -28.18 -53.08
N TYR G 22 6.17 -27.97 -53.87
CA TYR G 22 4.96 -28.81 -53.68
C TYR G 22 4.62 -29.57 -54.95
N GLU G 23 4.80 -30.89 -54.89
CA GLU G 23 4.62 -31.67 -56.12
C GLU G 23 3.19 -31.67 -56.66
N ASN G 24 2.23 -31.25 -55.84
CA ASN G 24 0.83 -31.19 -56.26
C ASN G 24 0.27 -29.78 -56.43
N LEU G 25 1.16 -28.79 -56.45
CA LEU G 25 0.77 -27.42 -56.71
C LEU G 25 1.68 -26.72 -57.69
N HIS G 26 1.10 -26.20 -58.76
CA HIS G 26 1.86 -25.42 -59.70
C HIS G 26 1.58 -23.93 -59.42
N PHE G 27 2.62 -23.11 -59.47
CA PHE G 27 2.52 -21.68 -59.14
C PHE G 27 2.94 -20.84 -60.34
N HIS G 28 2.16 -19.81 -60.64
CA HIS G 28 2.51 -18.84 -61.67
C HIS G 28 2.09 -17.48 -61.20
N ARG G 29 3.00 -16.52 -61.21
CA ARG G 29 2.68 -15.17 -60.74
C ARG G 29 3.08 -14.16 -61.80
N ASP G 30 2.21 -13.21 -62.09
CA ASP G 30 2.48 -12.15 -63.06
C ASP G 30 3.13 -10.95 -62.37
N GLU G 31 3.43 -9.92 -63.16
CA GLU G 31 4.14 -8.75 -62.67
C GLU G 31 3.28 -7.88 -61.74
N ASN G 32 1.98 -8.18 -61.69
CA ASN G 32 1.02 -7.44 -60.86
C ASN G 32 0.81 -8.15 -59.52
N GLY G 33 1.51 -9.25 -59.31
CA GLY G 33 1.37 -10.04 -58.08
C GLY G 33 0.14 -10.96 -58.07
N ILE G 34 -0.43 -11.24 -59.23
CA ILE G 34 -1.52 -12.20 -59.33
C ILE G 34 -0.92 -13.59 -59.40
N LEU G 35 -1.20 -14.39 -58.38
CA LEU G 35 -0.68 -15.73 -58.27
C LEU G 35 -1.74 -16.77 -58.54
N GLU G 36 -1.55 -17.56 -59.61
CA GLU G 36 -2.39 -18.71 -59.82
C GLU G 36 -1.77 -19.96 -59.16
N VAL G 37 -2.53 -20.61 -58.29
CA VAL G 37 -2.12 -21.81 -57.59
C VAL G 37 -3.02 -22.92 -58.13
N ARG G 38 -2.39 -23.87 -58.84
CA ARG G 38 -3.14 -24.93 -59.53
C ARG G 38 -2.81 -26.28 -58.93
N MET G 39 -3.84 -26.94 -58.40
CA MET G 39 -3.71 -28.28 -57.82
C MET G 39 -3.62 -29.31 -58.95
N HIS G 40 -2.72 -30.28 -58.83
CA HIS G 40 -2.58 -31.28 -59.91
C HIS G 40 -1.90 -32.51 -59.39
N THR G 41 -2.08 -33.61 -60.12
CA THR G 41 -1.28 -34.81 -59.90
C THR G 41 -0.64 -35.13 -61.25
N ASN G 42 0.70 -35.01 -61.32
CA ASN G 42 1.44 -35.14 -62.60
C ASN G 42 0.85 -34.29 -63.72
N GLY G 43 0.29 -33.14 -63.37
CA GLY G 43 -0.23 -32.19 -64.36
C GLY G 43 -1.67 -32.46 -64.79
N SER G 44 -2.27 -33.52 -64.29
CA SER G 44 -3.70 -33.74 -64.52
C SER G 44 -4.50 -33.45 -63.24
N SER G 45 -5.79 -33.75 -63.24
CA SER G 45 -6.65 -33.47 -62.07
C SER G 45 -6.10 -34.09 -60.78
N LEU G 46 -6.25 -33.33 -59.68
CA LEU G 46 -5.72 -33.77 -58.39
C LEU G 46 -6.32 -35.08 -57.89
N VAL G 47 -5.45 -35.96 -57.44
CA VAL G 47 -5.83 -37.07 -56.62
C VAL G 47 -5.44 -36.68 -55.19
N PHE G 48 -6.42 -36.53 -54.31
CA PHE G 48 -6.11 -36.08 -52.96
C PHE G 48 -5.46 -37.22 -52.20
N THR G 49 -4.40 -36.91 -51.45
CA THR G 49 -3.64 -37.94 -50.74
C THR G 49 -3.30 -37.52 -49.31
N GLY G 50 -2.77 -38.43 -48.50
CA GLY G 50 -2.18 -38.06 -47.19
C GLY G 50 -1.13 -36.99 -47.36
N LYS G 51 -0.36 -37.06 -48.43
CA LYS G 51 0.68 -36.08 -48.69
C LYS G 51 0.07 -34.70 -48.90
N THR G 52 -0.97 -34.60 -49.74
CA THR G 52 -1.59 -33.27 -49.91
C THR G 52 -2.24 -32.77 -48.60
N HIS G 53 -2.80 -33.69 -47.85
CA HIS G 53 -3.43 -33.30 -46.59
C HIS G 53 -2.38 -32.71 -45.66
N ARG G 54 -1.16 -33.22 -45.70
CA ARG G 54 -0.10 -32.72 -44.84
C ARG G 54 0.58 -31.48 -45.40
N GLU G 55 0.75 -31.42 -46.72
CA GLU G 55 1.53 -30.35 -47.35
C GLU G 55 0.70 -29.11 -47.64
N PHE G 56 -0.58 -29.28 -48.01
CA PHE G 56 -1.36 -28.09 -48.35
C PHE G 56 -1.40 -27.02 -47.24
N PRO G 57 -1.55 -27.42 -45.97
CA PRO G 57 -1.51 -26.36 -44.92
C PRO G 57 -0.23 -25.54 -44.99
N ASP G 58 0.91 -26.17 -45.28
CA ASP G 58 2.15 -25.42 -45.36
C ASP G 58 2.19 -24.56 -46.60
N ALA G 59 1.66 -25.08 -47.71
CA ALA G 59 1.61 -24.27 -48.94
C ALA G 59 0.77 -23.00 -48.77
N PHE G 60 -0.41 -23.17 -48.16
CA PHE G 60 -1.26 -22.03 -47.92
C PHE G 60 -0.59 -21.04 -46.95
N TYR G 61 0.12 -21.56 -45.94
CA TYR G 61 0.90 -20.65 -45.10
C TYR G 61 1.95 -19.89 -45.93
N ASP G 62 2.69 -20.62 -46.78
CA ASP G 62 3.74 -20.00 -47.58
C ASP G 62 3.16 -18.92 -48.49
N ILE G 63 2.01 -19.18 -49.11
CA ILE G 63 1.35 -18.17 -49.94
C ILE G 63 1.02 -16.93 -49.11
N SER G 64 0.46 -17.19 -47.90
CA SER G 64 -0.01 -16.10 -47.02
C SER G 64 1.14 -15.24 -46.52
N ARG G 65 2.32 -15.83 -46.36
CA ARG G 65 3.47 -15.07 -45.82
C ARG G 65 4.11 -14.14 -46.84
N ASP G 66 3.96 -14.47 -48.13
CA ASP G 66 4.65 -13.77 -49.21
C ASP G 66 3.86 -12.54 -49.65
N ARG G 67 4.36 -11.36 -49.26
CA ARG G 67 3.67 -10.09 -49.57
C ARG G 67 3.62 -9.73 -51.05
N ASP G 68 4.44 -10.41 -51.85
CA ASP G 68 4.36 -10.22 -53.29
C ASP G 68 3.11 -10.83 -53.94
N ASN G 69 2.40 -11.68 -53.21
CA ASN G 69 1.10 -12.15 -53.68
C ASN G 69 0.06 -11.10 -53.38
N ARG G 70 -0.53 -10.57 -54.43
CA ARG G 70 -1.49 -9.47 -54.30
C ARG G 70 -2.95 -9.87 -54.59
N VAL G 71 -3.12 -10.90 -55.43
CA VAL G 71 -4.42 -11.56 -55.65
C VAL G 71 -4.09 -13.02 -55.85
N VAL G 72 -4.91 -13.94 -55.35
CA VAL G 72 -4.69 -15.38 -55.55
C VAL G 72 -5.83 -16.00 -56.34
N ILE G 73 -5.51 -16.81 -57.36
CA ILE G 73 -6.52 -17.64 -58.02
C ILE G 73 -6.21 -19.07 -57.64
N LEU G 74 -7.19 -19.79 -57.05
CA LEU G 74 -7.00 -21.18 -56.69
C LEU G 74 -7.84 -22.04 -57.63
N THR G 75 -7.20 -23.03 -58.26
CA THR G 75 -7.89 -23.84 -59.29
C THR G 75 -7.32 -25.25 -59.30
N GLY G 76 -8.03 -26.11 -60.04
CA GLY G 76 -7.57 -27.48 -60.26
C GLY G 76 -7.04 -27.63 -61.70
N SER G 77 -6.85 -28.90 -62.10
CA SER G 77 -6.33 -29.22 -63.44
C SER G 77 -7.25 -30.22 -64.11
N GLY G 78 -7.11 -30.29 -65.43
CA GLY G 78 -7.96 -31.22 -66.17
C GLY G 78 -9.41 -30.81 -66.06
N ASP G 79 -10.31 -31.78 -66.05
CA ASP G 79 -11.73 -31.45 -66.10
C ASP G 79 -12.48 -31.69 -64.79
N ALA G 80 -11.72 -31.90 -63.70
CA ALA G 80 -12.25 -31.95 -62.34
C ALA G 80 -11.42 -31.07 -61.40
N TRP G 81 -12.10 -30.42 -60.45
CA TRP G 81 -11.40 -29.63 -59.43
C TRP G 81 -10.79 -30.57 -58.36
N MET G 82 -11.63 -31.41 -57.76
CA MET G 82 -11.19 -32.51 -56.94
C MET G 82 -12.28 -33.58 -56.89
N ALA G 83 -12.03 -34.69 -57.55
CA ALA G 83 -13.00 -35.77 -57.65
C ALA G 83 -12.41 -37.14 -57.33
N GLU G 84 -11.11 -37.19 -57.04
CA GLU G 84 -10.44 -38.47 -56.72
C GLU G 84 -9.66 -38.37 -55.42
N ILE G 85 -9.64 -39.49 -54.69
CA ILE G 85 -8.86 -39.60 -53.46
C ILE G 85 -8.12 -40.95 -53.46
N ASP G 86 -6.93 -40.95 -52.89
CA ASP G 86 -6.17 -42.19 -52.69
C ASP G 86 -6.38 -42.53 -51.22
N PHE G 87 -7.35 -43.42 -50.97
CA PHE G 87 -7.69 -43.75 -49.60
C PHE G 87 -6.55 -44.41 -48.80
N PRO G 88 -5.84 -45.41 -49.39
CA PRO G 88 -4.71 -45.97 -48.62
C PRO G 88 -3.72 -44.91 -48.14
N SER G 89 -3.47 -43.90 -48.98
CA SER G 89 -2.45 -42.88 -48.68
C SER G 89 -2.81 -42.00 -47.48
N LEU G 90 -4.09 -42.00 -47.10
CA LEU G 90 -4.54 -41.18 -45.97
C LEU G 90 -4.03 -41.66 -44.64
N GLY G 91 -3.63 -42.93 -44.56
CA GLY G 91 -3.18 -43.49 -43.28
C GLY G 91 -4.32 -44.25 -42.60
N ASP G 92 -4.00 -44.96 -41.51
CA ASP G 92 -5.05 -45.67 -40.77
C ASP G 92 -5.89 -44.72 -39.91
N VAL G 93 -6.90 -44.13 -40.55
CA VAL G 93 -7.76 -43.17 -39.85
C VAL G 93 -8.47 -43.75 -38.62
N THR G 94 -8.57 -45.09 -38.53
CA THR G 94 -9.27 -45.70 -37.41
C THR G 94 -8.43 -45.79 -36.12
N ASN G 95 -7.15 -45.39 -36.21
CA ASN G 95 -6.25 -45.35 -35.07
C ASN G 95 -6.18 -43.88 -34.60
N PRO G 96 -6.64 -43.58 -33.37
CA PRO G 96 -6.63 -42.16 -32.96
C PRO G 96 -5.26 -41.51 -33.02
N ARG G 97 -4.18 -42.27 -32.89
CA ARG G 97 -2.84 -41.68 -32.95
C ARG G 97 -2.47 -41.24 -34.36
N GLU G 98 -3.05 -41.91 -35.37
CA GLU G 98 -2.89 -41.49 -36.75
C GLU G 98 -3.92 -40.42 -37.11
N TRP G 99 -5.16 -40.61 -36.66
CA TRP G 99 -6.19 -39.57 -36.89
C TRP G 99 -5.73 -38.22 -36.36
N ASP G 100 -4.97 -38.18 -35.27
CA ASP G 100 -4.58 -36.90 -34.69
C ASP G 100 -3.77 -36.10 -35.69
N LYS G 101 -3.01 -36.75 -36.57
CA LYS G 101 -2.28 -36.02 -37.62
C LYS G 101 -3.28 -35.35 -38.55
N THR G 102 -4.31 -36.10 -38.95
CA THR G 102 -5.34 -35.57 -39.84
C THR G 102 -6.10 -34.42 -39.14
N TYR G 103 -6.42 -34.63 -37.87
CA TYR G 103 -7.07 -33.58 -37.04
C TYR G 103 -6.22 -32.28 -37.02
N TRP G 104 -4.95 -32.40 -36.67
CA TRP G 104 -4.11 -31.20 -36.54
C TRP G 104 -4.01 -30.50 -37.91
N GLU G 105 -3.80 -31.29 -38.96
CA GLU G 105 -3.67 -30.78 -40.32
C GLU G 105 -4.98 -30.17 -40.83
N GLY G 106 -6.11 -30.75 -40.41
CA GLY G 106 -7.43 -30.30 -40.85
C GLY G 106 -7.74 -28.97 -40.20
N LYS G 107 -7.29 -28.74 -38.97
CA LYS G 107 -7.47 -27.40 -38.35
C LYS G 107 -6.54 -26.43 -39.05
N LYS G 108 -5.27 -26.80 -39.30
CA LYS G 108 -4.35 -25.84 -39.88
C LYS G 108 -4.71 -25.46 -41.30
N VAL G 109 -5.21 -26.41 -42.12
CA VAL G 109 -5.40 -26.07 -43.52
C VAL G 109 -6.41 -24.93 -43.69
N LEU G 110 -7.50 -25.01 -42.94
CA LEU G 110 -8.51 -23.91 -43.03
C LEU G 110 -8.03 -22.61 -42.38
N GLN G 111 -7.34 -22.73 -41.24
CA GLN G 111 -6.79 -21.50 -40.64
C GLN G 111 -5.82 -20.82 -41.61
N ASN G 112 -4.98 -21.62 -42.27
CA ASN G 112 -3.93 -21.03 -43.07
C ASN G 112 -4.47 -20.47 -44.40
N LEU G 113 -5.46 -21.18 -44.96
CA LEU G 113 -6.14 -20.79 -46.18
C LEU G 113 -6.90 -19.46 -45.93
N LEU G 114 -7.64 -19.40 -44.81
CA LEU G 114 -8.37 -18.15 -44.50
C LEU G 114 -7.41 -17.01 -44.25
N ASP G 115 -6.21 -17.32 -43.72
CA ASP G 115 -5.25 -16.30 -43.39
C ASP G 115 -4.43 -15.80 -44.60
N ILE G 116 -4.69 -16.35 -45.81
CA ILE G 116 -4.24 -15.65 -47.01
C ILE G 116 -4.86 -14.23 -46.95
N GLU G 117 -4.02 -13.20 -47.07
CA GLU G 117 -4.39 -11.85 -46.74
C GLU G 117 -4.58 -10.99 -47.97
N VAL G 118 -5.01 -11.64 -49.05
CA VAL G 118 -5.43 -10.93 -50.25
C VAL G 118 -6.71 -11.62 -50.78
N PRO G 119 -7.42 -10.99 -51.71
CA PRO G 119 -8.60 -11.65 -52.30
C PRO G 119 -8.20 -12.96 -52.95
N VAL G 120 -9.06 -13.96 -52.79
CA VAL G 120 -8.87 -15.29 -53.37
C VAL G 120 -10.03 -15.57 -54.30
N ILE G 121 -9.71 -15.82 -55.58
CA ILE G 121 -10.72 -16.23 -56.56
C ILE G 121 -10.64 -17.72 -56.72
N SER G 122 -11.74 -18.43 -56.59
CA SER G 122 -11.80 -19.85 -56.97
C SER G 122 -12.19 -19.97 -58.44
N ALA G 123 -11.41 -20.73 -59.19
CA ALA G 123 -11.81 -21.10 -60.55
C ALA G 123 -12.09 -22.60 -60.50
N VAL G 124 -13.37 -22.95 -60.34
CA VAL G 124 -13.72 -24.34 -60.15
C VAL G 124 -13.89 -25.00 -61.52
N ASN G 125 -12.97 -25.89 -61.87
CA ASN G 125 -12.85 -26.36 -63.26
C ASN G 125 -13.53 -27.69 -63.54
N GLY G 126 -14.44 -28.10 -62.68
CA GLY G 126 -15.13 -29.38 -62.85
C GLY G 126 -15.57 -29.89 -61.49
N ALA G 127 -15.86 -31.18 -61.40
CA ALA G 127 -16.42 -31.77 -60.19
C ALA G 127 -15.60 -31.39 -58.97
N ALA G 128 -16.33 -31.01 -57.90
CA ALA G 128 -15.77 -30.76 -56.57
C ALA G 128 -16.56 -31.62 -55.60
N LEU G 129 -16.09 -32.85 -55.46
CA LEU G 129 -16.77 -33.89 -54.70
C LEU G 129 -16.18 -34.16 -53.32
N LEU G 130 -15.01 -33.56 -53.07
CA LEU G 130 -14.42 -33.61 -51.74
C LEU G 130 -13.65 -32.31 -51.56
N HIS G 131 -13.46 -31.93 -50.29
CA HIS G 131 -12.68 -30.76 -49.91
C HIS G 131 -13.18 -29.44 -50.50
N SER G 132 -14.48 -29.42 -50.79
CA SER G 132 -15.10 -28.20 -51.31
C SER G 132 -15.09 -27.08 -50.26
N GLU G 133 -14.84 -27.42 -48.99
CA GLU G 133 -14.67 -26.40 -47.98
C GLU G 133 -13.56 -25.41 -48.35
N TYR G 134 -12.54 -25.85 -49.11
CA TYR G 134 -11.49 -24.89 -49.54
C TYR G 134 -12.12 -23.75 -50.36
N ILE G 135 -13.03 -24.12 -51.28
CA ILE G 135 -13.68 -23.13 -52.13
C ILE G 135 -14.50 -22.16 -51.26
N LEU G 136 -15.08 -22.68 -50.19
CA LEU G 136 -15.94 -21.87 -49.32
C LEU G 136 -15.16 -20.95 -48.37
N THR G 137 -13.85 -20.86 -48.54
CA THR G 137 -13.08 -19.81 -47.88
C THR G 137 -12.81 -18.64 -48.80
N THR G 138 -13.09 -18.80 -50.09
CA THR G 138 -12.67 -17.82 -51.10
C THR G 138 -13.72 -16.73 -51.39
N ASP G 139 -13.27 -15.63 -51.98
CA ASP G 139 -14.08 -14.40 -52.10
C ASP G 139 -14.96 -14.31 -53.32
N ILE G 140 -14.48 -14.92 -54.40
CA ILE G 140 -15.17 -14.86 -55.70
C ILE G 140 -15.12 -16.29 -56.25
N ILE G 141 -16.27 -16.83 -56.62
CA ILE G 141 -16.33 -18.23 -57.01
C ILE G 141 -16.84 -18.33 -58.44
N LEU G 142 -15.97 -18.81 -59.32
CA LEU G 142 -16.30 -18.98 -60.74
C LEU G 142 -16.31 -20.47 -60.99
N ALA G 143 -17.27 -20.98 -61.77
CA ALA G 143 -17.29 -22.41 -62.08
C ALA G 143 -17.53 -22.64 -63.55
N SER G 144 -16.87 -23.66 -64.08
CA SER G 144 -17.16 -24.13 -65.43
C SER G 144 -18.54 -24.82 -65.45
N GLU G 145 -19.15 -24.86 -66.63
CA GLU G 145 -20.50 -25.44 -66.79
C GLU G 145 -20.64 -26.89 -66.31
N ASN G 146 -19.55 -27.66 -66.41
CA ASN G 146 -19.51 -29.07 -66.02
C ASN G 146 -19.30 -29.30 -64.53
N THR G 147 -19.12 -28.21 -63.76
CA THR G 147 -18.89 -28.37 -62.33
C THR G 147 -20.11 -28.93 -61.61
N VAL G 148 -19.84 -29.84 -60.67
CA VAL G 148 -20.85 -30.32 -59.74
C VAL G 148 -20.22 -30.24 -58.34
N PHE G 149 -21.02 -29.89 -57.35
CA PHE G 149 -20.59 -29.87 -55.94
C PHE G 149 -21.29 -30.98 -55.17
N GLN G 150 -20.55 -31.65 -54.31
CA GLN G 150 -21.12 -32.67 -53.47
C GLN G 150 -20.17 -32.93 -52.30
N ASP G 151 -20.71 -33.29 -51.15
CA ASP G 151 -19.87 -33.88 -50.09
C ASP G 151 -19.96 -35.41 -50.26
N MET G 152 -19.11 -35.94 -51.14
CA MET G 152 -19.19 -37.37 -51.43
C MET G 152 -18.66 -38.32 -50.34
N PRO G 153 -17.45 -38.09 -49.81
CA PRO G 153 -16.78 -39.20 -49.11
C PRO G 153 -17.20 -39.50 -47.67
N HIS G 154 -17.74 -38.51 -46.96
CA HIS G 154 -17.96 -38.74 -45.54
C HIS G 154 -19.03 -39.79 -45.26
N LEU G 155 -20.21 -39.58 -45.84
CA LEU G 155 -21.27 -40.55 -45.60
C LEU G 155 -21.06 -41.83 -46.42
N ASN G 156 -20.20 -41.82 -47.44
CA ASN G 156 -19.80 -43.09 -48.07
C ASN G 156 -18.96 -43.95 -47.13
N ALA G 157 -18.12 -43.31 -46.33
CA ALA G 157 -17.25 -44.02 -45.39
C ALA G 157 -17.91 -44.31 -44.04
N GLY G 158 -19.01 -43.62 -43.73
CA GLY G 158 -19.62 -43.70 -42.43
C GLY G 158 -19.00 -42.83 -41.34
N ILE G 159 -18.40 -41.69 -41.73
CA ILE G 159 -17.74 -40.83 -40.72
C ILE G 159 -18.31 -39.41 -40.84
N VAL G 160 -18.07 -38.61 -39.81
CA VAL G 160 -18.72 -37.30 -39.75
C VAL G 160 -18.19 -36.38 -40.83
N PRO G 161 -19.09 -35.63 -41.52
CA PRO G 161 -18.63 -34.55 -42.40
C PRO G 161 -18.15 -33.34 -41.56
N GLY G 162 -16.99 -33.51 -40.91
CA GLY G 162 -16.60 -32.64 -39.81
C GLY G 162 -15.34 -31.84 -40.03
N ASP G 163 -14.93 -31.77 -41.29
CA ASP G 163 -13.68 -31.11 -41.67
C ASP G 163 -13.88 -29.68 -42.15
N GLY G 164 -15.04 -29.11 -41.80
CA GLY G 164 -15.33 -27.75 -42.21
C GLY G 164 -16.52 -27.67 -43.12
N VAL G 165 -16.84 -28.76 -43.84
CA VAL G 165 -18.07 -28.75 -44.62
C VAL G 165 -19.29 -28.56 -43.73
N HIS G 166 -19.23 -28.99 -42.47
CA HIS G 166 -20.34 -28.87 -41.54
C HIS G 166 -20.67 -27.43 -41.13
N ILE G 167 -19.70 -26.54 -41.29
CA ILE G 167 -19.86 -25.13 -40.94
C ILE G 167 -20.14 -24.35 -42.24
N LEU G 168 -19.35 -24.61 -43.27
CA LEU G 168 -19.36 -23.80 -44.47
C LEU G 168 -20.49 -24.07 -45.45
N TRP G 169 -20.89 -25.34 -45.62
CA TRP G 169 -22.06 -25.58 -46.45
C TRP G 169 -23.34 -24.98 -45.85
N PRO G 170 -23.60 -25.19 -44.55
CA PRO G 170 -24.77 -24.46 -44.00
C PRO G 170 -24.62 -22.94 -43.98
N LEU G 171 -23.41 -22.40 -43.98
N LEU G 171 -23.41 -22.41 -44.02
CA LEU G 171 -23.28 -20.97 -44.19
CA LEU G 171 -23.24 -20.97 -44.18
C LEU G 171 -23.75 -20.63 -45.59
C LEU G 171 -23.59 -20.51 -45.62
N ALA G 172 -23.21 -21.32 -46.60
CA ALA G 172 -23.49 -21.03 -48.00
C ALA G 172 -24.94 -21.24 -48.39
N LEU G 173 -25.53 -22.31 -47.90
CA LEU G 173 -26.89 -22.68 -48.31
C LEU G 173 -27.94 -22.40 -47.26
N GLY G 174 -27.50 -21.86 -46.12
CA GLY G 174 -28.36 -21.67 -44.95
C GLY G 174 -28.42 -22.97 -44.15
N LEU G 175 -28.87 -22.82 -42.93
CA LEU G 175 -28.88 -23.94 -41.99
C LEU G 175 -30.03 -24.91 -42.22
N TYR G 176 -30.76 -24.78 -43.34
CA TYR G 176 -31.81 -25.77 -43.63
C TYR G 176 -31.38 -26.55 -44.86
N ARG G 177 -31.32 -25.88 -46.00
CA ARG G 177 -30.81 -26.55 -47.21
C ARG G 177 -29.39 -27.09 -47.00
N GLY G 178 -28.59 -26.44 -46.18
CA GLY G 178 -27.22 -26.91 -45.96
C GLY G 178 -27.17 -28.24 -45.22
N ARG G 179 -28.05 -28.41 -44.23
CA ARG G 179 -28.13 -29.71 -43.56
C ARG G 179 -28.71 -30.78 -44.48
N TYR G 180 -29.73 -30.43 -45.28
CA TYR G 180 -30.27 -31.39 -46.26
C TYR G 180 -29.17 -31.84 -47.23
N PHE G 181 -28.40 -30.89 -47.76
CA PHE G 181 -27.33 -31.14 -48.73
C PHE G 181 -26.33 -32.13 -48.13
N LEU G 182 -25.94 -31.91 -46.88
CA LEU G 182 -24.97 -32.79 -46.26
C LEU G 182 -25.55 -34.17 -45.90
N PHE G 183 -26.71 -34.19 -45.25
CA PHE G 183 -27.24 -35.49 -44.81
C PHE G 183 -27.63 -36.41 -45.95
N THR G 184 -28.03 -35.84 -47.09
CA THR G 184 -28.49 -36.64 -48.23
C THR G 184 -27.43 -36.74 -49.34
N GLN G 185 -26.24 -36.19 -49.10
CA GLN G 185 -25.18 -36.18 -50.12
C GLN G 185 -25.70 -35.65 -51.46
N GLU G 186 -26.45 -34.55 -51.38
CA GLU G 186 -27.01 -33.89 -52.57
C GLU G 186 -25.88 -33.45 -53.49
N LYS G 187 -26.12 -33.57 -54.79
CA LYS G 187 -25.24 -33.00 -55.81
C LYS G 187 -25.86 -31.73 -56.37
N LEU G 188 -25.06 -30.68 -56.48
CA LEU G 188 -25.50 -29.44 -57.10
C LEU G 188 -24.74 -29.19 -58.39
N THR G 189 -25.48 -28.92 -59.48
CA THR G 189 -24.83 -28.48 -60.71
C THR G 189 -24.27 -27.06 -60.56
N ALA G 190 -23.45 -26.62 -61.50
CA ALA G 190 -22.95 -25.24 -61.50
C ALA G 190 -24.14 -24.26 -61.54
N GLN G 191 -25.15 -24.55 -62.36
CA GLN G 191 -26.32 -23.68 -62.43
C GLN G 191 -27.11 -23.64 -61.11
N GLN G 192 -27.32 -24.80 -60.47
CA GLN G 192 -27.98 -24.80 -59.17
C GLN G 192 -27.18 -23.97 -58.15
N ALA G 193 -25.88 -24.15 -58.14
CA ALA G 193 -25.01 -23.44 -57.21
C ALA G 193 -25.01 -21.96 -57.47
N TYR G 194 -25.07 -21.56 -58.75
CA TYR G 194 -25.22 -20.16 -59.09
C TYR G 194 -26.55 -19.56 -58.56
N GLU G 195 -27.65 -20.30 -58.73
CA GLU G 195 -28.94 -19.79 -58.25
C GLU G 195 -28.94 -19.68 -56.72
N LEU G 196 -28.11 -20.50 -56.07
CA LEU G 196 -27.97 -20.54 -54.62
C LEU G 196 -26.91 -19.56 -54.10
N ASN G 197 -26.35 -18.79 -55.00
CA ASN G 197 -25.42 -17.70 -54.66
C ASN G 197 -24.03 -18.14 -54.18
N VAL G 198 -23.76 -19.44 -54.35
CA VAL G 198 -22.45 -19.99 -54.05
C VAL G 198 -21.49 -19.72 -55.20
N VAL G 199 -21.92 -20.06 -56.42
CA VAL G 199 -21.16 -19.72 -57.63
C VAL G 199 -21.65 -18.37 -58.14
N HIS G 200 -20.72 -17.52 -58.54
CA HIS G 200 -21.05 -16.15 -58.95
C HIS G 200 -21.09 -15.94 -60.43
N GLU G 201 -20.36 -16.79 -61.17
CA GLU G 201 -20.43 -16.78 -62.64
C GLU G 201 -20.19 -18.20 -63.11
N VAL G 202 -20.98 -18.62 -64.10
CA VAL G 202 -20.79 -19.92 -64.74
C VAL G 202 -20.22 -19.68 -66.14
N LEU G 203 -19.12 -20.36 -66.44
CA LEU G 203 -18.37 -20.10 -67.70
C LEU G 203 -18.19 -21.39 -68.46
N PRO G 204 -18.14 -21.31 -69.80
CA PRO G 204 -17.64 -22.49 -70.52
C PRO G 204 -16.24 -22.88 -70.01
N GLN G 205 -15.93 -24.18 -69.99
CA GLN G 205 -14.60 -24.66 -69.57
C GLN G 205 -13.48 -23.86 -70.22
N SER G 206 -13.61 -23.57 -71.51
CA SER G 206 -12.55 -22.91 -72.27
C SER G 206 -12.35 -21.45 -71.93
N LYS G 207 -13.31 -20.88 -71.18
CA LYS G 207 -13.28 -19.46 -70.88
C LYS G 207 -13.06 -19.17 -69.39
N LEU G 208 -13.11 -20.21 -68.56
CA LEU G 208 -13.03 -20.05 -67.09
C LEU G 208 -11.77 -19.33 -66.64
N MET G 209 -10.61 -19.82 -67.05
CA MET G 209 -9.33 -19.24 -66.55
C MET G 209 -9.09 -17.83 -67.04
N GLU G 210 -9.46 -17.55 -68.29
CA GLU G 210 -9.36 -16.17 -68.78
C GLU G 210 -10.23 -15.22 -67.93
N ARG G 211 -11.42 -15.66 -67.55
CA ARG G 211 -12.27 -14.80 -66.74
C ARG G 211 -11.69 -14.60 -65.33
N ALA G 212 -11.20 -15.68 -64.71
CA ALA G 212 -10.52 -15.56 -63.41
C ALA G 212 -9.40 -14.50 -63.48
N TRP G 213 -8.59 -14.55 -64.55
CA TRP G 213 -7.49 -13.61 -64.71
C TRP G 213 -7.99 -12.21 -64.98
N GLU G 214 -9.10 -12.11 -65.73
CA GLU G 214 -9.69 -10.80 -66.00
C GLU G 214 -10.13 -10.12 -64.69
N ILE G 215 -10.81 -10.87 -63.84
CA ILE G 215 -11.25 -10.32 -62.54
C ILE G 215 -10.02 -9.95 -61.68
N ALA G 216 -9.04 -10.84 -61.71
CA ALA G 216 -7.81 -10.63 -60.93
C ALA G 216 -7.05 -9.38 -61.38
N ARG G 217 -6.94 -9.19 -62.68
CA ARG G 217 -6.24 -8.00 -63.19
C ARG G 217 -6.94 -6.71 -62.78
N THR G 218 -8.27 -6.73 -62.79
CA THR G 218 -9.03 -5.57 -62.32
C THR G 218 -8.75 -5.32 -60.83
N LEU G 219 -8.79 -6.38 -60.03
CA LEU G 219 -8.58 -6.20 -58.59
C LEU G 219 -7.16 -5.72 -58.33
N ALA G 220 -6.16 -6.24 -59.09
CA ALA G 220 -4.75 -5.93 -58.85
C ALA G 220 -4.38 -4.45 -59.04
N LYS G 221 -5.28 -3.70 -59.69
CA LYS G 221 -5.09 -2.27 -59.88
C LYS G 221 -5.34 -1.49 -58.59
N GLN G 222 -6.01 -2.13 -57.63
CA GLN G 222 -6.17 -1.52 -56.31
C GLN G 222 -4.83 -1.35 -55.60
N PRO G 223 -4.74 -0.40 -54.65
CA PRO G 223 -3.57 -0.34 -53.77
C PRO G 223 -3.45 -1.64 -52.97
N THR G 224 -2.22 -2.03 -52.71
CA THR G 224 -1.95 -3.26 -52.00
C THR G 224 -2.65 -3.35 -50.63
N LEU G 225 -2.57 -2.28 -49.82
CA LEU G 225 -3.12 -2.40 -48.46
C LEU G 225 -4.63 -2.48 -48.55
N ASN G 226 -5.22 -1.90 -49.60
CA ASN G 226 -6.65 -2.04 -49.77
C ASN G 226 -7.08 -3.48 -50.09
N LEU G 227 -6.33 -4.13 -50.97
CA LEU G 227 -6.58 -5.54 -51.23
C LEU G 227 -6.52 -6.36 -49.93
N ARG G 228 -5.46 -6.11 -49.16
CA ARG G 228 -5.22 -6.92 -47.97
C ARG G 228 -6.31 -6.66 -46.89
N TYR G 229 -6.59 -5.39 -46.65
CA TYR G 229 -7.50 -5.06 -45.54
C TYR G 229 -8.95 -5.25 -45.92
N THR G 230 -9.28 -5.25 -47.23
CA THR G 230 -10.64 -5.61 -47.61
C THR G 230 -10.82 -7.12 -47.40
N ARG G 231 -9.81 -7.91 -47.77
CA ARG G 231 -9.83 -9.33 -47.42
C ARG G 231 -10.00 -9.53 -45.91
N VAL G 232 -9.24 -8.80 -45.11
CA VAL G 232 -9.35 -8.98 -43.65
C VAL G 232 -10.78 -8.67 -43.17
N ALA G 233 -11.30 -7.52 -43.60
CA ALA G 233 -12.63 -7.08 -43.13
C ALA G 233 -13.70 -8.09 -43.50
N LEU G 234 -13.58 -8.65 -44.69
CA LEU G 234 -14.58 -9.54 -45.23
C LEU G 234 -14.44 -10.96 -44.75
N THR G 235 -13.39 -11.26 -43.98
CA THR G 235 -13.22 -12.63 -43.48
C THR G 235 -13.26 -12.75 -41.96
N GLN G 236 -13.46 -11.65 -41.23
CA GLN G 236 -13.48 -11.70 -39.78
C GLN G 236 -14.56 -12.69 -39.28
N ARG G 237 -15.78 -12.51 -39.74
CA ARG G 237 -16.86 -13.34 -39.25
C ARG G 237 -16.68 -14.80 -39.70
N LEU G 238 -16.27 -14.97 -40.96
CA LEU G 238 -15.98 -16.30 -41.49
C LEU G 238 -14.94 -17.05 -40.66
N LYS G 239 -13.84 -16.37 -40.27
CA LYS G 239 -12.82 -16.99 -39.46
C LYS G 239 -13.39 -17.40 -38.10
N ARG G 240 -14.20 -16.53 -37.48
CA ARG G 240 -14.77 -16.86 -36.17
C ARG G 240 -15.63 -18.13 -36.29
N LEU G 241 -16.45 -18.19 -37.36
CA LEU G 241 -17.36 -19.33 -37.52
C LEU G 241 -16.59 -20.64 -37.74
N VAL G 242 -15.51 -20.59 -38.51
CA VAL G 242 -14.69 -21.81 -38.74
C VAL G 242 -14.01 -22.20 -37.42
N ASN G 243 -13.46 -21.23 -36.71
N ASN G 243 -13.41 -21.24 -36.70
CA ASN G 243 -12.75 -21.52 -35.50
CA ASN G 243 -12.75 -21.56 -35.42
C ASN G 243 -13.68 -22.11 -34.42
C ASN G 243 -13.73 -22.24 -34.48
N GLU G 244 -14.96 -21.71 -34.44
CA GLU G 244 -15.95 -22.23 -33.51
C GLU G 244 -16.11 -23.75 -33.60
N GLY G 245 -16.18 -24.26 -34.82
CA GLY G 245 -16.58 -25.64 -35.06
C GLY G 245 -15.55 -26.61 -35.61
N ILE G 246 -14.40 -26.13 -36.09
CA ILE G 246 -13.52 -27.02 -36.87
C ILE G 246 -12.90 -28.11 -36.03
N GLY G 247 -12.42 -27.79 -34.84
CA GLY G 247 -11.77 -28.80 -34.01
C GLY G 247 -12.78 -29.82 -33.53
N TYR G 248 -13.94 -29.37 -33.06
CA TYR G 248 -14.99 -30.27 -32.58
C TYR G 248 -15.42 -31.19 -33.71
N GLY G 249 -15.64 -30.65 -34.91
CA GLY G 249 -16.02 -31.49 -36.07
C GLY G 249 -15.00 -32.58 -36.29
N LEU G 250 -13.73 -32.19 -36.32
CA LEU G 250 -12.68 -33.15 -36.64
C LEU G 250 -12.50 -34.19 -35.53
N ALA G 251 -12.74 -33.82 -34.27
CA ALA G 251 -12.65 -34.78 -33.14
C ALA G 251 -13.78 -35.78 -33.24
N LEU G 252 -15.00 -35.31 -33.46
CA LEU G 252 -16.15 -36.21 -33.66
C LEU G 252 -15.90 -37.12 -34.84
N GLU G 253 -15.36 -36.57 -35.93
CA GLU G 253 -15.08 -37.39 -37.12
C GLU G 253 -14.06 -38.49 -36.77
N GLY G 254 -13.01 -38.14 -36.02
CA GLY G 254 -12.05 -39.13 -35.50
C GLY G 254 -12.72 -40.27 -34.74
N ILE G 255 -13.64 -39.96 -33.83
CA ILE G 255 -14.35 -40.99 -33.08
C ILE G 255 -15.10 -41.92 -34.02
N THR G 256 -15.79 -41.37 -35.03
CA THR G 256 -16.50 -42.21 -35.97
C THR G 256 -15.54 -43.05 -36.81
N ALA G 257 -14.32 -42.54 -37.05
CA ALA G 257 -13.33 -43.34 -37.80
C ALA G 257 -12.86 -44.52 -36.94
N THR G 258 -12.60 -44.27 -35.66
CA THR G 258 -12.27 -45.34 -34.73
C THR G 258 -13.38 -46.39 -34.72
N ASP G 259 -14.63 -45.93 -34.74
CA ASP G 259 -15.77 -46.84 -34.60
C ASP G 259 -15.90 -47.80 -35.78
N LEU G 260 -15.28 -47.49 -36.92
CA LEU G 260 -15.27 -48.39 -38.08
C LEU G 260 -14.66 -49.77 -37.78
N ARG G 261 -13.86 -49.86 -36.73
CA ARG G 261 -13.34 -51.16 -36.24
C ARG G 261 -14.41 -52.02 -35.58
N ASN G 262 -15.51 -51.40 -35.13
CA ASN G 262 -16.60 -52.11 -34.46
C ASN G 262 -17.73 -52.51 -35.39
N THR G 263 -17.70 -52.26 -36.60
N GLN H 15 -41.45 -51.88 -26.12
CA GLN H 15 -41.47 -50.42 -26.40
C GLN H 15 -41.40 -49.61 -25.10
N PRO H 16 -40.69 -48.46 -25.13
CA PRO H 16 -40.47 -47.69 -23.93
C PRO H 16 -41.78 -47.14 -23.36
N GLU H 17 -41.82 -46.95 -22.05
CA GLU H 17 -43.01 -46.38 -21.40
C GLU H 17 -43.41 -45.02 -21.97
N TYR H 18 -42.43 -44.20 -22.36
CA TYR H 18 -42.80 -42.86 -22.82
C TYR H 18 -43.61 -42.86 -24.13
N PHE H 19 -43.56 -43.96 -24.89
CA PHE H 19 -44.38 -44.10 -26.10
C PHE H 19 -45.89 -43.90 -25.83
N THR H 20 -46.33 -44.16 -24.60
CA THR H 20 -47.75 -43.99 -24.25
C THR H 20 -47.99 -42.99 -23.11
N LYS H 21 -47.06 -42.07 -22.90
CA LYS H 21 -47.12 -41.12 -21.79
C LYS H 21 -47.79 -39.81 -22.20
N TYR H 22 -47.86 -39.56 -23.51
CA TYR H 22 -48.31 -38.26 -23.99
C TYR H 22 -49.57 -38.36 -24.82
N GLU H 23 -50.67 -37.82 -24.30
CA GLU H 23 -51.93 -37.96 -24.99
C GLU H 23 -51.98 -37.28 -26.36
N ASN H 24 -51.07 -36.33 -26.60
CA ASN H 24 -50.98 -35.64 -27.90
C ASN H 24 -49.83 -36.07 -28.83
N LEU H 25 -49.16 -37.18 -28.51
CA LEU H 25 -48.10 -37.72 -29.35
C LEU H 25 -48.27 -39.21 -29.52
N HIS H 26 -48.32 -39.64 -30.77
CA HIS H 26 -48.29 -41.06 -31.06
C HIS H 26 -46.86 -41.40 -31.52
N PHE H 27 -46.35 -42.53 -31.04
CA PHE H 27 -44.99 -42.98 -31.35
C PHE H 27 -45.02 -44.31 -32.07
N HIS H 28 -44.22 -44.44 -33.12
CA HIS H 28 -44.02 -45.72 -33.80
C HIS H 28 -42.55 -45.86 -34.22
N ARG H 29 -41.91 -46.97 -33.86
CA ARG H 29 -40.51 -47.14 -34.19
C ARG H 29 -40.25 -48.49 -34.88
N ASP H 30 -39.46 -48.48 -35.94
CA ASP H 30 -39.15 -49.72 -36.67
C ASP H 30 -37.86 -50.39 -36.15
N GLU H 31 -37.49 -51.52 -36.75
CA GLU H 31 -36.34 -52.31 -36.31
C GLU H 31 -35.00 -51.61 -36.59
N ASN H 32 -35.04 -50.56 -37.42
CA ASN H 32 -33.86 -49.75 -37.76
C ASN H 32 -33.71 -48.56 -36.80
N GLY H 33 -34.63 -48.42 -35.85
CA GLY H 33 -34.55 -47.32 -34.87
C GLY H 33 -35.09 -46.02 -35.43
N ILE H 34 -35.85 -46.10 -36.53
CA ILE H 34 -36.50 -44.93 -37.08
C ILE H 34 -37.79 -44.71 -36.29
N LEU H 35 -37.88 -43.57 -35.61
CA LEU H 35 -39.01 -43.23 -34.77
C LEU H 35 -39.87 -42.14 -35.41
N GLU H 36 -41.14 -42.43 -35.64
CA GLU H 36 -42.10 -41.41 -36.06
C GLU H 36 -42.91 -40.92 -34.88
N VAL H 37 -42.84 -39.62 -34.66
CA VAL H 37 -43.55 -38.92 -33.60
C VAL H 37 -44.61 -38.03 -34.27
N ARG H 38 -45.89 -38.35 -34.04
CA ARG H 38 -46.99 -37.68 -34.71
C ARG H 38 -47.83 -36.93 -33.70
N MET H 39 -47.94 -35.61 -33.88
CA MET H 39 -48.75 -34.78 -32.98
C MET H 39 -50.23 -34.91 -33.34
N HIS H 40 -51.10 -34.99 -32.33
CA HIS H 40 -52.53 -35.16 -32.61
C HIS H 40 -53.38 -34.78 -31.42
N THR H 41 -54.64 -34.46 -31.71
CA THR H 41 -55.65 -34.26 -30.67
C THR H 41 -56.77 -35.24 -30.99
N ASN H 42 -56.84 -36.29 -30.18
CA ASN H 42 -57.81 -37.39 -30.37
C ASN H 42 -57.78 -37.95 -31.78
N GLY H 43 -56.58 -38.06 -32.35
CA GLY H 43 -56.40 -38.57 -33.70
C GLY H 43 -56.54 -37.53 -34.81
N SER H 44 -57.02 -36.34 -34.47
CA SER H 44 -57.13 -35.25 -35.43
C SER H 44 -55.90 -34.37 -35.41
N SER H 45 -55.84 -33.43 -36.34
CA SER H 45 -54.77 -32.40 -36.30
C SER H 45 -54.68 -31.79 -34.91
N LEU H 46 -53.46 -31.49 -34.48
CA LEU H 46 -53.24 -30.98 -33.14
C LEU H 46 -53.92 -29.65 -32.85
N VAL H 47 -54.56 -29.58 -31.69
CA VAL H 47 -54.96 -28.31 -31.09
C VAL H 47 -53.93 -28.01 -29.99
N PHE H 48 -53.16 -26.92 -30.15
CA PHE H 48 -52.10 -26.67 -29.18
C PHE H 48 -52.71 -26.17 -27.87
N THR H 49 -52.22 -26.67 -26.73
CA THR H 49 -52.82 -26.30 -25.45
C THR H 49 -51.72 -26.00 -24.42
N GLY H 50 -52.12 -25.51 -23.24
CA GLY H 50 -51.19 -25.41 -22.11
C GLY H 50 -50.57 -26.75 -21.76
N LYS H 51 -51.36 -27.82 -21.90
CA LYS H 51 -50.89 -29.17 -21.68
C LYS H 51 -49.75 -29.55 -22.64
N THR H 52 -49.93 -29.32 -23.94
CA THR H 52 -48.85 -29.62 -24.86
C THR H 52 -47.66 -28.69 -24.63
N HIS H 53 -47.92 -27.43 -24.29
CA HIS H 53 -46.79 -26.55 -23.98
C HIS H 53 -45.93 -27.07 -22.81
N ARG H 54 -46.57 -27.67 -21.82
CA ARG H 54 -45.88 -28.21 -20.66
C ARG H 54 -45.27 -29.59 -20.92
N GLU H 55 -46.00 -30.42 -21.67
CA GLU H 55 -45.60 -31.80 -21.87
C GLU H 55 -44.59 -32.02 -23.00
N PHE H 56 -44.72 -31.26 -24.09
CA PHE H 56 -43.80 -31.44 -25.21
C PHE H 56 -42.29 -31.34 -24.85
N PRO H 57 -41.89 -30.38 -23.99
CA PRO H 57 -40.46 -30.38 -23.59
C PRO H 57 -40.01 -31.72 -22.97
N ASP H 58 -40.89 -32.35 -22.16
CA ASP H 58 -40.58 -33.65 -21.56
C ASP H 58 -40.52 -34.75 -22.62
N ALA H 59 -41.44 -34.69 -23.59
CA ALA H 59 -41.46 -35.69 -24.65
C ALA H 59 -40.17 -35.62 -25.46
N PHE H 60 -39.76 -34.40 -25.81
CA PHE H 60 -38.56 -34.25 -26.61
C PHE H 60 -37.32 -34.69 -25.81
N TYR H 61 -37.31 -34.38 -24.51
CA TYR H 61 -36.23 -34.91 -23.64
C TYR H 61 -36.22 -36.45 -23.65
N ASP H 62 -37.41 -37.05 -23.47
CA ASP H 62 -37.52 -38.53 -23.49
C ASP H 62 -36.99 -39.17 -24.78
N ILE H 63 -37.37 -38.58 -25.91
CA ILE H 63 -36.87 -38.99 -27.21
C ILE H 63 -35.34 -38.91 -27.24
N SER H 64 -34.80 -37.79 -26.74
CA SER H 64 -33.35 -37.57 -26.83
C SER H 64 -32.54 -38.52 -25.95
N ARG H 65 -33.13 -38.97 -24.84
CA ARG H 65 -32.44 -39.86 -23.89
C ARG H 65 -32.32 -41.29 -24.41
N ASP H 66 -33.31 -41.69 -25.22
CA ASP H 66 -33.45 -43.07 -25.67
C ASP H 66 -32.52 -43.35 -26.84
N ARG H 67 -31.45 -44.11 -26.59
CA ARG H 67 -30.45 -44.40 -27.59
C ARG H 67 -30.92 -45.32 -28.71
N ASP H 68 -32.08 -45.95 -28.52
CA ASP H 68 -32.63 -46.79 -29.59
C ASP H 68 -33.25 -45.99 -30.72
N ASN H 69 -33.47 -44.68 -30.49
CA ASN H 69 -33.87 -43.78 -31.56
C ASN H 69 -32.67 -43.44 -32.40
N ARG H 70 -32.71 -43.80 -33.68
CA ARG H 70 -31.57 -43.64 -34.59
C ARG H 70 -31.82 -42.54 -35.65
N VAL H 71 -33.10 -42.36 -36.01
CA VAL H 71 -33.56 -41.27 -36.87
C VAL H 71 -34.93 -40.92 -36.34
N VAL H 72 -35.27 -39.63 -36.31
CA VAL H 72 -36.59 -39.20 -35.84
C VAL H 72 -37.33 -38.47 -36.95
N ILE H 73 -38.60 -38.82 -37.16
CA ILE H 73 -39.50 -38.07 -38.06
C ILE H 73 -40.56 -37.40 -37.20
N LEU H 74 -40.68 -36.09 -37.30
CA LEU H 74 -41.67 -35.34 -36.55
C LEU H 74 -42.75 -34.84 -37.51
N THR H 75 -44.02 -35.11 -37.18
CA THR H 75 -45.11 -34.79 -38.11
C THR H 75 -46.37 -34.49 -37.31
N GLY H 76 -47.39 -34.00 -38.02
CA GLY H 76 -48.72 -33.76 -37.43
C GLY H 76 -49.71 -34.78 -37.99
N SER H 77 -51.00 -34.50 -37.78
CA SER H 77 -52.06 -35.44 -38.19
C SER H 77 -53.04 -34.71 -39.08
N GLY H 78 -53.77 -35.48 -39.88
CA GLY H 78 -54.79 -34.86 -40.73
C GLY H 78 -54.16 -33.90 -41.73
N ASP H 79 -54.83 -32.80 -42.05
CA ASP H 79 -54.37 -31.95 -43.15
C ASP H 79 -53.70 -30.65 -42.69
N ALA H 80 -53.42 -30.56 -41.38
CA ALA H 80 -52.69 -29.40 -40.82
C ALA H 80 -51.60 -29.90 -39.88
N TRP H 81 -50.44 -29.25 -39.93
CA TRP H 81 -49.34 -29.57 -39.01
C TRP H 81 -49.63 -28.99 -37.63
N MET H 82 -49.92 -27.68 -37.60
CA MET H 82 -50.42 -27.05 -36.37
C MET H 82 -51.08 -25.75 -36.77
N ALA H 83 -52.42 -25.71 -36.67
CA ALA H 83 -53.16 -24.55 -37.12
C ALA H 83 -54.23 -24.11 -36.13
N GLU H 84 -54.29 -24.78 -34.99
CA GLU H 84 -55.29 -24.48 -33.94
C GLU H 84 -54.65 -24.38 -32.55
N ILE H 85 -55.23 -23.54 -31.72
CA ILE H 85 -54.75 -23.34 -30.36
C ILE H 85 -55.96 -23.12 -29.45
N ASP H 86 -55.88 -23.71 -28.27
CA ASP H 86 -56.88 -23.51 -27.21
C ASP H 86 -56.29 -22.41 -26.30
N PHE H 87 -56.64 -21.15 -26.60
CA PHE H 87 -56.03 -20.01 -25.89
C PHE H 87 -56.23 -20.01 -24.37
N PRO H 88 -57.46 -20.26 -23.89
CA PRO H 88 -57.62 -20.20 -22.43
C PRO H 88 -56.82 -21.26 -21.70
N SER H 89 -56.60 -22.41 -22.36
CA SER H 89 -55.82 -23.49 -21.74
C SER H 89 -54.35 -23.11 -21.51
N LEU H 90 -53.92 -21.99 -22.07
CA LEU H 90 -52.52 -21.53 -21.89
C LEU H 90 -52.28 -20.92 -20.52
N GLY H 91 -53.37 -20.65 -19.80
CA GLY H 91 -53.29 -19.94 -18.53
C GLY H 91 -53.41 -18.44 -18.72
N ASP H 92 -53.45 -17.71 -17.61
CA ASP H 92 -53.51 -16.26 -17.67
C ASP H 92 -52.13 -15.68 -17.97
N VAL H 93 -51.83 -15.62 -19.26
CA VAL H 93 -50.53 -15.08 -19.73
C VAL H 93 -50.27 -13.65 -19.25
N THR H 94 -51.31 -12.93 -18.82
CA THR H 94 -51.13 -11.53 -18.43
C THR H 94 -50.61 -11.40 -17.00
N ASN H 95 -50.61 -12.52 -16.28
CA ASN H 95 -50.07 -12.59 -14.94
C ASN H 95 -48.63 -13.14 -15.05
N PRO H 96 -47.62 -12.35 -14.62
CA PRO H 96 -46.23 -12.85 -14.79
C PRO H 96 -45.94 -14.14 -14.06
N ARG H 97 -46.69 -14.43 -12.99
CA ARG H 97 -46.49 -15.69 -12.26
C ARG H 97 -46.95 -16.89 -13.05
N GLU H 98 -47.91 -16.67 -13.95
CA GLU H 98 -48.37 -17.73 -14.84
C GLU H 98 -47.52 -17.74 -16.13
N TRP H 99 -47.24 -16.55 -16.67
CA TRP H 99 -46.34 -16.48 -17.84
C TRP H 99 -45.00 -17.17 -17.54
N ASP H 100 -44.54 -17.12 -16.29
CA ASP H 100 -43.23 -17.72 -15.99
C ASP H 100 -43.19 -19.22 -16.34
N LYS H 101 -44.32 -19.90 -16.21
CA LYS H 101 -44.42 -21.32 -16.59
C LYS H 101 -44.19 -21.46 -18.11
N THR H 102 -44.87 -20.62 -18.88
CA THR H 102 -44.73 -20.58 -20.33
C THR H 102 -43.28 -20.26 -20.70
N TYR H 103 -42.69 -19.28 -20.02
CA TYR H 103 -41.30 -18.88 -20.25
C TYR H 103 -40.36 -20.07 -20.04
N TRP H 104 -40.49 -20.73 -18.90
CA TRP H 104 -39.54 -21.80 -18.56
C TRP H 104 -39.70 -22.96 -19.54
N GLU H 105 -40.94 -23.27 -19.85
CA GLU H 105 -41.26 -24.33 -20.81
C GLU H 105 -40.86 -23.98 -22.27
N GLY H 106 -40.92 -22.68 -22.61
CA GLY H 106 -40.52 -22.22 -23.95
C GLY H 106 -39.01 -22.32 -24.14
N LYS H 107 -38.26 -22.06 -23.08
CA LYS H 107 -36.82 -22.30 -23.12
C LYS H 107 -36.53 -23.80 -23.24
N LYS H 108 -37.15 -24.62 -22.37
CA LYS H 108 -36.88 -26.06 -22.41
C LYS H 108 -37.30 -26.74 -23.71
N VAL H 109 -38.39 -26.30 -24.32
CA VAL H 109 -38.85 -27.07 -25.48
C VAL H 109 -37.82 -27.02 -26.61
N LEU H 110 -37.25 -25.85 -26.88
CA LEU H 110 -36.26 -25.77 -27.95
C LEU H 110 -34.93 -26.41 -27.58
N GLN H 111 -34.50 -26.21 -26.35
CA GLN H 111 -33.25 -26.81 -25.93
C GLN H 111 -33.37 -28.35 -26.04
N ASN H 112 -34.51 -28.88 -25.60
CA ASN H 112 -34.68 -30.33 -25.59
C ASN H 112 -34.85 -30.92 -26.99
N LEU H 113 -35.53 -30.20 -27.85
CA LEU H 113 -35.75 -30.58 -29.25
C LEU H 113 -34.43 -30.56 -30.01
N LEU H 114 -33.64 -29.49 -29.81
CA LEU H 114 -32.33 -29.44 -30.44
C LEU H 114 -31.38 -30.53 -29.94
N ASP H 115 -31.56 -30.94 -28.68
CA ASP H 115 -30.68 -31.94 -28.06
C ASP H 115 -31.07 -33.37 -28.43
N ILE H 116 -32.11 -33.56 -29.25
CA ILE H 116 -32.24 -34.86 -29.91
C ILE H 116 -30.94 -35.07 -30.70
N GLU H 117 -30.31 -36.21 -30.46
CA GLU H 117 -28.93 -36.43 -30.88
C GLU H 117 -28.86 -37.39 -32.07
N VAL H 118 -29.88 -37.34 -32.92
CA VAL H 118 -29.91 -38.05 -34.21
C VAL H 118 -30.56 -37.13 -35.25
N PRO H 119 -30.40 -37.43 -36.54
CA PRO H 119 -31.06 -36.59 -37.55
C PRO H 119 -32.57 -36.55 -37.34
N VAL H 120 -33.16 -35.37 -37.56
CA VAL H 120 -34.61 -35.18 -37.41
C VAL H 120 -35.16 -34.68 -38.72
N ILE H 121 -36.13 -35.42 -39.26
CA ILE H 121 -36.84 -35.05 -40.47
C ILE H 121 -38.19 -34.49 -40.07
N SER H 122 -38.54 -33.31 -40.57
CA SER H 122 -39.91 -32.79 -40.42
C SER H 122 -40.71 -33.24 -41.63
N ALA H 123 -41.87 -33.85 -41.39
CA ALA H 123 -42.82 -34.12 -42.46
C ALA H 123 -43.97 -33.16 -42.18
N VAL H 124 -43.95 -32.02 -42.84
CA VAL H 124 -44.92 -30.98 -42.59
C VAL H 124 -46.17 -31.28 -43.43
N ASN H 125 -47.24 -31.66 -42.73
CA ASN H 125 -48.41 -32.26 -43.42
C ASN H 125 -49.54 -31.27 -43.70
N GLY H 126 -49.23 -29.98 -43.65
CA GLY H 126 -50.23 -28.93 -43.94
C GLY H 126 -49.86 -27.67 -43.20
N ALA H 127 -50.86 -26.81 -42.97
CA ALA H 127 -50.61 -25.49 -42.37
C ALA H 127 -49.81 -25.59 -41.07
N ALA H 128 -48.80 -24.72 -41.00
CA ALA H 128 -47.96 -24.54 -39.81
C ALA H 128 -48.02 -23.06 -39.50
N LEU H 129 -49.07 -22.71 -38.73
CA LEU H 129 -49.41 -21.31 -38.42
C LEU H 129 -49.00 -20.88 -37.03
N LEU H 130 -48.51 -21.83 -36.24
CA LEU H 130 -47.94 -21.53 -34.92
C LEU H 130 -46.92 -22.61 -34.62
N HIS H 131 -45.94 -22.24 -33.79
CA HIS H 131 -44.88 -23.19 -33.37
C HIS H 131 -44.07 -23.78 -34.51
N SER H 132 -44.04 -23.05 -35.62
CA SER H 132 -43.18 -23.46 -36.74
C SER H 132 -41.67 -23.45 -36.35
N GLU H 133 -41.30 -22.77 -35.25
CA GLU H 133 -39.91 -22.85 -34.77
C GLU H 133 -39.51 -24.31 -34.48
N TYR H 134 -40.45 -25.20 -34.16
CA TYR H 134 -40.06 -26.62 -33.98
C TYR H 134 -39.44 -27.15 -35.26
N ILE H 135 -40.09 -26.87 -36.40
CA ILE H 135 -39.64 -27.36 -37.73
C ILE H 135 -38.23 -26.82 -38.01
N LEU H 136 -38.00 -25.59 -37.56
CA LEU H 136 -36.71 -24.92 -37.86
C LEU H 136 -35.57 -25.40 -36.95
N THR H 137 -35.83 -26.44 -36.14
CA THR H 137 -34.72 -27.11 -35.46
C THR H 137 -34.27 -28.36 -36.22
N THR H 138 -35.07 -28.81 -37.19
CA THR H 138 -34.85 -30.15 -37.81
C THR H 138 -33.96 -30.07 -39.05
N ASP H 139 -33.45 -31.23 -39.47
CA ASP H 139 -32.37 -31.29 -40.45
C ASP H 139 -32.82 -31.37 -41.89
N ILE H 140 -33.97 -32.02 -42.10
CA ILE H 140 -34.49 -32.25 -43.43
C ILE H 140 -35.97 -31.90 -43.33
N ILE H 141 -36.42 -31.02 -44.22
CA ILE H 141 -37.79 -30.52 -44.16
C ILE H 141 -38.56 -30.86 -45.44
N LEU H 142 -39.54 -31.75 -45.27
CA LEU H 142 -40.39 -32.16 -46.37
C LEU H 142 -41.77 -31.57 -46.12
N ALA H 143 -42.46 -31.16 -47.17
CA ALA H 143 -43.80 -30.57 -46.97
C ALA H 143 -44.81 -31.10 -47.96
N SER H 144 -46.02 -31.37 -47.48
CA SER H 144 -47.12 -31.64 -48.43
C SER H 144 -47.48 -30.35 -49.18
N GLU H 145 -48.06 -30.46 -50.39
CA GLU H 145 -48.27 -29.30 -51.27
C GLU H 145 -49.29 -28.30 -50.70
N ASN H 146 -50.11 -28.75 -49.75
CA ASN H 146 -51.08 -27.87 -49.07
C ASN H 146 -50.48 -27.04 -47.91
N THR H 147 -49.21 -27.29 -47.61
CA THR H 147 -48.55 -26.60 -46.49
C THR H 147 -48.42 -25.11 -46.71
N VAL H 148 -48.67 -24.36 -45.64
CA VAL H 148 -48.39 -22.93 -45.61
C VAL H 148 -47.72 -22.66 -44.27
N PHE H 149 -46.76 -21.73 -44.25
CA PHE H 149 -46.09 -21.31 -43.02
C PHE H 149 -46.46 -19.88 -42.71
N GLN H 150 -46.76 -19.62 -41.44
CA GLN H 150 -47.03 -18.25 -41.02
C GLN H 150 -46.73 -18.18 -39.53
N ASP H 151 -46.33 -16.99 -39.06
CA ASP H 151 -46.42 -16.73 -37.61
C ASP H 151 -47.76 -16.05 -37.37
N MET H 152 -48.79 -16.84 -37.18
CA MET H 152 -50.13 -16.27 -37.01
C MET H 152 -50.41 -15.56 -35.66
N PRO H 153 -50.16 -16.24 -34.52
CA PRO H 153 -50.82 -15.78 -33.30
C PRO H 153 -50.23 -14.56 -32.61
N HIS H 154 -48.95 -14.29 -32.77
CA HIS H 154 -48.33 -13.24 -31.94
C HIS H 154 -48.85 -11.84 -32.23
N LEU H 155 -48.78 -11.41 -33.48
CA LEU H 155 -49.27 -10.10 -33.84
C LEU H 155 -50.81 -10.05 -33.87
N ASN H 156 -51.47 -11.20 -33.94
CA ASN H 156 -52.94 -11.21 -33.73
C ASN H 156 -53.31 -10.88 -32.29
N ALA H 157 -52.50 -11.35 -31.36
CA ALA H 157 -52.72 -11.14 -29.93
C ALA H 157 -52.10 -9.85 -29.41
N GLY H 158 -51.14 -9.29 -30.16
CA GLY H 158 -50.42 -8.11 -29.75
C GLY H 158 -49.25 -8.38 -28.82
N ILE H 159 -48.63 -9.56 -28.93
CA ILE H 159 -47.48 -9.89 -28.10
C ILE H 159 -46.27 -10.26 -28.96
N VAL H 160 -45.08 -10.26 -28.36
CA VAL H 160 -43.84 -10.41 -29.15
C VAL H 160 -43.76 -11.82 -29.72
N PRO H 161 -43.33 -11.94 -30.99
CA PRO H 161 -43.01 -13.26 -31.56
C PRO H 161 -41.65 -13.69 -31.01
N GLY H 162 -41.64 -14.06 -29.73
CA GLY H 162 -40.38 -14.17 -28.98
C GLY H 162 -40.07 -15.58 -28.52
N ASP H 163 -40.73 -16.56 -29.12
CA ASP H 163 -40.60 -17.92 -28.65
C ASP H 163 -39.63 -18.74 -29.45
N GLY H 164 -38.77 -18.04 -30.21
CA GLY H 164 -37.83 -18.73 -31.10
C GLY H 164 -38.03 -18.39 -32.56
N VAL H 165 -39.26 -18.02 -32.94
CA VAL H 165 -39.49 -17.60 -34.32
C VAL H 165 -38.63 -16.36 -34.65
N HIS H 166 -38.35 -15.54 -33.64
CA HIS H 166 -37.55 -14.31 -33.84
C HIS H 166 -36.10 -14.58 -34.21
N ILE H 167 -35.63 -15.77 -33.86
CA ILE H 167 -34.25 -16.21 -34.16
C ILE H 167 -34.23 -17.03 -35.46
N LEU H 168 -35.13 -18.02 -35.50
CA LEU H 168 -35.08 -19.06 -36.52
C LEU H 168 -35.66 -18.64 -37.87
N TRP H 169 -36.72 -17.83 -37.89
CA TRP H 169 -37.20 -17.35 -39.19
C TRP H 169 -36.19 -16.42 -39.88
N PRO H 170 -35.57 -15.46 -39.17
CA PRO H 170 -34.45 -14.72 -39.80
C PRO H 170 -33.20 -15.55 -40.11
N LEU H 171 -33.00 -16.65 -39.40
N LEU H 171 -32.96 -16.65 -39.41
CA LEU H 171 -31.94 -17.59 -39.80
CA LEU H 171 -31.92 -17.56 -39.90
C LEU H 171 -32.30 -18.33 -41.11
C LEU H 171 -32.35 -18.17 -41.22
N ALA H 172 -33.56 -18.69 -41.26
CA ALA H 172 -34.02 -19.43 -42.44
C ALA H 172 -34.14 -18.54 -43.68
N LEU H 173 -34.65 -17.32 -43.50
CA LEU H 173 -34.97 -16.43 -44.63
C LEU H 173 -33.98 -15.27 -44.74
N GLY H 174 -33.00 -15.25 -43.84
CA GLY H 174 -32.11 -14.10 -43.75
C GLY H 174 -32.72 -13.00 -42.89
N LEU H 175 -31.85 -12.11 -42.45
CA LEU H 175 -32.25 -11.06 -41.51
C LEU H 175 -33.00 -9.92 -42.15
N TYR H 176 -33.31 -10.03 -43.45
CA TYR H 176 -34.15 -9.02 -44.13
C TYR H 176 -35.54 -9.58 -44.37
N ARG H 177 -35.64 -10.55 -45.26
CA ARG H 177 -36.92 -11.22 -45.49
C ARG H 177 -37.51 -11.80 -44.20
N GLY H 178 -36.66 -12.32 -43.29
CA GLY H 178 -37.18 -12.86 -42.03
C GLY H 178 -37.88 -11.85 -41.14
N ARG H 179 -37.36 -10.61 -41.13
CA ARG H 179 -38.04 -9.58 -40.36
C ARG H 179 -39.32 -9.13 -41.05
N TYR H 180 -39.29 -9.04 -42.38
CA TYR H 180 -40.51 -8.72 -43.12
C TYR H 180 -41.59 -9.76 -42.87
N PHE H 181 -41.19 -11.03 -42.92
CA PHE H 181 -42.11 -12.13 -42.72
C PHE H 181 -42.80 -12.03 -41.37
N LEU H 182 -42.01 -11.75 -40.33
CA LEU H 182 -42.56 -11.68 -38.97
C LEU H 182 -43.42 -10.43 -38.76
N PHE H 183 -42.92 -9.27 -39.16
CA PHE H 183 -43.63 -8.02 -38.89
C PHE H 183 -44.92 -7.91 -39.66
N THR H 184 -44.98 -8.52 -40.85
CA THR H 184 -46.20 -8.43 -41.67
C THR H 184 -47.05 -9.71 -41.65
N GLN H 185 -46.70 -10.67 -40.80
CA GLN H 185 -47.42 -11.94 -40.72
C GLN H 185 -47.58 -12.57 -42.10
N GLU H 186 -46.50 -12.55 -42.87
CA GLU H 186 -46.49 -13.13 -44.20
C GLU H 186 -46.83 -14.63 -44.14
N LYS H 187 -47.59 -15.10 -45.15
CA LYS H 187 -47.82 -16.52 -45.34
C LYS H 187 -46.97 -16.99 -46.52
N LEU H 188 -46.25 -18.09 -46.32
CA LEU H 188 -45.50 -18.72 -47.39
C LEU H 188 -46.13 -20.05 -47.75
N THR H 189 -46.35 -20.26 -49.04
CA THR H 189 -46.82 -21.56 -49.52
C THR H 189 -45.65 -22.55 -49.55
N ALA H 190 -45.94 -23.83 -49.76
CA ALA H 190 -44.89 -24.84 -49.87
C ALA H 190 -43.91 -24.53 -51.00
N GLN H 191 -44.39 -24.07 -52.16
CA GLN H 191 -43.45 -23.74 -53.24
C GLN H 191 -42.62 -22.50 -52.90
N GLN H 192 -43.22 -21.51 -52.26
CA GLN H 192 -42.42 -20.36 -51.82
C GLN H 192 -41.33 -20.78 -50.84
N ALA H 193 -41.71 -21.59 -49.87
CA ALA H 193 -40.75 -22.05 -48.87
C ALA H 193 -39.66 -22.93 -49.49
N TYR H 194 -40.03 -23.71 -50.51
CA TYR H 194 -39.05 -24.51 -51.23
C TYR H 194 -38.02 -23.62 -51.96
N GLU H 195 -38.51 -22.61 -52.67
CA GLU H 195 -37.63 -21.69 -53.36
C GLU H 195 -36.74 -20.90 -52.40
N LEU H 196 -37.22 -20.71 -51.17
CA LEU H 196 -36.45 -20.05 -50.07
C LEU H 196 -35.57 -20.99 -49.27
N ASN H 197 -35.50 -22.25 -49.71
CA ASN H 197 -34.57 -23.25 -49.14
C ASN H 197 -34.91 -23.75 -47.74
N VAL H 198 -36.12 -23.39 -47.28
CA VAL H 198 -36.66 -23.88 -46.00
C VAL H 198 -37.21 -25.30 -46.17
N VAL H 199 -38.08 -25.49 -47.16
CA VAL H 199 -38.58 -26.81 -47.51
C VAL H 199 -37.67 -27.39 -48.57
N HIS H 200 -37.33 -28.67 -48.42
CA HIS H 200 -36.38 -29.30 -49.34
C HIS H 200 -37.03 -30.19 -50.39
N GLU H 201 -38.23 -30.66 -50.10
CA GLU H 201 -39.00 -31.42 -51.10
C GLU H 201 -40.46 -31.13 -50.86
N VAL H 202 -41.22 -30.93 -51.94
CA VAL H 202 -42.67 -30.76 -51.86
C VAL H 202 -43.34 -32.00 -52.45
N LEU H 203 -44.26 -32.60 -51.69
CA LEU H 203 -44.86 -33.87 -52.06
C LEU H 203 -46.38 -33.79 -52.01
N PRO H 204 -47.09 -34.63 -52.79
CA PRO H 204 -48.53 -34.74 -52.49
C PRO H 204 -48.77 -35.27 -51.10
N GLN H 205 -49.90 -34.93 -50.50
CA GLN H 205 -50.20 -35.39 -49.14
C GLN H 205 -50.02 -36.90 -48.97
N SER H 206 -50.47 -37.67 -49.96
CA SER H 206 -50.48 -39.13 -49.79
C SER H 206 -49.10 -39.78 -49.95
N LYS H 207 -48.09 -38.99 -50.34
CA LYS H 207 -46.74 -39.52 -50.55
C LYS H 207 -45.75 -38.97 -49.52
N LEU H 208 -46.20 -38.04 -48.70
CA LEU H 208 -45.27 -37.33 -47.79
C LEU H 208 -44.61 -38.30 -46.83
N MET H 209 -45.39 -39.14 -46.17
CA MET H 209 -44.84 -39.97 -45.11
C MET H 209 -43.96 -41.08 -45.68
N GLU H 210 -44.36 -41.64 -46.81
CA GLU H 210 -43.53 -42.67 -47.45
C GLU H 210 -42.14 -42.08 -47.78
N ARG H 211 -42.10 -40.82 -48.22
CA ARG H 211 -40.82 -40.19 -48.59
C ARG H 211 -39.97 -39.91 -47.35
N ALA H 212 -40.61 -39.46 -46.29
CA ALA H 212 -39.90 -39.28 -45.03
C ALA H 212 -39.24 -40.59 -44.60
N TRP H 213 -40.01 -41.67 -44.68
CA TRP H 213 -39.52 -42.98 -44.29
C TRP H 213 -38.44 -43.49 -45.24
N GLU H 214 -38.56 -43.19 -46.52
CA GLU H 214 -37.50 -43.55 -47.46
C GLU H 214 -36.16 -42.87 -47.12
N ILE H 215 -36.21 -41.55 -46.88
CA ILE H 215 -35.00 -40.82 -46.49
C ILE H 215 -34.43 -41.39 -45.18
N ALA H 216 -35.31 -41.64 -44.21
CA ALA H 216 -34.92 -42.19 -42.93
C ALA H 216 -34.23 -43.54 -43.09
N ARG H 217 -34.77 -44.40 -43.96
CA ARG H 217 -34.14 -45.72 -44.17
C ARG H 217 -32.73 -45.61 -44.75
N THR H 218 -32.54 -44.68 -45.67
CA THR H 218 -31.21 -44.45 -46.21
C THR H 218 -30.26 -43.97 -45.11
N LEU H 219 -30.72 -42.98 -44.34
CA LEU H 219 -29.92 -42.54 -43.18
C LEU H 219 -29.60 -43.66 -42.20
N ALA H 220 -30.59 -44.50 -41.90
CA ALA H 220 -30.40 -45.53 -40.88
C ALA H 220 -29.38 -46.58 -41.25
N LYS H 221 -28.94 -46.62 -42.51
CA LYS H 221 -27.83 -47.51 -42.90
C LYS H 221 -26.46 -47.05 -42.37
N GLN H 222 -26.38 -45.78 -41.99
CA GLN H 222 -25.14 -45.24 -41.39
C GLN H 222 -24.87 -45.89 -40.04
N PRO H 223 -23.59 -45.97 -39.63
CA PRO H 223 -23.34 -46.37 -38.26
C PRO H 223 -24.00 -45.38 -37.27
N THR H 224 -24.39 -45.89 -36.13
CA THR H 224 -25.09 -45.11 -35.12
C THR H 224 -24.31 -43.88 -34.66
N LEU H 225 -23.05 -44.02 -34.28
CA LEU H 225 -22.32 -42.84 -33.80
C LEU H 225 -22.19 -41.83 -34.93
N ASN H 226 -22.14 -42.26 -36.19
CA ASN H 226 -22.08 -41.28 -37.26
C ASN H 226 -23.36 -40.47 -37.34
N LEU H 227 -24.50 -41.12 -37.15
CA LEU H 227 -25.77 -40.40 -37.15
C LEU H 227 -25.77 -39.38 -36.03
N ARG H 228 -25.34 -39.81 -34.85
CA ARG H 228 -25.38 -38.97 -33.65
C ARG H 228 -24.40 -37.81 -33.80
N TYR H 229 -23.18 -38.10 -34.26
CA TYR H 229 -22.18 -37.01 -34.25
C TYR H 229 -22.32 -36.08 -35.44
N THR H 230 -22.92 -36.54 -36.54
CA THR H 230 -23.23 -35.64 -37.65
C THR H 230 -24.34 -34.68 -37.19
N ARG H 231 -25.35 -35.17 -36.47
CA ARG H 231 -26.34 -34.26 -35.86
C ARG H 231 -25.67 -33.25 -34.94
N VAL H 232 -24.75 -33.70 -34.07
CA VAL H 232 -24.05 -32.76 -33.16
C VAL H 232 -23.31 -31.70 -33.95
N ALA H 233 -22.54 -32.10 -34.96
CA ALA H 233 -21.66 -31.19 -35.70
C ALA H 233 -22.50 -30.15 -36.43
N LEU H 234 -23.66 -30.58 -36.92
CA LEU H 234 -24.52 -29.74 -37.75
C LEU H 234 -25.46 -28.84 -36.93
N THR H 235 -25.48 -28.99 -35.61
CA THR H 235 -26.37 -28.20 -34.77
C THR H 235 -25.64 -27.31 -33.76
N GLN H 236 -24.30 -27.31 -33.77
CA GLN H 236 -23.58 -26.51 -32.80
C GLN H 236 -23.90 -25.03 -32.93
N ARG H 237 -23.80 -24.51 -34.14
CA ARG H 237 -24.07 -23.09 -34.36
C ARG H 237 -25.53 -22.75 -34.12
N LEU H 238 -26.42 -23.61 -34.61
CA LEU H 238 -27.84 -23.47 -34.40
C LEU H 238 -28.19 -23.36 -32.92
N LYS H 239 -27.63 -24.26 -32.10
CA LYS H 239 -27.90 -24.24 -30.66
C LYS H 239 -27.40 -22.92 -30.03
N ARG H 240 -26.21 -22.46 -30.44
CA ARG H 240 -25.70 -21.21 -29.91
C ARG H 240 -26.65 -20.09 -30.23
N LEU H 241 -27.14 -20.03 -31.47
CA LEU H 241 -28.01 -18.92 -31.86
C LEU H 241 -29.34 -18.95 -31.11
N VAL H 242 -29.87 -20.14 -30.87
CA VAL H 242 -31.13 -20.21 -30.14
C VAL H 242 -30.89 -19.81 -28.69
N ASN H 243 -29.83 -20.32 -28.07
N ASN H 243 -29.82 -20.30 -28.10
CA ASN H 243 -29.48 -19.95 -26.69
CA ASN H 243 -29.53 -19.97 -26.73
C ASN H 243 -29.38 -18.43 -26.52
C ASN H 243 -29.27 -18.47 -26.48
N GLU H 244 -28.78 -17.78 -27.51
CA GLU H 244 -28.48 -16.38 -27.40
C GLU H 244 -29.76 -15.58 -27.15
N GLY H 245 -30.85 -15.93 -27.85
CA GLY H 245 -32.04 -15.09 -27.91
C GLY H 245 -33.30 -15.62 -27.30
N ILE H 246 -33.36 -16.90 -26.90
CA ILE H 246 -34.66 -17.47 -26.56
C ILE H 246 -35.23 -16.92 -25.25
N GLY H 247 -34.40 -16.81 -24.23
CA GLY H 247 -34.89 -16.30 -22.95
C GLY H 247 -35.32 -14.85 -23.03
N TYR H 248 -34.50 -14.04 -23.70
CA TYR H 248 -34.82 -12.63 -23.86
C TYR H 248 -36.13 -12.47 -24.61
N GLY H 249 -36.30 -13.20 -25.72
CA GLY H 249 -37.54 -13.11 -26.49
C GLY H 249 -38.73 -13.46 -25.62
N LEU H 250 -38.63 -14.52 -24.82
CA LEU H 250 -39.79 -14.96 -24.04
C LEU H 250 -40.08 -14.02 -22.90
N ALA H 251 -39.04 -13.39 -22.34
CA ALA H 251 -39.26 -12.37 -21.32
C ALA H 251 -39.94 -11.13 -21.91
N LEU H 252 -39.47 -10.63 -23.06
CA LEU H 252 -40.13 -9.51 -23.70
C LEU H 252 -41.56 -9.85 -24.03
N GLU H 253 -41.78 -11.05 -24.53
CA GLU H 253 -43.14 -11.50 -24.87
C GLU H 253 -44.02 -11.46 -23.60
N GLY H 254 -43.46 -11.89 -22.48
CA GLY H 254 -44.20 -11.86 -21.21
C GLY H 254 -44.61 -10.45 -20.84
N ILE H 255 -43.72 -9.47 -21.00
CA ILE H 255 -44.07 -8.10 -20.66
C ILE H 255 -45.23 -7.65 -21.55
N THR H 256 -45.19 -8.00 -22.84
CA THR H 256 -46.29 -7.55 -23.72
C THR H 256 -47.58 -8.27 -23.36
N ALA H 257 -47.48 -9.51 -22.87
CA ALA H 257 -48.68 -10.21 -22.37
C ALA H 257 -49.27 -9.50 -21.14
N THR H 258 -48.41 -9.10 -20.23
CA THR H 258 -48.84 -8.31 -19.05
C THR H 258 -49.55 -7.06 -19.52
N ASP H 259 -49.03 -6.43 -20.56
CA ASP H 259 -49.52 -5.13 -21.01
C ASP H 259 -50.95 -5.21 -21.59
N LEU H 260 -51.41 -6.41 -21.94
CA LEU H 260 -52.77 -6.60 -22.43
C LEU H 260 -53.80 -6.23 -21.37
N ARG H 261 -53.39 -6.19 -20.11
CA ARG H 261 -54.25 -5.73 -19.01
C ARG H 261 -54.52 -4.22 -19.10
N ASN H 262 -53.56 -3.47 -19.66
CA ASN H 262 -53.68 -2.01 -19.85
C ASN H 262 -54.53 -1.61 -21.06
N THR H 263 -55.17 -2.43 -21.72
N GLN I 15 -44.72 20.20 -32.78
CA GLN I 15 -43.72 19.17 -33.16
C GLN I 15 -42.39 19.32 -32.36
N PRO I 16 -41.68 18.20 -32.11
CA PRO I 16 -40.47 18.27 -31.29
C PRO I 16 -39.43 19.18 -31.92
N GLU I 17 -38.54 19.74 -31.09
CA GLU I 17 -37.53 20.62 -31.62
C GLU I 17 -36.64 19.93 -32.64
N TYR I 18 -36.33 18.64 -32.44
CA TYR I 18 -35.42 18.00 -33.38
C TYR I 18 -35.98 17.85 -34.79
N PHE I 19 -37.30 17.99 -34.98
CA PHE I 19 -37.85 17.94 -36.35
C PHE I 19 -37.26 19.04 -37.26
N THR I 20 -36.75 20.11 -36.68
CA THR I 20 -36.16 21.19 -37.51
C THR I 20 -34.68 21.46 -37.20
N LYS I 21 -34.00 20.43 -36.69
CA LYS I 21 -32.61 20.57 -36.25
C LYS I 21 -31.63 20.16 -37.37
N TYR I 22 -32.15 19.55 -38.43
CA TYR I 22 -31.28 18.93 -39.41
C TYR I 22 -31.60 19.43 -40.81
N GLU I 23 -30.66 20.19 -41.35
CA GLU I 23 -30.87 20.81 -42.68
C GLU I 23 -31.07 19.77 -43.79
N ASN I 24 -30.63 18.53 -43.55
CA ASN I 24 -30.73 17.47 -44.55
C ASN I 24 -31.75 16.39 -44.24
N LEU I 25 -32.63 16.64 -43.27
CA LEU I 25 -33.68 15.68 -42.94
C LEU I 25 -34.99 16.42 -42.71
N HIS I 26 -36.00 16.00 -43.45
CA HIS I 26 -37.35 16.46 -43.24
C HIS I 26 -38.11 15.44 -42.42
N PHE I 27 -38.92 15.90 -41.46
CA PHE I 27 -39.66 15.04 -40.55
C PHE I 27 -41.16 15.34 -40.66
N HIS I 28 -41.97 14.29 -40.73
CA HIS I 28 -43.42 14.40 -40.70
C HIS I 28 -43.99 13.23 -39.91
N ARG I 29 -44.82 13.49 -38.92
CA ARG I 29 -45.37 12.44 -38.10
C ARG I 29 -46.90 12.55 -38.05
N ASP I 30 -47.58 11.43 -38.20
CA ASP I 30 -49.04 11.43 -38.08
C ASP I 30 -49.54 11.18 -36.65
N GLU I 31 -50.86 11.16 -36.48
CA GLU I 31 -51.46 11.00 -35.15
C GLU I 31 -51.27 9.59 -34.55
N ASN I 32 -50.85 8.64 -35.40
CA ASN I 32 -50.56 7.25 -35.00
C ASN I 32 -49.10 7.05 -34.58
N GLY I 33 -48.33 8.12 -34.61
CA GLY I 33 -46.89 8.03 -34.28
C GLY I 33 -46.05 7.48 -35.42
N ILE I 34 -46.56 7.48 -36.63
CA ILE I 34 -45.79 7.07 -37.80
C ILE I 34 -44.97 8.26 -38.25
N LEU I 35 -43.65 8.15 -38.21
CA LEU I 35 -42.75 9.23 -38.54
C LEU I 35 -42.05 8.94 -39.87
N GLU I 36 -42.19 9.81 -40.85
CA GLU I 36 -41.42 9.73 -42.09
C GLU I 36 -40.23 10.65 -42.00
N VAL I 37 -39.02 10.10 -42.17
CA VAL I 37 -37.80 10.85 -42.12
C VAL I 37 -37.24 10.80 -43.54
N ARG I 38 -37.13 11.96 -44.20
CA ARG I 38 -36.71 12.06 -45.59
C ARG I 38 -35.43 12.83 -45.76
N MET I 39 -34.42 12.19 -46.34
CA MET I 39 -33.12 12.80 -46.53
C MET I 39 -33.18 13.66 -47.78
N HIS I 40 -32.53 14.82 -47.75
CA HIS I 40 -32.58 15.72 -48.89
C HIS I 40 -31.45 16.75 -48.81
N THR I 41 -31.13 17.33 -49.96
CA THR I 41 -30.24 18.49 -50.04
C THR I 41 -31.03 19.58 -50.76
N ASN I 42 -31.45 20.61 -50.01
CA ASN I 42 -32.27 21.72 -50.56
C ASN I 42 -33.50 21.18 -51.30
N GLY I 43 -34.10 20.15 -50.71
CA GLY I 43 -35.28 19.50 -51.29
C GLY I 43 -35.04 18.52 -52.42
N SER I 44 -33.80 18.44 -52.90
CA SER I 44 -33.41 17.46 -53.92
C SER I 44 -32.84 16.20 -53.28
N SER I 45 -32.50 15.23 -54.12
CA SER I 45 -31.86 14.00 -53.63
C SER I 45 -30.63 14.37 -52.82
N LEU I 46 -30.36 13.58 -51.76
CA LEU I 46 -29.27 13.90 -50.85
C LEU I 46 -27.90 13.86 -51.53
N VAL I 47 -27.08 14.86 -51.24
CA VAL I 47 -25.67 14.84 -51.49
C VAL I 47 -25.01 14.60 -50.12
N PHE I 48 -24.37 13.46 -49.97
CA PHE I 48 -23.77 13.12 -48.69
C PHE I 48 -22.54 13.97 -48.43
N THR I 49 -22.39 14.45 -47.20
CA THR I 49 -21.34 15.40 -46.85
C THR I 49 -20.72 15.06 -45.51
N GLY I 50 -19.60 15.73 -45.18
CA GLY I 50 -19.05 15.67 -43.82
C GLY I 50 -20.11 16.05 -42.80
N LYS I 51 -20.95 17.04 -43.13
CA LYS I 51 -22.01 17.49 -42.25
C LYS I 51 -23.04 16.37 -41.99
N THR I 52 -23.51 15.68 -43.04
CA THR I 52 -24.47 14.58 -42.81
C THR I 52 -23.77 13.44 -42.02
N HIS I 53 -22.48 13.21 -42.30
CA HIS I 53 -21.78 12.13 -41.59
C HIS I 53 -21.76 12.42 -40.09
N ARG I 54 -21.60 13.69 -39.73
CA ARG I 54 -21.54 14.11 -38.33
C ARG I 54 -22.93 14.23 -37.71
N GLU I 55 -23.90 14.71 -38.48
CA GLU I 55 -25.20 15.02 -37.91
C GLU I 55 -26.19 13.85 -37.87
N PHE I 56 -26.10 12.97 -38.87
CA PHE I 56 -27.05 11.86 -38.93
C PHE I 56 -27.03 10.95 -37.66
N PRO I 57 -25.82 10.65 -37.13
CA PRO I 57 -25.88 9.90 -35.85
C PRO I 57 -26.71 10.58 -34.76
N ASP I 58 -26.66 11.91 -34.68
CA ASP I 58 -27.46 12.63 -33.66
C ASP I 58 -28.95 12.55 -34.03
N ALA I 59 -29.21 12.68 -35.34
CA ALA I 59 -30.63 12.62 -35.74
C ALA I 59 -31.25 11.27 -35.41
N PHE I 60 -30.53 10.17 -35.71
CA PHE I 60 -31.07 8.85 -35.40
C PHE I 60 -31.19 8.64 -33.88
N TYR I 61 -30.23 9.18 -33.12
CA TYR I 61 -30.38 9.17 -31.66
C TYR I 61 -31.68 9.86 -31.21
N ASP I 62 -31.87 11.06 -31.76
CA ASP I 62 -33.07 11.85 -31.39
C ASP I 62 -34.35 11.11 -31.74
N ILE I 63 -34.38 10.50 -32.92
CA ILE I 63 -35.55 9.69 -33.30
C ILE I 63 -35.76 8.57 -32.28
N SER I 64 -34.65 7.90 -31.89
CA SER I 64 -34.75 6.74 -30.99
C SER I 64 -35.21 7.10 -29.57
N ARG I 65 -34.91 8.32 -29.13
CA ARG I 65 -35.22 8.75 -27.77
C ARG I 65 -36.70 9.14 -27.62
N ASP I 66 -37.32 9.52 -28.73
CA ASP I 66 -38.68 10.08 -28.71
C ASP I 66 -39.69 8.95 -28.75
N ARG I 67 -40.34 8.69 -27.62
CA ARG I 67 -41.29 7.59 -27.50
C ARG I 67 -42.58 7.78 -28.31
N ASP I 68 -42.78 9.00 -28.79
CA ASP I 68 -43.95 9.26 -29.65
C ASP I 68 -43.80 8.69 -31.05
N ASN I 69 -42.56 8.30 -31.40
CA ASN I 69 -42.31 7.58 -32.66
C ASN I 69 -42.66 6.13 -32.49
N ARG I 70 -43.69 5.66 -33.19
CA ARG I 70 -44.16 4.30 -33.03
C ARG I 70 -43.83 3.40 -34.24
N VAL I 71 -43.68 4.02 -35.41
CA VAL I 71 -43.13 3.35 -36.60
C VAL I 71 -42.32 4.39 -37.34
N VAL I 72 -41.17 4.03 -37.92
CA VAL I 72 -40.38 4.98 -38.67
C VAL I 72 -40.26 4.56 -40.13
N ILE I 73 -40.41 5.51 -41.07
CA ILE I 73 -40.16 5.29 -42.50
C ILE I 73 -38.97 6.16 -42.85
N LEU I 74 -37.89 5.55 -43.35
CA LEU I 74 -36.70 6.29 -43.76
C LEU I 74 -36.63 6.26 -45.26
N THR I 75 -36.49 7.45 -45.88
CA THR I 75 -36.51 7.53 -47.34
C THR I 75 -35.62 8.68 -47.80
N GLY I 76 -35.41 8.78 -49.12
CA GLY I 76 -34.69 9.90 -49.73
C GLY I 76 -35.67 10.76 -50.51
N SER I 77 -35.10 11.66 -51.31
CA SER I 77 -35.91 12.63 -52.08
C SER I 77 -35.61 12.49 -53.55
N GLY I 78 -36.55 12.87 -54.39
CA GLY I 78 -36.26 12.90 -55.82
C GLY I 78 -36.15 11.48 -56.33
N ASP I 79 -35.26 11.29 -57.31
CA ASP I 79 -35.15 9.99 -57.98
C ASP I 79 -33.99 9.09 -57.54
N ALA I 80 -33.28 9.50 -56.49
CA ALA I 80 -32.18 8.69 -55.94
C ALA I 80 -32.32 8.70 -54.43
N TRP I 81 -32.03 7.56 -53.80
CA TRP I 81 -32.02 7.45 -52.34
C TRP I 81 -30.72 8.08 -51.81
N MET I 82 -29.58 7.65 -52.36
CA MET I 82 -28.31 8.34 -52.13
C MET I 82 -27.36 7.94 -53.25
N ALA I 83 -27.00 8.88 -54.13
CA ALA I 83 -26.15 8.57 -55.27
C ALA I 83 -25.02 9.59 -55.46
N GLU I 84 -24.99 10.62 -54.59
CA GLU I 84 -24.03 11.71 -54.68
C GLU I 84 -23.30 11.94 -53.36
N ILE I 85 -22.04 12.34 -53.47
CA ILE I 85 -21.24 12.67 -52.31
C ILE I 85 -20.35 13.87 -52.66
N ASP I 86 -20.16 14.74 -51.69
CA ASP I 86 -19.18 15.80 -51.75
C ASP I 86 -17.93 15.30 -51.00
N PHE I 87 -17.02 14.65 -51.73
CA PHE I 87 -15.83 14.02 -51.14
C PHE I 87 -14.97 14.97 -50.31
N PRO I 88 -14.63 16.16 -50.86
CA PRO I 88 -13.82 17.09 -50.06
C PRO I 88 -14.43 17.43 -48.70
N SER I 89 -15.76 17.59 -48.65
CA SER I 89 -16.44 17.98 -47.42
C SER I 89 -16.24 16.98 -46.28
N LEU I 90 -15.74 15.79 -46.61
CA LEU I 90 -15.58 14.71 -45.64
C LEU I 90 -14.37 14.93 -44.75
N GLY I 91 -13.49 15.82 -45.20
CA GLY I 91 -12.30 16.19 -44.45
C GLY I 91 -11.05 15.54 -45.05
N ASP I 92 -9.89 15.86 -44.48
CA ASP I 92 -8.57 15.30 -44.87
C ASP I 92 -8.51 13.86 -44.35
N VAL I 93 -9.18 12.95 -45.07
CA VAL I 93 -9.29 11.55 -44.63
C VAL I 93 -7.96 10.84 -44.57
N THR I 94 -6.93 11.38 -45.24
CA THR I 94 -5.64 10.71 -45.25
C THR I 94 -4.88 11.05 -43.98
N ASN I 95 -5.41 11.97 -43.17
CA ASN I 95 -4.83 12.32 -41.88
C ASN I 95 -5.57 11.53 -40.80
N PRO I 96 -4.85 10.68 -40.05
CA PRO I 96 -5.58 9.83 -39.08
C PRO I 96 -6.30 10.63 -38.00
N ARG I 97 -5.81 11.86 -37.73
CA ARG I 97 -6.50 12.68 -36.72
C ARG I 97 -7.82 13.22 -37.23
N GLU I 98 -7.97 13.33 -38.56
CA GLU I 98 -9.25 13.70 -39.14
C GLU I 98 -10.11 12.46 -39.40
N TRP I 99 -9.48 11.38 -39.87
CA TRP I 99 -10.24 10.13 -40.05
C TRP I 99 -10.89 9.67 -38.73
N ASP I 100 -10.23 9.95 -37.60
CA ASP I 100 -10.79 9.49 -36.33
C ASP I 100 -12.21 10.05 -36.11
N LYS I 101 -12.50 11.25 -36.64
CA LYS I 101 -13.87 11.78 -36.53
C LYS I 101 -14.86 10.91 -37.33
N THR I 102 -14.46 10.55 -38.56
CA THR I 102 -15.23 9.65 -39.41
C THR I 102 -15.44 8.29 -38.75
N TYR I 103 -14.36 7.76 -38.16
CA TYR I 103 -14.41 6.49 -37.44
C TYR I 103 -15.41 6.55 -36.27
N TRP I 104 -15.30 7.58 -35.44
CA TRP I 104 -16.19 7.66 -34.25
C TRP I 104 -17.65 7.81 -34.72
N GLU I 105 -17.85 8.70 -35.72
CA GLU I 105 -19.19 8.92 -36.25
C GLU I 105 -19.77 7.71 -37.00
N GLY I 106 -18.86 6.94 -37.62
CA GLY I 106 -19.24 5.73 -38.34
C GLY I 106 -19.70 4.59 -37.43
N LYS I 107 -19.05 4.52 -36.26
CA LYS I 107 -19.55 3.60 -35.21
C LYS I 107 -20.91 4.08 -34.70
N LYS I 108 -20.99 5.37 -34.35
CA LYS I 108 -22.24 5.84 -33.76
C LYS I 108 -23.42 5.79 -34.70
N VAL I 109 -23.23 6.07 -35.99
CA VAL I 109 -24.42 6.12 -36.84
C VAL I 109 -25.16 4.80 -36.87
N LEU I 110 -24.41 3.69 -36.95
CA LEU I 110 -25.08 2.38 -37.00
C LEU I 110 -25.63 1.95 -35.64
N GLN I 111 -24.87 2.27 -34.59
CA GLN I 111 -25.36 1.95 -33.24
C GLN I 111 -26.68 2.69 -33.02
N ASN I 112 -26.70 3.97 -33.40
CA ASN I 112 -27.88 4.79 -33.07
C ASN I 112 -29.08 4.47 -33.97
N LEU I 113 -28.80 4.13 -35.23
CA LEU I 113 -29.86 3.66 -36.12
C LEU I 113 -30.49 2.34 -35.66
N LEU I 114 -29.63 1.39 -35.27
CA LEU I 114 -30.14 0.09 -34.84
C LEU I 114 -30.92 0.21 -33.52
N ASP I 115 -30.54 1.21 -32.71
CA ASP I 115 -31.21 1.47 -31.43
C ASP I 115 -32.54 2.26 -31.54
N ILE I 116 -32.94 2.65 -32.75
CA ILE I 116 -34.36 2.99 -32.94
C ILE I 116 -35.15 1.78 -32.48
N GLU I 117 -36.09 2.04 -31.58
CA GLU I 117 -36.76 0.97 -30.85
C GLU I 117 -38.18 0.74 -31.31
N VAL I 118 -38.41 0.93 -32.61
CA VAL I 118 -39.70 0.59 -33.23
C VAL I 118 -39.35 0.06 -34.63
N PRO I 119 -40.32 -0.59 -35.29
CA PRO I 119 -40.05 -1.05 -36.66
C PRO I 119 -39.67 0.11 -37.55
N VAL I 120 -38.69 -0.14 -38.43
CA VAL I 120 -38.23 0.82 -39.39
C VAL I 120 -38.43 0.26 -40.81
N ILE I 121 -39.13 1.04 -41.62
CA ILE I 121 -39.40 0.70 -43.00
C ILE I 121 -38.51 1.54 -43.88
N SER I 122 -37.72 0.92 -44.76
CA SER I 122 -37.02 1.71 -45.79
C SER I 122 -37.89 1.83 -47.02
N ALA I 123 -38.05 3.07 -47.50
CA ALA I 123 -38.68 3.32 -48.78
C ALA I 123 -37.58 3.80 -49.71
N VAL I 124 -37.00 2.88 -50.48
CA VAL I 124 -35.83 3.18 -51.28
C VAL I 124 -36.34 3.75 -52.62
N ASN I 125 -36.17 5.06 -52.77
CA ASN I 125 -36.80 5.82 -53.89
C ASN I 125 -35.93 5.93 -55.14
N GLY I 126 -34.93 5.08 -55.30
CA GLY I 126 -34.03 5.19 -56.43
C GLY I 126 -32.64 4.74 -56.00
N ALA I 127 -31.65 5.08 -56.80
CA ALA I 127 -30.29 4.55 -56.64
C ALA I 127 -29.79 4.70 -55.22
N ALA I 128 -29.19 3.62 -54.70
CA ALA I 128 -28.56 3.58 -53.36
C ALA I 128 -27.15 3.04 -53.62
N LEU I 129 -26.25 3.98 -53.93
CA LEU I 129 -24.89 3.68 -54.39
C LEU I 129 -23.84 3.95 -53.31
N LEU I 130 -24.27 4.56 -52.20
CA LEU I 130 -23.42 4.70 -51.01
C LEU I 130 -24.31 4.67 -49.79
N HIS I 131 -23.69 4.32 -48.66
CA HIS I 131 -24.39 4.24 -47.37
C HIS I 131 -25.62 3.35 -47.35
N SER I 132 -25.63 2.33 -48.23
CA SER I 132 -26.73 1.37 -48.25
C SER I 132 -26.79 0.56 -46.93
N GLU I 133 -25.70 0.55 -46.15
CA GLU I 133 -25.76 -0.10 -44.84
C GLU I 133 -26.89 0.47 -43.97
N TYR I 134 -27.25 1.74 -44.18
CA TYR I 134 -28.39 2.27 -43.41
C TYR I 134 -29.64 1.44 -43.66
N ILE I 135 -29.89 1.15 -44.93
CA ILE I 135 -31.06 0.35 -45.32
C ILE I 135 -31.04 -1.05 -44.67
N LEU I 136 -29.83 -1.57 -44.56
CA LEU I 136 -29.63 -2.92 -44.03
C LEU I 136 -29.70 -3.00 -42.51
N THR I 137 -30.08 -1.89 -41.87
CA THR I 137 -30.48 -1.95 -40.45
C THR I 137 -32.00 -2.04 -40.29
N THR I 138 -32.75 -1.84 -41.38
CA THR I 138 -34.20 -1.66 -41.27
C THR I 138 -34.95 -2.98 -41.46
N ASP I 139 -36.22 -3.00 -41.05
CA ASP I 139 -36.99 -4.25 -40.94
C ASP I 139 -37.76 -4.69 -42.16
N ILE I 140 -38.22 -3.70 -42.92
CA ILE I 140 -39.07 -3.91 -44.12
C ILE I 140 -38.51 -3.01 -45.18
N ILE I 141 -38.10 -3.60 -46.31
CA ILE I 141 -37.42 -2.83 -47.35
C ILE I 141 -38.26 -2.83 -48.64
N LEU I 142 -38.71 -1.63 -48.99
CA LEU I 142 -39.51 -1.42 -50.20
C LEU I 142 -38.67 -0.62 -51.16
N ALA I 143 -38.74 -0.93 -52.46
CA ALA I 143 -37.94 -0.21 -53.46
C ALA I 143 -38.74 0.15 -54.69
N SER I 144 -38.44 1.32 -55.23
CA SER I 144 -39.08 1.72 -56.48
C SER I 144 -38.42 0.91 -57.59
N GLU I 145 -39.13 0.72 -58.71
CA GLU I 145 -38.61 -0.16 -59.77
C GLU I 145 -37.31 0.35 -60.39
N ASN I 146 -37.06 1.66 -60.26
CA ASN I 146 -35.84 2.30 -60.77
C ASN I 146 -34.62 2.12 -59.88
N THR I 147 -34.81 1.53 -58.70
CA THR I 147 -33.72 1.45 -57.74
C THR I 147 -32.61 0.51 -58.21
N VAL I 148 -31.36 0.91 -57.95
CA VAL I 148 -30.16 0.06 -58.13
C VAL I 148 -29.39 0.18 -56.82
N PHE I 149 -28.83 -0.94 -56.37
CA PHE I 149 -27.95 -1.00 -55.18
C PHE I 149 -26.52 -1.24 -55.63
N GLN I 150 -25.59 -0.56 -54.97
CA GLN I 150 -24.18 -0.78 -55.23
C GLN I 150 -23.34 -0.25 -54.09
N ASP I 151 -22.16 -0.83 -53.87
CA ASP I 151 -21.17 -0.17 -53.04
C ASP I 151 -20.20 0.53 -53.96
N MET I 152 -20.58 1.75 -54.33
CA MET I 152 -19.78 2.43 -55.34
C MET I 152 -18.44 3.02 -54.84
N PRO I 153 -18.44 3.79 -53.75
CA PRO I 153 -17.29 4.68 -53.56
C PRO I 153 -15.97 4.07 -53.03
N HIS I 154 -16.05 2.93 -52.34
CA HIS I 154 -14.82 2.48 -51.65
C HIS I 154 -13.73 2.05 -52.59
N LEU I 155 -14.07 1.19 -53.54
CA LEU I 155 -13.06 0.71 -54.47
C LEU I 155 -12.69 1.78 -55.50
N ASN I 156 -13.55 2.76 -55.71
CA ASN I 156 -13.16 3.93 -56.51
C ASN I 156 -12.08 4.76 -55.84
N ALA I 157 -12.20 4.93 -54.52
CA ALA I 157 -11.20 5.70 -53.77
C ALA I 157 -9.98 4.87 -53.43
N GLY I 158 -10.14 3.54 -53.44
CA GLY I 158 -9.08 2.63 -53.03
C GLY I 158 -8.97 2.43 -51.54
N ILE I 159 -10.11 2.49 -50.86
CA ILE I 159 -10.13 2.29 -49.40
C ILE I 159 -11.12 1.18 -49.03
N VAL I 160 -10.95 0.64 -47.82
CA VAL I 160 -11.74 -0.54 -47.43
C VAL I 160 -13.22 -0.20 -47.38
N PRO I 161 -14.09 -1.09 -47.88
CA PRO I 161 -15.53 -0.98 -47.63
C PRO I 161 -15.84 -1.43 -46.18
N GLY I 162 -15.44 -0.60 -45.22
CA GLY I 162 -15.37 -1.05 -43.84
C GLY I 162 -16.33 -0.32 -42.93
N ASP I 163 -17.32 0.38 -43.51
CA ASP I 163 -18.24 1.19 -42.73
C ASP I 163 -19.54 0.49 -42.36
N GLY I 164 -19.54 -0.83 -42.49
CA GLY I 164 -20.71 -1.64 -42.19
C GLY I 164 -21.18 -2.43 -43.39
N VAL I 165 -20.91 -1.93 -44.61
CA VAL I 165 -21.22 -2.75 -45.80
C VAL I 165 -20.54 -4.12 -45.75
N HIS I 166 -19.36 -4.18 -45.11
CA HIS I 166 -18.59 -5.43 -45.02
C HIS I 166 -19.26 -6.48 -44.17
N ILE I 167 -20.17 -6.04 -43.30
CA ILE I 167 -20.87 -6.96 -42.40
C ILE I 167 -22.27 -7.23 -42.99
N LEU I 168 -22.95 -6.15 -43.37
CA LEU I 168 -24.37 -6.25 -43.69
C LEU I 168 -24.65 -6.75 -45.14
N TRP I 169 -23.79 -6.41 -46.10
CA TRP I 169 -24.02 -7.04 -47.42
C TRP I 169 -23.79 -8.56 -47.43
N PRO I 170 -22.74 -9.05 -46.75
CA PRO I 170 -22.62 -10.51 -46.62
C PRO I 170 -23.71 -11.16 -45.73
N LEU I 171 -24.26 -10.41 -44.79
N LEU I 171 -24.28 -10.43 -44.79
CA LEU I 171 -25.42 -10.92 -44.09
CA LEU I 171 -25.47 -10.99 -44.15
C LEU I 171 -26.68 -10.99 -44.99
C LEU I 171 -26.62 -11.09 -45.15
N ALA I 172 -26.84 -10.02 -45.90
CA ALA I 172 -27.99 -9.95 -46.82
C ALA I 172 -27.89 -10.98 -47.95
N LEU I 173 -26.71 -11.09 -48.54
CA LEU I 173 -26.50 -11.93 -49.73
C LEU I 173 -25.80 -13.25 -49.44
N GLY I 174 -25.44 -13.46 -48.16
CA GLY I 174 -24.60 -14.57 -47.78
C GLY I 174 -23.14 -14.21 -47.96
N LEU I 175 -22.28 -15.02 -47.34
CA LEU I 175 -20.86 -14.72 -47.29
C LEU I 175 -20.11 -15.09 -48.56
N TYR I 176 -20.86 -15.45 -49.62
CA TYR I 176 -20.23 -15.79 -50.92
C TYR I 176 -20.61 -14.69 -51.90
N ARG I 177 -21.88 -14.65 -52.27
CA ARG I 177 -22.34 -13.53 -53.11
C ARG I 177 -22.10 -12.14 -52.49
N GLY I 178 -22.15 -12.04 -51.16
CA GLY I 178 -21.87 -10.76 -50.49
C GLY I 178 -20.45 -10.27 -50.74
N ARG I 179 -19.49 -11.19 -50.72
CA ARG I 179 -18.10 -10.81 -51.01
C ARG I 179 -17.90 -10.49 -52.50
N TYR I 180 -18.51 -11.31 -53.36
CA TYR I 180 -18.45 -11.00 -54.81
C TYR I 180 -19.01 -9.60 -55.10
N PHE I 181 -20.15 -9.30 -54.48
CA PHE I 181 -20.82 -8.03 -54.66
C PHE I 181 -19.91 -6.87 -54.28
N LEU I 182 -19.22 -6.97 -53.14
CA LEU I 182 -18.37 -5.88 -52.71
C LEU I 182 -17.07 -5.79 -53.54
N PHE I 183 -16.41 -6.92 -53.75
CA PHE I 183 -15.12 -6.90 -54.44
C PHE I 183 -15.26 -6.46 -55.89
N THR I 184 -16.42 -6.71 -56.51
CA THR I 184 -16.54 -6.36 -57.94
C THR I 184 -17.40 -5.13 -58.16
N GLN I 185 -17.83 -4.44 -57.08
CA GLN I 185 -18.70 -3.26 -57.20
C GLN I 185 -19.95 -3.62 -58.00
N GLU I 186 -20.51 -4.79 -57.71
CA GLU I 186 -21.69 -5.26 -58.45
C GLU I 186 -22.86 -4.32 -58.25
N LYS I 187 -23.62 -4.12 -59.32
CA LYS I 187 -24.89 -3.38 -59.25
C LYS I 187 -26.06 -4.36 -59.24
N LEU I 188 -27.02 -4.17 -58.35
CA LEU I 188 -28.22 -4.97 -58.31
C LEU I 188 -29.44 -4.08 -58.59
N THR I 189 -30.28 -4.50 -59.54
CA THR I 189 -31.54 -3.79 -59.73
C THR I 189 -32.51 -4.12 -58.60
N ALA I 190 -33.59 -3.36 -58.51
CA ALA I 190 -34.63 -3.60 -57.52
C ALA I 190 -35.16 -5.05 -57.65
N GLN I 191 -35.35 -5.51 -58.88
CA GLN I 191 -35.85 -6.85 -59.10
C GLN I 191 -34.82 -7.91 -58.69
N GLN I 192 -33.53 -7.68 -58.99
CA GLN I 192 -32.50 -8.61 -58.50
C GLN I 192 -32.47 -8.66 -56.97
N ALA I 193 -32.52 -7.48 -56.33
CA ALA I 193 -32.52 -7.43 -54.87
C ALA I 193 -33.74 -8.11 -54.25
N TYR I 194 -34.90 -8.00 -54.92
CA TYR I 194 -36.11 -8.71 -54.51
C TYR I 194 -35.92 -10.24 -54.55
N GLU I 195 -35.35 -10.70 -55.64
CA GLU I 195 -35.12 -12.13 -55.76
C GLU I 195 -34.10 -12.63 -54.72
N LEU I 196 -33.23 -11.71 -54.27
CA LEU I 196 -32.22 -12.03 -53.26
C LEU I 196 -32.71 -11.78 -51.83
N ASN I 197 -34.00 -11.45 -51.70
CA ASN I 197 -34.66 -11.28 -50.40
C ASN I 197 -34.25 -10.04 -49.58
N VAL I 198 -33.52 -9.13 -50.23
CA VAL I 198 -33.14 -7.86 -49.60
C VAL I 198 -34.28 -6.88 -49.70
N VAL I 199 -34.81 -6.74 -50.92
CA VAL I 199 -36.01 -5.95 -51.13
C VAL I 199 -37.21 -6.86 -51.00
N HIS I 200 -38.25 -6.40 -50.32
CA HIS I 200 -39.43 -7.22 -50.02
C HIS I 200 -40.63 -6.93 -50.89
N GLU I 201 -40.67 -5.70 -51.41
CA GLU I 201 -41.71 -5.32 -52.40
C GLU I 201 -41.09 -4.31 -53.34
N VAL I 202 -41.37 -4.51 -54.63
CA VAL I 202 -40.98 -3.58 -55.68
C VAL I 202 -42.23 -2.82 -56.14
N LEU I 203 -42.14 -1.49 -56.13
CA LEU I 203 -43.29 -0.60 -56.38
C LEU I 203 -42.95 0.37 -57.50
N PRO I 204 -43.96 0.76 -58.29
CA PRO I 204 -43.70 1.94 -59.12
C PRO I 204 -43.34 3.13 -58.25
N GLN I 205 -42.51 4.03 -58.79
CA GLN I 205 -42.09 5.22 -58.07
C GLN I 205 -43.26 5.96 -57.45
N SER I 206 -44.33 6.14 -58.24
CA SER I 206 -45.49 6.91 -57.80
C SER I 206 -46.30 6.27 -56.67
N LYS I 207 -46.02 5.00 -56.36
CA LYS I 207 -46.82 4.22 -55.38
C LYS I 207 -46.02 3.81 -54.14
N LEU I 208 -44.71 4.02 -54.21
CA LEU I 208 -43.78 3.61 -53.14
C LEU I 208 -44.18 4.18 -51.78
N MET I 209 -44.35 5.51 -51.71
CA MET I 209 -44.58 6.11 -50.37
C MET I 209 -45.94 5.74 -49.78
N GLU I 210 -46.96 5.68 -50.63
CA GLU I 210 -48.28 5.22 -50.17
C GLU I 210 -48.20 3.82 -49.57
N ARG I 211 -47.42 2.93 -50.20
CA ARG I 211 -47.33 1.55 -49.73
C ARG I 211 -46.60 1.52 -48.37
N ALA I 212 -45.56 2.33 -48.26
CA ALA I 212 -44.84 2.42 -46.98
C ALA I 212 -45.78 2.86 -45.87
N TRP I 213 -46.59 3.88 -46.16
CA TRP I 213 -47.56 4.34 -45.18
C TRP I 213 -48.65 3.32 -44.85
N GLU I 214 -49.09 2.56 -45.84
CA GLU I 214 -50.08 1.50 -45.64
C GLU I 214 -49.53 0.40 -44.68
N ILE I 215 -48.29 -0.02 -44.94
CA ILE I 215 -47.68 -1.02 -44.09
C ILE I 215 -47.52 -0.45 -42.66
N ALA I 216 -47.10 0.82 -42.58
CA ALA I 216 -46.91 1.47 -41.28
C ALA I 216 -48.23 1.59 -40.52
N ARG I 217 -49.33 1.94 -41.21
CA ARG I 217 -50.62 2.04 -40.52
C ARG I 217 -51.11 0.70 -39.95
N THR I 218 -50.85 -0.39 -40.67
CA THR I 218 -51.17 -1.70 -40.15
C THR I 218 -50.34 -2.00 -38.91
N LEU I 219 -49.03 -1.72 -38.97
CA LEU I 219 -48.19 -1.93 -37.79
C LEU I 219 -48.64 -1.08 -36.61
N ALA I 220 -49.02 0.17 -36.88
CA ALA I 220 -49.32 1.12 -35.79
C ALA I 220 -50.56 0.74 -35.00
N LYS I 221 -51.36 -0.18 -35.53
CA LYS I 221 -52.50 -0.75 -34.74
C LYS I 221 -52.07 -1.68 -33.60
N GLN I 222 -50.82 -2.13 -33.61
CA GLN I 222 -50.29 -2.94 -32.53
C GLN I 222 -50.17 -2.07 -31.27
N PRO I 223 -50.17 -2.71 -30.09
CA PRO I 223 -49.81 -2.00 -28.87
C PRO I 223 -48.36 -1.49 -28.97
N THR I 224 -48.08 -0.35 -28.37
CA THR I 224 -46.77 0.27 -28.42
C THR I 224 -45.67 -0.64 -27.89
N LEU I 225 -45.83 -1.28 -26.72
CA LEU I 225 -44.72 -2.10 -26.22
C LEU I 225 -44.46 -3.28 -27.17
N ASN I 226 -45.49 -3.80 -27.81
CA ASN I 226 -45.25 -4.86 -28.79
C ASN I 226 -44.42 -4.41 -30.00
N LEU I 227 -44.71 -3.22 -30.51
CA LEU I 227 -43.89 -2.66 -31.58
C LEU I 227 -42.43 -2.55 -31.13
N ARG I 228 -42.24 -2.01 -29.93
CA ARG I 228 -40.88 -1.75 -29.43
C ARG I 228 -40.15 -3.08 -29.17
N TYR I 229 -40.80 -4.01 -28.49
CA TYR I 229 -40.10 -5.21 -28.08
C TYR I 229 -39.98 -6.24 -29.23
N THR I 230 -40.86 -6.22 -30.21
CA THR I 230 -40.63 -7.02 -31.40
C THR I 230 -39.39 -6.46 -32.16
N ARG I 231 -39.26 -5.15 -32.29
CA ARG I 231 -38.03 -4.56 -32.82
C ARG I 231 -36.79 -5.03 -32.04
N VAL I 232 -36.86 -4.95 -30.70
CA VAL I 232 -35.73 -5.40 -29.89
C VAL I 232 -35.40 -6.87 -30.18
N ALA I 233 -36.40 -7.74 -30.13
CA ALA I 233 -36.14 -9.17 -30.30
C ALA I 233 -35.54 -9.46 -31.67
N LEU I 234 -35.98 -8.73 -32.68
CA LEU I 234 -35.56 -8.99 -34.06
C LEU I 234 -34.25 -8.32 -34.41
N THR I 235 -33.66 -7.56 -33.49
CA THR I 235 -32.42 -6.88 -33.82
C THR I 235 -31.23 -7.27 -32.90
N GLN I 236 -31.47 -8.19 -31.96
CA GLN I 236 -30.38 -8.55 -31.04
C GLN I 236 -29.17 -9.14 -31.80
N ARG I 237 -29.44 -10.11 -32.66
CA ARG I 237 -28.37 -10.78 -33.39
C ARG I 237 -27.68 -9.79 -34.34
N LEU I 238 -28.51 -9.02 -35.07
CA LEU I 238 -28.01 -7.96 -35.96
C LEU I 238 -27.05 -6.99 -35.25
N LYS I 239 -27.46 -6.51 -34.07
CA LYS I 239 -26.66 -5.58 -33.28
C LYS I 239 -25.32 -6.22 -32.90
N ARG I 240 -25.36 -7.50 -32.48
CA ARG I 240 -24.11 -8.18 -32.11
C ARG I 240 -23.14 -8.24 -33.32
N LEU I 241 -23.73 -8.60 -34.46
CA LEU I 241 -22.89 -8.72 -35.68
C LEU I 241 -22.28 -7.41 -36.13
N VAL I 242 -23.06 -6.32 -36.03
CA VAL I 242 -22.50 -5.02 -36.36
C VAL I 242 -21.41 -4.62 -35.35
N ASN I 243 -21.68 -4.81 -34.07
N ASN I 243 -21.66 -4.79 -34.04
CA ASN I 243 -20.72 -4.48 -33.06
CA ASN I 243 -20.64 -4.48 -33.01
C ASN I 243 -19.38 -5.23 -33.22
C ASN I 243 -19.33 -5.23 -33.27
N GLU I 244 -19.46 -6.49 -33.67
CA GLU I 244 -18.27 -7.31 -33.88
C GLU I 244 -17.29 -6.67 -34.87
N GLY I 245 -17.80 -6.13 -35.96
CA GLY I 245 -16.98 -5.75 -37.11
C GLY I 245 -16.86 -4.26 -37.43
N ILE I 246 -17.69 -3.42 -36.83
CA ILE I 246 -17.74 -2.06 -37.34
C ILE I 246 -16.49 -1.24 -37.02
N GLY I 247 -16.01 -1.31 -35.78
CA GLY I 247 -14.82 -0.53 -35.46
C GLY I 247 -13.59 -1.01 -36.21
N TYR I 248 -13.44 -2.34 -36.30
CA TYR I 248 -12.28 -2.89 -37.02
C TYR I 248 -12.32 -2.49 -38.48
N GLY I 249 -13.51 -2.59 -39.10
CA GLY I 249 -13.62 -2.19 -40.52
C GLY I 249 -13.25 -0.72 -40.72
N LEU I 250 -13.73 0.16 -39.83
CA LEU I 250 -13.42 1.58 -39.98
C LEU I 250 -11.97 1.92 -39.71
N ALA I 251 -11.35 1.19 -38.79
CA ALA I 251 -9.93 1.39 -38.51
C ALA I 251 -9.07 0.96 -39.71
N LEU I 252 -9.35 -0.22 -40.23
CA LEU I 252 -8.68 -0.66 -41.47
C LEU I 252 -8.90 0.31 -42.63
N GLU I 253 -10.14 0.77 -42.78
CA GLU I 253 -10.44 1.79 -43.81
C GLU I 253 -9.58 3.03 -43.64
N GLY I 254 -9.44 3.47 -42.40
CA GLY I 254 -8.60 4.63 -42.11
C GLY I 254 -7.17 4.42 -42.52
N ILE I 255 -6.61 3.23 -42.25
CA ILE I 255 -5.25 2.97 -42.64
C ILE I 255 -5.14 3.05 -44.18
N THR I 256 -6.10 2.47 -44.89
CA THR I 256 -6.04 2.58 -46.37
C THR I 256 -6.20 4.05 -46.84
N ALA I 257 -6.97 4.85 -46.12
CA ALA I 257 -7.06 6.28 -46.45
C ALA I 257 -5.71 6.98 -46.25
N THR I 258 -5.03 6.70 -45.12
CA THR I 258 -3.70 7.26 -44.92
C THR I 258 -2.76 6.84 -46.08
N ASP I 259 -2.90 5.60 -46.51
CA ASP I 259 -2.00 5.05 -47.51
C ASP I 259 -2.12 5.75 -48.85
N LEU I 260 -3.19 6.51 -49.08
CA LEU I 260 -3.38 7.20 -50.36
C LEU I 260 -2.26 8.21 -50.58
N ARG I 261 -1.64 8.65 -49.49
CA ARG I 261 -0.48 9.56 -49.55
C ARG I 261 0.80 8.89 -50.08
N ASN I 262 0.86 7.56 -50.01
CA ASN I 262 2.05 6.77 -50.38
C ASN I 262 2.08 6.43 -51.88
N THR I 263 1.20 6.81 -52.66
N GLN J 15 19.14 -34.18 -35.10
CA GLN J 15 18.11 -33.25 -34.56
C GLN J 15 17.31 -32.63 -35.72
N PRO J 16 16.08 -32.14 -35.45
CA PRO J 16 15.34 -31.45 -36.53
C PRO J 16 16.11 -30.23 -37.08
N GLU J 17 16.05 -30.01 -38.39
CA GLU J 17 16.64 -28.83 -39.01
C GLU J 17 16.21 -27.53 -38.33
N TYR J 18 14.94 -27.43 -37.95
CA TYR J 18 14.49 -26.14 -37.41
C TYR J 18 15.19 -25.78 -36.09
N PHE J 19 15.79 -26.75 -35.39
CA PHE J 19 16.53 -26.44 -34.15
C PHE J 19 17.68 -25.47 -34.39
N THR J 20 18.19 -25.41 -35.62
CA THR J 20 19.27 -24.46 -35.90
C THR J 20 18.91 -23.41 -36.93
N LYS J 21 17.60 -23.13 -37.07
CA LYS J 21 17.11 -22.18 -38.05
C LYS J 21 17.01 -20.74 -37.50
N TYR J 22 17.02 -20.62 -36.18
CA TYR J 22 16.66 -19.35 -35.53
C TYR J 22 17.82 -18.86 -34.67
N GLU J 23 18.49 -17.80 -35.14
CA GLU J 23 19.68 -17.33 -34.40
C GLU J 23 19.38 -16.85 -33.00
N ASN J 24 18.12 -16.47 -32.74
CA ASN J 24 17.70 -16.00 -31.44
C ASN J 24 16.98 -17.04 -30.55
N LEU J 25 16.98 -18.33 -30.99
CA LEU J 25 16.33 -19.37 -30.19
C LEU J 25 17.20 -20.61 -30.14
N HIS J 26 17.54 -21.02 -28.93
CA HIS J 26 18.27 -22.26 -28.73
C HIS J 26 17.28 -23.34 -28.39
N PHE J 27 17.44 -24.51 -29.01
CA PHE J 27 16.52 -25.64 -28.79
C PHE J 27 17.26 -26.81 -28.13
N HIS J 28 16.64 -27.40 -27.10
CA HIS J 28 17.19 -28.60 -26.49
C HIS J 28 16.04 -29.53 -26.15
N ARG J 29 16.09 -30.76 -26.64
CA ARG J 29 15.02 -31.70 -26.38
C ARG J 29 15.54 -33.01 -25.79
N ASP J 30 14.85 -33.52 -24.77
CA ASP J 30 15.28 -34.79 -24.13
C ASP J 30 14.55 -35.98 -24.75
N GLU J 31 14.87 -37.17 -24.23
CA GLU J 31 14.29 -38.40 -24.75
C GLU J 31 12.80 -38.54 -24.52
N ASN J 32 12.25 -37.73 -23.58
CA ASN J 32 10.81 -37.74 -23.24
C ASN J 32 10.00 -36.76 -24.11
N GLY J 33 10.69 -36.07 -25.01
CA GLY J 33 10.04 -35.06 -25.87
C GLY J 33 9.85 -33.73 -25.16
N ILE J 34 10.57 -33.49 -24.07
CA ILE J 34 10.56 -32.18 -23.42
C ILE J 34 11.51 -31.24 -24.15
N LEU J 35 10.95 -30.17 -24.77
CA LEU J 35 11.71 -29.21 -25.56
C LEU J 35 11.84 -27.92 -24.80
N GLU J 36 13.09 -27.54 -24.48
CA GLU J 36 13.36 -26.21 -23.94
C GLU J 36 13.76 -25.30 -25.10
N VAL J 37 13.05 -24.16 -25.19
CA VAL J 37 13.31 -23.14 -26.19
C VAL J 37 13.75 -21.89 -25.42
N ARG J 38 15.01 -21.48 -25.64
CA ARG J 38 15.56 -20.34 -24.93
C ARG J 38 15.86 -19.18 -25.87
N MET J 39 15.23 -18.03 -25.61
CA MET J 39 15.46 -16.82 -26.38
C MET J 39 16.77 -16.19 -25.96
N HIS J 40 17.56 -15.78 -26.93
CA HIS J 40 18.81 -15.08 -26.64
C HIS J 40 19.29 -14.22 -27.80
N THR J 41 20.20 -13.30 -27.50
CA THR J 41 20.88 -12.53 -28.54
C THR J 41 22.36 -12.77 -28.36
N ASN J 42 22.90 -13.57 -29.29
CA ASN J 42 24.29 -14.04 -29.21
C ASN J 42 24.73 -14.43 -27.82
N GLY J 43 23.89 -15.21 -27.15
CA GLY J 43 24.19 -15.74 -25.85
C GLY J 43 23.80 -14.87 -24.66
N SER J 44 23.36 -13.64 -24.91
CA SER J 44 22.91 -12.72 -23.85
C SER J 44 21.39 -12.72 -23.81
N SER J 45 20.84 -12.08 -22.78
CA SER J 45 19.38 -11.85 -22.73
C SER J 45 18.90 -11.25 -24.06
N LEU J 46 17.68 -11.63 -24.48
CA LEU J 46 17.19 -11.23 -25.78
C LEU J 46 17.07 -9.70 -25.95
N VAL J 47 17.54 -9.21 -27.08
CA VAL J 47 17.20 -7.88 -27.55
C VAL J 47 16.18 -8.15 -28.65
N PHE J 48 14.95 -7.72 -28.44
CA PHE J 48 13.91 -7.95 -29.47
C PHE J 48 14.15 -7.07 -30.68
N THR J 49 13.95 -7.65 -31.86
CA THR J 49 14.23 -6.94 -33.11
C THR J 49 13.13 -7.19 -34.15
N GLY J 50 13.19 -6.47 -35.28
CA GLY J 50 12.33 -6.78 -36.42
C GLY J 50 12.55 -8.22 -36.84
N LYS J 51 13.80 -8.70 -36.75
CA LYS J 51 14.08 -10.09 -37.11
C LYS J 51 13.34 -11.06 -36.23
N THR J 52 13.40 -10.89 -34.89
CA THR J 52 12.64 -11.80 -34.02
C THR J 52 11.12 -11.66 -34.23
N HIS J 53 10.67 -10.43 -34.50
CA HIS J 53 9.25 -10.25 -34.75
C HIS J 53 8.77 -11.06 -35.98
N ARG J 54 9.65 -11.16 -36.97
CA ARG J 54 9.35 -11.88 -38.20
C ARG J 54 9.56 -13.37 -38.05
N GLU J 55 10.64 -13.76 -37.37
CA GLU J 55 11.00 -15.18 -37.30
C GLU J 55 10.27 -15.98 -36.21
N PHE J 56 9.99 -15.35 -35.06
CA PHE J 56 9.34 -16.07 -33.98
C PHE J 56 8.01 -16.75 -34.38
N PRO J 57 7.15 -16.08 -35.17
CA PRO J 57 5.94 -16.82 -35.59
C PRO J 57 6.29 -18.12 -36.34
N ASP J 58 7.34 -18.11 -37.17
CA ASP J 58 7.69 -19.33 -37.89
C ASP J 58 8.26 -20.38 -36.92
N ALA J 59 9.05 -19.94 -35.94
CA ALA J 59 9.60 -20.86 -34.95
C ALA J 59 8.50 -21.54 -34.15
N PHE J 60 7.49 -20.75 -33.72
CA PHE J 60 6.41 -21.33 -32.97
C PHE J 60 5.57 -22.30 -33.83
N TYR J 61 5.39 -21.96 -35.11
CA TYR J 61 4.73 -22.89 -36.03
C TYR J 61 5.55 -24.21 -36.14
N ASP J 62 6.86 -24.08 -36.32
CA ASP J 62 7.70 -25.28 -36.48
C ASP J 62 7.62 -26.16 -35.24
N ILE J 63 7.64 -25.54 -34.05
CA ILE J 63 7.50 -26.29 -32.81
C ILE J 63 6.15 -27.03 -32.82
N SER J 64 5.05 -26.32 -33.23
CA SER J 64 3.74 -26.92 -33.15
C SER J 64 3.53 -28.07 -34.13
N ARG J 65 4.30 -28.06 -35.23
CA ARG J 65 4.13 -29.07 -36.29
C ARG J 65 4.80 -30.38 -35.86
N ASP J 66 5.83 -30.28 -35.05
CA ASP J 66 6.67 -31.43 -34.73
C ASP J 66 6.06 -32.22 -33.59
N ARG J 67 5.49 -33.37 -33.95
CA ARG J 67 4.86 -34.23 -32.98
C ARG J 67 5.77 -34.89 -31.92
N ASP J 68 7.09 -34.81 -32.15
CA ASP J 68 8.03 -35.28 -31.13
C ASP J 68 8.15 -34.33 -29.94
N ASN J 69 7.66 -33.10 -30.08
CA ASN J 69 7.53 -32.20 -28.93
C ASN J 69 6.33 -32.58 -28.07
N ARG J 70 6.60 -33.01 -26.84
CA ARG J 70 5.54 -33.48 -25.96
C ARG J 70 5.23 -32.53 -24.79
N VAL J 71 6.22 -31.73 -24.39
CA VAL J 71 6.04 -30.62 -23.45
C VAL J 71 7.03 -29.57 -23.86
N VAL J 72 6.64 -28.30 -23.75
CA VAL J 72 7.54 -27.23 -24.16
C VAL J 72 7.81 -26.31 -22.97
N ILE J 73 9.09 -25.94 -22.79
CA ILE J 73 9.46 -24.92 -21.82
C ILE J 73 10.01 -23.74 -22.57
N LEU J 74 9.40 -22.56 -22.38
CA LEU J 74 9.87 -21.34 -23.03
C LEU J 74 10.50 -20.43 -21.99
N THR J 75 11.71 -20.00 -22.29
CA THR J 75 12.47 -19.20 -21.34
C THR J 75 13.39 -18.22 -22.06
N GLY J 76 13.99 -17.32 -21.28
CA GLY J 76 14.99 -16.35 -21.77
C GLY J 76 16.39 -16.72 -21.28
N SER J 77 17.33 -15.81 -21.52
CA SER J 77 18.74 -16.05 -21.16
C SER J 77 19.22 -15.00 -20.18
N GLY J 78 20.20 -15.37 -19.35
CA GLY J 78 20.76 -14.37 -18.46
C GLY J 78 19.79 -13.93 -17.40
N ASP J 79 19.81 -12.64 -17.09
CA ASP J 79 19.08 -12.12 -15.95
C ASP J 79 17.75 -11.47 -16.28
N ALA J 80 17.37 -11.49 -17.56
CA ALA J 80 16.07 -10.93 -18.01
C ALA J 80 15.44 -11.91 -18.99
N TRP J 81 14.10 -11.96 -18.96
CA TRP J 81 13.34 -12.79 -19.90
C TRP J 81 13.28 -12.00 -21.21
N MET J 82 12.78 -10.77 -21.16
CA MET J 82 12.89 -9.82 -22.26
C MET J 82 12.76 -8.40 -21.72
N ALA J 83 13.84 -7.67 -21.81
CA ALA J 83 13.86 -6.32 -21.24
C ALA J 83 14.45 -5.30 -22.21
N GLU J 84 14.85 -5.73 -23.41
CA GLU J 84 15.52 -4.83 -24.35
C GLU J 84 14.88 -4.94 -25.71
N ILE J 85 14.89 -3.85 -26.45
CA ILE J 85 14.38 -3.83 -27.83
C ILE J 85 15.25 -2.91 -28.69
N ASP J 86 15.46 -3.31 -29.93
CA ASP J 86 16.14 -2.50 -30.93
C ASP J 86 15.02 -1.85 -31.75
N PHE J 87 14.54 -0.67 -31.31
CA PHE J 87 13.37 -0.05 -31.94
C PHE J 87 13.50 0.21 -33.45
N PRO J 88 14.62 0.83 -33.88
CA PRO J 88 14.79 1.04 -35.32
C PRO J 88 14.71 -0.23 -36.17
N SER J 89 15.14 -1.35 -35.60
CA SER J 89 15.17 -2.60 -36.35
C SER J 89 13.77 -3.12 -36.62
N LEU J 90 12.77 -2.56 -35.95
CA LEU J 90 11.38 -2.93 -36.24
C LEU J 90 10.90 -2.43 -37.62
N GLY J 91 11.68 -1.52 -38.23
CA GLY J 91 11.27 -0.91 -39.49
C GLY J 91 10.59 0.43 -39.24
N ASP J 92 10.24 1.13 -40.33
CA ASP J 92 9.57 2.42 -40.18
C ASP J 92 8.10 2.20 -39.84
N VAL J 93 7.83 2.12 -38.55
CA VAL J 93 6.47 1.81 -38.05
C VAL J 93 5.49 2.91 -38.41
N THR J 94 5.97 4.11 -38.78
CA THR J 94 5.07 5.24 -39.12
C THR J 94 4.54 5.13 -40.54
N ASN J 95 5.08 4.18 -41.32
CA ASN J 95 4.62 3.94 -42.67
C ASN J 95 3.67 2.73 -42.63
N PRO J 96 2.37 2.91 -42.99
CA PRO J 96 1.48 1.76 -42.86
C PRO J 96 1.88 0.55 -43.71
N ARG J 97 2.66 0.78 -44.78
CA ARG J 97 3.13 -0.33 -45.62
C ARG J 97 4.15 -1.18 -44.89
N GLU J 98 4.89 -0.56 -43.96
CA GLU J 98 5.86 -1.27 -43.14
C GLU J 98 5.19 -1.82 -41.88
N TRP J 99 4.30 -1.02 -41.26
CA TRP J 99 3.55 -1.53 -40.11
C TRP J 99 2.77 -2.78 -40.48
N ASP J 100 2.32 -2.86 -41.74
CA ASP J 100 1.50 -4.02 -42.11
C ASP J 100 2.26 -5.34 -41.91
N LYS J 101 3.58 -5.31 -42.07
CA LYS J 101 4.39 -6.51 -41.77
C LYS J 101 4.29 -6.84 -40.29
N THR J 102 4.42 -5.82 -39.44
CA THR J 102 4.34 -6.01 -37.98
C THR J 102 2.92 -6.52 -37.58
N TYR J 103 1.91 -5.94 -38.22
CA TYR J 103 0.52 -6.34 -38.01
C TYR J 103 0.32 -7.84 -38.38
N TRP J 104 0.74 -8.24 -39.58
CA TRP J 104 0.52 -9.63 -39.98
C TRP J 104 1.28 -10.59 -39.07
N GLU J 105 2.53 -10.22 -38.76
CA GLU J 105 3.38 -11.05 -37.87
C GLU J 105 2.88 -11.08 -36.43
N GLY J 106 2.22 -9.99 -36.00
CA GLY J 106 1.67 -9.92 -34.66
C GLY J 106 0.44 -10.80 -34.49
N LYS J 107 -0.37 -10.90 -35.55
CA LYS J 107 -1.46 -11.87 -35.53
C LYS J 107 -0.89 -13.29 -35.56
N LYS J 108 0.06 -13.57 -36.45
CA LYS J 108 0.56 -14.96 -36.53
C LYS J 108 1.29 -15.38 -35.28
N VAL J 109 2.02 -14.48 -34.61
CA VAL J 109 2.85 -15.00 -33.53
C VAL J 109 1.98 -15.60 -32.45
N LEU J 110 0.87 -14.92 -32.09
CA LEU J 110 0.01 -15.44 -31.04
C LEU J 110 -0.82 -16.64 -31.52
N GLN J 111 -1.29 -16.58 -32.76
CA GLN J 111 -2.01 -17.76 -33.27
C GLN J 111 -1.11 -19.01 -33.26
N ASN J 112 0.14 -18.83 -33.67
CA ASN J 112 1.03 -19.98 -33.80
C ASN J 112 1.50 -20.45 -32.44
N LEU J 113 1.71 -19.52 -31.50
CA LEU J 113 2.12 -19.87 -30.14
C LEU J 113 0.98 -20.62 -29.43
N LEU J 114 -0.25 -20.14 -29.55
CA LEU J 114 -1.40 -20.82 -28.94
C LEU J 114 -1.64 -22.22 -29.53
N ASP J 115 -1.30 -22.35 -30.82
CA ASP J 115 -1.50 -23.62 -31.53
C ASP J 115 -0.39 -24.66 -31.28
N ILE J 116 0.62 -24.33 -30.47
CA ILE J 116 1.42 -25.41 -29.88
C ILE J 116 0.46 -26.31 -29.16
N GLU J 117 0.48 -27.60 -29.52
CA GLU J 117 -0.56 -28.54 -29.13
C GLU J 117 -0.10 -29.48 -28.01
N VAL J 118 0.75 -28.95 -27.14
CA VAL J 118 1.17 -29.64 -25.90
C VAL J 118 1.26 -28.61 -24.77
N PRO J 119 1.31 -29.06 -23.51
CA PRO J 119 1.44 -28.05 -22.45
C PRO J 119 2.72 -27.26 -22.62
N VAL J 120 2.61 -25.95 -22.33
CA VAL J 120 3.73 -25.04 -22.37
C VAL J 120 3.98 -24.44 -21.00
N ILE J 121 5.22 -24.58 -20.54
CA ILE J 121 5.66 -24.00 -19.28
C ILE J 121 6.50 -22.78 -19.57
N SER J 122 6.16 -21.64 -18.94
CA SER J 122 7.07 -20.48 -18.98
C SER J 122 8.01 -20.53 -17.79
N ALA J 123 9.30 -20.33 -18.05
CA ALA J 123 10.28 -20.15 -16.97
C ALA J 123 10.76 -18.72 -17.16
N VAL J 124 10.19 -17.80 -16.38
CA VAL J 124 10.48 -16.40 -16.54
C VAL J 124 11.70 -16.10 -15.68
N ASN J 125 12.82 -15.91 -16.36
CA ASN J 125 14.12 -15.82 -15.68
C ASN J 125 14.55 -14.41 -15.29
N GLY J 126 13.62 -13.47 -15.25
CA GLY J 126 13.95 -12.10 -14.85
C GLY J 126 12.98 -11.17 -15.53
N ALA J 127 13.35 -9.91 -15.64
CA ALA J 127 12.43 -8.86 -16.11
C ALA J 127 11.75 -9.25 -17.43
N ALA J 128 10.43 -9.08 -17.44
CA ALA J 128 9.60 -9.28 -18.62
C ALA J 128 8.86 -7.95 -18.86
N LEU J 129 9.55 -7.09 -19.61
CA LEU J 129 9.09 -5.68 -19.77
C LEU J 129 8.47 -5.41 -21.12
N LEU J 130 8.59 -6.37 -22.04
CA LEU J 130 7.93 -6.33 -23.35
C LEU J 130 7.58 -7.74 -23.77
N HIS J 131 6.53 -7.86 -24.60
CA HIS J 131 6.10 -9.15 -25.15
C HIS J 131 5.73 -10.21 -24.10
N SER J 132 5.33 -9.73 -22.92
CA SER J 132 4.84 -10.62 -21.89
C SER J 132 3.57 -11.37 -22.29
N GLU J 133 2.88 -10.90 -23.34
CA GLU J 133 1.74 -11.63 -23.85
C GLU J 133 2.15 -13.07 -24.26
N TYR J 134 3.42 -13.29 -24.67
CA TYR J 134 3.83 -14.69 -24.95
C TYR J 134 3.61 -15.54 -23.70
N ILE J 135 4.05 -15.06 -22.55
CA ILE J 135 3.89 -15.79 -21.29
C ILE J 135 2.44 -16.16 -21.02
N LEU J 136 1.58 -15.21 -21.37
CA LEU J 136 0.16 -15.32 -21.07
C LEU J 136 -0.60 -16.20 -22.08
N THR J 137 0.13 -16.88 -22.97
CA THR J 137 -0.44 -18.00 -23.71
C THR J 137 -0.14 -19.37 -23.05
N THR J 138 0.78 -19.37 -22.05
CA THR J 138 1.32 -20.65 -21.55
C THR J 138 0.54 -21.15 -20.35
N ASP J 139 0.71 -22.44 -20.02
CA ASP J 139 -0.16 -23.14 -19.10
C ASP J 139 0.27 -23.09 -17.64
N ILE J 140 1.60 -23.00 -17.45
CA ILE J 140 2.20 -23.06 -16.11
C ILE J 140 3.27 -22.00 -16.12
N ILE J 141 3.20 -21.06 -15.18
CA ILE J 141 4.11 -19.91 -15.21
C ILE J 141 4.95 -19.93 -13.93
N LEU J 142 6.24 -20.10 -14.12
CA LEU J 142 7.23 -20.08 -13.04
C LEU J 142 8.08 -18.83 -13.21
N ALA J 143 8.43 -18.18 -12.11
CA ALA J 143 9.30 -17.01 -12.19
C ALA J 143 10.40 -17.03 -11.19
N SER J 144 11.54 -16.48 -11.56
CA SER J 144 12.61 -16.27 -10.59
C SER J 144 12.26 -15.10 -9.67
N GLU J 145 12.87 -15.08 -8.48
CA GLU J 145 12.52 -14.05 -7.49
C GLU J 145 12.78 -12.60 -7.95
N ASN J 146 13.72 -12.42 -8.90
CA ASN J 146 14.10 -11.10 -9.46
C ASN J 146 13.16 -10.59 -10.55
N THR J 147 12.25 -11.46 -11.00
CA THR J 147 11.35 -11.13 -12.11
C THR J 147 10.44 -9.93 -11.79
N VAL J 148 10.30 -9.07 -12.78
CA VAL J 148 9.34 -7.97 -12.76
C VAL J 148 8.54 -8.03 -14.06
N PHE J 149 7.23 -7.78 -13.99
CA PHE J 149 6.39 -7.67 -15.20
C PHE J 149 5.96 -6.23 -15.41
N GLN J 150 5.98 -5.80 -16.68
CA GLN J 150 5.48 -4.48 -17.05
C GLN J 150 5.18 -4.47 -18.53
N ASP J 151 4.23 -3.63 -18.95
CA ASP J 151 4.15 -3.28 -20.36
C ASP J 151 4.93 -1.97 -20.51
N MET J 152 6.22 -2.08 -20.77
CA MET J 152 7.06 -0.89 -20.83
C MET J 152 6.91 -0.07 -22.14
N PRO J 153 7.03 -0.72 -23.30
CA PRO J 153 7.33 0.10 -24.47
C PRO J 153 6.17 0.91 -25.09
N HIS J 154 4.93 0.47 -24.91
CA HIS J 154 3.84 1.12 -25.67
C HIS J 154 3.59 2.55 -25.27
N LEU J 155 3.33 2.78 -23.97
CA LEU J 155 3.10 4.15 -23.55
C LEU J 155 4.41 4.94 -23.44
N ASN J 156 5.57 4.28 -23.50
CA ASN J 156 6.80 5.05 -23.66
C ASN J 156 6.91 5.63 -25.07
N ALA J 157 6.48 4.84 -26.05
CA ALA J 157 6.51 5.28 -27.44
C ALA J 157 5.32 6.14 -27.84
N GLY J 158 4.22 6.00 -27.13
CA GLY J 158 3.00 6.70 -27.48
C GLY J 158 2.10 5.95 -28.47
N ILE J 159 2.16 4.61 -28.45
CA ILE J 159 1.33 3.80 -29.37
C ILE J 159 0.50 2.77 -28.54
N VAL J 160 -0.53 2.22 -29.17
CA VAL J 160 -1.50 1.40 -28.43
C VAL J 160 -0.82 0.12 -27.96
N PRO J 161 -1.10 -0.30 -26.72
CA PRO J 161 -0.66 -1.65 -26.26
C PRO J 161 -1.64 -2.67 -26.85
N GLY J 162 -1.54 -2.86 -28.17
CA GLY J 162 -2.54 -3.56 -28.95
C GLY J 162 -2.10 -4.87 -29.54
N ASP J 163 -0.99 -5.40 -29.02
CA ASP J 163 -0.37 -6.60 -29.60
C ASP J 163 -0.78 -7.89 -28.85
N GLY J 164 -1.84 -7.81 -28.06
CA GLY J 164 -2.31 -8.95 -27.26
C GLY J 164 -2.25 -8.66 -25.76
N VAL J 165 -1.37 -7.75 -25.33
CA VAL J 165 -1.41 -7.35 -23.91
C VAL J 165 -2.77 -6.79 -23.53
N HIS J 166 -3.44 -6.14 -24.49
CA HIS J 166 -4.76 -5.54 -24.20
C HIS J 166 -5.86 -6.54 -23.88
N ILE J 167 -5.64 -7.81 -24.30
CA ILE J 167 -6.60 -8.87 -24.08
C ILE J 167 -6.15 -9.70 -22.88
N LEU J 168 -4.85 -10.05 -22.88
CA LEU J 168 -4.36 -11.05 -21.94
C LEU J 168 -4.04 -10.50 -20.56
N TRP J 169 -3.55 -9.26 -20.46
CA TRP J 169 -3.36 -8.69 -19.08
C TRP J 169 -4.71 -8.50 -18.36
N PRO J 170 -5.74 -7.97 -19.02
CA PRO J 170 -7.05 -7.95 -18.34
C PRO J 170 -7.68 -9.31 -18.12
N LEU J 171 -7.34 -10.33 -18.92
N LEU J 171 -7.31 -10.30 -18.92
CA LEU J 171 -7.74 -11.68 -18.54
CA LEU J 171 -7.71 -11.68 -18.66
C LEU J 171 -7.02 -12.10 -17.26
C LEU J 171 -7.00 -12.21 -17.38
N ALA J 172 -5.72 -11.88 -17.22
CA ALA J 172 -4.91 -12.31 -16.08
C ALA J 172 -5.28 -11.59 -14.77
N LEU J 173 -5.46 -10.27 -14.83
CA LEU J 173 -5.65 -9.45 -13.64
C LEU J 173 -7.09 -9.01 -13.45
N GLY J 174 -7.96 -9.44 -14.36
CA GLY J 174 -9.30 -8.90 -14.43
C GLY J 174 -9.37 -7.57 -15.17
N LEU J 175 -10.59 -7.22 -15.54
CA LEU J 175 -10.80 -6.06 -16.36
C LEU J 175 -10.71 -4.73 -15.62
N TYR J 176 -10.30 -4.74 -14.34
CA TYR J 176 -10.14 -3.51 -13.56
C TYR J 176 -8.65 -3.32 -13.28
N ARG J 177 -8.06 -4.23 -12.51
CA ARG J 177 -6.63 -4.12 -12.30
C ARG J 177 -5.84 -4.23 -13.63
N GLY J 178 -6.33 -5.02 -14.59
CA GLY J 178 -5.64 -5.16 -15.88
C GLY J 178 -5.56 -3.85 -16.64
N ARG J 179 -6.65 -3.07 -16.62
CA ARG J 179 -6.63 -1.77 -17.29
C ARG J 179 -5.76 -0.78 -16.54
N TYR J 180 -5.84 -0.78 -15.20
CA TYR J 180 -4.95 0.06 -14.39
C TYR J 180 -3.48 -0.26 -14.70
N PHE J 181 -3.17 -1.56 -14.72
CA PHE J 181 -1.78 -2.03 -15.00
C PHE J 181 -1.28 -1.48 -16.35
N LEU J 182 -2.12 -1.57 -17.38
CA LEU J 182 -1.69 -1.14 -18.72
C LEU J 182 -1.62 0.41 -18.80
N PHE J 183 -2.66 1.10 -18.31
CA PHE J 183 -2.71 2.54 -18.48
C PHE J 183 -1.64 3.27 -17.67
N THR J 184 -1.27 2.72 -16.52
CA THR J 184 -0.27 3.37 -15.67
C THR J 184 1.11 2.74 -15.78
N GLN J 185 1.27 1.78 -16.71
CA GLN J 185 2.58 1.08 -16.89
C GLN J 185 3.09 0.54 -15.55
N GLU J 186 2.18 -0.04 -14.78
CA GLU J 186 2.51 -0.62 -13.47
C GLU J 186 3.56 -1.72 -13.60
N LYS J 187 4.46 -1.80 -12.63
CA LYS J 187 5.41 -2.88 -12.53
C LYS J 187 4.96 -3.82 -11.43
N LEU J 188 4.97 -5.12 -11.73
CA LEU J 188 4.66 -6.14 -10.74
C LEU J 188 5.89 -6.98 -10.44
N THR J 189 6.20 -7.12 -9.14
CA THR J 189 7.25 -8.06 -8.75
C THR J 189 6.74 -9.50 -8.92
N ALA J 190 7.68 -10.46 -8.87
CA ALA J 190 7.30 -11.86 -8.90
C ALA J 190 6.29 -12.21 -7.81
N GLN J 191 6.51 -11.69 -6.60
CA GLN J 191 5.59 -11.94 -5.51
C GLN J 191 4.20 -11.35 -5.73
N GLN J 192 4.15 -10.12 -6.25
CA GLN J 192 2.85 -9.52 -6.58
C GLN J 192 2.14 -10.40 -7.62
N ALA J 193 2.89 -10.80 -8.66
CA ALA J 193 2.30 -11.59 -9.74
C ALA J 193 1.80 -12.96 -9.24
N TYR J 194 2.53 -13.54 -8.29
CA TYR J 194 2.10 -14.78 -7.64
C TYR J 194 0.79 -14.59 -6.86
N GLU J 195 0.72 -13.51 -6.09
CA GLU J 195 -0.51 -13.21 -5.36
C GLU J 195 -1.69 -12.95 -6.30
N LEU J 196 -1.39 -12.48 -7.51
CA LEU J 196 -2.39 -12.20 -8.54
C LEU J 196 -2.68 -13.39 -9.45
N ASN J 197 -2.09 -14.55 -9.12
CA ASN J 197 -2.38 -15.83 -9.78
C ASN J 197 -1.84 -15.97 -11.21
N VAL J 198 -0.99 -15.02 -11.59
CA VAL J 198 -0.32 -15.05 -12.88
C VAL J 198 0.90 -15.95 -12.79
N VAL J 199 1.71 -15.74 -11.75
CA VAL J 199 2.84 -16.63 -11.49
C VAL J 199 2.38 -17.68 -10.52
N HIS J 200 2.76 -18.93 -10.81
CA HIS J 200 2.29 -20.07 -9.99
C HIS J 200 3.28 -20.58 -8.98
N GLU J 201 4.56 -20.34 -9.26
CA GLU J 201 5.63 -20.64 -8.31
C GLU J 201 6.74 -19.61 -8.49
N VAL J 202 7.29 -19.13 -7.38
CA VAL J 202 8.44 -18.23 -7.41
C VAL J 202 9.65 -19.03 -6.91
N LEU J 203 10.71 -19.01 -7.69
CA LEU J 203 11.92 -19.79 -7.40
C LEU J 203 13.16 -18.91 -7.32
N PRO J 204 14.16 -19.33 -6.54
CA PRO J 204 15.46 -18.67 -6.70
C PRO J 204 15.96 -18.82 -8.16
N GLN J 205 16.69 -17.82 -8.65
CA GLN J 205 17.20 -17.86 -10.03
C GLN J 205 17.88 -19.20 -10.34
N SER J 206 18.66 -19.68 -9.37
CA SER J 206 19.48 -20.87 -9.60
C SER J 206 18.69 -22.16 -9.62
N LYS J 207 17.40 -22.08 -9.26
CA LYS J 207 16.52 -23.25 -9.12
C LYS J 207 15.37 -23.29 -10.13
N LEU J 208 15.19 -22.18 -10.85
CA LEU J 208 14.07 -22.04 -11.78
C LEU J 208 14.01 -23.14 -12.84
N MET J 209 15.12 -23.33 -13.57
CA MET J 209 15.10 -24.25 -14.70
C MET J 209 14.93 -25.68 -14.24
N GLU J 210 15.56 -26.03 -13.13
CA GLU J 210 15.41 -27.37 -12.59
C GLU J 210 13.94 -27.66 -12.27
N ARG J 211 13.26 -26.68 -11.69
CA ARG J 211 11.84 -26.85 -11.35
C ARG J 211 10.98 -26.98 -12.64
N ALA J 212 11.29 -26.18 -13.67
CA ALA J 212 10.54 -26.29 -14.93
C ALA J 212 10.66 -27.71 -15.49
N TRP J 213 11.89 -28.22 -15.49
CA TRP J 213 12.16 -29.55 -15.99
C TRP J 213 11.49 -30.62 -15.13
N GLU J 214 11.44 -30.41 -13.81
CA GLU J 214 10.78 -31.35 -12.92
C GLU J 214 9.27 -31.47 -13.25
N ILE J 215 8.64 -30.30 -13.42
CA ILE J 215 7.20 -30.28 -13.76
C ILE J 215 6.99 -30.93 -15.12
N ALA J 216 7.85 -30.61 -16.08
CA ALA J 216 7.78 -31.20 -17.41
C ALA J 216 7.93 -32.71 -17.40
N ARG J 217 8.86 -33.25 -16.58
CA ARG J 217 9.05 -34.70 -16.59
C ARG J 217 7.82 -35.39 -16.00
N THR J 218 7.18 -34.79 -15.00
CA THR J 218 5.93 -35.34 -14.45
C THR J 218 4.86 -35.35 -15.53
N LEU J 219 4.74 -34.23 -16.26
CA LEU J 219 3.74 -34.17 -17.37
C LEU J 219 4.03 -35.18 -18.45
N ALA J 220 5.31 -35.36 -18.77
CA ALA J 220 5.70 -36.20 -19.89
C ALA J 220 5.36 -37.68 -19.65
N LYS J 221 5.07 -38.04 -18.40
CA LYS J 221 4.61 -39.42 -18.08
C LYS J 221 3.21 -39.70 -18.63
N GLN J 222 2.45 -38.63 -18.91
CA GLN J 222 1.11 -38.81 -19.47
C GLN J 222 1.18 -39.39 -20.87
N PRO J 223 0.10 -40.07 -21.30
CA PRO J 223 0.03 -40.47 -22.72
C PRO J 223 0.09 -39.23 -23.63
N THR J 224 0.65 -39.38 -24.83
CA THR J 224 0.83 -38.25 -25.73
C THR J 224 -0.49 -37.59 -26.12
N LEU J 225 -1.50 -38.36 -26.49
CA LEU J 225 -2.75 -37.72 -26.92
C LEU J 225 -3.41 -37.00 -25.73
N ASN J 226 -3.19 -37.44 -24.49
CA ASN J 226 -3.74 -36.73 -23.36
C ASN J 226 -3.05 -35.38 -23.17
N LEU J 227 -1.74 -35.33 -23.36
CA LEU J 227 -1.01 -34.07 -23.30
C LEU J 227 -1.57 -33.09 -24.34
N ARG J 228 -1.76 -33.58 -25.55
CA ARG J 228 -2.21 -32.74 -26.67
C ARG J 228 -3.64 -32.28 -26.47
N TYR J 229 -4.54 -33.18 -26.08
CA TYR J 229 -5.95 -32.81 -26.01
C TYR J 229 -6.30 -32.07 -24.74
N THR J 230 -5.55 -32.25 -23.66
CA THR J 230 -5.72 -31.39 -22.51
C THR J 230 -5.29 -29.94 -22.85
N ARG J 231 -4.19 -29.77 -23.57
CA ARG J 231 -3.79 -28.44 -24.07
C ARG J 231 -4.92 -27.89 -24.94
N VAL J 232 -5.47 -28.67 -25.87
CA VAL J 232 -6.57 -28.17 -26.74
C VAL J 232 -7.76 -27.73 -25.88
N ALA J 233 -8.24 -28.57 -24.96
CA ALA J 233 -9.41 -28.25 -24.17
C ALA J 233 -9.21 -26.99 -23.33
N LEU J 234 -8.00 -26.81 -22.83
CA LEU J 234 -7.70 -25.73 -21.90
C LEU J 234 -7.37 -24.42 -22.63
N THR J 235 -7.30 -24.43 -23.97
CA THR J 235 -6.96 -23.22 -24.71
C THR J 235 -8.09 -22.76 -25.64
N GLN J 236 -9.22 -23.47 -25.69
CA GLN J 236 -10.28 -23.09 -26.65
C GLN J 236 -10.78 -21.66 -26.36
N ARG J 237 -11.13 -21.40 -25.11
CA ARG J 237 -11.65 -20.06 -24.77
C ARG J 237 -10.57 -18.99 -24.95
N LEU J 238 -9.35 -19.28 -24.51
CA LEU J 238 -8.23 -18.38 -24.69
C LEU J 238 -8.01 -18.01 -26.17
N LYS J 239 -8.05 -19.00 -27.08
CA LYS J 239 -7.88 -18.73 -28.51
C LYS J 239 -9.01 -17.82 -29.03
N ARG J 240 -10.25 -18.08 -28.62
CA ARG J 240 -11.35 -17.26 -29.07
C ARG J 240 -11.12 -15.82 -28.61
N LEU J 241 -10.69 -15.65 -27.36
CA LEU J 241 -10.54 -14.27 -26.85
C LEU J 241 -9.44 -13.51 -27.56
N VAL J 242 -8.33 -14.20 -27.84
CA VAL J 242 -7.23 -13.59 -28.59
C VAL J 242 -7.69 -13.26 -30.02
N ASN J 243 -8.35 -14.19 -30.68
N ASN J 243 -8.34 -14.20 -30.71
CA ASN J 243 -8.82 -13.93 -32.03
CA ASN J 243 -8.86 -13.93 -32.06
C ASN J 243 -9.83 -12.77 -32.14
C ASN J 243 -9.74 -12.68 -32.10
N GLU J 244 -10.57 -12.54 -31.06
CA GLU J 244 -11.55 -11.46 -31.04
C GLU J 244 -10.88 -10.12 -31.19
N GLY J 245 -9.77 -9.92 -30.49
CA GLY J 245 -9.20 -8.58 -30.34
C GLY J 245 -7.84 -8.33 -30.98
N ILE J 246 -7.14 -9.36 -31.45
CA ILE J 246 -5.74 -9.13 -31.82
C ILE J 246 -5.56 -8.27 -33.07
N GLY J 247 -6.32 -8.57 -34.12
CA GLY J 247 -6.19 -7.76 -35.35
C GLY J 247 -6.58 -6.31 -35.09
N TYR J 248 -7.68 -6.13 -34.35
CA TYR J 248 -8.19 -4.76 -34.13
C TYR J 248 -7.15 -4.00 -33.30
N GLY J 249 -6.61 -4.63 -32.25
CA GLY J 249 -5.56 -3.97 -31.48
C GLY J 249 -4.37 -3.57 -32.31
N LEU J 250 -3.90 -4.46 -33.20
CA LEU J 250 -2.70 -4.15 -33.99
C LEU J 250 -2.99 -3.10 -35.05
N ALA J 251 -4.22 -3.07 -35.58
CA ALA J 251 -4.59 -1.99 -36.52
C ALA J 251 -4.61 -0.64 -35.82
N LEU J 252 -5.29 -0.59 -34.65
CA LEU J 252 -5.31 0.66 -33.87
C LEU J 252 -3.87 1.08 -33.55
N GLU J 253 -3.03 0.14 -33.14
CA GLU J 253 -1.62 0.44 -32.83
C GLU J 253 -0.94 1.05 -34.04
N GLY J 254 -1.21 0.47 -35.20
CA GLY J 254 -0.64 0.98 -36.45
C GLY J 254 -1.01 2.43 -36.72
N ILE J 255 -2.29 2.76 -36.52
CA ILE J 255 -2.70 4.15 -36.71
C ILE J 255 -1.93 5.06 -35.75
N THR J 256 -1.75 4.66 -34.49
CA THR J 256 -0.98 5.50 -33.59
C THR J 256 0.49 5.58 -33.98
N ALA J 257 1.01 4.51 -34.60
CA ALA J 257 2.38 4.56 -35.07
C ALA J 257 2.50 5.57 -36.23
N THR J 258 1.53 5.55 -37.16
CA THR J 258 1.49 6.60 -38.18
C THR J 258 1.46 7.97 -37.54
N ASP J 259 0.66 8.12 -36.48
CA ASP J 259 0.47 9.42 -35.83
C ASP J 259 1.71 9.91 -35.12
N LEU J 260 2.74 9.07 -34.97
CA LEU J 260 3.99 9.56 -34.35
C LEU J 260 4.58 10.69 -35.15
N ARG J 261 4.29 10.71 -36.46
CA ARG J 261 4.82 11.78 -37.33
C ARG J 261 4.24 13.16 -36.93
N ASN J 262 3.22 13.17 -36.06
CA ASN J 262 2.51 14.41 -35.70
C ASN J 262 2.73 14.81 -34.27
N THR J 263 3.55 14.17 -33.57
N GLN K 15 -45.40 -35.07 -0.70
CA GLN K 15 -44.08 -34.74 -1.29
C GLN K 15 -43.96 -35.25 -2.73
N PRO K 16 -43.20 -34.53 -3.58
CA PRO K 16 -43.11 -35.01 -4.96
C PRO K 16 -42.51 -36.41 -5.08
N GLU K 17 -42.98 -37.15 -6.08
CA GLU K 17 -42.48 -38.50 -6.31
C GLU K 17 -40.98 -38.55 -6.51
N TYR K 18 -40.40 -37.53 -7.15
CA TYR K 18 -38.97 -37.56 -7.43
C TYR K 18 -38.08 -37.54 -6.16
N PHE K 19 -38.63 -37.08 -5.04
CA PHE K 19 -37.92 -37.12 -3.75
C PHE K 19 -37.46 -38.52 -3.36
N THR K 20 -38.11 -39.55 -3.90
CA THR K 20 -37.75 -40.93 -3.56
C THR K 20 -37.40 -41.75 -4.78
N LYS K 21 -37.00 -41.06 -5.86
CA LYS K 21 -36.67 -41.70 -7.12
C LYS K 21 -35.17 -42.05 -7.23
N TYR K 22 -34.34 -41.42 -6.40
CA TYR K 22 -32.90 -41.53 -6.58
C TYR K 22 -32.24 -42.13 -5.33
N GLU K 23 -31.68 -43.32 -5.49
CA GLU K 23 -31.10 -44.01 -4.34
C GLU K 23 -29.85 -43.34 -3.78
N ASN K 24 -29.28 -42.41 -4.55
CA ASN K 24 -28.07 -41.69 -4.13
C ASN K 24 -28.36 -40.24 -3.77
N LEU K 25 -29.63 -39.87 -3.72
CA LEU K 25 -29.98 -38.51 -3.35
C LEU K 25 -31.10 -38.46 -2.32
N HIS K 26 -30.83 -37.79 -1.23
CA HIS K 26 -31.85 -37.53 -0.24
C HIS K 26 -32.40 -36.12 -0.38
N PHE K 27 -33.72 -35.96 -0.32
CA PHE K 27 -34.40 -34.69 -0.54
C PHE K 27 -35.21 -34.33 0.70
N HIS K 28 -35.08 -33.10 1.17
CA HIS K 28 -36.06 -32.52 2.08
C HIS K 28 -36.24 -31.03 1.89
N ARG K 29 -37.49 -30.60 2.00
CA ARG K 29 -37.87 -29.26 1.66
C ARG K 29 -38.74 -28.67 2.74
N ASP K 30 -38.43 -27.45 3.14
CA ASP K 30 -39.21 -26.75 4.16
C ASP K 30 -40.41 -25.96 3.58
N GLU K 31 -41.13 -25.28 4.46
CA GLU K 31 -42.37 -24.58 4.08
C GLU K 31 -42.12 -23.33 3.21
N ASN K 32 -40.85 -22.90 3.19
CA ASN K 32 -40.38 -21.73 2.45
C ASN K 32 -39.92 -22.14 1.05
N GLY K 33 -39.98 -23.43 0.75
CA GLY K 33 -39.52 -23.93 -0.54
C GLY K 33 -38.02 -24.11 -0.62
N ILE K 34 -37.35 -24.14 0.52
CA ILE K 34 -35.93 -24.46 0.56
C ILE K 34 -35.70 -25.95 0.52
N LEU K 35 -35.04 -26.43 -0.53
CA LEU K 35 -34.84 -27.83 -0.77
C LEU K 35 -33.38 -28.18 -0.55
N GLU K 36 -33.10 -29.09 0.40
CA GLU K 36 -31.76 -29.61 0.51
C GLU K 36 -31.67 -30.94 -0.20
N VAL K 37 -30.68 -31.08 -1.08
CA VAL K 37 -30.41 -32.28 -1.86
C VAL K 37 -29.05 -32.78 -1.39
N ARG K 38 -29.03 -33.97 -0.79
CA ARG K 38 -27.81 -34.50 -0.20
C ARG K 38 -27.42 -35.79 -0.91
N MET K 39 -26.21 -35.83 -1.46
CA MET K 39 -25.68 -37.00 -2.16
C MET K 39 -25.15 -38.01 -1.15
N HIS K 40 -25.40 -39.30 -1.42
CA HIS K 40 -25.01 -40.36 -0.48
C HIS K 40 -24.97 -41.74 -1.13
N THR K 41 -24.18 -42.60 -0.52
CA THR K 41 -24.19 -44.03 -0.82
C THR K 41 -24.50 -44.76 0.49
N ASN K 42 -25.72 -45.30 0.55
CA ASN K 42 -26.25 -45.96 1.76
C ASN K 42 -26.02 -45.11 3.00
N GLY K 43 -26.31 -43.83 2.89
CA GLY K 43 -26.20 -42.93 4.01
C GLY K 43 -24.81 -42.39 4.27
N SER K 44 -23.80 -42.97 3.60
CA SER K 44 -22.41 -42.53 3.77
C SER K 44 -22.05 -41.54 2.65
N SER K 45 -20.84 -41.01 2.71
CA SER K 45 -20.32 -40.16 1.63
C SER K 45 -20.49 -40.85 0.28
N LEU K 46 -20.81 -40.08 -0.76
CA LEU K 46 -21.07 -40.66 -2.06
C LEU K 46 -19.89 -41.41 -2.66
N VAL K 47 -20.17 -42.60 -3.18
CA VAL K 47 -19.29 -43.26 -4.12
C VAL K 47 -19.90 -43.02 -5.52
N PHE K 48 -19.18 -42.29 -6.36
CA PHE K 48 -19.71 -41.97 -7.69
C PHE K 48 -19.69 -43.20 -8.60
N THR K 49 -20.76 -43.42 -9.36
CA THR K 49 -20.92 -44.62 -10.15
C THR K 49 -21.47 -44.31 -11.53
N GLY K 50 -21.47 -45.31 -12.41
CA GLY K 50 -22.16 -45.23 -13.70
C GLY K 50 -23.60 -44.82 -13.50
N LYS K 51 -24.17 -45.31 -12.41
CA LYS K 51 -25.55 -45.06 -12.06
C LYS K 51 -25.80 -43.57 -11.78
N THR K 52 -24.96 -43.00 -10.92
CA THR K 52 -25.11 -41.59 -10.56
C THR K 52 -24.84 -40.75 -11.82
N HIS K 53 -23.87 -41.18 -12.64
CA HIS K 53 -23.58 -40.39 -13.85
C HIS K 53 -24.82 -40.33 -14.74
N ARG K 54 -25.57 -41.43 -14.79
CA ARG K 54 -26.77 -41.53 -15.62
C ARG K 54 -28.00 -40.88 -14.94
N GLU K 55 -28.15 -41.02 -13.63
CA GLU K 55 -29.34 -40.54 -12.92
C GLU K 55 -29.30 -39.07 -12.51
N PHE K 56 -28.10 -38.58 -12.17
CA PHE K 56 -28.02 -37.21 -11.67
C PHE K 56 -28.57 -36.17 -12.70
N PRO K 57 -28.26 -36.33 -14.02
CA PRO K 57 -28.93 -35.34 -14.93
C PRO K 57 -30.44 -35.32 -14.81
N ASP K 58 -31.07 -36.48 -14.60
CA ASP K 58 -32.53 -36.50 -14.45
C ASP K 58 -32.95 -35.87 -13.14
N ALA K 59 -32.18 -36.11 -12.07
CA ALA K 59 -32.54 -35.53 -10.78
C ALA K 59 -32.47 -33.99 -10.85
N PHE K 60 -31.42 -33.47 -11.49
CA PHE K 60 -31.26 -32.01 -11.58
C PHE K 60 -32.37 -31.43 -12.47
N TYR K 61 -32.75 -32.18 -13.51
CA TYR K 61 -33.91 -31.76 -14.33
C TYR K 61 -35.18 -31.73 -13.48
N ASP K 62 -35.42 -32.81 -12.74
CA ASP K 62 -36.62 -32.88 -11.88
C ASP K 62 -36.67 -31.72 -10.87
N ILE K 63 -35.50 -31.42 -10.28
CA ILE K 63 -35.41 -30.30 -9.35
C ILE K 63 -35.80 -28.99 -10.08
N SER K 64 -35.29 -28.82 -11.31
CA SER K 64 -35.48 -27.57 -12.05
C SER K 64 -36.92 -27.42 -12.53
N ARG K 65 -37.63 -28.53 -12.73
CA ARG K 65 -39.02 -28.47 -13.21
C ARG K 65 -40.00 -28.05 -12.12
N ASP K 66 -39.66 -28.37 -10.87
CA ASP K 66 -40.59 -28.19 -9.76
C ASP K 66 -40.57 -26.77 -9.21
N ARG K 67 -41.65 -26.02 -9.46
CA ARG K 67 -41.70 -24.61 -9.09
C ARG K 67 -41.81 -24.37 -7.57
N ASP K 68 -42.07 -25.43 -6.81
CA ASP K 68 -42.09 -25.28 -5.37
C ASP K 68 -40.69 -25.22 -4.77
N ASN K 69 -39.67 -25.57 -5.55
CA ASN K 69 -38.29 -25.31 -5.15
C ASN K 69 -37.97 -23.85 -5.32
N ARG K 70 -37.70 -23.15 -4.22
CA ARG K 70 -37.45 -21.71 -4.24
C ARG K 70 -36.00 -21.35 -3.97
N VAL K 71 -35.31 -22.21 -3.23
CA VAL K 71 -33.86 -22.11 -3.05
C VAL K 71 -33.38 -23.55 -2.96
N VAL K 72 -32.22 -23.85 -3.53
CA VAL K 72 -31.67 -25.20 -3.44
C VAL K 72 -30.32 -25.19 -2.71
N ILE K 73 -30.14 -26.16 -1.78
CA ILE K 73 -28.85 -26.42 -1.16
C ILE K 73 -28.38 -27.78 -1.63
N LEU K 74 -27.21 -27.85 -2.25
CA LEU K 74 -26.67 -29.11 -2.71
C LEU K 74 -25.48 -29.46 -1.84
N THR K 75 -25.48 -30.69 -1.32
CA THR K 75 -24.46 -31.08 -0.35
C THR K 75 -24.16 -32.57 -0.44
N GLY K 76 -23.11 -33.03 0.26
CA GLY K 76 -22.80 -34.43 0.36
C GLY K 76 -23.07 -34.92 1.77
N SER K 77 -22.61 -36.13 2.03
CA SER K 77 -22.83 -36.77 3.34
C SER K 77 -21.51 -37.12 4.00
N GLY K 78 -21.54 -37.25 5.32
CA GLY K 78 -20.33 -37.65 6.05
C GLY K 78 -19.26 -36.58 5.92
N ASP K 79 -18.00 -37.00 5.87
CA ASP K 79 -16.88 -36.05 5.94
C ASP K 79 -16.26 -35.69 4.60
N ALA K 80 -16.89 -36.13 3.52
CA ALA K 80 -16.44 -35.84 2.15
C ALA K 80 -17.62 -35.47 1.28
N TRP K 81 -17.40 -34.49 0.40
CA TRP K 81 -18.41 -34.08 -0.57
C TRP K 81 -18.50 -35.13 -1.68
N MET K 82 -17.35 -35.39 -2.32
CA MET K 82 -17.20 -36.50 -3.27
C MET K 82 -15.73 -36.86 -3.42
N ALA K 83 -15.36 -38.03 -2.90
CA ALA K 83 -13.95 -38.42 -2.89
C ALA K 83 -13.74 -39.86 -3.35
N GLU K 84 -14.83 -40.56 -3.67
CA GLU K 84 -14.76 -41.97 -4.05
C GLU K 84 -15.46 -42.20 -5.38
N ILE K 85 -14.92 -43.10 -6.18
CA ILE K 85 -15.57 -43.52 -7.41
C ILE K 85 -15.47 -45.03 -7.60
N ASP K 86 -16.54 -45.62 -8.13
CA ASP K 86 -16.53 -47.02 -8.56
C ASP K 86 -16.19 -46.98 -10.05
N PHE K 87 -14.91 -47.09 -10.36
CA PHE K 87 -14.43 -46.93 -11.74
C PHE K 87 -15.05 -47.92 -12.71
N PRO K 88 -15.03 -49.23 -12.39
CA PRO K 88 -15.58 -50.13 -13.40
C PRO K 88 -17.06 -49.91 -13.68
N SER K 89 -17.79 -49.41 -12.69
CA SER K 89 -19.22 -49.15 -12.86
C SER K 89 -19.54 -48.07 -13.90
N LEU K 90 -18.53 -47.29 -14.32
CA LEU K 90 -18.73 -46.28 -15.37
C LEU K 90 -18.88 -46.91 -16.76
N GLY K 91 -18.55 -48.21 -16.88
CA GLY K 91 -18.62 -48.90 -18.16
C GLY K 91 -17.28 -48.89 -18.86
N ASP K 92 -17.18 -49.60 -19.99
CA ASP K 92 -15.93 -49.61 -20.75
C ASP K 92 -15.72 -48.30 -21.50
N VAL K 93 -15.11 -47.35 -20.82
CA VAL K 93 -14.89 -46.01 -21.38
C VAL K 93 -14.01 -46.01 -22.63
N THR K 94 -13.27 -47.10 -22.85
CA THR K 94 -12.36 -47.20 -23.99
C THR K 94 -13.09 -47.56 -25.28
N ASN K 95 -14.36 -47.95 -25.15
CA ASN K 95 -15.19 -48.27 -26.28
C ASN K 95 -16.02 -47.01 -26.64
N PRO K 96 -15.82 -46.44 -27.84
CA PRO K 96 -16.59 -45.21 -28.15
C PRO K 96 -18.11 -45.35 -28.07
N ARG K 97 -18.64 -46.57 -28.25
CA ARG K 97 -20.08 -46.78 -28.18
C ARG K 97 -20.59 -46.74 -26.75
N GLU K 98 -19.71 -47.02 -25.79
CA GLU K 98 -20.01 -46.88 -24.39
C GLU K 98 -19.67 -45.47 -23.90
N TRP K 99 -18.53 -44.92 -24.36
CA TRP K 99 -18.19 -43.55 -23.97
C TRP K 99 -19.29 -42.60 -24.40
N ASP K 100 -19.95 -42.89 -25.52
CA ASP K 100 -21.00 -41.96 -26.01
C ASP K 100 -22.09 -41.74 -24.96
N LYS K 101 -22.39 -42.76 -24.14
CA LYS K 101 -23.35 -42.59 -23.06
C LYS K 101 -22.83 -41.57 -22.05
N THR K 102 -21.55 -41.71 -21.66
CA THR K 102 -20.92 -40.80 -20.71
C THR K 102 -20.91 -39.36 -21.29
N TYR K 103 -20.60 -39.27 -22.58
CA TYR K 103 -20.60 -37.98 -23.30
C TYR K 103 -21.97 -37.30 -23.24
N TRP K 104 -23.00 -38.01 -23.64
CA TRP K 104 -24.34 -37.44 -23.67
C TRP K 104 -24.76 -37.01 -22.26
N GLU K 105 -24.50 -37.88 -21.26
CA GLU K 105 -24.87 -37.60 -19.86
C GLU K 105 -24.05 -36.47 -19.24
N GLY K 106 -22.80 -36.35 -19.69
CA GLY K 106 -21.92 -35.28 -19.19
C GLY K 106 -22.34 -33.90 -19.73
N LYS K 107 -22.88 -33.86 -20.95
CA LYS K 107 -23.46 -32.62 -21.47
C LYS K 107 -24.71 -32.31 -20.67
N LYS K 108 -25.58 -33.31 -20.51
CA LYS K 108 -26.84 -33.05 -19.84
C LYS K 108 -26.73 -32.65 -18.40
N VAL K 109 -25.79 -33.25 -17.67
CA VAL K 109 -25.75 -32.99 -16.24
C VAL K 109 -25.47 -31.50 -15.96
N LEU K 110 -24.55 -30.89 -16.71
CA LEU K 110 -24.27 -29.46 -16.49
C LEU K 110 -25.38 -28.58 -17.04
N GLN K 111 -25.94 -28.95 -18.18
CA GLN K 111 -27.04 -28.19 -18.74
C GLN K 111 -28.20 -28.14 -17.73
N ASN K 112 -28.50 -29.31 -17.18
CA ASN K 112 -29.67 -29.42 -16.30
C ASN K 112 -29.44 -28.79 -14.95
N LEU K 113 -28.21 -28.91 -14.43
CA LEU K 113 -27.84 -28.24 -13.18
C LEU K 113 -27.91 -26.71 -13.29
N LEU K 114 -27.36 -26.19 -14.40
CA LEU K 114 -27.40 -24.75 -14.62
C LEU K 114 -28.84 -24.23 -14.78
N ASP K 115 -29.70 -25.09 -15.32
CA ASP K 115 -31.11 -24.73 -15.57
C ASP K 115 -32.03 -24.83 -14.36
N ILE K 116 -31.48 -25.23 -13.21
CA ILE K 116 -32.22 -24.99 -11.97
C ILE K 116 -32.40 -23.47 -11.91
N GLU K 117 -33.64 -23.04 -11.74
CA GLU K 117 -34.02 -21.64 -11.95
C GLU K 117 -34.25 -20.88 -10.64
N VAL K 118 -33.49 -21.25 -9.62
CA VAL K 118 -33.48 -20.51 -8.33
C VAL K 118 -32.04 -20.52 -7.81
N PRO K 119 -31.73 -19.68 -6.81
CA PRO K 119 -30.35 -19.68 -6.30
C PRO K 119 -30.02 -21.05 -5.74
N VAL K 120 -28.78 -21.49 -5.98
CA VAL K 120 -28.26 -22.79 -5.53
C VAL K 120 -27.08 -22.52 -4.65
N ILE K 121 -27.14 -23.03 -3.42
CA ILE K 121 -26.07 -22.91 -2.44
C ILE K 121 -25.34 -24.23 -2.36
N SER K 122 -24.02 -24.24 -2.51
CA SER K 122 -23.24 -25.45 -2.27
C SER K 122 -22.80 -25.44 -0.81
N ALA K 123 -23.09 -26.52 -0.10
CA ALA K 123 -22.52 -26.71 1.24
C ALA K 123 -21.52 -27.85 1.08
N VAL K 124 -20.27 -27.50 0.94
CA VAL K 124 -19.23 -28.45 0.61
C VAL K 124 -18.68 -29.02 1.93
N ASN K 125 -18.99 -30.30 2.16
CA ASN K 125 -18.88 -30.90 3.50
C ASN K 125 -17.59 -31.67 3.70
N GLY K 126 -16.62 -31.48 2.81
CA GLY K 126 -15.36 -32.18 2.90
C GLY K 126 -14.77 -32.31 1.51
N ALA K 127 -13.80 -33.20 1.35
CA ALA K 127 -13.04 -33.33 0.11
C ALA K 127 -13.96 -33.38 -1.09
N ALA K 128 -13.59 -32.59 -2.10
CA ALA K 128 -14.26 -32.61 -3.39
C ALA K 128 -13.16 -32.87 -4.42
N LEU K 129 -12.89 -34.15 -4.68
CA LEU K 129 -11.78 -34.60 -5.51
C LEU K 129 -12.19 -35.03 -6.91
N LEU K 130 -13.50 -35.13 -7.14
CA LEU K 130 -14.04 -35.38 -8.46
C LEU K 130 -15.39 -34.69 -8.56
N HIS K 131 -15.73 -34.35 -9.80
CA HIS K 131 -17.00 -33.70 -10.12
C HIS K 131 -17.24 -32.38 -9.39
N SER K 132 -16.15 -31.69 -9.08
CA SER K 132 -16.24 -30.36 -8.44
C SER K 132 -16.88 -29.35 -9.41
N GLU K 133 -16.88 -29.65 -10.70
CA GLU K 133 -17.63 -28.81 -11.64
C GLU K 133 -19.10 -28.61 -11.23
N TYR K 134 -19.72 -29.55 -10.53
CA TYR K 134 -21.08 -29.30 -10.04
C TYR K 134 -21.11 -28.06 -9.13
N ILE K 135 -20.15 -27.99 -8.20
CA ILE K 135 -20.08 -26.86 -7.28
C ILE K 135 -19.96 -25.54 -8.07
N LEU K 136 -19.20 -25.58 -9.15
CA LEU K 136 -18.90 -24.37 -9.91
C LEU K 136 -20.06 -23.96 -10.84
N THR K 137 -21.21 -24.61 -10.72
CA THR K 137 -22.45 -24.07 -11.28
C THR K 137 -23.26 -23.27 -10.27
N THR K 138 -22.88 -23.33 -9.00
CA THR K 138 -23.74 -22.81 -7.94
C THR K 138 -23.38 -21.38 -7.54
N ASP K 139 -24.33 -20.68 -6.92
CA ASP K 139 -24.24 -19.25 -6.69
C ASP K 139 -23.50 -18.84 -5.42
N ILE K 140 -23.64 -19.65 -4.37
CA ILE K 140 -23.07 -19.34 -3.06
C ILE K 140 -22.37 -20.59 -2.62
N ILE K 141 -21.08 -20.47 -2.33
CA ILE K 141 -20.28 -21.65 -2.01
C ILE K 141 -19.73 -21.56 -0.58
N LEU K 142 -20.23 -22.47 0.26
CA LEU K 142 -19.76 -22.57 1.65
C LEU K 142 -18.98 -23.86 1.80
N ALA K 143 -17.90 -23.83 2.58
CA ALA K 143 -17.08 -25.05 2.73
C ALA K 143 -16.72 -25.29 4.19
N SER K 144 -16.76 -26.55 4.60
CA SER K 144 -16.24 -26.88 5.92
C SER K 144 -14.72 -26.75 5.93
N GLU K 145 -14.16 -26.54 7.12
CA GLU K 145 -12.73 -26.32 7.31
C GLU K 145 -11.85 -27.42 6.75
N ASN K 146 -12.37 -28.66 6.71
CA ASN K 146 -11.64 -29.87 6.25
C ASN K 146 -11.63 -30.05 4.73
N THR K 147 -12.42 -29.24 4.04
CA THR K 147 -12.61 -29.38 2.59
C THR K 147 -11.30 -29.16 1.83
N VAL K 148 -11.06 -30.00 0.84
CA VAL K 148 -9.99 -29.79 -0.13
C VAL K 148 -10.62 -29.94 -1.51
N PHE K 149 -10.14 -29.15 -2.47
CA PHE K 149 -10.55 -29.27 -3.88
C PHE K 149 -9.40 -29.79 -4.71
N GLN K 150 -9.71 -30.71 -5.62
CA GLN K 150 -8.71 -31.23 -6.57
C GLN K 150 -9.45 -31.81 -7.78
N ASP K 151 -8.81 -31.76 -8.95
CA ASP K 151 -9.22 -32.62 -10.05
C ASP K 151 -8.33 -33.88 -9.99
N MET K 152 -8.75 -34.85 -9.17
CA MET K 152 -7.95 -36.07 -9.01
C MET K 152 -7.93 -37.06 -10.21
N PRO K 153 -9.11 -37.43 -10.74
CA PRO K 153 -9.12 -38.65 -11.53
C PRO K 153 -8.60 -38.58 -12.94
N HIS K 154 -8.67 -37.43 -13.59
CA HIS K 154 -8.40 -37.45 -15.02
C HIS K 154 -6.94 -37.75 -15.35
N LEU K 155 -6.03 -37.00 -14.74
CA LEU K 155 -4.62 -37.22 -15.01
C LEU K 155 -4.10 -38.49 -14.31
N ASN K 156 -4.79 -38.97 -13.28
CA ASN K 156 -4.49 -40.32 -12.76
C ASN K 156 -4.82 -41.41 -13.79
N ALA K 157 -5.89 -41.23 -14.56
CA ALA K 157 -6.28 -42.17 -15.59
C ALA K 157 -5.61 -41.97 -16.95
N GLY K 158 -5.02 -40.79 -17.19
CA GLY K 158 -4.43 -40.47 -18.49
C GLY K 158 -5.44 -39.98 -19.52
N ILE K 159 -6.55 -39.41 -19.05
CA ILE K 159 -7.60 -38.88 -19.93
C ILE K 159 -7.84 -37.39 -19.70
N VAL K 160 -8.48 -36.77 -20.70
CA VAL K 160 -8.60 -35.29 -20.65
C VAL K 160 -9.54 -34.88 -19.52
N PRO K 161 -9.16 -33.83 -18.73
CA PRO K 161 -10.11 -33.23 -17.76
C PRO K 161 -11.15 -32.41 -18.53
N GLY K 162 -12.04 -33.10 -19.22
CA GLY K 162 -12.86 -32.47 -20.28
C GLY K 162 -14.34 -32.44 -19.99
N ASP K 163 -14.70 -32.68 -18.72
CA ASP K 163 -16.09 -32.83 -18.32
C ASP K 163 -16.70 -31.56 -17.76
N GLY K 164 -16.04 -30.43 -18.02
CA GLY K 164 -16.51 -29.15 -17.50
C GLY K 164 -15.49 -28.53 -16.57
N VAL K 165 -14.64 -29.33 -15.92
CA VAL K 165 -13.58 -28.72 -15.12
C VAL K 165 -12.65 -27.83 -15.95
N HIS K 166 -12.53 -28.14 -17.26
CA HIS K 166 -11.62 -27.42 -18.16
C HIS K 166 -12.12 -26.01 -18.43
N ILE K 167 -13.42 -25.81 -18.21
CA ILE K 167 -14.06 -24.50 -18.41
C ILE K 167 -14.18 -23.79 -17.07
N LEU K 168 -14.73 -24.49 -16.07
CA LEU K 168 -15.10 -23.84 -14.82
C LEU K 168 -13.98 -23.57 -13.85
N TRP K 169 -12.95 -24.42 -13.81
CA TRP K 169 -11.83 -24.10 -12.92
C TRP K 169 -11.01 -22.91 -13.45
N PRO K 170 -10.75 -22.82 -14.79
CA PRO K 170 -10.14 -21.56 -15.27
C PRO K 170 -11.06 -20.34 -15.15
N LEU K 171 -12.37 -20.53 -15.16
N LEU K 171 -12.37 -20.54 -15.15
CA LEU K 171 -13.26 -19.40 -14.84
CA LEU K 171 -13.27 -19.41 -14.87
C LEU K 171 -13.00 -18.98 -13.40
C LEU K 171 -13.16 -18.98 -13.39
N ALA K 172 -13.04 -19.96 -12.49
CA ALA K 172 -12.95 -19.68 -11.05
C ALA K 172 -11.59 -19.10 -10.65
N LEU K 173 -10.52 -19.66 -11.19
CA LEU K 173 -9.14 -19.30 -10.79
C LEU K 173 -8.46 -18.41 -11.78
N GLY K 174 -9.14 -18.08 -12.88
CA GLY K 174 -8.48 -17.41 -13.99
C GLY K 174 -7.79 -18.42 -14.90
N LEU K 175 -7.53 -17.97 -16.11
CA LEU K 175 -6.98 -18.82 -17.14
C LEU K 175 -5.48 -19.07 -16.98
N TYR K 176 -4.88 -18.66 -15.86
CA TYR K 176 -3.46 -18.97 -15.58
C TYR K 176 -3.41 -19.95 -14.42
N ARG K 177 -3.83 -19.53 -13.25
CA ARG K 177 -3.85 -20.45 -12.11
C ARG K 177 -4.79 -21.63 -12.39
N GLY K 178 -5.84 -21.45 -13.17
CA GLY K 178 -6.75 -22.57 -13.42
C GLY K 178 -6.11 -23.64 -14.27
N ARG K 179 -5.28 -23.24 -15.23
CA ARG K 179 -4.54 -24.24 -16.01
C ARG K 179 -3.46 -24.93 -15.15
N TYR K 180 -2.78 -24.18 -14.31
CA TYR K 180 -1.79 -24.78 -13.41
C TYR K 180 -2.46 -25.80 -12.51
N PHE K 181 -3.62 -25.44 -11.98
CA PHE K 181 -4.36 -26.28 -11.05
C PHE K 181 -4.71 -27.60 -11.71
N LEU K 182 -5.19 -27.56 -12.93
CA LEU K 182 -5.60 -28.78 -13.62
C LEU K 182 -4.41 -29.61 -14.10
N PHE K 183 -3.42 -28.97 -14.74
CA PHE K 183 -2.30 -29.73 -15.28
C PHE K 183 -1.43 -30.35 -14.20
N THR K 184 -1.35 -29.75 -13.03
CA THR K 184 -0.49 -30.28 -11.94
C THR K 184 -1.30 -31.00 -10.85
N GLN K 185 -2.60 -31.17 -11.07
CA GLN K 185 -3.50 -31.77 -10.07
C GLN K 185 -3.31 -31.14 -8.70
N GLU K 186 -3.22 -29.81 -8.68
CA GLU K 186 -3.09 -29.06 -7.45
C GLU K 186 -4.27 -29.33 -6.48
N LYS K 187 -3.96 -29.43 -5.18
CA LYS K 187 -5.00 -29.50 -4.14
C LYS K 187 -5.11 -28.14 -3.46
N LEU K 188 -6.35 -27.69 -3.27
CA LEU K 188 -6.60 -26.42 -2.61
C LEU K 188 -7.33 -26.69 -1.32
N THR K 189 -6.82 -26.15 -0.22
CA THR K 189 -7.59 -26.20 1.03
C THR K 189 -8.79 -25.24 0.96
N ALA K 190 -9.71 -25.40 1.91
CA ALA K 190 -10.86 -24.51 2.02
C ALA K 190 -10.38 -23.05 2.14
N GLN K 191 -9.36 -22.84 2.96
CA GLN K 191 -8.81 -21.49 3.17
C GLN K 191 -8.20 -20.94 1.88
N GLN K 192 -7.48 -21.79 1.15
CA GLN K 192 -6.90 -21.35 -0.13
C GLN K 192 -8.01 -20.96 -1.10
N ALA K 193 -9.02 -21.81 -1.19
CA ALA K 193 -10.19 -21.55 -2.05
C ALA K 193 -10.93 -20.29 -1.68
N TYR K 194 -11.01 -19.99 -0.39
CA TYR K 194 -11.62 -18.77 0.13
C TYR K 194 -10.83 -17.54 -0.33
N GLU K 195 -9.51 -17.60 -0.18
CA GLU K 195 -8.67 -16.50 -0.65
C GLU K 195 -8.77 -16.30 -2.16
N LEU K 196 -9.07 -17.39 -2.87
CA LEU K 196 -9.21 -17.38 -4.34
C LEU K 196 -10.63 -17.04 -4.78
N ASN K 197 -11.51 -16.75 -3.82
CA ASN K 197 -12.88 -16.28 -4.11
C ASN K 197 -13.84 -17.34 -4.64
N VAL K 198 -13.38 -18.58 -4.61
CA VAL K 198 -14.22 -19.73 -4.96
C VAL K 198 -15.17 -20.12 -3.82
N VAL K 199 -14.58 -20.23 -2.61
CA VAL K 199 -15.38 -20.45 -1.40
C VAL K 199 -15.66 -19.09 -0.77
N HIS K 200 -16.90 -18.87 -0.32
CA HIS K 200 -17.30 -17.58 0.17
C HIS K 200 -17.31 -17.46 1.67
N GLU K 201 -17.53 -18.61 2.33
CA GLU K 201 -17.45 -18.70 3.80
C GLU K 201 -16.87 -20.08 4.14
N VAL K 202 -15.93 -20.08 5.10
CA VAL K 202 -15.35 -21.32 5.64
C VAL K 202 -15.96 -21.52 7.03
N LEU K 203 -16.56 -22.69 7.23
CA LEU K 203 -17.29 -22.99 8.49
C LEU K 203 -16.71 -24.22 9.14
N PRO K 204 -16.77 -24.28 10.48
CA PRO K 204 -16.53 -25.58 11.08
C PRO K 204 -17.51 -26.60 10.51
N GLN K 205 -17.09 -27.85 10.40
CA GLN K 205 -17.96 -28.94 9.94
C GLN K 205 -19.34 -28.91 10.60
N SER K 206 -19.37 -28.71 11.93
CA SER K 206 -20.62 -28.83 12.67
C SER K 206 -21.53 -27.63 12.54
N LYS K 207 -21.06 -26.59 11.83
CA LYS K 207 -21.85 -25.36 11.67
C LYS K 207 -22.22 -25.10 10.20
N LEU K 208 -21.69 -25.89 9.29
CA LEU K 208 -21.87 -25.66 7.84
C LEU K 208 -23.34 -25.67 7.39
N MET K 209 -24.06 -26.74 7.70
CA MET K 209 -25.45 -26.86 7.25
C MET K 209 -26.37 -25.83 7.85
N GLU K 210 -26.18 -25.52 9.15
CA GLU K 210 -26.97 -24.46 9.75
C GLU K 210 -26.77 -23.12 9.00
N ARG K 211 -25.52 -22.83 8.65
CA ARG K 211 -25.22 -21.58 7.91
C ARG K 211 -25.84 -21.57 6.49
N ALA K 212 -25.79 -22.72 5.81
CA ALA K 212 -26.43 -22.83 4.48
C ALA K 212 -27.92 -22.52 4.57
N TRP K 213 -28.56 -23.07 5.62
CA TRP K 213 -29.98 -22.86 5.82
C TRP K 213 -30.32 -21.45 6.24
N GLU K 214 -29.43 -20.81 6.99
CA GLU K 214 -29.64 -19.42 7.39
C GLU K 214 -29.60 -18.47 6.16
N ILE K 215 -28.60 -18.69 5.33
CA ILE K 215 -28.50 -17.95 4.07
C ILE K 215 -29.74 -18.22 3.20
N ALA K 216 -30.14 -19.49 3.09
CA ALA K 216 -31.36 -19.85 2.34
C ALA K 216 -32.63 -19.20 2.86
N ARG K 217 -32.80 -19.17 4.19
CA ARG K 217 -33.97 -18.52 4.76
C ARG K 217 -34.01 -17.02 4.46
N THR K 218 -32.85 -16.36 4.47
CA THR K 218 -32.85 -14.95 4.10
C THR K 218 -33.24 -14.77 2.61
N LEU K 219 -32.70 -15.63 1.75
CA LEU K 219 -33.06 -15.59 0.31
C LEU K 219 -34.55 -15.83 0.10
N ALA K 220 -35.10 -16.82 0.83
CA ALA K 220 -36.47 -17.27 0.60
C ALA K 220 -37.49 -16.19 0.96
N LYS K 221 -37.08 -15.15 1.70
CA LYS K 221 -37.93 -13.99 1.93
C LYS K 221 -38.20 -13.14 0.69
N GLN K 222 -37.36 -13.27 -0.35
CA GLN K 222 -37.60 -12.59 -1.60
C GLN K 222 -38.87 -13.10 -2.27
N PRO K 223 -39.48 -12.25 -3.11
CA PRO K 223 -40.54 -12.77 -4.00
C PRO K 223 -39.98 -13.88 -4.92
N THR K 224 -40.81 -14.84 -5.25
CA THR K 224 -40.40 -15.99 -6.06
C THR K 224 -39.81 -15.61 -7.43
N LEU K 225 -40.50 -14.75 -8.18
CA LEU K 225 -39.98 -14.38 -9.51
C LEU K 225 -38.63 -13.69 -9.34
N ASN K 226 -38.40 -12.91 -8.27
CA ASN K 226 -37.08 -12.29 -8.12
C ASN K 226 -36.00 -13.34 -7.89
N LEU K 227 -36.29 -14.36 -7.10
CA LEU K 227 -35.32 -15.43 -6.92
C LEU K 227 -34.97 -16.09 -8.25
N ARG K 228 -36.02 -16.38 -9.03
CA ARG K 228 -35.85 -17.10 -10.29
C ARG K 228 -35.12 -16.24 -11.32
N TYR K 229 -35.53 -14.99 -11.48
CA TYR K 229 -34.95 -14.14 -12.53
C TYR K 229 -33.58 -13.61 -12.15
N THR K 230 -33.28 -13.50 -10.86
CA THR K 230 -31.92 -13.17 -10.47
C THR K 230 -30.98 -14.35 -10.81
N ARG K 231 -31.42 -15.59 -10.54
CA ARG K 231 -30.63 -16.75 -10.95
C ARG K 231 -30.43 -16.74 -12.50
N VAL K 232 -31.48 -16.45 -13.27
CA VAL K 232 -31.38 -16.39 -14.74
C VAL K 232 -30.35 -15.34 -15.15
N ALA K 233 -30.47 -14.13 -14.60
CA ALA K 233 -29.58 -13.02 -15.02
C ALA K 233 -28.13 -13.34 -14.72
N LEU K 234 -27.90 -14.03 -13.58
CA LEU K 234 -26.55 -14.29 -13.08
C LEU K 234 -25.95 -15.53 -13.69
N THR K 235 -26.69 -16.27 -14.50
CA THR K 235 -26.17 -17.49 -15.12
C THR K 235 -26.09 -17.45 -16.66
N GLN K 236 -26.56 -16.38 -17.27
CA GLN K 236 -26.50 -16.28 -18.73
C GLN K 236 -25.09 -16.51 -19.28
N ARG K 237 -24.12 -15.73 -18.79
CA ARG K 237 -22.75 -15.86 -19.30
C ARG K 237 -22.17 -17.25 -18.98
N LEU K 238 -22.44 -17.72 -17.76
CA LEU K 238 -21.93 -19.01 -17.33
C LEU K 238 -22.43 -20.15 -18.25
N LYS K 239 -23.73 -20.10 -18.59
CA LYS K 239 -24.31 -21.12 -19.47
C LYS K 239 -23.65 -21.08 -20.86
N ARG K 240 -23.46 -19.87 -21.39
CA ARG K 240 -22.81 -19.73 -22.68
C ARG K 240 -21.40 -20.37 -22.64
N LEU K 241 -20.65 -20.06 -21.59
CA LEU K 241 -19.29 -20.61 -21.47
C LEU K 241 -19.27 -22.13 -21.37
N VAL K 242 -20.21 -22.68 -20.61
CA VAL K 242 -20.29 -24.14 -20.52
C VAL K 242 -20.66 -24.75 -21.89
N ASN K 243 -21.67 -24.16 -22.52
N ASN K 243 -21.69 -24.18 -22.54
CA ASN K 243 -22.09 -24.65 -23.80
CA ASN K 243 -22.08 -24.64 -23.88
C ASN K 243 -20.98 -24.62 -24.87
C ASN K 243 -20.93 -24.65 -24.87
N GLU K 244 -20.11 -23.63 -24.78
CA GLU K 244 -19.02 -23.48 -25.73
C GLU K 244 -18.10 -24.71 -25.73
N GLY K 245 -17.75 -25.19 -24.54
CA GLY K 245 -16.66 -26.15 -24.45
C GLY K 245 -17.02 -27.53 -23.92
N ILE K 246 -18.25 -27.76 -23.45
CA ILE K 246 -18.52 -29.04 -22.76
C ILE K 246 -18.51 -30.21 -23.74
N GLY K 247 -19.18 -30.12 -24.88
CA GLY K 247 -19.16 -31.24 -25.82
C GLY K 247 -17.77 -31.51 -26.36
N TYR K 248 -17.00 -30.48 -26.68
CA TYR K 248 -15.66 -30.67 -27.23
C TYR K 248 -14.76 -31.33 -26.21
N GLY K 249 -14.82 -30.87 -24.96
CA GLY K 249 -13.99 -31.47 -23.91
C GLY K 249 -14.32 -32.95 -23.77
N LEU K 250 -15.61 -33.30 -23.81
CA LEU K 250 -16.00 -34.71 -23.55
C LEU K 250 -15.64 -35.57 -24.74
N ALA K 251 -15.69 -35.02 -25.94
CA ALA K 251 -15.27 -35.80 -27.12
C ALA K 251 -13.76 -36.07 -27.10
N LEU K 252 -12.98 -35.03 -26.79
CA LEU K 252 -11.52 -35.20 -26.66
C LEU K 252 -11.22 -36.23 -25.57
N GLU K 253 -11.91 -36.14 -24.44
CA GLU K 253 -11.73 -37.09 -23.32
C GLU K 253 -12.01 -38.50 -23.84
N GLY K 254 -13.07 -38.67 -24.62
CA GLY K 254 -13.44 -40.00 -25.18
C GLY K 254 -12.30 -40.54 -26.01
N ILE K 255 -11.69 -39.72 -26.85
CA ILE K 255 -10.57 -40.17 -27.68
C ILE K 255 -9.41 -40.64 -26.79
N THR K 256 -9.12 -39.91 -25.72
CA THR K 256 -8.02 -40.32 -24.80
C THR K 256 -8.37 -41.62 -24.11
N ALA K 257 -9.65 -41.81 -23.79
CA ALA K 257 -10.10 -43.10 -23.21
C ALA K 257 -9.92 -44.25 -24.20
N THR K 258 -10.31 -44.09 -25.45
CA THR K 258 -10.04 -45.10 -26.48
C THR K 258 -8.53 -45.41 -26.56
N ASP K 259 -7.70 -44.39 -26.44
CA ASP K 259 -6.27 -44.54 -26.60
C ASP K 259 -5.65 -45.43 -25.51
N LEU K 260 -6.37 -45.66 -24.43
CA LEU K 260 -5.84 -46.48 -23.33
C LEU K 260 -5.70 -47.94 -23.79
N ARG K 261 -6.29 -48.27 -24.94
CA ARG K 261 -6.10 -49.62 -25.53
C ARG K 261 -4.85 -49.74 -26.40
N ASN K 262 -4.13 -48.63 -26.63
CA ASN K 262 -2.89 -48.64 -27.38
C ASN K 262 -1.65 -48.72 -26.50
N GLN L 15 -16.41 27.62 -23.16
CA GLN L 15 -16.73 26.25 -22.64
C GLN L 15 -18.00 25.72 -23.29
N PRO L 16 -18.07 24.41 -23.51
CA PRO L 16 -19.22 23.84 -24.20
C PRO L 16 -20.54 24.09 -23.47
N GLU L 17 -21.61 24.26 -24.24
CA GLU L 17 -22.95 24.38 -23.65
C GLU L 17 -23.33 23.25 -22.72
N TYR L 18 -22.94 22.00 -23.04
CA TYR L 18 -23.37 20.91 -22.19
C TYR L 18 -22.78 20.98 -20.77
N PHE L 19 -21.72 21.78 -20.56
CA PHE L 19 -21.15 21.92 -19.22
C PHE L 19 -22.16 22.46 -18.22
N THR L 20 -23.18 23.16 -18.70
CA THR L 20 -24.19 23.77 -17.80
C THR L 20 -25.61 23.29 -18.09
N LYS L 21 -25.73 22.12 -18.73
CA LYS L 21 -27.01 21.59 -19.17
C LYS L 21 -27.61 20.62 -18.15
N TYR L 22 -26.80 20.17 -17.19
CA TYR L 22 -27.24 19.10 -16.29
C TYR L 22 -27.22 19.52 -14.84
N GLU L 23 -28.40 19.58 -14.24
CA GLU L 23 -28.46 20.13 -12.89
C GLU L 23 -27.76 19.28 -11.84
N ASN L 24 -27.48 18.02 -12.19
CA ASN L 24 -26.82 17.12 -11.25
C ASN L 24 -25.38 16.79 -11.63
N LEU L 25 -24.80 17.52 -12.58
CA LEU L 25 -23.40 17.29 -12.97
C LEU L 25 -22.68 18.62 -13.08
N HIS L 26 -21.54 18.73 -12.41
CA HIS L 26 -20.65 19.86 -12.54
C HIS L 26 -19.50 19.43 -13.42
N PHE L 27 -19.07 20.32 -14.32
CA PHE L 27 -18.00 20.01 -15.28
C PHE L 27 -16.86 21.02 -15.10
N HIS L 28 -15.62 20.54 -15.12
CA HIS L 28 -14.44 21.41 -15.09
C HIS L 28 -13.39 20.76 -15.97
N ARG L 29 -12.85 21.51 -16.92
CA ARG L 29 -11.82 20.96 -17.80
C ARG L 29 -10.58 21.84 -17.82
N ASP L 30 -9.40 21.23 -17.72
CA ASP L 30 -8.16 21.99 -17.79
C ASP L 30 -7.64 22.12 -19.23
N GLU L 31 -6.47 22.78 -19.38
CA GLU L 31 -5.89 23.07 -20.68
C GLU L 31 -5.38 21.82 -21.39
N ASN L 32 -5.23 20.74 -20.62
CA ASN L 32 -4.76 19.43 -21.12
C ASN L 32 -5.92 18.54 -21.58
N GLY L 33 -7.16 19.01 -21.47
CA GLY L 33 -8.34 18.26 -21.85
C GLY L 33 -8.76 17.26 -20.78
N ILE L 34 -8.25 17.41 -19.56
CA ILE L 34 -8.72 16.58 -18.43
C ILE L 34 -10.04 17.14 -17.92
N LEU L 35 -11.10 16.34 -18.01
CA LEU L 35 -12.44 16.76 -17.64
C LEU L 35 -12.85 16.07 -16.37
N GLU L 36 -13.18 16.85 -15.32
CA GLU L 36 -13.76 16.30 -14.11
C GLU L 36 -15.28 16.45 -14.16
N VAL L 37 -16.01 15.35 -14.04
CA VAL L 37 -17.48 15.36 -14.03
C VAL L 37 -17.88 14.93 -12.62
N ARG L 38 -18.55 15.83 -11.89
CA ARG L 38 -18.86 15.55 -10.49
C ARG L 38 -20.37 15.53 -10.32
N MET L 39 -20.90 14.38 -9.87
CA MET L 39 -22.33 14.21 -9.60
C MET L 39 -22.67 14.90 -8.29
N HIS L 40 -23.83 15.57 -8.26
CA HIS L 40 -24.25 16.27 -7.04
C HIS L 40 -25.72 16.55 -7.08
N THR L 41 -26.27 16.74 -5.87
CA THR L 41 -27.63 17.26 -5.69
C THR L 41 -27.50 18.54 -4.86
N ASN L 42 -27.63 19.67 -5.55
CA ASN L 42 -27.49 21.01 -4.93
C ASN L 42 -26.19 21.09 -4.18
N GLY L 43 -25.14 20.51 -4.76
CA GLY L 43 -23.79 20.64 -4.22
C GLY L 43 -23.42 19.60 -3.19
N SER L 44 -24.42 18.85 -2.75
CA SER L 44 -24.28 17.75 -1.81
C SER L 44 -24.13 16.42 -2.57
N SER L 45 -23.88 15.35 -1.83
CA SER L 45 -23.85 14.00 -2.43
C SER L 45 -25.09 13.75 -3.29
N LEU L 46 -24.93 13.03 -4.40
CA LEU L 46 -26.04 12.83 -5.31
C LEU L 46 -27.16 12.01 -4.69
N VAL L 47 -28.38 12.49 -4.92
CA VAL L 47 -29.56 11.64 -4.71
C VAL L 47 -29.96 11.19 -6.12
N PHE L 48 -29.94 9.89 -6.35
CA PHE L 48 -30.33 9.41 -7.70
C PHE L 48 -31.82 9.51 -7.90
N THR L 49 -32.24 9.95 -9.08
CA THR L 49 -33.65 10.25 -9.36
C THR L 49 -34.06 9.75 -10.72
N GLY L 50 -35.36 9.73 -11.00
CA GLY L 50 -35.81 9.49 -12.38
C GLY L 50 -35.19 10.48 -13.37
N LYS L 51 -34.95 11.70 -12.92
CA LYS L 51 -34.31 12.75 -13.74
C LYS L 51 -32.85 12.36 -14.09
N THR L 52 -32.06 11.95 -13.08
CA THR L 52 -30.69 11.55 -13.42
C THR L 52 -30.74 10.30 -14.29
N HIS L 53 -31.68 9.39 -14.02
CA HIS L 53 -31.79 8.18 -14.86
C HIS L 53 -31.99 8.54 -16.33
N ARG L 54 -32.77 9.59 -16.63
CA ARG L 54 -33.08 9.98 -17.99
C ARG L 54 -31.96 10.86 -18.57
N GLU L 55 -31.36 11.72 -17.74
CA GLU L 55 -30.42 12.71 -18.21
C GLU L 55 -28.96 12.22 -18.32
N PHE L 56 -28.56 11.37 -17.39
CA PHE L 56 -27.17 10.85 -17.43
C PHE L 56 -26.77 10.18 -18.75
N PRO L 57 -27.67 9.37 -19.34
CA PRO L 57 -27.24 8.86 -20.68
C PRO L 57 -26.92 9.94 -21.69
N ASP L 58 -27.66 11.07 -21.68
CA ASP L 58 -27.36 12.16 -22.57
C ASP L 58 -26.07 12.86 -22.19
N ALA L 59 -25.81 13.00 -20.89
CA ALA L 59 -24.57 13.64 -20.47
C ALA L 59 -23.36 12.83 -20.91
N PHE L 60 -23.47 11.52 -20.72
CA PHE L 60 -22.34 10.65 -21.11
C PHE L 60 -22.14 10.67 -22.63
N TYR L 61 -23.24 10.70 -23.39
CA TYR L 61 -23.12 10.88 -24.85
C TYR L 61 -22.41 12.20 -25.18
N ASP L 62 -22.82 13.28 -24.49
CA ASP L 62 -22.24 14.59 -24.77
C ASP L 62 -20.74 14.60 -24.49
N ILE L 63 -20.35 13.97 -23.37
CA ILE L 63 -18.93 13.88 -23.03
C ILE L 63 -18.20 13.13 -24.13
N SER L 64 -18.80 12.02 -24.60
CA SER L 64 -18.13 11.14 -25.57
C SER L 64 -17.97 11.81 -26.93
N ARG L 65 -18.86 12.75 -27.26
CA ARG L 65 -18.86 13.38 -28.56
C ARG L 65 -17.78 14.45 -28.67
N ASP L 66 -17.46 15.06 -27.53
CA ASP L 66 -16.54 16.18 -27.47
C ASP L 66 -15.08 15.73 -27.46
N ARG L 67 -14.41 15.95 -28.59
CA ARG L 67 -13.03 15.52 -28.79
C ARG L 67 -12.01 16.29 -27.95
N ASP L 68 -12.45 17.40 -27.35
CA ASP L 68 -11.56 18.14 -26.46
C ASP L 68 -11.41 17.46 -25.09
N ASN L 69 -12.26 16.47 -24.80
CA ASN L 69 -12.08 15.67 -23.59
C ASN L 69 -11.03 14.61 -23.89
N ARG L 70 -9.89 14.68 -23.19
CA ARG L 70 -8.76 13.77 -23.42
C ARG L 70 -8.57 12.72 -22.33
N VAL L 71 -8.98 13.07 -21.10
CA VAL L 71 -9.09 12.14 -19.97
C VAL L 71 -10.31 12.58 -19.20
N VAL L 72 -11.10 11.62 -18.69
CA VAL L 72 -12.27 11.94 -17.88
C VAL L 72 -12.11 11.40 -16.47
N ILE L 73 -12.40 12.24 -15.49
CA ILE L 73 -12.50 11.81 -14.08
C ILE L 73 -13.96 11.89 -13.67
N LEU L 74 -14.55 10.78 -13.26
CA LEU L 74 -15.93 10.77 -12.80
C LEU L 74 -15.96 10.60 -11.29
N THR L 75 -16.67 11.50 -10.60
CA THR L 75 -16.67 11.47 -9.14
C THR L 75 -18.02 11.94 -8.62
N GLY L 76 -18.22 11.77 -7.30
CA GLY L 76 -19.42 12.28 -6.57
C GLY L 76 -19.02 13.50 -5.75
N SER L 77 -19.96 13.92 -4.91
CA SER L 77 -19.73 15.07 -4.01
C SER L 77 -19.88 14.67 -2.56
N GLY L 78 -19.28 15.48 -1.67
CA GLY L 78 -19.46 15.23 -0.24
C GLY L 78 -18.84 13.90 0.14
N ASP L 79 -19.49 13.20 1.06
CA ASP L 79 -18.90 12.00 1.69
C ASP L 79 -19.38 10.67 1.09
N ALA L 80 -20.25 10.71 0.07
CA ALA L 80 -20.77 9.50 -0.57
C ALA L 80 -20.71 9.66 -2.07
N TRP L 81 -20.42 8.57 -2.77
CA TRP L 81 -20.43 8.56 -4.22
C TRP L 81 -21.89 8.50 -4.75
N MET L 82 -22.62 7.47 -4.30
CA MET L 82 -24.07 7.42 -4.50
C MET L 82 -24.61 6.48 -3.42
N ALA L 83 -25.33 7.05 -2.45
CA ALA L 83 -25.85 6.28 -1.32
C ALA L 83 -27.35 6.41 -1.17
N GLU L 84 -27.93 7.33 -1.91
CA GLU L 84 -29.37 7.60 -1.82
C GLU L 84 -30.05 7.59 -3.17
N ILE L 85 -31.26 7.05 -3.17
CA ILE L 85 -32.11 7.01 -4.34
C ILE L 85 -33.51 7.46 -3.94
N ASP L 86 -34.06 8.37 -4.74
CA ASP L 86 -35.46 8.82 -4.60
C ASP L 86 -36.29 7.79 -5.37
N PHE L 87 -36.69 6.71 -4.69
CA PHE L 87 -37.37 5.62 -5.41
C PHE L 87 -38.65 6.04 -6.12
N PRO L 88 -39.52 6.85 -5.46
CA PRO L 88 -40.72 7.30 -6.16
C PRO L 88 -40.47 8.15 -7.41
N SER L 89 -39.39 8.92 -7.44
CA SER L 89 -39.07 9.73 -8.62
C SER L 89 -38.77 8.91 -9.89
N LEU L 90 -38.53 7.61 -9.72
CA LEU L 90 -38.26 6.72 -10.86
C LEU L 90 -39.51 6.49 -11.70
N GLY L 91 -40.66 6.87 -11.15
CA GLY L 91 -41.94 6.56 -11.80
C GLY L 91 -42.51 5.25 -11.31
N ASP L 92 -43.71 4.92 -11.80
CA ASP L 92 -44.37 3.67 -11.37
C ASP L 92 -43.73 2.46 -12.08
N VAL L 93 -42.69 1.94 -11.44
CA VAL L 93 -41.92 0.83 -12.03
C VAL L 93 -42.77 -0.43 -12.20
N THR L 94 -43.93 -0.49 -11.53
CA THR L 94 -44.78 -1.67 -11.62
C THR L 94 -45.64 -1.66 -12.88
N ASN L 95 -45.64 -0.55 -13.59
CA ASN L 95 -46.38 -0.42 -14.85
C ASN L 95 -45.37 -0.60 -16.00
N PRO L 96 -45.56 -1.64 -16.82
CA PRO L 96 -44.52 -1.87 -17.86
C PRO L 96 -44.37 -0.71 -18.84
N ARG L 97 -45.40 0.12 -19.01
CA ARG L 97 -45.30 1.27 -19.89
C ARG L 97 -44.39 2.37 -19.33
N GLU L 98 -44.25 2.41 -17.99
CA GLU L 98 -43.32 3.32 -17.35
C GLU L 98 -41.95 2.63 -17.19
N TRP L 99 -41.95 1.36 -16.80
CA TRP L 99 -40.68 0.64 -16.74
C TRP L 99 -39.94 0.70 -18.08
N ASP L 100 -40.69 0.74 -19.19
CA ASP L 100 -40.00 0.74 -20.46
C ASP L 100 -39.10 1.95 -20.62
N LYS L 101 -39.45 3.10 -20.02
CA LYS L 101 -38.52 4.25 -20.05
C LYS L 101 -37.20 3.93 -19.30
N THR L 102 -37.36 3.35 -18.12
CA THR L 102 -36.21 2.93 -17.30
C THR L 102 -35.35 1.91 -18.09
N TYR L 103 -36.00 0.96 -18.73
CA TYR L 103 -35.32 -0.08 -19.54
C TYR L 103 -34.52 0.59 -20.69
N TRP L 104 -35.17 1.44 -21.47
CA TRP L 104 -34.49 2.06 -22.58
C TRP L 104 -33.29 2.88 -22.08
N GLU L 105 -33.53 3.65 -21.01
CA GLU L 105 -32.50 4.52 -20.45
C GLU L 105 -31.37 3.72 -19.79
N GLY L 106 -31.70 2.52 -19.29
CA GLY L 106 -30.70 1.69 -18.63
C GLY L 106 -29.77 1.04 -19.64
N LYS L 107 -30.30 0.77 -20.83
CA LYS L 107 -29.45 0.30 -21.92
C LYS L 107 -28.57 1.45 -22.38
N LYS L 108 -29.17 2.62 -22.61
CA LYS L 108 -28.36 3.72 -23.15
C LYS L 108 -27.26 4.19 -22.20
N VAL L 109 -27.54 4.21 -20.89
CA VAL L 109 -26.57 4.80 -20.00
C VAL L 109 -25.23 4.06 -20.07
N LEU L 110 -25.27 2.73 -20.06
CA LEU L 110 -24.05 1.94 -20.10
C LEU L 110 -23.41 1.97 -21.46
N GLN L 111 -24.22 1.92 -22.52
CA GLN L 111 -23.66 2.01 -23.86
C GLN L 111 -22.93 3.35 -24.04
N ASN L 112 -23.56 4.43 -23.59
CA ASN L 112 -22.98 5.76 -23.79
C ASN L 112 -21.77 6.02 -22.90
N LEU L 113 -21.80 5.47 -21.68
CA LEU L 113 -20.68 5.60 -20.73
C LEU L 113 -19.45 4.82 -21.26
N LEU L 114 -19.72 3.59 -21.72
CA LEU L 114 -18.62 2.77 -22.31
C LEU L 114 -18.05 3.42 -23.57
N ASP L 115 -18.89 4.15 -24.31
CA ASP L 115 -18.47 4.77 -25.56
C ASP L 115 -17.76 6.12 -25.34
N ILE L 116 -17.60 6.57 -24.08
CA ILE L 116 -16.58 7.62 -23.86
C ILE L 116 -15.24 7.04 -24.40
N GLU L 117 -14.59 7.78 -25.27
CA GLU L 117 -13.48 7.22 -26.06
C GLU L 117 -12.13 7.74 -25.60
N VAL L 118 -12.02 7.96 -24.28
CA VAL L 118 -10.73 8.27 -23.67
C VAL L 118 -10.72 7.55 -22.32
N PRO L 119 -9.52 7.43 -21.72
CA PRO L 119 -9.50 6.80 -20.39
C PRO L 119 -10.39 7.50 -19.37
N VAL L 120 -11.04 6.71 -18.54
CA VAL L 120 -11.94 7.24 -17.50
C VAL L 120 -11.42 6.77 -16.15
N ILE L 121 -11.16 7.71 -15.25
CA ILE L 121 -10.73 7.45 -13.90
C ILE L 121 -11.95 7.65 -12.97
N SER L 122 -12.29 6.63 -12.18
CA SER L 122 -13.26 6.83 -11.09
C SER L 122 -12.56 7.29 -9.85
N ALA L 123 -13.06 8.41 -9.30
CA ALA L 123 -12.64 8.85 -7.96
C ALA L 123 -13.83 8.62 -7.05
N VAL L 124 -13.82 7.47 -6.41
CA VAL L 124 -14.95 7.06 -5.60
C VAL L 124 -14.77 7.68 -4.21
N ASN L 125 -15.64 8.66 -3.91
CA ASN L 125 -15.48 9.55 -2.75
C ASN L 125 -16.24 9.11 -1.52
N GLY L 126 -16.72 7.88 -1.51
CA GLY L 126 -17.46 7.34 -0.37
C GLY L 126 -18.41 6.25 -0.80
N ALA L 127 -19.43 5.99 -0.01
CA ALA L 127 -20.31 4.88 -0.25
C ALA L 127 -20.84 4.89 -1.68
N ALA L 128 -20.81 3.70 -2.30
CA ALA L 128 -21.35 3.47 -3.63
C ALA L 128 -22.28 2.28 -3.44
N LEU L 129 -23.54 2.60 -3.09
CA LEU L 129 -24.54 1.59 -2.69
C LEU L 129 -25.60 1.32 -3.79
N LEU L 130 -25.53 2.09 -4.87
CA LEU L 130 -26.38 1.88 -6.03
C LEU L 130 -25.62 2.45 -7.21
N HIS L 131 -25.96 1.91 -8.39
CA HIS L 131 -25.34 2.33 -9.63
C HIS L 131 -23.82 2.20 -9.70
N SER L 132 -23.27 1.30 -8.89
CA SER L 132 -21.83 1.06 -8.93
C SER L 132 -21.41 0.48 -10.27
N GLU L 133 -22.35 -0.02 -11.07
CA GLU L 133 -21.95 -0.48 -12.41
C GLU L 133 -21.32 0.66 -13.22
N TYR L 134 -21.66 1.92 -12.96
CA TYR L 134 -20.97 3.02 -13.67
C TYR L 134 -19.45 2.91 -13.45
N ILE L 135 -19.05 2.72 -12.19
CA ILE L 135 -17.63 2.62 -11.82
C ILE L 135 -16.98 1.47 -12.57
N LEU L 136 -17.75 0.41 -12.75
CA LEU L 136 -17.18 -0.81 -13.37
C LEU L 136 -17.12 -0.69 -14.91
N THR L 137 -17.37 0.50 -15.46
CA THR L 137 -17.03 0.76 -16.87
C THR L 137 -15.69 1.48 -16.98
N THR L 138 -15.16 1.95 -15.85
CA THR L 138 -14.00 2.86 -15.90
C THR L 138 -12.66 2.14 -15.80
N ASP L 139 -11.58 2.84 -16.19
CA ASP L 139 -10.28 2.18 -16.39
C ASP L 139 -9.38 2.13 -15.20
N ILE L 140 -9.49 3.16 -14.34
CA ILE L 140 -8.67 3.28 -13.16
C ILE L 140 -9.63 3.66 -12.03
N ILE L 141 -9.58 2.94 -10.91
CA ILE L 141 -10.57 3.14 -9.84
C ILE L 141 -9.80 3.46 -8.55
N LEU L 142 -10.01 4.68 -8.10
CA LEU L 142 -9.40 5.16 -6.87
C LEU L 142 -10.54 5.33 -5.87
N ALA L 143 -10.28 5.06 -4.59
CA ALA L 143 -11.35 5.22 -3.58
C ALA L 143 -10.80 5.88 -2.32
N SER L 144 -11.63 6.75 -1.75
CA SER L 144 -11.31 7.26 -0.42
C SER L 144 -11.56 6.16 0.58
N GLU L 145 -10.86 6.23 1.72
CA GLU L 145 -10.87 5.14 2.69
C GLU L 145 -12.25 4.88 3.32
N ASN L 146 -13.16 5.87 3.24
CA ASN L 146 -14.55 5.67 3.71
C ASN L 146 -15.47 4.96 2.71
N THR L 147 -14.96 4.65 1.52
CA THR L 147 -15.77 3.98 0.51
C THR L 147 -16.24 2.57 0.91
N VAL L 148 -17.51 2.28 0.64
CA VAL L 148 -18.06 0.92 0.75
C VAL L 148 -18.83 0.68 -0.55
N PHE L 149 -18.76 -0.55 -1.06
CA PHE L 149 -19.54 -0.93 -2.26
C PHE L 149 -20.61 -1.95 -1.87
N GLN L 150 -21.82 -1.78 -2.40
CA GLN L 150 -22.91 -2.71 -2.16
C GLN L 150 -23.89 -2.57 -3.30
N ASP L 151 -24.58 -3.64 -3.64
CA ASP L 151 -25.80 -3.51 -4.42
C ASP L 151 -26.96 -3.45 -3.41
N MET L 152 -27.27 -2.26 -2.93
CA MET L 152 -28.30 -2.15 -1.91
C MET L 152 -29.75 -2.27 -2.40
N PRO L 153 -30.15 -1.53 -3.47
CA PRO L 153 -31.60 -1.35 -3.66
C PRO L 153 -32.38 -2.51 -4.22
N HIS L 154 -31.75 -3.39 -5.00
CA HIS L 154 -32.53 -4.37 -5.74
C HIS L 154 -33.21 -5.41 -4.84
N LEU L 155 -32.43 -6.10 -4.00
CA LEU L 155 -33.03 -7.07 -3.12
C LEU L 155 -33.75 -6.40 -1.94
N ASN L 156 -33.50 -5.12 -1.69
CA ASN L 156 -34.35 -4.42 -0.72
C ASN L 156 -35.77 -4.22 -1.29
N ALA L 157 -35.87 -3.98 -2.59
CA ALA L 157 -37.15 -3.75 -3.26
C ALA L 157 -37.80 -5.05 -3.72
N GLY L 158 -37.03 -6.10 -3.86
CA GLY L 158 -37.49 -7.38 -4.37
C GLY L 158 -37.50 -7.46 -5.89
N ILE L 159 -36.57 -6.75 -6.54
CA ILE L 159 -36.50 -6.80 -8.02
C ILE L 159 -35.09 -7.21 -8.46
N VAL L 160 -34.96 -7.59 -9.72
CA VAL L 160 -33.71 -8.22 -10.18
C VAL L 160 -32.60 -7.19 -10.23
N PRO L 161 -31.38 -7.55 -9.77
CA PRO L 161 -30.22 -6.67 -9.98
C PRO L 161 -29.77 -6.82 -11.43
N GLY L 162 -30.55 -6.23 -12.31
CA GLY L 162 -30.44 -6.54 -13.75
C GLY L 162 -30.00 -5.36 -14.61
N ASP L 163 -29.47 -4.32 -13.97
CA ASP L 163 -29.11 -3.06 -14.65
C ASP L 163 -27.65 -2.97 -15.06
N GLY L 164 -26.99 -4.13 -15.06
CA GLY L 164 -25.56 -4.18 -15.38
C GLY L 164 -24.73 -4.70 -14.24
N VAL L 165 -25.24 -4.55 -13.02
CA VAL L 165 -24.51 -5.16 -11.89
C VAL L 165 -24.36 -6.67 -12.05
N HIS L 166 -25.35 -7.30 -12.69
CA HIS L 166 -25.34 -8.74 -12.88
C HIS L 166 -24.24 -9.21 -13.81
N ILE L 167 -23.75 -8.30 -14.63
CA ILE L 167 -22.68 -8.61 -15.56
C ILE L 167 -21.35 -8.17 -14.97
N LEU L 168 -21.31 -6.93 -14.48
CA LEU L 168 -20.04 -6.33 -14.10
C LEU L 168 -19.48 -6.72 -12.74
N TRP L 169 -20.36 -6.99 -11.77
CA TRP L 169 -19.82 -7.45 -10.51
C TRP L 169 -19.22 -8.86 -10.59
N PRO L 170 -19.88 -9.81 -11.31
CA PRO L 170 -19.20 -11.07 -11.59
C PRO L 170 -17.96 -10.95 -12.49
N LEU L 171 -17.90 -9.92 -13.30
N LEU L 171 -17.88 -9.93 -13.34
CA LEU L 171 -16.69 -9.70 -14.08
CA LEU L 171 -16.62 -9.71 -14.06
C LEU L 171 -15.55 -9.19 -13.17
C LEU L 171 -15.55 -9.30 -13.07
N ALA L 172 -15.89 -8.35 -12.21
CA ALA L 172 -14.92 -7.82 -11.24
C ALA L 172 -14.46 -8.83 -10.19
N LEU L 173 -15.41 -9.58 -9.64
CA LEU L 173 -15.09 -10.48 -8.53
C LEU L 173 -15.01 -11.95 -8.94
N GLY L 174 -15.20 -12.21 -10.23
CA GLY L 174 -15.35 -13.55 -10.72
C GLY L 174 -16.78 -14.04 -10.57
N LEU L 175 -17.07 -15.11 -11.29
CA LEU L 175 -18.44 -15.61 -11.38
C LEU L 175 -18.84 -16.44 -10.16
N TYR L 176 -18.01 -16.44 -9.12
CA TYR L 176 -18.36 -17.13 -7.84
C TYR L 176 -18.61 -16.05 -6.79
N ARG L 177 -17.56 -15.35 -6.40
CA ARG L 177 -17.73 -14.28 -5.42
C ARG L 177 -18.72 -13.21 -5.89
N GLY L 178 -18.78 -12.99 -7.21
CA GLY L 178 -19.65 -11.95 -7.73
C GLY L 178 -21.12 -12.31 -7.54
N ARG L 179 -21.46 -13.59 -7.70
CA ARG L 179 -22.85 -13.99 -7.42
C ARG L 179 -23.15 -13.99 -5.92
N TYR L 180 -22.18 -14.43 -5.10
CA TYR L 180 -22.36 -14.29 -3.64
C TYR L 180 -22.62 -12.85 -3.23
N PHE L 181 -21.80 -11.93 -3.76
CA PHE L 181 -21.88 -10.51 -3.46
C PHE L 181 -23.30 -9.98 -3.77
N LEU L 182 -23.84 -10.36 -4.93
CA LEU L 182 -25.14 -9.83 -5.32
C LEU L 182 -26.27 -10.51 -4.56
N PHE L 183 -26.24 -11.84 -4.48
CA PHE L 183 -27.35 -12.58 -3.81
C PHE L 183 -27.45 -12.26 -2.32
N THR L 184 -26.34 -11.95 -1.65
CA THR L 184 -26.36 -11.69 -0.20
C THR L 184 -26.28 -10.20 0.12
N GLN L 185 -26.28 -9.33 -0.89
CA GLN L 185 -26.16 -7.87 -0.66
C GLN L 185 -24.94 -7.55 0.19
N GLU L 186 -23.83 -8.22 -0.14
CA GLU L 186 -22.58 -8.04 0.56
C GLU L 186 -22.11 -6.60 0.45
N LYS L 187 -21.52 -6.12 1.55
CA LYS L 187 -20.83 -4.82 1.55
C LYS L 187 -19.33 -5.04 1.57
N LEU L 188 -18.63 -4.30 0.70
CA LEU L 188 -17.16 -4.41 0.63
C LEU L 188 -16.58 -3.06 1.02
N THR L 189 -15.67 -3.07 2.00
CA THR L 189 -14.95 -1.85 2.33
C THR L 189 -13.90 -1.51 1.30
N ALA L 190 -13.26 -0.34 1.43
CA ALA L 190 -12.21 0.05 0.49
C ALA L 190 -11.05 -0.94 0.50
N GLN L 191 -10.63 -1.41 1.68
CA GLN L 191 -9.54 -2.36 1.74
C GLN L 191 -9.95 -3.69 1.13
N GLN L 192 -11.19 -4.11 1.39
CA GLN L 192 -11.64 -5.37 0.79
C GLN L 192 -11.65 -5.23 -0.75
N ALA L 193 -12.17 -4.10 -1.25
CA ALA L 193 -12.26 -3.91 -2.72
C ALA L 193 -10.87 -3.77 -3.35
N TYR L 194 -9.92 -3.21 -2.61
CA TYR L 194 -8.54 -3.10 -3.06
C TYR L 194 -7.91 -4.49 -3.19
N GLU L 195 -8.07 -5.35 -2.17
CA GLU L 195 -7.52 -6.69 -2.25
C GLU L 195 -8.18 -7.51 -3.35
N LEU L 196 -9.44 -7.17 -3.68
CA LEU L 196 -10.18 -7.84 -4.76
C LEU L 196 -9.91 -7.23 -6.14
N ASN L 197 -9.00 -6.26 -6.17
CA ASN L 197 -8.51 -5.69 -7.42
C ASN L 197 -9.51 -4.82 -8.15
N VAL L 198 -10.61 -4.49 -7.48
CA VAL L 198 -11.59 -3.53 -8.02
C VAL L 198 -11.11 -2.10 -7.80
N VAL L 199 -10.65 -1.82 -6.59
CA VAL L 199 -10.06 -0.52 -6.24
C VAL L 199 -8.54 -0.68 -6.41
N HIS L 200 -7.93 0.32 -7.05
CA HIS L 200 -6.49 0.27 -7.36
C HIS L 200 -5.60 1.05 -6.44
N GLU L 201 -6.21 2.04 -5.78
CA GLU L 201 -5.51 2.82 -4.76
C GLU L 201 -6.53 3.32 -3.78
N VAL L 202 -6.16 3.24 -2.50
CA VAL L 202 -7.01 3.77 -1.42
C VAL L 202 -6.31 5.01 -0.84
N LEU L 203 -7.09 6.07 -0.72
CA LEU L 203 -6.56 7.36 -0.29
C LEU L 203 -7.41 7.98 0.81
N PRO L 204 -6.79 8.83 1.66
CA PRO L 204 -7.63 9.63 2.52
C PRO L 204 -8.55 10.52 1.69
N GLN L 205 -9.74 10.83 2.22
CA GLN L 205 -10.69 11.69 1.49
C GLN L 205 -10.04 12.96 0.95
N SER L 206 -9.18 13.61 1.76
CA SER L 206 -8.65 14.92 1.32
C SER L 206 -7.57 14.82 0.24
N LYS L 207 -7.17 13.60 -0.10
CA LYS L 207 -6.12 13.41 -1.13
C LYS L 207 -6.60 12.73 -2.38
N LEU L 208 -7.86 12.25 -2.35
CA LEU L 208 -8.39 11.47 -3.48
C LEU L 208 -8.37 12.25 -4.77
N MET L 209 -8.92 13.46 -4.77
CA MET L 209 -9.03 14.21 -6.02
C MET L 209 -7.67 14.64 -6.59
N GLU L 210 -6.75 15.05 -5.72
CA GLU L 210 -5.40 15.40 -6.18
C GLU L 210 -4.74 14.21 -6.87
N ARG L 211 -4.95 13.01 -6.32
CA ARG L 211 -4.34 11.82 -6.93
C ARG L 211 -4.99 11.55 -8.30
N ALA L 212 -6.32 11.64 -8.37
CA ALA L 212 -6.98 11.44 -9.67
C ALA L 212 -6.41 12.37 -10.71
N TRP L 213 -6.22 13.63 -10.33
CA TRP L 213 -5.66 14.61 -11.25
C TRP L 213 -4.21 14.34 -11.62
N GLU L 214 -3.41 13.86 -10.68
CA GLU L 214 -2.02 13.49 -10.96
C GLU L 214 -1.95 12.38 -12.01
N ILE L 215 -2.76 11.35 -11.80
CA ILE L 215 -2.78 10.25 -12.77
C ILE L 215 -3.25 10.75 -14.13
N ALA L 216 -4.25 11.61 -14.14
CA ALA L 216 -4.79 12.16 -15.39
C ALA L 216 -3.77 13.01 -16.09
N ARG L 217 -2.99 13.79 -15.36
CA ARG L 217 -1.97 14.64 -15.99
C ARG L 217 -0.90 13.78 -16.66
N THR L 218 -0.51 12.70 -16.01
CA THR L 218 0.43 11.75 -16.61
C THR L 218 -0.14 11.12 -17.90
N LEU L 219 -1.41 10.72 -17.85
CA LEU L 219 -2.03 10.16 -19.05
C LEU L 219 -2.11 11.19 -20.17
N ALA L 220 -2.42 12.44 -19.80
CA ALA L 220 -2.69 13.49 -20.79
C ALA L 220 -1.46 13.84 -21.60
N LYS L 221 -0.29 13.43 -21.11
CA LYS L 221 0.96 13.62 -21.87
C LYS L 221 1.02 12.72 -23.10
N GLN L 222 0.21 11.66 -23.12
CA GLN L 222 0.15 10.81 -24.31
C GLN L 222 -0.43 11.57 -25.50
N PRO L 223 -0.10 11.12 -26.74
CA PRO L 223 -0.84 11.62 -27.90
C PRO L 223 -2.34 11.31 -27.80
N THR L 224 -3.16 12.17 -28.38
CA THR L 224 -4.60 12.03 -28.27
C THR L 224 -5.12 10.72 -28.88
N LEU L 225 -4.68 10.37 -30.09
CA LEU L 225 -5.19 9.10 -30.68
C LEU L 225 -4.71 7.91 -29.85
N ASN L 226 -3.52 7.96 -29.25
CA ASN L 226 -3.13 6.87 -28.36
C ASN L 226 -4.07 6.70 -27.16
N LEU L 227 -4.46 7.82 -26.56
CA LEU L 227 -5.43 7.75 -25.47
C LEU L 227 -6.74 7.14 -25.93
N ARG L 228 -7.24 7.61 -27.06
CA ARG L 228 -8.54 7.16 -27.57
C ARG L 228 -8.50 5.68 -27.95
N TYR L 229 -7.44 5.28 -28.68
CA TYR L 229 -7.41 3.92 -29.20
C TYR L 229 -6.99 2.93 -28.14
N THR L 230 -6.27 3.38 -27.10
CA THR L 230 -6.02 2.47 -25.98
C THR L 230 -7.34 2.19 -25.23
N ARG L 231 -8.14 3.22 -25.02
CA ARG L 231 -9.47 3.04 -24.45
C ARG L 231 -10.29 2.07 -25.30
N VAL L 232 -10.29 2.28 -26.63
CA VAL L 232 -11.05 1.37 -27.50
C VAL L 232 -10.56 -0.09 -27.34
N ALA L 233 -9.25 -0.29 -27.42
CA ALA L 233 -8.72 -1.65 -27.39
C ALA L 233 -9.04 -2.34 -26.07
N LEU L 234 -9.01 -1.56 -24.98
CA LEU L 234 -9.17 -2.11 -23.64
C LEU L 234 -10.62 -2.25 -23.24
N THR L 235 -11.56 -1.78 -24.08
CA THR L 235 -12.98 -1.93 -23.76
C THR L 235 -13.82 -2.78 -24.73
N GLN L 236 -13.16 -3.36 -25.75
CA GLN L 236 -13.90 -4.17 -26.70
C GLN L 236 -14.63 -5.35 -26.03
N ARG L 237 -13.88 -6.15 -25.29
CA ARG L 237 -14.48 -7.31 -24.61
C ARG L 237 -15.56 -6.89 -23.58
N LEU L 238 -15.23 -5.84 -22.81
CA LEU L 238 -16.15 -5.31 -21.82
C LEU L 238 -17.47 -4.89 -22.46
N LYS L 239 -17.41 -4.18 -23.60
CA LYS L 239 -18.62 -3.77 -24.31
C LYS L 239 -19.43 -4.96 -24.79
N ARG L 240 -18.76 -5.98 -25.32
CA ARG L 240 -19.49 -7.17 -25.79
C ARG L 240 -20.23 -7.82 -24.62
N LEU L 241 -19.55 -7.91 -23.47
CA LEU L 241 -20.18 -8.58 -22.32
C LEU L 241 -21.35 -7.79 -21.77
N VAL L 242 -21.22 -6.47 -21.75
CA VAL L 242 -22.37 -5.69 -21.30
C VAL L 242 -23.54 -5.85 -22.30
N ASN L 243 -23.22 -5.75 -23.58
N ASN L 243 -23.24 -5.72 -23.60
CA ASN L 243 -24.25 -5.84 -24.59
CA ASN L 243 -24.26 -5.87 -24.65
C ASN L 243 -24.98 -7.20 -24.58
C ASN L 243 -25.01 -7.19 -24.50
N GLU L 244 -24.27 -8.26 -24.20
CA GLU L 244 -24.87 -9.60 -24.15
C GLU L 244 -26.05 -9.64 -23.18
N GLY L 245 -25.88 -9.01 -22.01
CA GLY L 245 -26.83 -9.21 -20.92
C GLY L 245 -27.63 -8.02 -20.43
N ILE L 246 -27.35 -6.82 -20.93
CA ILE L 246 -27.97 -5.64 -20.31
C ILE L 246 -29.47 -5.59 -20.58
N GLY L 247 -29.88 -5.82 -21.81
CA GLY L 247 -31.32 -5.74 -22.08
C GLY L 247 -32.11 -6.83 -21.39
N TYR L 248 -31.58 -8.04 -21.40
CA TYR L 248 -32.26 -9.18 -20.77
C TYR L 248 -32.41 -8.92 -19.28
N GLY L 249 -31.33 -8.47 -18.63
CA GLY L 249 -31.40 -8.15 -17.20
C GLY L 249 -32.44 -7.09 -16.88
N LEU L 250 -32.50 -6.02 -17.69
CA LEU L 250 -33.50 -4.95 -17.45
C LEU L 250 -34.91 -5.42 -17.73
N ALA L 251 -35.10 -6.31 -18.70
CA ALA L 251 -36.45 -6.86 -18.98
C ALA L 251 -36.91 -7.74 -17.80
N LEU L 252 -36.01 -8.61 -17.30
CA LEU L 252 -36.34 -9.49 -16.17
C LEU L 252 -36.64 -8.64 -14.95
N GLU L 253 -35.87 -7.57 -14.76
CA GLU L 253 -36.06 -6.65 -13.65
C GLU L 253 -37.44 -6.00 -13.76
N GLY L 254 -37.82 -5.60 -14.98
CA GLY L 254 -39.17 -5.03 -15.19
C GLY L 254 -40.27 -5.98 -14.81
N ILE L 255 -40.11 -7.26 -15.15
CA ILE L 255 -41.14 -8.24 -14.80
C ILE L 255 -41.25 -8.33 -13.27
N THR L 256 -40.13 -8.39 -12.57
CA THR L 256 -40.21 -8.44 -11.10
C THR L 256 -40.81 -7.16 -10.52
N ALA L 257 -40.62 -6.02 -11.20
CA ALA L 257 -41.24 -4.76 -10.73
C ALA L 257 -42.76 -4.86 -10.88
N THR L 258 -43.21 -5.37 -12.01
CA THR L 258 -44.65 -5.56 -12.24
C THR L 258 -45.19 -6.47 -11.16
N ASP L 259 -44.42 -7.49 -10.83
CA ASP L 259 -44.87 -8.50 -9.85
C ASP L 259 -45.11 -7.92 -8.45
N LEU L 260 -44.58 -6.73 -8.19
CA LEU L 260 -44.77 -6.09 -6.86
C LEU L 260 -46.24 -5.74 -6.64
N ARG L 261 -47.02 -5.61 -7.70
CA ARG L 261 -48.47 -5.39 -7.53
C ARG L 261 -49.18 -6.65 -7.08
N ASN L 262 -48.53 -7.81 -7.23
CA ASN L 262 -49.10 -9.09 -6.81
C ASN L 262 -48.90 -9.36 -5.32
N THR L 263 -48.26 -8.59 -4.62
S SO4 M . 15.62 14.09 22.34
O1 SO4 M . 16.58 14.63 21.38
O2 SO4 M . 16.39 14.22 23.59
O3 SO4 M . 14.44 14.90 22.61
O4 SO4 M . 15.40 12.65 22.27
S SO4 N . 23.70 15.84 36.01
O1 SO4 N . 24.27 17.16 35.86
O2 SO4 N . 22.66 15.75 36.99
O3 SO4 N . 22.93 15.68 34.77
O4 SO4 N . 24.62 14.71 35.97
S SO4 O . -23.44 -15.82 -36.32
O1 SO4 O . -22.49 -15.21 -37.21
O2 SO4 O . -22.75 -15.74 -35.00
O3 SO4 O . -24.63 -15.03 -36.07
O4 SO4 O . -23.61 -17.26 -36.40
S SO4 P . -15.95 -14.33 -22.27
O1 SO4 P . -15.35 -13.00 -22.35
O2 SO4 P . -17.04 -14.46 -21.35
O3 SO4 P . -16.62 -14.42 -23.58
O4 SO4 P . -15.06 -15.49 -22.31
#